data_9CU5
#
_entry.id   9CU5
#
_cell.length_a   1.00
_cell.length_b   1.00
_cell.length_c   1.00
_cell.angle_alpha   90.00
_cell.angle_beta   90.00
_cell.angle_gamma   90.00
#
_symmetry.space_group_name_H-M   'P 1'
#
loop_
_entity.id
_entity.type
_entity.pdbx_description
1 polymer '35O22 heavy chain Fv'
2 polymer '35O22 light chain Fv'
3 polymer 'LJF-085 heavy chain Fv'
4 polymer 'LJF-085 light chain Fv'
5 polymer 'HIV Env JRFL NFL TD CC3+ gp140'
6 branched alpha-D-mannopyranose-(1-3)-[alpha-D-mannopyranose-(1-6)]beta-D-mannopyranose-(1-4)-2-acetamido-2-deoxy-beta-D-glucopyranose-(1-4)-2-acetamido-2-deoxy-beta-D-glucopyranose
7 branched 2-acetamido-2-deoxy-beta-D-glucopyranose-(1-4)-2-acetamido-2-deoxy-beta-D-glucopyranose
8 branched alpha-D-mannopyranose-(1-2)-alpha-D-mannopyranose-(1-3)-beta-D-mannopyranose-(1-4)-2-acetamido-2-deoxy-beta-D-glucopyranose-(1-4)-2-acetamido-2-deoxy-beta-D-glucopyranose
9 branched alpha-D-mannopyranose-(1-2)-alpha-D-mannopyranose-(1-2)-alpha-D-mannopyranose-(1-3)-[alpha-D-mannopyranose-(1-2)-alpha-D-mannopyranose-(1-3)-[alpha-D-mannopyranose-(1-6)]alpha-D-mannopyranose-(1-6)]beta-D-mannopyranose-(1-4)-2-acetamido-2-deoxy-beta-D-glucopyranose-(1-4)-2-acetamido-2-deoxy-beta-D-glucopyranose
10 branched alpha-D-mannopyranose-(1-3)-beta-D-mannopyranose-(1-4)-2-acetamido-2-deoxy-beta-D-glucopyranose-(1-4)-2-acetamido-2-deoxy-beta-D-glucopyranose
11 non-polymer 2-acetamido-2-deoxy-beta-D-glucopyranose
#
loop_
_entity_poly.entity_id
_entity_poly.type
_entity_poly.pdbx_seq_one_letter_code
_entity_poly.pdbx_strand_id
1 'polypeptide(L)'
;QGQLVQSGAELKKPGASVKISCKTSGYRFNFYHINWIRQTAGRGPEWMGWISPYSGDKNLAPAFQDRVIMTTDTEVPVTS
FTSTGAAYMEIRNLKFDDTGTYFCAKGLLRDGSSTWLPYLWGQGTLLTVSS
;
D,F,J
2 'polypeptide(L)'
;QSVLTQSASVSGSLGQSVTISCTGPNSVCCSHKSISWYQWPPGRAPTLIIYEDNERAPGISPRFSGYKSYWSAYLTISDL
RPEDETTYYCCSYTHNSGCVFGTGTKVSVLGQSK
;
E,G,K
3 'polypeptide(L)'
;QVQLQESGPGLVKPSETLSLTCTVSGGSIDDYFWNWVRQPPGKPLECIGYIFGRGGGTKYNPSLDNRVTISTDTPNQFSL
KLRSVTVADTAIYYCARWNLYDDDFGYNSFAVWGRGVLVTVSS
;
H,I
4 'polypeptide(L)'
;DIQMTQSPSSLSASVGDTVTITCQARHAVGKNLNWYQQKPGRGPQLLIYMASSRHSGVPSRFRGSGSGREFTLTINNLQP
EDFATYSCQQGYTYPWTFGQGTKVEMK
;
L,M
5 'polypeptide(L)'
;VEKLWVTVYYGVPVWKDAETTLFCASDAKAYDTEKHNVWATHACVPTDPNPQEVVLENVTEHFNMWKNNMVEQMQTDIIS
LWDQSLKPCVKLTPLCVTLNCKDVNATNTTNDSEGTMERGEIKNCSFNITTELRDKVQKVYALFYKLDVVPIDNNNTSYR
LISCDTSVITQACPKISFEPIPIHYCAPAGFAILKCNDKTFNGKGPCKNVSTVQCTHGIRPVVSTQLLLNGSLAEEEVVI
RSDNFTNNAKTIIVQLKESVEINCTRPNNYTRKSIRIGPGRAFYTMGEIIGDIRQAHCNISRAKWNDTLKQIVIKLREQF
ENKTIVFNHSSGGDPEIVMHSFNCGGEFFYCNSTQLFNSTWNNNTEGSNNTEGNTITLPCRIKQIINMWQRVGQAMYAPP
IRGQIRCSSNITGLLLTRDGGINENGTEIFRPGGGDMRDNWRSELYKYKVVKIEPLGVAPTRCKRRVVQGGGGSGGGGSA
VGIGAVRRGFLGAAGSTMGAASMTLTVQARNLLSGIVQPQSNLLRAPEAQQRMLQLGVWGIKQLQARVLAVERYLRDQQL
LGIWGCSGKLICTTAVPWNASWSNKSLDRIWNNMTWMEWEREIDNYTSEIYTLIEESQNQQEKNEQELLCLDGGGGSHHH
HHHHHGSGC
;
C,B,A
#
loop_
_chem_comp.id
_chem_comp.type
_chem_comp.name
_chem_comp.formula
BMA D-saccharide, beta linking beta-D-mannopyranose 'C6 H12 O6'
MAN D-saccharide, alpha linking alpha-D-mannopyranose 'C6 H12 O6'
NAG D-saccharide, beta linking 2-acetamido-2-deoxy-beta-D-glucopyranose 'C8 H15 N O6'
#
# COMPACT_ATOMS: atom_id res chain seq x y z
N GLY A 2 -48.89 -12.05 0.04
CA GLY A 2 -48.78 -13.04 -1.02
C GLY A 2 -50.18 -13.45 -1.48
N GLN A 3 -50.26 -14.66 -2.02
CA GLN A 3 -51.56 -15.19 -2.43
C GLN A 3 -51.47 -16.71 -2.44
N LEU A 4 -52.64 -17.33 -2.29
CA LEU A 4 -52.79 -18.78 -2.29
C LEU A 4 -53.98 -19.14 -3.17
N VAL A 5 -53.94 -20.34 -3.76
CA VAL A 5 -55.05 -20.87 -4.53
C VAL A 5 -55.17 -22.36 -4.25
N GLN A 6 -56.38 -22.87 -4.43
CA GLN A 6 -56.71 -24.26 -4.13
C GLN A 6 -57.44 -24.85 -5.33
N SER A 7 -57.31 -26.16 -5.49
CA SER A 7 -57.95 -26.86 -6.60
C SER A 7 -59.47 -26.80 -6.46
N GLY A 8 -60.15 -26.83 -7.59
CA GLY A 8 -61.59 -26.64 -7.59
C GLY A 8 -62.29 -27.76 -6.85
N ALA A 9 -63.56 -27.53 -6.52
CA ALA A 9 -64.32 -28.46 -5.69
C ALA A 9 -64.43 -29.83 -6.34
N GLU A 10 -64.46 -30.88 -5.50
CA GLU A 10 -64.50 -32.26 -5.94
C GLU A 10 -65.73 -32.94 -5.35
N LEU A 11 -66.33 -33.83 -6.11
CA LEU A 11 -67.49 -34.59 -5.57
C LEU A 11 -67.09 -36.07 -5.46
N LYS A 12 -66.02 -36.35 -4.73
CA LYS A 12 -65.57 -37.75 -4.58
C LYS A 12 -66.68 -38.51 -3.85
N LYS A 13 -66.94 -39.74 -4.29
CA LYS A 13 -68.03 -40.55 -3.66
C LYS A 13 -67.45 -41.18 -2.39
N PRO A 14 -68.27 -41.56 -1.39
CA PRO A 14 -67.72 -42.09 -0.12
C PRO A 14 -66.80 -43.27 -0.38
N GLY A 15 -65.64 -43.26 0.28
CA GLY A 15 -64.63 -44.28 0.10
C GLY A 15 -63.51 -43.91 -0.84
N ALA A 16 -63.73 -42.95 -1.73
CA ALA A 16 -62.71 -42.53 -2.67
C ALA A 16 -61.86 -41.42 -2.05
N SER A 17 -60.55 -41.53 -2.23
CA SER A 17 -59.61 -40.57 -1.68
C SER A 17 -59.58 -39.30 -2.53
N VAL A 18 -59.11 -38.21 -1.92
CA VAL A 18 -58.93 -36.95 -2.66
C VAL A 18 -57.58 -36.33 -2.32
N LYS A 19 -56.86 -35.95 -3.38
CA LYS A 19 -55.57 -35.27 -3.33
C LYS A 19 -55.78 -33.77 -3.57
N ILE A 20 -56.34 -33.09 -2.57
CA ILE A 20 -56.56 -31.65 -2.68
C ILE A 20 -55.22 -30.93 -2.57
N SER A 21 -54.97 -30.02 -3.51
CA SER A 21 -53.71 -29.30 -3.63
C SER A 21 -53.87 -27.81 -3.33
N CYS A 22 -52.74 -27.18 -3.01
CA CYS A 22 -52.68 -25.79 -2.55
C CYS A 22 -51.45 -25.14 -3.20
N LYS A 23 -51.67 -24.40 -4.28
CA LYS A 23 -50.60 -23.70 -4.98
C LYS A 23 -50.43 -22.32 -4.37
N THR A 24 -49.21 -22.01 -3.91
CA THR A 24 -48.91 -20.76 -3.24
C THR A 24 -48.01 -19.91 -4.13
N SER A 25 -48.08 -18.59 -3.94
CA SER A 25 -47.35 -17.67 -4.80
C SER A 25 -47.29 -16.30 -4.14
N GLY A 26 -46.08 -15.83 -3.84
CA GLY A 26 -45.88 -14.50 -3.27
C GLY A 26 -45.12 -14.47 -1.96
N TYR A 27 -44.58 -15.60 -1.52
CA TYR A 27 -43.71 -15.63 -0.35
C TYR A 27 -42.73 -16.78 -0.50
N ARG A 28 -41.70 -16.78 0.34
CA ARG A 28 -40.74 -17.87 0.32
C ARG A 28 -41.42 -19.16 0.78
N PHE A 29 -41.55 -20.12 -0.12
CA PHE A 29 -42.30 -21.34 0.16
C PHE A 29 -41.68 -22.13 1.30
N ASN A 30 -40.35 -22.18 1.36
CA ASN A 30 -39.67 -22.97 2.37
C ASN A 30 -39.64 -22.29 3.73
N PHE A 31 -40.04 -21.02 3.82
CA PHE A 31 -39.91 -20.30 5.08
C PHE A 31 -41.03 -20.58 6.08
N TYR A 32 -42.20 -21.02 5.63
CA TYR A 32 -43.39 -21.05 6.48
C TYR A 32 -44.12 -22.38 6.39
N HIS A 33 -44.81 -22.74 7.47
CA HIS A 33 -45.63 -23.94 7.52
C HIS A 33 -46.94 -23.74 6.76
N ILE A 34 -47.44 -24.84 6.19
CA ILE A 34 -48.74 -24.87 5.54
C ILE A 34 -49.64 -25.72 6.42
N ASN A 35 -50.72 -25.10 6.94
CA ASN A 35 -51.63 -25.75 7.88
C ASN A 35 -53.04 -25.82 7.30
N TRP A 36 -53.73 -26.93 7.57
CA TRP A 36 -55.03 -27.24 6.97
C TRP A 36 -56.13 -27.33 8.02
N ILE A 37 -57.28 -26.71 7.71
CA ILE A 37 -58.40 -26.63 8.64
C ILE A 37 -59.70 -27.07 7.97
N ARG A 38 -60.48 -27.86 8.70
CA ARG A 38 -61.74 -28.46 8.26
C ARG A 38 -62.91 -27.58 8.70
N GLN A 39 -63.99 -27.58 7.89
CA GLN A 39 -65.22 -26.90 8.21
C GLN A 39 -66.43 -27.73 7.74
N THR A 40 -66.55 -28.96 8.24
CA THR A 40 -67.72 -29.77 7.93
C THR A 40 -68.97 -29.24 8.60
N ALA A 41 -70.07 -29.22 7.83
CA ALA A 41 -71.42 -28.86 8.25
C ALA A 41 -71.46 -27.68 9.23
N GLY A 42 -72.16 -27.82 10.37
CA GLY A 42 -72.22 -26.79 11.38
C GLY A 42 -71.28 -27.01 12.55
N ARG A 43 -70.56 -28.12 12.59
CA ARG A 43 -69.56 -28.35 13.62
C ARG A 43 -68.46 -27.29 13.51
N GLY A 44 -67.78 -27.05 14.63
CA GLY A 44 -66.72 -26.09 14.65
C GLY A 44 -65.54 -26.56 13.82
N PRO A 45 -64.55 -25.71 13.60
CA PRO A 45 -63.42 -26.12 12.76
C PRO A 45 -62.60 -27.22 13.41
N GLU A 46 -62.03 -28.08 12.56
CA GLU A 46 -61.05 -29.09 12.98
C GLU A 46 -59.77 -28.85 12.21
N TRP A 47 -58.67 -28.78 12.93
CA TRP A 47 -57.33 -28.57 12.37
C TRP A 47 -56.71 -29.93 12.09
N MET A 48 -56.50 -30.27 10.81
CA MET A 48 -55.90 -31.57 10.52
C MET A 48 -54.42 -31.60 10.88
N GLY A 49 -53.65 -30.64 10.38
CA GLY A 49 -52.21 -30.69 10.61
C GLY A 49 -51.48 -29.62 9.84
N TRP A 50 -50.20 -29.46 10.21
CA TRP A 50 -49.26 -28.60 9.49
C TRP A 50 -48.12 -29.42 8.91
N ILE A 51 -47.63 -28.93 7.77
CA ILE A 51 -46.48 -29.47 7.06
C ILE A 51 -45.42 -28.37 6.97
N SER A 52 -44.15 -28.80 7.03
CA SER A 52 -42.99 -27.91 6.99
C SER A 52 -42.24 -28.16 5.69
N PRO A 53 -42.39 -27.30 4.66
CA PRO A 53 -41.72 -27.60 3.38
C PRO A 53 -40.20 -27.63 3.45
N TYR A 54 -39.59 -27.05 4.49
CA TYR A 54 -38.14 -26.97 4.56
C TYR A 54 -37.52 -28.23 5.17
N SER A 55 -38.10 -28.73 6.26
CA SER A 55 -37.58 -29.91 6.94
C SER A 55 -38.37 -31.17 6.60
N GLY A 56 -39.59 -31.04 6.10
CA GLY A 56 -40.44 -32.18 5.88
C GLY A 56 -41.16 -32.68 7.12
N ASP A 57 -40.99 -32.01 8.26
CA ASP A 57 -41.70 -32.42 9.47
C ASP A 57 -43.20 -32.26 9.27
N LYS A 58 -43.96 -33.19 9.83
CA LYS A 58 -45.40 -33.20 9.74
C LYS A 58 -45.98 -33.30 11.14
N ASN A 59 -47.12 -32.66 11.36
CA ASN A 59 -47.82 -32.77 12.64
C ASN A 59 -49.31 -32.83 12.38
N LEU A 60 -49.94 -33.92 12.80
CA LEU A 60 -51.35 -34.20 12.55
C LEU A 60 -52.11 -34.25 13.86
N ALA A 61 -53.40 -33.95 13.80
CA ALA A 61 -54.26 -34.16 14.95
C ALA A 61 -54.44 -35.65 15.21
N PRO A 62 -54.66 -36.07 16.46
CA PRO A 62 -54.91 -37.49 16.71
C PRO A 62 -56.12 -38.04 15.97
N ALA A 63 -57.11 -37.18 15.68
CA ALA A 63 -58.30 -37.63 14.95
C ALA A 63 -57.93 -38.24 13.60
N PHE A 64 -57.00 -37.60 12.89
CA PHE A 64 -56.53 -38.05 11.58
C PHE A 64 -55.05 -38.39 11.63
N GLN A 65 -54.63 -39.17 12.62
CA GLN A 65 -53.22 -39.60 12.62
C GLN A 65 -52.83 -40.18 11.24
N ASP A 66 -53.36 -41.36 10.88
CA ASP A 66 -52.98 -42.04 9.61
C ASP A 66 -53.89 -41.70 8.43
N ARG A 67 -54.97 -40.91 8.62
CA ARG A 67 -55.94 -40.69 7.52
C ARG A 67 -55.47 -39.61 6.55
N VAL A 68 -54.26 -39.08 6.73
CA VAL A 68 -53.82 -37.95 5.92
C VAL A 68 -52.37 -38.17 5.49
N ILE A 69 -52.06 -37.78 4.26
CA ILE A 69 -50.70 -37.76 3.74
C ILE A 69 -50.42 -36.33 3.29
N MET A 70 -49.48 -35.67 3.96
CA MET A 70 -49.10 -34.30 3.66
C MET A 70 -47.78 -34.31 2.92
N THR A 71 -47.69 -33.57 1.82
CA THR A 71 -46.44 -33.50 1.08
C THR A 71 -46.33 -32.12 0.41
N THR A 72 -45.12 -31.76 0.04
CA THR A 72 -44.85 -30.47 -0.59
C THR A 72 -43.92 -30.68 -1.77
N ASP A 73 -43.92 -29.69 -2.67
CA ASP A 73 -43.00 -29.64 -3.79
C ASP A 73 -41.72 -28.92 -3.38
N THR A 74 -40.74 -28.94 -4.28
CA THR A 74 -39.56 -28.11 -4.11
C THR A 74 -39.90 -26.67 -4.51
N GLU A 75 -39.32 -25.72 -3.79
CA GLU A 75 -39.59 -24.31 -4.05
C GLU A 75 -39.16 -23.94 -5.47
N VAL A 76 -40.02 -23.19 -6.15
CA VAL A 76 -39.77 -22.72 -7.52
C VAL A 76 -39.53 -21.22 -7.42
N PRO A 77 -38.29 -20.74 -7.49
CA PRO A 77 -38.06 -19.31 -7.26
C PRO A 77 -38.49 -18.48 -8.45
N VAL A 78 -38.90 -17.24 -8.16
CA VAL A 78 -39.20 -16.24 -9.17
C VAL A 78 -38.29 -15.02 -9.03
N THR A 79 -38.05 -14.57 -7.79
CA THR A 79 -37.08 -13.52 -7.50
C THR A 79 -36.17 -14.00 -6.38
N SER A 80 -35.39 -13.08 -5.81
CA SER A 80 -34.55 -13.39 -4.65
C SER A 80 -35.27 -13.16 -3.33
N PHE A 81 -36.55 -12.78 -3.35
CA PHE A 81 -37.31 -12.50 -2.13
C PHE A 81 -38.59 -13.31 -2.03
N THR A 82 -39.20 -13.64 -3.17
CA THR A 82 -40.43 -14.41 -3.23
C THR A 82 -40.22 -15.65 -4.09
N SER A 83 -41.25 -16.49 -4.14
CA SER A 83 -41.21 -17.71 -4.93
C SER A 83 -42.64 -18.24 -5.04
N THR A 84 -42.78 -19.37 -5.72
CA THR A 84 -44.04 -20.07 -5.85
C THR A 84 -43.82 -21.54 -5.52
N GLY A 85 -44.92 -22.26 -5.31
CA GLY A 85 -44.80 -23.66 -4.96
C GLY A 85 -46.18 -24.27 -4.75
N ALA A 86 -46.19 -25.48 -4.21
CA ALA A 86 -47.45 -26.18 -4.02
C ALA A 86 -47.32 -27.21 -2.91
N ALA A 87 -48.47 -27.52 -2.30
CA ALA A 87 -48.59 -28.58 -1.31
C ALA A 87 -49.73 -29.51 -1.70
N TYR A 88 -49.66 -30.75 -1.21
CA TYR A 88 -50.61 -31.80 -1.53
C TYR A 88 -51.10 -32.46 -0.25
N MET A 89 -52.42 -32.65 -0.16
CA MET A 89 -53.11 -33.35 0.92
C MET A 89 -53.90 -34.51 0.37
N GLU A 90 -53.44 -35.73 0.65
CA GLU A 90 -54.17 -36.94 0.30
C GLU A 90 -54.95 -37.38 1.52
N ILE A 91 -56.27 -37.53 1.36
CA ILE A 91 -57.10 -38.07 2.43
C ILE A 91 -57.74 -39.34 1.89
N ARG A 92 -57.50 -40.44 2.59
CA ARG A 92 -57.98 -41.79 2.31
C ARG A 92 -59.31 -42.04 2.98
N ASN A 93 -60.12 -42.93 2.38
CA ASN A 93 -61.34 -43.44 2.98
C ASN A 93 -62.28 -42.29 3.36
N LEU A 94 -62.82 -41.67 2.32
CA LEU A 94 -63.72 -40.54 2.49
C LEU A 94 -65.07 -41.03 2.97
N LYS A 95 -65.59 -40.41 4.02
CA LYS A 95 -66.87 -40.75 4.63
C LYS A 95 -67.86 -39.60 4.49
N PHE A 96 -69.12 -39.93 4.80
CA PHE A 96 -70.22 -39.00 4.59
C PHE A 96 -70.01 -37.69 5.37
N ASP A 97 -69.48 -37.79 6.58
CA ASP A 97 -69.33 -36.63 7.45
C ASP A 97 -68.44 -35.54 6.85
N ASP A 98 -67.59 -35.88 5.88
CA ASP A 98 -66.56 -34.97 5.40
C ASP A 98 -67.07 -33.89 4.45
N THR A 99 -68.37 -33.85 4.15
CA THR A 99 -68.91 -32.74 3.37
C THR A 99 -68.68 -31.43 4.10
N GLY A 100 -68.31 -30.40 3.36
CA GLY A 100 -68.12 -29.07 3.92
C GLY A 100 -67.03 -28.32 3.18
N THR A 101 -66.29 -27.49 3.93
CA THR A 101 -65.21 -26.67 3.37
C THR A 101 -63.86 -27.10 3.94
N TYR A 102 -62.81 -26.84 3.15
CA TYR A 102 -61.43 -27.12 3.54
C TYR A 102 -60.58 -25.89 3.22
N PHE A 103 -59.86 -25.40 4.24
CA PHE A 103 -59.03 -24.21 4.11
C PHE A 103 -57.55 -24.55 4.25
N CYS A 104 -56.74 -23.86 3.44
CA CYS A 104 -55.29 -23.98 3.41
C CYS A 104 -54.68 -22.63 3.79
N ALA A 105 -53.83 -22.62 4.81
CA ALA A 105 -53.26 -21.36 5.31
C ALA A 105 -51.75 -21.50 5.49
N LYS A 106 -51.13 -20.34 5.68
CA LYS A 106 -49.68 -20.19 5.79
C LYS A 106 -49.31 -19.87 7.24
N GLY A 107 -48.16 -20.36 7.68
CA GLY A 107 -47.68 -20.04 9.00
C GLY A 107 -47.42 -18.56 9.18
N LEU A 108 -47.37 -18.14 10.44
CA LEU A 108 -47.30 -16.72 10.80
C LEU A 108 -45.86 -16.21 10.85
N LEU A 109 -45.01 -16.85 11.64
CA LEU A 109 -43.63 -16.44 11.86
C LEU A 109 -42.68 -17.56 11.50
N ARG A 110 -41.41 -17.20 11.32
CA ARG A 110 -40.36 -18.17 11.05
C ARG A 110 -39.69 -18.70 12.32
N ASP A 111 -39.90 -18.05 13.47
CA ASP A 111 -39.35 -18.52 14.72
C ASP A 111 -40.22 -17.96 15.85
N GLY A 112 -40.07 -18.54 17.03
CA GLY A 112 -40.81 -18.12 18.21
C GLY A 112 -41.80 -19.17 18.69
N SER A 113 -42.93 -18.73 19.22
CA SER A 113 -43.94 -19.63 19.78
C SER A 113 -45.14 -19.85 18.86
N SER A 114 -45.31 -19.04 17.82
CA SER A 114 -46.46 -19.12 16.91
C SER A 114 -45.98 -19.18 15.46
N THR A 115 -45.02 -20.05 15.19
CA THR A 115 -44.44 -20.14 13.84
C THR A 115 -45.48 -20.63 12.84
N TRP A 116 -46.17 -21.71 13.17
CA TRP A 116 -47.07 -22.40 12.23
C TRP A 116 -48.46 -21.79 12.19
N LEU A 117 -48.72 -20.77 12.99
CA LEU A 117 -50.10 -20.33 13.21
C LEU A 117 -50.67 -19.72 11.93
N PRO A 118 -51.91 -20.05 11.54
CA PRO A 118 -52.48 -19.47 10.29
C PRO A 118 -52.56 -17.96 10.33
N TYR A 119 -51.96 -17.32 9.32
CA TYR A 119 -51.99 -15.87 9.17
C TYR A 119 -52.72 -15.44 7.89
N LEU A 120 -52.26 -15.87 6.72
CA LEU A 120 -52.93 -15.62 5.44
C LEU A 120 -53.49 -16.93 4.91
N TRP A 121 -54.80 -16.96 4.67
CA TRP A 121 -55.53 -18.16 4.30
C TRP A 121 -55.91 -18.09 2.83
N GLY A 122 -56.39 -19.22 2.32
CA GLY A 122 -56.92 -19.31 0.98
C GLY A 122 -58.40 -18.98 0.95
N GLN A 123 -59.05 -19.39 -0.15
CA GLN A 123 -60.48 -19.12 -0.34
C GLN A 123 -61.36 -20.31 0.06
N GLY A 124 -60.81 -21.52 0.13
CA GLY A 124 -61.57 -22.67 0.59
C GLY A 124 -62.15 -23.51 -0.52
N THR A 125 -62.17 -24.84 -0.34
CA THR A 125 -62.74 -25.77 -1.30
C THR A 125 -63.92 -26.49 -0.68
N LEU A 126 -65.06 -26.48 -1.37
CA LEU A 126 -66.30 -27.09 -0.88
C LEU A 126 -66.36 -28.55 -1.31
N LEU A 127 -65.71 -29.41 -0.54
CA LEU A 127 -65.78 -30.84 -0.83
C LEU A 127 -67.17 -31.35 -0.49
N THR A 128 -67.69 -32.27 -1.30
CA THR A 128 -68.98 -32.91 -1.10
C THR A 128 -68.82 -34.41 -1.24
N VAL A 129 -69.44 -35.16 -0.33
CA VAL A 129 -69.41 -36.62 -0.33
C VAL A 129 -70.83 -37.11 -0.55
N SER A 130 -71.02 -37.89 -1.60
CA SER A 130 -72.34 -38.42 -1.94
C SER A 130 -72.22 -39.60 -2.89
N SER B 2 -66.75 -29.33 20.90
CA SER B 2 -65.51 -28.61 21.10
C SER B 2 -65.13 -28.59 22.57
N VAL B 3 -63.82 -28.55 22.84
CA VAL B 3 -63.35 -28.57 24.22
C VAL B 3 -63.35 -27.16 24.81
N LEU B 4 -63.15 -26.13 23.99
CA LEU B 4 -63.14 -24.74 24.45
C LEU B 4 -64.55 -24.20 24.41
N THR B 5 -65.16 -24.06 25.60
CA THR B 5 -66.52 -23.56 25.70
C THR B 5 -66.49 -22.04 25.85
N GLN B 6 -67.32 -21.35 25.06
CA GLN B 6 -67.47 -19.91 25.13
C GLN B 6 -68.94 -19.53 25.22
N SER B 7 -69.25 -18.24 25.10
CA SER B 7 -70.61 -17.74 25.27
C SER B 7 -71.32 -17.71 23.92
N ALA B 8 -72.59 -18.12 23.93
CA ALA B 8 -73.35 -18.27 22.68
C ALA B 8 -73.38 -16.96 21.88
N SER B 9 -73.98 -15.91 22.46
CA SER B 9 -74.12 -14.63 21.78
C SER B 9 -73.99 -13.49 22.78
N VAL B 10 -73.28 -12.45 22.36
CA VAL B 10 -73.11 -11.22 23.16
C VAL B 10 -73.56 -10.05 22.30
N SER B 11 -74.35 -9.16 22.89
CA SER B 11 -74.91 -8.00 22.21
C SER B 11 -74.16 -6.74 22.59
N GLY B 12 -74.10 -5.80 21.64
CA GLY B 12 -73.48 -4.52 21.87
C GLY B 12 -74.13 -3.45 21.02
N SER B 13 -73.90 -2.19 21.41
CA SER B 13 -74.43 -1.03 20.71
C SER B 13 -73.30 -0.28 20.01
N LEU B 14 -73.69 0.59 19.09
CA LEU B 14 -72.73 1.36 18.31
C LEU B 14 -71.95 2.30 19.22
N GLY B 15 -70.63 2.06 19.32
CA GLY B 15 -69.74 2.90 20.10
C GLY B 15 -69.42 2.37 21.48
N GLN B 16 -70.17 1.39 21.97
CA GLN B 16 -69.91 0.83 23.30
C GLN B 16 -68.79 -0.20 23.16
N SER B 17 -68.51 -0.94 24.25
CA SER B 17 -67.44 -1.92 24.29
C SER B 17 -68.01 -3.27 24.72
N VAL B 18 -67.73 -4.30 23.94
CA VAL B 18 -68.18 -5.66 24.22
C VAL B 18 -66.98 -6.50 24.64
N THR B 19 -67.26 -7.53 25.44
CA THR B 19 -66.26 -8.48 25.91
C THR B 19 -66.79 -9.89 25.67
N ILE B 20 -65.91 -10.76 25.22
CA ILE B 20 -66.23 -12.16 24.94
C ILE B 20 -65.24 -13.02 25.73
N SER B 21 -65.76 -14.05 26.38
CA SER B 21 -64.96 -14.97 27.17
C SER B 21 -64.64 -16.23 26.38
N CYS B 22 -63.62 -16.95 26.84
CA CYS B 22 -63.17 -18.18 26.21
C CYS B 22 -62.47 -19.00 27.29
N THR B 23 -63.14 -20.08 27.71
CA THR B 23 -62.77 -20.89 28.85
C THR B 23 -62.70 -22.34 28.40
N GLY B 24 -62.19 -23.21 29.27
CA GLY B 24 -62.18 -24.63 29.00
C GLY B 24 -61.69 -25.45 30.18
N PRO B 25 -61.35 -26.72 29.95
CA PRO B 25 -60.88 -27.57 31.05
C PRO B 25 -59.44 -27.23 31.45
N ASN B 26 -58.95 -27.97 32.45
CA ASN B 26 -57.62 -27.75 32.98
C ASN B 26 -56.52 -28.24 32.04
N SER B 27 -56.85 -29.06 31.04
CA SER B 27 -55.81 -29.56 30.14
C SER B 27 -55.37 -28.52 29.12
N VAL B 28 -56.23 -27.55 28.81
CA VAL B 28 -55.94 -26.48 27.87
C VAL B 28 -56.12 -25.10 28.50
N CYS B 29 -56.15 -25.04 29.84
CA CYS B 29 -56.37 -23.77 30.51
C CYS B 29 -55.25 -22.79 30.18
N CYS B 30 -55.62 -21.51 30.13
CA CYS B 30 -54.83 -20.49 29.45
C CYS B 30 -53.43 -20.30 30.03
N SER B 31 -53.21 -20.72 31.29
CA SER B 31 -51.94 -20.40 31.95
C SER B 31 -50.75 -21.05 31.24
N HIS B 32 -50.87 -22.33 30.87
CA HIS B 32 -49.77 -23.06 30.26
C HIS B 32 -49.84 -23.12 28.74
N LYS B 33 -50.80 -22.41 28.13
CA LYS B 33 -51.03 -22.45 26.69
C LYS B 33 -51.08 -21.03 26.15
N SER B 34 -51.14 -20.91 24.84
CA SER B 34 -51.24 -19.63 24.14
C SER B 34 -52.59 -19.57 23.41
N ILE B 35 -53.28 -18.44 23.56
CA ILE B 35 -54.65 -18.27 23.06
C ILE B 35 -54.62 -17.39 21.80
N SER B 36 -55.39 -17.78 20.79
CA SER B 36 -55.55 -17.02 19.55
C SER B 36 -57.02 -16.92 19.21
N TRP B 37 -57.34 -15.97 18.31
CA TRP B 37 -58.70 -15.64 17.95
C TRP B 37 -58.85 -15.46 16.45
N TYR B 38 -60.07 -15.68 15.94
CA TYR B 38 -60.37 -15.60 14.51
C TYR B 38 -61.79 -15.11 14.27
N GLN B 39 -61.92 -14.10 13.40
CA GLN B 39 -63.22 -13.65 12.91
C GLN B 39 -63.57 -14.50 11.70
N TRP B 40 -64.58 -15.35 11.81
CA TRP B 40 -64.92 -16.32 10.76
C TRP B 40 -66.41 -16.21 10.46
N PRO B 41 -66.81 -15.32 9.55
CA PRO B 41 -68.18 -15.33 9.06
C PRO B 41 -68.35 -16.43 8.01
N PRO B 42 -69.42 -17.24 8.10
CA PRO B 42 -69.53 -18.41 7.21
C PRO B 42 -69.56 -18.02 5.74
N GLY B 43 -68.53 -18.42 5.01
CA GLY B 43 -68.38 -18.11 3.59
C GLY B 43 -67.11 -17.38 3.23
N ARG B 44 -66.46 -16.72 4.20
CA ARG B 44 -65.25 -15.96 3.97
C ARG B 44 -64.14 -16.47 4.88
N ALA B 45 -62.93 -16.52 4.34
CA ALA B 45 -61.80 -17.05 5.10
C ALA B 45 -61.54 -16.17 6.32
N PRO B 46 -61.25 -16.75 7.48
CA PRO B 46 -61.07 -15.93 8.68
C PRO B 46 -59.77 -15.15 8.67
N THR B 47 -59.75 -14.10 9.48
CA THR B 47 -58.59 -13.26 9.70
C THR B 47 -58.09 -13.39 11.13
N LEU B 48 -56.79 -13.21 11.31
CA LEU B 48 -56.14 -13.32 12.61
C LEU B 48 -56.22 -11.97 13.31
N ILE B 49 -56.87 -11.94 14.48
CA ILE B 49 -56.97 -10.69 15.25
C ILE B 49 -55.78 -10.61 16.19
N ILE B 50 -55.74 -11.51 17.18
CA ILE B 50 -54.67 -11.59 18.17
C ILE B 50 -54.17 -13.02 18.22
N TYR B 51 -52.84 -13.19 18.16
CA TYR B 51 -52.23 -14.51 18.10
C TYR B 51 -51.69 -14.98 19.46
N GLU B 52 -51.02 -14.11 20.22
CA GLU B 52 -50.55 -14.44 21.55
C GLU B 52 -51.63 -13.97 22.53
N ASP B 53 -51.33 -13.94 23.83
CA ASP B 53 -52.33 -13.53 24.81
C ASP B 53 -52.86 -12.12 24.53
N ASN B 54 -51.96 -11.12 24.26
CA ASN B 54 -52.44 -9.76 24.00
C ASN B 54 -51.92 -9.21 22.69
N GLU B 55 -50.66 -9.49 22.34
CA GLU B 55 -50.06 -8.91 21.15
C GLU B 55 -50.88 -9.23 19.91
N ARG B 56 -51.32 -8.19 19.21
CA ARG B 56 -52.20 -8.29 18.06
C ARG B 56 -51.44 -8.51 16.76
N ALA B 57 -52.15 -9.04 15.77
CA ALA B 57 -51.61 -9.26 14.45
C ALA B 57 -51.51 -7.95 13.69
N PRO B 58 -50.73 -7.91 12.59
CA PRO B 58 -50.58 -6.64 11.86
C PRO B 58 -51.88 -6.24 11.18
N GLY B 59 -52.08 -4.93 11.08
CA GLY B 59 -53.23 -4.40 10.38
C GLY B 59 -54.52 -4.40 11.16
N ILE B 60 -54.46 -4.55 12.49
CA ILE B 60 -55.65 -4.58 13.32
C ILE B 60 -55.70 -3.22 14.02
N SER B 61 -56.86 -2.58 13.93
CA SER B 61 -57.02 -1.26 14.53
C SER B 61 -56.97 -1.41 16.07
N PRO B 62 -56.68 -0.33 16.82
CA PRO B 62 -56.69 -0.43 18.29
C PRO B 62 -58.04 -0.74 18.94
N ARG B 63 -59.13 -0.86 18.18
CA ARG B 63 -60.41 -1.24 18.77
C ARG B 63 -60.39 -2.59 19.49
N PHE B 64 -59.46 -3.47 19.15
CA PHE B 64 -59.39 -4.80 19.76
C PHE B 64 -58.25 -4.89 20.77
N SER B 65 -58.46 -5.73 21.78
CA SER B 65 -57.39 -6.06 22.73
C SER B 65 -57.78 -7.36 23.41
N GLY B 66 -56.80 -7.98 24.05
CA GLY B 66 -57.01 -9.29 24.66
C GLY B 66 -56.30 -9.38 25.99
N TYR B 67 -56.93 -10.12 26.91
CA TYR B 67 -56.37 -10.39 28.22
C TYR B 67 -56.54 -11.86 28.55
N LYS B 68 -55.60 -12.37 29.34
CA LYS B 68 -55.51 -13.80 29.63
C LYS B 68 -55.27 -13.96 31.13
N SER B 69 -56.27 -14.47 31.84
CA SER B 69 -56.16 -14.79 33.25
C SER B 69 -55.79 -16.26 33.40
N TYR B 70 -55.75 -16.75 34.64
CA TYR B 70 -55.41 -18.15 34.86
C TYR B 70 -56.54 -19.05 34.38
N TRP B 71 -57.78 -18.71 34.73
CA TRP B 71 -58.91 -19.60 34.51
C TRP B 71 -59.60 -19.37 33.17
N SER B 72 -59.34 -18.27 32.48
CA SER B 72 -60.02 -17.98 31.22
C SER B 72 -59.26 -16.89 30.49
N ALA B 73 -59.53 -16.78 29.18
CA ALA B 73 -59.00 -15.69 28.36
C ALA B 73 -60.16 -15.00 27.67
N TYR B 74 -60.09 -13.66 27.60
CA TYR B 74 -61.17 -12.87 27.04
C TYR B 74 -60.65 -11.79 26.09
N LEU B 75 -61.55 -11.40 25.19
CA LEU B 75 -61.29 -10.48 24.09
C LEU B 75 -62.23 -9.29 24.25
N THR B 76 -61.71 -8.08 24.09
CA THR B 76 -62.47 -6.85 24.27
C THR B 76 -62.41 -6.03 23.01
N ILE B 77 -63.58 -5.72 22.44
CA ILE B 77 -63.72 -4.86 21.28
C ILE B 77 -64.38 -3.58 21.75
N SER B 78 -63.72 -2.44 21.54
CA SER B 78 -64.27 -1.13 21.83
C SER B 78 -64.70 -0.45 20.53
N ASP B 79 -65.45 0.64 20.66
CA ASP B 79 -65.92 1.43 19.52
C ASP B 79 -66.60 0.54 18.47
N LEU B 80 -67.72 -0.06 18.87
CA LEU B 80 -68.38 -1.04 18.00
C LEU B 80 -68.83 -0.42 16.69
N ARG B 81 -68.69 -1.18 15.61
CA ARG B 81 -69.01 -0.79 14.25
C ARG B 81 -69.83 -1.89 13.60
N PRO B 82 -70.68 -1.57 12.61
CA PRO B 82 -71.58 -2.61 12.07
C PRO B 82 -70.89 -3.75 11.36
N GLU B 83 -69.65 -3.58 10.88
CA GLU B 83 -68.95 -4.71 10.27
C GLU B 83 -68.59 -5.81 11.26
N ASP B 84 -68.71 -5.55 12.57
CA ASP B 84 -68.38 -6.55 13.58
C ASP B 84 -69.48 -7.57 13.78
N GLU B 85 -70.58 -7.49 13.03
CA GLU B 85 -71.69 -8.45 13.17
C GLU B 85 -71.31 -9.74 12.44
N THR B 86 -70.32 -10.44 13.00
CA THR B 86 -69.83 -11.70 12.48
C THR B 86 -69.60 -12.64 13.66
N THR B 87 -68.87 -13.72 13.42
CA THR B 87 -68.60 -14.76 14.40
C THR B 87 -67.15 -14.66 14.84
N TYR B 88 -66.88 -15.21 16.02
CA TYR B 88 -65.54 -15.22 16.61
C TYR B 88 -65.27 -16.61 17.16
N TYR B 89 -64.03 -17.07 17.01
CA TYR B 89 -63.60 -18.38 17.46
C TYR B 89 -62.27 -18.24 18.18
N CYS B 90 -62.17 -18.83 19.37
CA CYS B 90 -60.93 -18.87 20.11
C CYS B 90 -60.32 -20.26 20.01
N CYS B 91 -59.00 -20.33 20.08
CA CYS B 91 -58.30 -21.62 20.06
C CYS B 91 -56.99 -21.52 20.81
N SER B 92 -56.74 -22.50 21.69
CA SER B 92 -55.51 -22.58 22.46
C SER B 92 -54.50 -23.47 21.74
N TYR B 93 -53.22 -23.28 22.07
CA TYR B 93 -52.15 -24.00 21.37
C TYR B 93 -50.84 -23.85 22.13
N THR B 94 -50.11 -24.96 22.22
CA THR B 94 -48.73 -24.94 22.68
C THR B 94 -47.85 -24.67 21.46
N HIS B 95 -46.55 -24.89 21.59
CA HIS B 95 -45.59 -24.65 20.51
C HIS B 95 -45.24 -25.90 19.71
N ASN B 96 -45.69 -27.09 20.12
CA ASN B 96 -45.45 -28.33 19.38
C ASN B 96 -46.74 -29.03 18.94
N SER B 97 -47.91 -28.40 19.13
CA SER B 97 -49.17 -29.00 18.75
C SER B 97 -50.08 -27.92 18.20
N GLY B 98 -51.05 -28.33 17.38
CA GLY B 98 -51.92 -27.39 16.70
C GLY B 98 -52.83 -26.63 17.65
N CYS B 99 -53.81 -25.97 17.06
CA CYS B 99 -54.68 -25.04 17.78
C CYS B 99 -56.09 -25.62 17.78
N VAL B 100 -56.54 -26.08 18.94
CA VAL B 100 -57.85 -26.71 19.06
C VAL B 100 -58.92 -25.60 19.08
N PHE B 101 -59.81 -25.63 18.10
CA PHE B 101 -60.76 -24.55 17.92
C PHE B 101 -61.93 -24.65 18.90
N GLY B 102 -62.58 -23.51 19.11
CA GLY B 102 -63.71 -23.43 20.01
C GLY B 102 -65.01 -23.84 19.36
N THR B 103 -66.09 -23.10 19.66
CA THR B 103 -67.42 -23.41 19.15
C THR B 103 -67.96 -22.33 18.22
N GLY B 104 -67.71 -21.05 18.53
CA GLY B 104 -68.21 -19.95 17.73
C GLY B 104 -69.19 -19.09 18.49
N THR B 105 -69.08 -17.77 18.34
CA THR B 105 -69.95 -16.84 19.05
C THR B 105 -70.28 -15.68 18.13
N LYS B 106 -71.58 -15.45 17.91
CA LYS B 106 -72.03 -14.34 17.08
C LYS B 106 -72.25 -13.09 17.91
N VAL B 107 -72.02 -11.94 17.30
CA VAL B 107 -72.10 -10.65 17.96
C VAL B 107 -73.19 -9.86 17.27
N SER B 108 -74.27 -9.56 17.99
CA SER B 108 -75.37 -8.78 17.45
C SER B 108 -75.10 -7.31 17.74
N VAL B 109 -75.06 -6.50 16.69
CA VAL B 109 -74.76 -5.09 16.80
C VAL B 109 -76.09 -4.35 16.83
N LEU B 110 -76.36 -3.67 17.95
CA LEU B 110 -77.63 -3.00 18.16
C LEU B 110 -77.56 -1.56 17.65
N GLY B 111 -78.73 -1.02 17.33
CA GLY B 111 -78.85 0.33 16.81
C GLY B 111 -78.86 0.43 15.29
N GLN B 112 -78.81 -0.69 14.58
CA GLN B 112 -78.85 -0.68 13.12
C GLN B 112 -80.28 -0.79 12.64
N SER B 113 -80.52 -0.26 11.45
CA SER B 113 -81.86 -0.29 10.85
C SER B 113 -82.19 -1.70 10.37
N GLY C 2 12.16 -42.83 30.58
CA GLY C 2 13.47 -42.63 31.19
C GLY C 2 14.38 -43.83 31.07
N GLN C 3 13.89 -45.01 31.46
CA GLN C 3 14.58 -46.29 31.28
C GLN C 3 16.01 -46.21 31.83
N LEU C 4 16.12 -45.76 33.08
CA LEU C 4 17.43 -45.61 33.71
C LEU C 4 18.18 -46.93 33.70
N VAL C 5 19.46 -46.88 33.33
CA VAL C 5 20.33 -48.04 33.29
C VAL C 5 21.52 -47.77 34.20
N GLN C 6 21.75 -48.65 35.17
CA GLN C 6 22.85 -48.53 36.11
C GLN C 6 24.10 -49.24 35.59
N SER C 7 25.23 -48.99 36.27
CA SER C 7 26.50 -49.57 35.85
C SER C 7 26.49 -51.09 35.94
N GLY C 8 25.95 -51.64 37.02
CA GLY C 8 25.96 -53.07 37.29
C GLY C 8 26.70 -53.45 38.56
N ALA C 9 26.46 -54.68 39.03
CA ALA C 9 26.97 -55.12 40.32
C ALA C 9 28.49 -55.22 40.30
N GLU C 10 29.11 -54.91 41.45
CA GLU C 10 30.55 -55.02 41.63
C GLU C 10 30.85 -55.61 43.01
N LEU C 11 31.98 -56.31 43.10
CA LEU C 11 32.46 -56.93 44.32
C LEU C 11 33.79 -56.29 44.68
N LYS C 12 34.01 -56.02 45.96
CA LYS C 12 35.16 -55.21 46.33
C LYS C 12 35.60 -55.49 47.76
N LYS C 13 36.91 -55.32 48.01
CA LYS C 13 37.47 -55.47 49.34
C LYS C 13 37.09 -54.28 50.23
N PRO C 14 37.04 -54.46 51.56
CA PRO C 14 36.68 -53.34 52.44
C PRO C 14 37.76 -52.27 52.47
N GLY C 15 37.40 -51.13 53.07
CA GLY C 15 38.31 -50.00 53.24
C GLY C 15 38.88 -49.37 51.98
N ALA C 16 38.00 -48.82 51.16
CA ALA C 16 38.34 -48.37 49.81
C ALA C 16 37.18 -47.50 49.31
N SER C 17 37.23 -47.11 48.02
CA SER C 17 36.23 -46.27 47.40
C SER C 17 35.70 -46.86 46.10
N VAL C 18 34.44 -46.53 45.76
CA VAL C 18 33.86 -46.90 44.47
C VAL C 18 33.17 -45.71 43.81
N LYS C 19 33.13 -45.76 42.48
CA LYS C 19 32.38 -44.83 41.65
C LYS C 19 31.27 -45.59 40.94
N ILE C 20 30.02 -45.24 41.20
CA ILE C 20 28.85 -45.86 40.58
C ILE C 20 28.13 -44.84 39.71
N SER C 21 27.79 -45.25 38.48
CA SER C 21 27.26 -44.36 37.44
C SER C 21 25.98 -44.91 36.84
N CYS C 22 25.04 -44.02 36.52
CA CYS C 22 23.85 -44.39 35.76
C CYS C 22 23.65 -43.43 34.58
N LYS C 23 23.15 -44.01 33.49
CA LYS C 23 22.99 -43.37 32.18
C LYS C 23 21.51 -43.15 31.91
N THR C 24 21.10 -41.88 31.86
CA THR C 24 19.72 -41.54 31.52
C THR C 24 19.51 -41.60 30.02
N SER C 25 18.28 -41.89 29.62
CA SER C 25 17.90 -41.83 28.21
C SER C 25 16.45 -41.37 28.08
N GLY C 26 16.18 -40.61 27.01
CA GLY C 26 14.83 -40.29 26.61
C GLY C 26 14.13 -39.22 27.40
N TYR C 27 14.82 -38.58 28.35
CA TYR C 27 14.21 -37.44 29.07
C TYR C 27 15.29 -36.36 29.20
N ARG C 28 14.92 -35.08 29.20
CA ARG C 28 16.01 -34.08 29.26
C ARG C 28 16.72 -34.29 30.59
N PHE C 29 18.05 -34.29 30.58
CA PHE C 29 18.80 -34.64 31.82
C PHE C 29 18.83 -33.43 32.76
N ASN C 30 18.91 -32.22 32.21
CA ASN C 30 19.08 -31.02 33.01
C ASN C 30 17.85 -30.73 33.87
N PHE C 31 16.65 -31.01 33.35
CA PHE C 31 15.44 -30.54 34.02
C PHE C 31 15.24 -31.18 35.38
N TYR C 32 15.50 -32.48 35.51
CA TYR C 32 15.06 -33.26 36.66
C TYR C 32 16.23 -33.67 37.53
N HIS C 33 16.09 -33.48 38.84
CA HIS C 33 17.13 -33.82 39.80
C HIS C 33 17.49 -35.30 39.73
N ILE C 34 18.75 -35.59 40.08
CA ILE C 34 19.25 -36.96 40.23
C ILE C 34 19.27 -37.27 41.72
N ASN C 35 18.64 -38.38 42.09
CA ASN C 35 18.37 -38.75 43.48
C ASN C 35 18.99 -40.11 43.75
N TRP C 36 20.11 -40.12 44.46
CA TRP C 36 20.89 -41.33 44.73
C TRP C 36 20.48 -41.91 46.07
N ILE C 37 20.33 -43.24 46.10
CA ILE C 37 19.65 -43.98 47.15
C ILE C 37 20.39 -45.28 47.41
N ARG C 38 20.44 -45.68 48.69
CA ARG C 38 20.87 -47.00 49.10
C ARG C 38 19.74 -47.70 49.85
N GLN C 39 19.58 -49.00 49.59
CA GLN C 39 18.70 -49.88 50.35
C GLN C 39 19.60 -50.97 50.93
N THR C 40 19.96 -50.84 52.20
CA THR C 40 20.75 -51.90 52.88
C THR C 40 19.77 -52.93 53.44
N ALA C 41 19.93 -54.21 53.11
CA ALA C 41 18.88 -55.17 53.55
C ALA C 41 18.79 -55.20 55.08
N GLY C 42 19.93 -55.21 55.77
CA GLY C 42 19.89 -55.15 57.24
C GLY C 42 19.32 -53.86 57.78
N ARG C 43 19.68 -52.71 57.20
CA ARG C 43 19.25 -51.40 57.76
C ARG C 43 17.97 -50.86 57.11
N GLY C 44 17.42 -51.53 56.10
CA GLY C 44 16.24 -50.97 55.40
C GLY C 44 16.66 -49.93 54.37
N PRO C 45 15.94 -48.80 54.18
CA PRO C 45 16.33 -47.75 53.24
C PRO C 45 16.98 -46.54 53.90
N GLU C 46 18.07 -46.06 53.30
CA GLU C 46 18.76 -44.85 53.74
C GLU C 46 18.93 -43.92 52.55
N TRP C 47 18.90 -42.63 52.83
CA TRP C 47 19.07 -41.63 51.77
C TRP C 47 20.56 -41.34 51.60
N MET C 48 20.96 -41.07 50.36
CA MET C 48 22.33 -40.67 50.06
C MET C 48 22.38 -39.23 49.56
N GLY C 49 21.83 -38.91 48.40
CA GLY C 49 22.04 -37.57 47.87
C GLY C 49 21.00 -37.08 46.88
N TRP C 50 21.00 -35.76 46.70
CA TRP C 50 20.07 -35.06 45.81
C TRP C 50 20.89 -34.04 45.02
N ILE C 51 21.49 -34.46 43.88
CA ILE C 51 22.25 -33.54 43.03
C ILE C 51 21.38 -33.00 41.91
N SER C 52 21.50 -31.69 41.68
CA SER C 52 20.87 -31.05 40.52
C SER C 52 21.80 -31.13 39.33
N PRO C 53 21.38 -31.69 38.18
CA PRO C 53 22.26 -31.74 37.02
C PRO C 53 22.32 -30.44 36.24
N TYR C 54 21.51 -29.44 36.58
CA TYR C 54 21.47 -28.19 35.82
C TYR C 54 22.49 -27.18 36.34
N SER C 55 22.88 -27.29 37.60
CA SER C 55 23.90 -26.43 38.19
C SER C 55 24.71 -27.27 39.17
N GLY C 56 25.58 -26.62 39.93
CA GLY C 56 26.34 -27.28 40.96
C GLY C 56 25.61 -27.47 42.27
N ASP C 57 24.30 -27.20 42.31
CA ASP C 57 23.54 -27.38 43.54
C ASP C 57 23.52 -28.85 43.93
N LYS C 58 23.94 -29.12 45.17
CA LYS C 58 23.94 -30.45 45.74
C LYS C 58 23.26 -30.39 47.10
N ASN C 59 22.65 -31.50 47.50
CA ASN C 59 22.18 -31.65 48.87
C ASN C 59 22.53 -33.06 49.33
N LEU C 60 22.90 -33.17 50.59
CA LEU C 60 23.43 -34.42 51.12
C LEU C 60 22.88 -34.65 52.52
N ALA C 61 22.68 -35.92 52.86
CA ALA C 61 22.20 -36.28 54.18
C ALA C 61 23.29 -36.05 55.23
N PRO C 62 22.91 -35.69 56.47
CA PRO C 62 23.96 -35.39 57.47
C PRO C 62 24.82 -36.58 57.84
N ALA C 63 24.31 -37.80 57.70
CA ALA C 63 25.09 -38.96 58.09
C ALA C 63 26.26 -39.24 57.17
N PHE C 64 26.32 -38.61 55.97
CA PHE C 64 27.29 -38.96 54.95
C PHE C 64 28.06 -37.73 54.47
N GLN C 65 28.13 -36.67 55.28
CA GLN C 65 28.97 -35.52 54.93
C GLN C 65 30.44 -35.89 54.85
N ASP C 66 31.10 -35.42 53.78
CA ASP C 66 32.52 -35.58 53.49
C ASP C 66 32.87 -37.02 53.05
N ARG C 67 31.92 -37.95 53.14
CA ARG C 67 32.19 -39.34 52.83
C ARG C 67 31.86 -39.69 51.38
N VAL C 68 30.95 -38.94 50.73
CA VAL C 68 30.48 -39.22 49.38
C VAL C 68 30.47 -37.92 48.56
N ILE C 69 30.98 -37.97 47.33
CA ILE C 69 31.03 -36.84 46.40
C ILE C 69 30.26 -37.20 45.13
N MET C 70 29.22 -36.42 44.81
CA MET C 70 28.36 -36.68 43.66
C MET C 70 28.64 -35.67 42.54
N THR C 71 28.67 -36.15 41.30
CA THR C 71 28.89 -35.29 40.13
C THR C 71 28.07 -35.81 38.95
N THR C 72 27.94 -34.96 37.93
CA THR C 72 27.18 -35.27 36.71
C THR C 72 27.95 -34.84 35.47
N ASP C 73 27.66 -35.50 34.36
CA ASP C 73 28.14 -35.09 33.04
C ASP C 73 27.16 -34.11 32.39
N THR C 74 27.59 -33.53 31.28
CA THR C 74 26.70 -32.77 30.44
C THR C 74 25.86 -33.70 29.56
N GLU C 75 24.73 -33.18 29.11
CA GLU C 75 23.82 -33.96 28.28
C GLU C 75 24.26 -33.93 26.81
N VAL C 76 23.67 -34.84 26.02
CA VAL C 76 23.94 -34.95 24.59
C VAL C 76 22.59 -34.94 23.89
N PRO C 77 22.34 -34.02 22.94
CA PRO C 77 20.98 -33.87 22.40
C PRO C 77 20.59 -34.90 21.35
N VAL C 78 20.02 -36.05 21.77
CA VAL C 78 19.49 -36.99 20.78
C VAL C 78 18.43 -36.30 19.93
N THR C 79 17.53 -35.57 20.58
CA THR C 79 16.59 -34.69 19.89
C THR C 79 16.03 -33.74 20.92
N SER C 80 15.33 -32.71 20.44
CA SER C 80 14.83 -31.68 21.34
C SER C 80 13.86 -32.28 22.35
N PHE C 81 14.08 -31.94 23.63
CA PHE C 81 13.26 -32.34 24.76
C PHE C 81 13.40 -33.81 25.14
N THR C 82 14.26 -34.59 24.48
CA THR C 82 14.60 -35.95 24.92
C THR C 82 16.09 -36.17 24.65
N SER C 83 16.91 -35.86 25.65
CA SER C 83 18.36 -35.94 25.59
C SER C 83 18.87 -37.15 26.38
N THR C 84 20.19 -37.24 26.52
CA THR C 84 20.85 -38.35 27.19
C THR C 84 22.01 -37.79 28.01
N GLY C 85 22.05 -38.17 29.28
CA GLY C 85 23.02 -37.62 30.21
C GLY C 85 23.30 -38.64 31.29
N ALA C 86 24.39 -38.41 32.03
CA ALA C 86 24.89 -39.38 32.98
C ALA C 86 25.18 -38.72 34.32
N ALA C 87 25.04 -39.52 35.39
CA ALA C 87 25.40 -39.04 36.72
C ALA C 87 26.10 -40.15 37.49
N TYR C 88 27.06 -39.77 38.34
CA TYR C 88 27.77 -40.76 39.13
C TYR C 88 28.11 -40.19 40.49
N MET C 89 28.32 -41.11 41.43
CA MET C 89 28.68 -40.76 42.79
C MET C 89 29.91 -41.58 43.18
N GLU C 90 30.76 -40.97 44.00
CA GLU C 90 31.99 -41.54 44.52
C GLU C 90 31.76 -41.69 46.01
N ILE C 91 31.89 -42.92 46.52
CA ILE C 91 31.71 -43.19 47.95
C ILE C 91 33.05 -43.68 48.49
N ARG C 92 33.63 -42.87 49.37
CA ARG C 92 34.86 -43.17 50.09
C ARG C 92 34.61 -44.14 51.24
N ASN C 93 35.58 -45.04 51.45
CA ASN C 93 35.70 -45.82 52.68
C ASN C 93 34.44 -46.65 52.94
N LEU C 94 34.19 -47.58 52.03
CA LEU C 94 33.08 -48.51 52.19
C LEU C 94 33.37 -49.43 53.38
N LYS C 95 32.31 -49.92 54.01
CA LYS C 95 32.41 -50.87 55.11
C LYS C 95 31.39 -51.98 54.90
N PHE C 96 31.31 -52.89 55.88
CA PHE C 96 30.31 -53.96 55.84
C PHE C 96 28.90 -53.40 55.87
N ASP C 97 28.68 -52.34 56.66
CA ASP C 97 27.37 -51.67 56.74
C ASP C 97 26.80 -51.29 55.37
N ASP C 98 27.65 -51.11 54.36
CA ASP C 98 27.22 -50.65 53.04
C ASP C 98 27.16 -51.80 52.03
N THR C 99 26.26 -52.74 52.30
CA THR C 99 26.05 -53.94 51.49
C THR C 99 24.57 -54.02 51.09
N GLY C 100 24.24 -53.42 49.95
CA GLY C 100 22.86 -53.37 49.54
C GLY C 100 22.72 -52.91 48.11
N THR C 101 21.50 -52.49 47.77
CA THR C 101 21.13 -52.15 46.41
C THR C 101 21.10 -50.64 46.24
N TYR C 102 21.78 -50.13 45.20
CA TYR C 102 21.89 -48.70 44.95
C TYR C 102 21.02 -48.33 43.76
N PHE C 103 20.19 -47.30 43.94
CA PHE C 103 19.33 -46.78 42.87
C PHE C 103 19.57 -45.28 42.69
N CYS C 104 19.49 -44.82 41.44
CA CYS C 104 19.36 -43.40 41.14
C CYS C 104 17.98 -43.17 40.53
N ALA C 105 17.47 -41.96 40.71
CA ALA C 105 16.10 -41.67 40.32
C ALA C 105 15.95 -40.24 39.81
N LYS C 106 14.89 -40.05 39.02
CA LYS C 106 14.54 -38.78 38.43
C LYS C 106 13.57 -38.02 39.33
N GLY C 107 13.79 -36.71 39.47
CA GLY C 107 12.88 -35.90 40.25
C GLY C 107 11.49 -35.86 39.64
N LEU C 108 10.49 -35.71 40.51
CA LEU C 108 9.10 -35.78 40.06
C LEU C 108 8.74 -34.62 39.15
N LEU C 109 8.99 -33.39 39.59
CA LEU C 109 8.60 -32.19 38.88
C LEU C 109 9.79 -31.27 38.73
N ARG C 110 9.67 -30.34 37.78
CA ARG C 110 10.68 -29.29 37.62
C ARG C 110 10.52 -28.17 38.64
N ASP C 111 9.29 -27.86 39.03
CA ASP C 111 9.00 -26.72 39.90
C ASP C 111 7.97 -27.17 40.94
N GLY C 112 7.80 -26.36 41.97
CA GLY C 112 6.82 -26.61 43.01
C GLY C 112 7.45 -27.24 44.24
N SER C 113 6.61 -27.41 45.26
CA SER C 113 7.07 -27.91 46.54
C SER C 113 7.47 -29.39 46.49
N SER C 114 7.06 -30.11 45.45
CA SER C 114 7.29 -31.56 45.35
C SER C 114 8.50 -31.90 44.49
N THR C 115 9.36 -30.93 44.17
CA THR C 115 10.61 -31.25 43.51
C THR C 115 11.54 -32.00 44.46
N TRP C 116 12.64 -32.54 43.92
CA TRP C 116 13.64 -33.32 44.72
C TRP C 116 13.01 -34.64 45.19
N LEU C 117 11.86 -35.02 44.62
CA LEU C 117 11.18 -36.27 45.02
C LEU C 117 11.35 -37.30 43.89
N PRO C 118 11.85 -38.52 44.15
CA PRO C 118 12.11 -39.50 43.08
C PRO C 118 10.88 -40.19 42.47
N TYR C 119 10.79 -40.21 41.13
CA TYR C 119 9.71 -40.91 40.45
C TYR C 119 10.19 -42.16 39.73
N LEU C 120 11.09 -42.03 38.75
CA LEU C 120 11.57 -43.18 37.99
C LEU C 120 12.80 -43.76 38.67
N TRP C 121 12.87 -45.09 38.69
CA TRP C 121 13.95 -45.81 39.32
C TRP C 121 14.48 -46.87 38.35
N GLY C 122 15.79 -47.10 38.42
CA GLY C 122 16.41 -48.13 37.60
C GLY C 122 16.42 -49.48 38.28
N GLN C 123 17.07 -50.43 37.61
CA GLN C 123 17.13 -51.79 38.17
C GLN C 123 18.03 -51.84 39.40
N GLY C 124 19.15 -51.14 39.36
CA GLY C 124 20.04 -51.02 40.49
C GLY C 124 21.18 -52.03 40.43
N THR C 125 22.15 -51.82 41.33
CA THR C 125 23.35 -52.63 41.40
C THR C 125 23.51 -53.19 42.81
N LEU C 126 24.00 -54.42 42.89
CA LEU C 126 24.25 -55.10 44.16
C LEU C 126 25.71 -54.90 44.54
N LEU C 127 25.93 -54.30 45.71
CA LEU C 127 27.25 -54.10 46.27
C LEU C 127 27.41 -55.04 47.46
N THR C 128 28.47 -55.84 47.43
CA THR C 128 28.66 -56.92 48.40
C THR C 128 29.76 -56.66 49.42
N VAL C 129 30.76 -55.88 49.07
CA VAL C 129 31.87 -55.58 49.97
C VAL C 129 32.55 -56.88 50.40
N SER D 2 15.10 -45.09 62.21
CA SER D 2 13.82 -44.82 61.56
C SER D 2 12.98 -43.85 62.40
N VAL D 3 13.21 -42.55 62.21
CA VAL D 3 12.53 -41.56 63.02
C VAL D 3 11.05 -41.50 62.65
N LEU D 4 10.73 -41.76 61.38
CA LEU D 4 9.34 -41.80 60.90
C LEU D 4 8.83 -43.22 61.11
N THR D 5 8.02 -43.39 62.15
CA THR D 5 7.58 -44.72 62.59
C THR D 5 6.22 -45.06 61.98
N GLN D 6 6.06 -46.33 61.64
CA GLN D 6 4.81 -46.91 61.15
C GLN D 6 4.35 -47.99 62.12
N SER D 7 3.33 -48.75 61.72
CA SER D 7 2.71 -49.74 62.59
C SER D 7 3.23 -51.16 62.35
N ALA D 8 3.85 -51.42 61.20
CA ALA D 8 4.53 -52.69 60.90
C ALA D 8 3.61 -53.92 60.88
N SER D 9 2.30 -53.76 61.05
CA SER D 9 1.37 -54.89 61.03
C SER D 9 0.04 -54.40 60.45
N VAL D 10 -0.13 -54.59 59.14
CA VAL D 10 -1.34 -54.18 58.43
C VAL D 10 -1.88 -55.37 57.64
N SER D 11 -3.20 -55.56 57.74
CA SER D 11 -3.88 -56.63 57.03
C SER D 11 -5.25 -56.14 56.61
N GLY D 12 -5.71 -56.64 55.46
CA GLY D 12 -7.03 -56.31 54.96
C GLY D 12 -7.57 -57.46 54.15
N SER D 13 -8.87 -57.43 53.90
CA SER D 13 -9.57 -58.50 53.21
C SER D 13 -9.90 -58.08 51.77
N LEU D 14 -9.98 -59.08 50.90
CA LEU D 14 -10.28 -58.87 49.49
C LEU D 14 -11.60 -58.15 49.28
N GLY D 15 -11.53 -56.92 48.78
CA GLY D 15 -12.71 -56.11 48.51
C GLY D 15 -13.01 -55.08 49.58
N GLN D 16 -12.50 -55.25 50.79
CA GLN D 16 -12.68 -54.28 51.86
C GLN D 16 -11.60 -53.20 51.72
N SER D 17 -11.49 -52.32 52.71
CA SER D 17 -10.54 -51.20 52.69
C SER D 17 -9.71 -51.22 53.96
N VAL D 18 -8.39 -51.18 53.80
CA VAL D 18 -7.45 -51.13 54.90
C VAL D 18 -6.87 -49.72 54.96
N THR D 19 -6.29 -49.40 56.12
CA THR D 19 -5.68 -48.10 56.35
C THR D 19 -4.29 -48.31 56.95
N ILE D 20 -3.34 -47.49 56.51
CA ILE D 20 -1.96 -47.52 56.97
C ILE D 20 -1.58 -46.15 57.51
N SER D 21 -0.98 -46.13 58.69
CA SER D 21 -0.56 -44.91 59.39
C SER D 21 0.94 -44.74 59.31
N CYS D 22 1.38 -43.50 59.56
CA CYS D 22 2.80 -43.15 59.57
C CYS D 22 2.94 -41.89 60.40
N THR D 23 3.53 -42.02 61.58
CA THR D 23 3.68 -40.92 62.54
C THR D 23 5.13 -40.84 62.98
N GLY D 24 5.43 -39.82 63.79
CA GLY D 24 6.76 -39.63 64.32
C GLY D 24 6.82 -38.50 65.33
N PRO D 25 8.02 -38.02 65.64
CA PRO D 25 8.16 -36.95 66.64
C PRO D 25 7.77 -35.59 66.06
N ASN D 26 7.82 -34.57 66.92
CA ASN D 26 7.54 -33.20 66.51
C ASN D 26 8.70 -32.55 65.78
N SER D 27 9.91 -33.13 65.83
CA SER D 27 11.04 -32.62 65.06
C SER D 27 11.05 -33.19 63.65
N VAL D 28 10.52 -34.40 63.50
CA VAL D 28 10.33 -35.03 62.19
C VAL D 28 8.84 -35.42 62.18
N CYS D 29 8.00 -34.51 61.70
CA CYS D 29 6.56 -34.59 61.89
C CYS D 29 5.89 -34.53 60.52
N CYS D 30 4.58 -34.23 60.51
CA CYS D 30 3.80 -34.14 59.28
C CYS D 30 3.00 -32.85 59.14
N SER D 31 2.67 -32.16 60.22
CA SER D 31 1.93 -30.91 60.10
C SER D 31 2.77 -29.85 59.38
N HIS D 32 4.04 -29.76 59.73
CA HIS D 32 4.99 -28.82 59.17
C HIS D 32 5.84 -29.43 58.06
N LYS D 33 5.48 -30.62 57.58
CA LYS D 33 6.27 -31.35 56.59
C LYS D 33 5.34 -31.70 55.44
N SER D 34 5.88 -32.26 54.37
CA SER D 34 5.10 -32.81 53.27
C SER D 34 5.28 -34.33 53.25
N ILE D 35 4.19 -35.05 53.00
CA ILE D 35 4.17 -36.50 53.10
C ILE D 35 4.00 -37.08 51.70
N SER D 36 4.78 -38.13 51.40
CA SER D 36 4.67 -38.84 50.13
C SER D 36 4.71 -40.32 50.44
N TRP D 37 3.98 -41.11 49.64
CA TRP D 37 3.87 -42.54 49.84
C TRP D 37 4.31 -43.32 48.60
N TYR D 38 4.91 -44.49 48.88
CA TYR D 38 5.68 -45.32 47.97
C TYR D 38 5.35 -46.80 48.17
N GLN D 39 5.26 -47.52 47.06
CA GLN D 39 5.11 -48.98 47.06
C GLN D 39 6.46 -49.56 46.69
N TRP D 40 7.06 -50.30 47.64
CA TRP D 40 8.43 -50.80 47.51
C TRP D 40 8.45 -52.29 47.79
N PRO D 41 8.39 -53.16 46.78
CA PRO D 41 8.60 -54.57 47.02
C PRO D 41 10.08 -54.86 47.24
N PRO D 42 10.48 -55.50 48.38
CA PRO D 42 11.92 -55.73 48.60
C PRO D 42 12.55 -56.57 47.51
N GLY D 43 13.46 -55.95 46.74
CA GLY D 43 14.14 -56.59 45.62
C GLY D 43 13.89 -55.90 44.30
N ARG D 44 12.75 -55.24 44.17
CA ARG D 44 12.36 -54.51 42.97
C ARG D 44 12.54 -53.01 43.23
N ALA D 45 12.35 -52.23 42.17
CA ALA D 45 12.39 -50.77 42.25
C ALA D 45 11.02 -50.24 42.68
N PRO D 46 10.97 -49.26 43.60
CA PRO D 46 9.67 -48.80 44.11
C PRO D 46 8.82 -48.09 43.07
N THR D 47 7.63 -47.65 43.50
CA THR D 47 6.70 -46.95 42.64
C THR D 47 6.00 -45.88 43.47
N LEU D 48 5.74 -44.73 42.85
CA LEU D 48 5.11 -43.61 43.53
C LEU D 48 3.59 -43.72 43.53
N ILE D 49 2.99 -43.37 44.67
CA ILE D 49 1.54 -43.26 44.77
C ILE D 49 1.19 -41.81 45.10
N ILE D 50 1.69 -41.30 46.22
CA ILE D 50 1.32 -39.97 46.71
C ILE D 50 2.60 -39.15 46.82
N TYR D 51 2.51 -37.87 46.42
CA TYR D 51 3.67 -36.98 46.43
C TYR D 51 3.49 -35.78 47.36
N GLU D 52 2.50 -34.92 47.18
CA GLU D 52 2.47 -33.72 48.02
C GLU D 52 2.02 -34.04 49.44
N ASP D 53 0.74 -34.35 49.64
CA ASP D 53 0.27 -34.97 50.89
C ASP D 53 -0.94 -35.87 50.66
N ASN D 54 -1.76 -35.54 49.65
CA ASN D 54 -2.86 -36.35 49.20
C ASN D 54 -2.91 -36.48 47.68
N GLU D 55 -2.16 -35.66 46.95
CA GLU D 55 -2.25 -35.64 45.50
C GLU D 55 -1.78 -36.97 44.93
N ARG D 56 -2.49 -37.46 43.93
CA ARG D 56 -2.29 -38.80 43.42
C ARG D 56 -1.33 -38.77 42.23
N ALA D 57 -0.45 -39.76 42.19
CA ALA D 57 0.59 -39.80 41.17
C ALA D 57 -0.01 -40.18 39.81
N PRO D 58 0.70 -39.88 38.71
CA PRO D 58 0.20 -40.32 37.40
C PRO D 58 0.24 -41.84 37.30
N GLY D 59 -0.89 -42.41 36.90
CA GLY D 59 -1.00 -43.83 36.68
C GLY D 59 -1.39 -44.62 37.91
N ILE D 60 -2.16 -44.01 38.81
CA ILE D 60 -2.65 -44.64 40.03
C ILE D 60 -4.16 -44.57 39.99
N SER D 61 -4.82 -45.73 40.08
CA SER D 61 -6.27 -45.76 40.13
C SER D 61 -6.76 -44.92 41.31
N PRO D 62 -7.90 -44.21 41.19
CA PRO D 62 -8.37 -43.39 42.33
C PRO D 62 -8.68 -44.16 43.61
N ARG D 63 -8.55 -45.50 43.63
CA ARG D 63 -8.78 -46.27 44.85
C ARG D 63 -7.84 -45.87 46.00
N PHE D 64 -6.74 -45.19 45.72
CA PHE D 64 -5.81 -44.74 46.75
C PHE D 64 -6.11 -43.29 47.11
N SER D 65 -5.81 -42.94 48.35
CA SER D 65 -5.95 -41.57 48.81
C SER D 65 -5.12 -41.41 50.07
N GLY D 66 -4.93 -40.16 50.47
CA GLY D 66 -4.10 -39.84 51.62
C GLY D 66 -4.68 -38.68 52.40
N TYR D 67 -4.46 -38.72 53.71
CA TYR D 67 -4.91 -37.66 54.62
C TYR D 67 -3.81 -37.38 55.62
N LYS D 68 -3.82 -36.17 56.16
CA LYS D 68 -2.76 -35.68 57.04
C LYS D 68 -3.38 -34.99 58.25
N SER D 69 -3.13 -35.54 59.43
CA SER D 69 -3.50 -34.92 60.69
C SER D 69 -2.34 -34.09 61.23
N TYR D 70 -2.52 -33.49 62.40
CA TYR D 70 -1.46 -32.70 63.02
C TYR D 70 -0.35 -33.54 63.62
N TRP D 71 -0.53 -34.86 63.74
CA TRP D 71 0.47 -35.72 64.36
C TRP D 71 0.76 -37.00 63.60
N SER D 72 0.04 -37.30 62.52
CA SER D 72 0.24 -38.53 61.76
C SER D 72 -0.36 -38.36 60.38
N ALA D 73 0.07 -39.23 59.45
CA ALA D 73 -0.45 -39.27 58.10
C ALA D 73 -0.97 -40.66 57.78
N TYR D 74 -2.04 -40.74 57.00
CA TYR D 74 -2.73 -41.99 56.71
C TYR D 74 -2.96 -42.15 55.22
N LEU D 75 -3.05 -43.42 54.80
CA LEU D 75 -3.54 -43.80 53.48
C LEU D 75 -4.66 -44.81 53.69
N THR D 76 -5.69 -44.73 52.84
CA THR D 76 -6.84 -45.62 52.88
C THR D 76 -6.92 -46.30 51.53
N ILE D 77 -6.55 -47.57 51.47
CA ILE D 77 -6.54 -48.35 50.24
C ILE D 77 -7.78 -49.24 50.23
N SER D 78 -8.58 -49.11 49.18
CA SER D 78 -9.76 -49.95 48.96
C SER D 78 -9.50 -50.88 47.79
N ASP D 79 -10.43 -51.82 47.61
CA ASP D 79 -10.38 -52.81 46.53
C ASP D 79 -9.02 -53.52 46.52
N LEU D 80 -8.76 -54.22 47.61
CA LEU D 80 -7.46 -54.84 47.84
C LEU D 80 -7.27 -56.06 46.94
N ARG D 81 -6.75 -55.86 45.73
CA ARG D 81 -6.42 -56.97 44.87
C ARG D 81 -5.23 -57.72 45.47
N PRO D 82 -4.98 -58.96 45.03
CA PRO D 82 -3.87 -59.72 45.62
C PRO D 82 -2.51 -59.05 45.46
N GLU D 83 -2.34 -58.20 44.45
CA GLU D 83 -1.06 -57.55 44.18
C GLU D 83 -0.71 -56.47 45.19
N ASP D 84 -1.60 -56.15 46.15
CA ASP D 84 -1.28 -55.20 47.21
C ASP D 84 -0.52 -55.80 48.39
N GLU D 85 0.06 -57.00 48.28
CA GLU D 85 0.74 -57.62 49.43
C GLU D 85 2.16 -57.06 49.65
N THR D 86 2.50 -55.91 49.08
CA THR D 86 3.84 -55.37 49.11
C THR D 86 4.08 -54.62 50.42
N THR D 87 5.15 -53.81 50.47
CA THR D 87 5.57 -53.05 51.63
C THR D 87 5.59 -51.57 51.26
N TYR D 88 5.05 -50.73 52.14
CA TYR D 88 4.98 -49.29 51.93
C TYR D 88 5.90 -48.56 52.92
N TYR D 89 6.74 -47.69 52.39
CA TYR D 89 7.61 -46.81 53.18
C TYR D 89 7.15 -45.37 53.02
N CYS D 90 6.74 -44.74 54.12
CA CYS D 90 6.33 -43.34 54.10
C CYS D 90 7.55 -42.42 54.09
N CYS D 91 7.38 -41.27 53.40
CA CYS D 91 8.49 -40.29 53.19
C CYS D 91 8.07 -38.90 53.68
N SER D 92 8.84 -38.29 54.57
CA SER D 92 8.62 -36.94 55.07
C SER D 92 9.68 -36.03 54.44
N TYR D 93 9.25 -35.10 53.57
CA TYR D 93 10.14 -34.21 52.84
C TYR D 93 9.68 -32.76 52.95
N THR D 94 10.64 -31.85 52.98
CA THR D 94 10.38 -30.41 52.90
C THR D 94 10.74 -29.90 51.51
N HIS D 95 10.24 -28.71 51.21
CA HIS D 95 10.45 -28.12 49.88
C HIS D 95 11.95 -27.93 49.61
N ASN D 96 12.71 -27.42 50.58
CA ASN D 96 14.13 -27.12 50.42
C ASN D 96 15.06 -28.09 51.16
N SER D 97 14.69 -29.36 51.27
CA SER D 97 15.60 -30.34 51.84
C SER D 97 15.17 -31.74 51.41
N GLY D 98 15.98 -32.72 51.82
CA GLY D 98 15.73 -34.10 51.46
C GLY D 98 14.70 -34.81 52.33
N CYS D 99 14.15 -35.90 51.78
CA CYS D 99 13.16 -36.71 52.48
C CYS D 99 13.85 -37.56 53.54
N VAL D 100 13.07 -37.97 54.53
CA VAL D 100 13.53 -38.86 55.60
C VAL D 100 12.66 -40.13 55.56
N PHE D 101 13.09 -41.14 54.80
CA PHE D 101 12.32 -42.39 54.73
C PHE D 101 12.14 -42.98 56.12
N GLY D 102 11.02 -43.68 56.31
CA GLY D 102 10.71 -44.30 57.58
C GLY D 102 10.94 -45.80 57.55
N THR D 103 10.41 -46.46 58.56
CA THR D 103 10.48 -47.92 58.65
C THR D 103 9.60 -48.52 57.55
N GLY D 104 9.37 -49.83 57.64
CA GLY D 104 8.62 -50.55 56.62
C GLY D 104 7.46 -51.30 57.23
N THR D 105 6.35 -51.29 56.51
CA THR D 105 5.11 -51.97 56.92
C THR D 105 4.71 -52.97 55.86
N LYS D 106 4.71 -54.24 56.21
CA LYS D 106 4.12 -55.25 55.34
C LYS D 106 2.60 -55.11 55.36
N VAL D 107 1.98 -55.41 54.22
CA VAL D 107 0.53 -55.44 54.07
C VAL D 107 0.16 -56.85 53.64
N SER D 108 -0.83 -57.44 54.31
CA SER D 108 -1.28 -58.80 54.02
C SER D 108 -2.73 -58.81 53.57
N VAL D 109 -2.97 -59.42 52.41
CA VAL D 109 -4.32 -59.56 51.85
C VAL D 109 -4.83 -60.90 52.35
N LEU D 110 -5.53 -60.87 53.49
CA LEU D 110 -6.20 -62.05 54.00
C LEU D 110 -7.32 -62.47 53.06
N GLY D 111 -7.66 -63.75 53.11
CA GLY D 111 -8.80 -64.26 52.37
C GLY D 111 -8.56 -64.49 50.89
N GLN D 112 -7.36 -64.25 50.38
CA GLN D 112 -7.07 -64.55 48.98
C GLN D 112 -7.17 -66.06 48.75
N SER D 113 -7.76 -66.41 47.60
CA SER D 113 -8.10 -67.77 47.17
C SER D 113 -8.04 -68.90 48.21
N GLY E 2 3.95 40.99 31.43
CA GLY E 2 3.15 41.93 30.66
C GLY E 2 3.21 43.32 31.26
N GLN E 3 3.20 44.33 30.39
CA GLN E 3 3.36 45.72 30.78
C GLN E 3 2.21 46.54 30.23
N LEU E 4 1.71 47.46 31.07
CA LEU E 4 0.71 48.44 30.68
C LEU E 4 1.26 49.84 30.96
N VAL E 5 1.32 50.67 29.93
CA VAL E 5 1.92 52.00 29.99
C VAL E 5 0.86 53.01 29.60
N GLN E 6 0.71 54.05 30.41
CA GLN E 6 -0.28 55.09 30.22
C GLN E 6 0.42 56.43 30.03
N SER E 7 -0.29 57.37 29.41
CA SER E 7 0.27 58.70 29.21
C SER E 7 0.35 59.44 30.55
N GLY E 8 0.97 60.63 30.51
CA GLY E 8 1.24 61.39 31.71
C GLY E 8 0.03 62.12 32.27
N ALA E 9 0.27 62.88 33.31
CA ALA E 9 -0.78 63.61 34.01
C ALA E 9 -1.35 64.70 33.11
N GLU E 10 -2.55 65.18 33.48
CA GLU E 10 -3.17 66.26 32.73
C GLU E 10 -4.06 67.08 33.66
N LEU E 11 -4.15 68.38 33.35
CA LEU E 11 -4.95 69.35 34.09
C LEU E 11 -6.00 69.95 33.16
N LYS E 12 -7.25 69.97 33.59
CA LYS E 12 -8.35 70.57 32.81
C LYS E 12 -9.27 71.36 33.73
N LYS E 13 -10.14 72.16 33.11
CA LYS E 13 -11.14 72.98 33.78
C LYS E 13 -12.47 72.23 33.86
N PRO E 14 -13.40 72.65 34.73
CA PRO E 14 -14.71 72.00 34.75
C PRO E 14 -15.46 72.20 33.44
N GLY E 15 -16.26 71.20 33.08
CA GLY E 15 -17.03 71.22 31.86
C GLY E 15 -16.28 70.73 30.64
N ALA E 16 -14.98 70.50 30.75
CA ALA E 16 -14.17 70.00 29.65
C ALA E 16 -14.46 68.50 29.46
N SER E 17 -13.66 67.86 28.61
CA SER E 17 -13.72 66.43 28.41
C SER E 17 -12.31 65.93 28.16
N VAL E 18 -12.07 64.66 28.49
CA VAL E 18 -10.76 64.06 28.43
C VAL E 18 -10.88 62.65 27.87
N LYS E 19 -9.82 62.19 27.21
CA LYS E 19 -9.69 60.81 26.80
C LYS E 19 -8.31 60.35 27.25
N ILE E 20 -8.25 59.17 27.86
CA ILE E 20 -6.99 58.62 28.34
C ILE E 20 -6.77 57.26 27.70
N SER E 21 -5.51 56.98 27.38
CA SER E 21 -5.09 55.85 26.57
C SER E 21 -4.21 54.91 27.38
N CYS E 22 -4.36 53.62 27.11
CA CYS E 22 -3.63 52.56 27.77
C CYS E 22 -2.97 51.71 26.69
N LYS E 23 -1.66 51.51 26.78
CA LYS E 23 -0.90 50.75 25.80
C LYS E 23 -0.37 49.49 26.47
N THR E 24 -0.51 48.36 25.79
CA THR E 24 -0.23 47.04 26.38
C THR E 24 0.82 46.35 25.55
N SER E 25 1.81 45.76 26.21
CA SER E 25 2.86 44.98 25.57
C SER E 25 3.13 43.71 26.37
N GLY E 26 3.57 42.67 25.66
CA GLY E 26 4.02 41.43 26.28
C GLY E 26 2.95 40.43 26.69
N TYR E 27 1.68 40.73 26.44
CA TYR E 27 0.60 39.79 26.70
C TYR E 27 -0.44 39.94 25.59
N ARG E 28 -1.28 38.92 25.43
CA ARG E 28 -2.27 38.95 24.36
C ARG E 28 -3.43 39.84 24.78
N PHE E 29 -3.54 40.99 24.12
CA PHE E 29 -4.55 41.98 24.47
C PHE E 29 -5.95 41.43 24.26
N ASN E 30 -6.13 40.63 23.21
CA ASN E 30 -7.46 40.13 22.86
C ASN E 30 -8.04 39.24 23.96
N PHE E 31 -7.22 38.40 24.58
CA PHE E 31 -7.76 37.35 25.45
C PHE E 31 -8.42 37.91 26.70
N TYR E 32 -7.74 38.82 27.40
CA TYR E 32 -8.16 39.24 28.72
C TYR E 32 -8.96 40.53 28.67
N HIS E 33 -9.93 40.64 29.59
CA HIS E 33 -10.68 41.87 29.75
C HIS E 33 -9.79 42.92 30.41
N ILE E 34 -9.90 44.16 29.94
CA ILE E 34 -9.17 45.28 30.53
C ILE E 34 -10.19 46.20 31.19
N ASN E 35 -9.92 46.59 32.44
CA ASN E 35 -10.86 47.37 33.23
C ASN E 35 -10.17 48.53 33.93
N TRP E 36 -10.94 49.57 34.19
CA TRP E 36 -10.44 50.85 34.69
C TRP E 36 -10.86 51.06 36.14
N ILE E 37 -9.88 51.36 37.01
CA ILE E 37 -10.17 51.64 38.44
C ILE E 37 -9.65 53.05 38.75
N ARG E 38 -10.43 53.86 39.49
CA ARG E 38 -10.00 55.25 39.77
C ARG E 38 -9.77 55.46 41.26
N GLN E 39 -8.63 56.04 41.63
CA GLN E 39 -8.34 56.34 43.06
C GLN E 39 -8.78 57.77 43.36
N THR E 40 -9.92 57.94 44.04
CA THR E 40 -10.38 59.27 44.41
C THR E 40 -9.56 59.77 45.59
N ALA E 41 -9.50 61.09 45.74
CA ALA E 41 -8.74 61.67 46.84
C ALA E 41 -9.53 61.63 48.16
N GLY E 42 -10.83 61.91 48.09
CA GLY E 42 -11.68 62.05 49.26
C GLY E 42 -12.54 60.86 49.62
N ARG E 43 -12.55 59.80 48.81
CA ARG E 43 -13.41 58.64 49.06
C ARG E 43 -12.65 57.33 49.01
N GLY E 44 -11.58 57.26 48.21
CA GLY E 44 -10.86 56.03 48.00
C GLY E 44 -11.19 55.43 46.64
N PRO E 45 -10.66 54.24 46.36
CA PRO E 45 -10.88 53.64 45.03
C PRO E 45 -12.30 53.14 44.79
N GLU E 46 -12.69 53.15 43.51
CA GLU E 46 -13.98 52.62 43.05
C GLU E 46 -13.79 52.01 41.66
N TRP E 47 -14.76 51.18 41.27
CA TRP E 47 -14.76 50.48 39.98
C TRP E 47 -15.48 51.27 38.91
N MET E 48 -14.82 51.46 37.76
CA MET E 48 -15.43 52.10 36.59
C MET E 48 -16.10 51.12 35.65
N GLY E 49 -15.38 50.11 35.18
CA GLY E 49 -15.95 49.18 34.22
C GLY E 49 -14.90 48.37 33.50
N TRP E 50 -15.37 47.33 32.83
CA TRP E 50 -14.52 46.41 32.09
C TRP E 50 -14.96 46.33 30.62
N ILE E 51 -13.98 46.13 29.74
CA ILE E 51 -14.23 45.93 28.32
C ILE E 51 -13.53 44.65 27.87
N SER E 52 -14.21 43.92 26.98
CA SER E 52 -13.74 42.68 26.39
C SER E 52 -13.45 42.95 24.91
N PRO E 53 -12.18 43.05 24.49
CA PRO E 53 -11.90 43.32 23.08
C PRO E 53 -12.36 42.22 22.13
N TYR E 54 -12.49 40.99 22.62
CA TYR E 54 -12.81 39.86 21.72
C TYR E 54 -14.15 40.09 21.03
N SER E 55 -15.14 40.56 21.77
CA SER E 55 -16.43 40.96 21.22
C SER E 55 -16.69 42.45 21.37
N GLY E 56 -15.76 43.20 21.95
CA GLY E 56 -16.01 44.60 22.23
C GLY E 56 -17.06 44.84 23.28
N ASP E 57 -17.31 43.85 24.14
CA ASP E 57 -18.41 43.97 25.09
C ASP E 57 -17.99 44.88 26.23
N LYS E 58 -18.96 45.58 26.81
CA LYS E 58 -18.70 46.59 27.84
C LYS E 58 -19.62 46.35 29.02
N ASN E 59 -19.12 46.60 30.23
CA ASN E 59 -19.98 46.70 31.40
C ASN E 59 -19.47 47.78 32.35
N LEU E 60 -20.36 48.70 32.72
CA LEU E 60 -20.02 49.87 33.50
C LEU E 60 -20.77 49.86 34.82
N ALA E 61 -20.17 50.50 35.82
CA ALA E 61 -20.82 50.71 37.10
C ALA E 61 -22.03 51.65 36.92
N PRO E 62 -23.08 51.50 37.74
CA PRO E 62 -24.31 52.26 37.48
C PRO E 62 -24.19 53.77 37.55
N ALA E 63 -23.21 54.33 38.26
CA ALA E 63 -23.13 55.79 38.38
C ALA E 63 -22.57 56.51 37.15
N PHE E 64 -22.03 55.81 36.14
CA PHE E 64 -21.25 56.43 35.08
C PHE E 64 -21.69 56.00 33.68
N GLN E 65 -22.96 55.64 33.49
CA GLN E 65 -23.44 55.29 32.15
C GLN E 65 -23.38 56.48 31.19
N ASP E 66 -23.77 57.67 31.65
CA ASP E 66 -23.82 58.85 30.80
C ASP E 66 -22.58 59.73 30.94
N ARG E 67 -21.53 59.21 31.57
CA ARG E 67 -20.30 59.95 31.85
C ARG E 67 -19.09 59.44 31.08
N VAL E 68 -18.90 58.12 30.98
CA VAL E 68 -17.71 57.52 30.38
C VAL E 68 -18.11 56.57 29.27
N ILE E 69 -17.40 56.64 28.14
CA ILE E 69 -17.55 55.65 27.07
C ILE E 69 -16.17 55.08 26.76
N MET E 70 -16.13 53.76 26.62
CA MET E 70 -14.92 52.97 26.50
C MET E 70 -14.82 52.40 25.08
N THR E 71 -13.61 52.40 24.52
CA THR E 71 -13.36 51.83 23.21
C THR E 71 -11.97 51.20 23.22
N THR E 72 -11.66 50.48 22.15
CA THR E 72 -10.46 49.65 22.14
C THR E 72 -9.89 49.55 20.73
N ASP E 73 -8.58 49.32 20.67
CA ASP E 73 -7.85 49.16 19.43
C ASP E 73 -7.79 47.67 19.09
N THR E 74 -7.34 47.36 17.88
CA THR E 74 -7.17 45.98 17.43
C THR E 74 -5.71 45.58 17.61
N GLU E 75 -5.49 44.38 18.16
CA GLU E 75 -4.15 43.92 18.45
C GLU E 75 -3.36 43.74 17.17
N VAL E 76 -2.05 44.00 17.25
CA VAL E 76 -1.10 43.77 16.18
C VAL E 76 -0.14 42.67 16.65
N PRO E 77 -0.22 41.46 16.11
CA PRO E 77 0.67 40.41 16.61
C PRO E 77 2.14 40.77 16.40
N VAL E 78 2.95 40.44 17.41
CA VAL E 78 4.40 40.54 17.31
C VAL E 78 5.07 39.18 17.41
N THR E 79 4.40 38.18 17.98
CA THR E 79 4.85 36.81 17.97
C THR E 79 3.60 35.95 18.16
N SER E 80 3.79 34.63 18.24
CA SER E 80 2.66 33.72 18.25
C SER E 80 1.74 33.94 19.45
N PHE E 81 2.33 34.11 20.64
CA PHE E 81 1.55 34.22 21.88
C PHE E 81 1.69 35.56 22.60
N THR E 82 2.19 36.61 21.94
CA THR E 82 2.11 37.94 22.51
C THR E 82 1.66 38.92 21.42
N SER E 83 1.18 40.08 21.86
CA SER E 83 0.77 41.13 20.94
C SER E 83 0.73 42.44 21.70
N THR E 84 0.88 43.53 20.96
CA THR E 84 0.75 44.87 21.51
C THR E 84 -0.62 45.43 21.13
N GLY E 85 -1.15 46.30 21.97
CA GLY E 85 -2.46 46.84 21.70
C GLY E 85 -2.75 48.07 22.53
N ALA E 86 -3.98 48.58 22.42
CA ALA E 86 -4.34 49.79 23.14
C ALA E 86 -5.83 49.85 23.42
N ALA E 87 -6.16 50.56 24.51
CA ALA E 87 -7.54 50.88 24.88
C ALA E 87 -7.65 52.38 25.15
N TYR E 88 -8.88 52.92 25.04
CA TYR E 88 -9.16 54.33 25.30
C TYR E 88 -10.45 54.44 26.09
N MET E 89 -10.46 55.27 27.12
CA MET E 89 -11.69 55.64 27.83
C MET E 89 -11.83 57.15 27.85
N GLU E 90 -12.99 57.67 27.43
CA GLU E 90 -13.21 59.12 27.40
C GLU E 90 -14.32 59.48 28.39
N ILE E 91 -14.03 60.48 29.22
CA ILE E 91 -14.95 61.10 30.18
C ILE E 91 -15.35 62.48 29.69
N ARG E 92 -16.65 62.76 29.76
CA ARG E 92 -17.26 64.02 29.36
C ARG E 92 -17.79 64.76 30.59
N ASN E 93 -17.62 66.09 30.61
CA ASN E 93 -18.13 66.92 31.71
C ASN E 93 -17.39 66.67 33.02
N LEU E 94 -16.23 67.30 33.18
CA LEU E 94 -15.43 67.14 34.38
C LEU E 94 -15.94 68.02 35.50
N LYS E 95 -15.95 67.49 36.72
CA LYS E 95 -16.15 68.27 37.93
C LYS E 95 -14.91 68.19 38.80
N PHE E 96 -14.92 68.96 39.89
CA PHE E 96 -13.81 68.91 40.84
C PHE E 96 -13.67 67.55 41.50
N ASP E 97 -14.79 66.83 41.69
CA ASP E 97 -14.73 65.54 42.38
C ASP E 97 -13.99 64.47 41.57
N ASP E 98 -13.82 64.68 40.27
CA ASP E 98 -13.18 63.68 39.41
C ASP E 98 -11.66 63.74 39.45
N THR E 99 -11.07 64.66 40.21
CA THR E 99 -9.63 64.66 40.40
C THR E 99 -9.21 63.33 41.03
N GLY E 100 -8.17 62.71 40.48
CA GLY E 100 -7.71 61.46 41.02
C GLY E 100 -6.80 60.72 40.04
N THR E 101 -6.46 59.50 40.43
CA THR E 101 -5.53 58.67 39.67
C THR E 101 -6.29 57.54 39.00
N TYR E 102 -6.23 57.50 37.67
CA TYR E 102 -6.92 56.48 36.89
C TYR E 102 -5.93 55.38 36.51
N PHE E 103 -6.26 54.14 36.83
CA PHE E 103 -5.42 52.97 36.56
C PHE E 103 -6.11 52.05 35.58
N CYS E 104 -5.30 51.43 34.74
CA CYS E 104 -5.70 50.29 33.95
C CYS E 104 -5.53 49.03 34.77
N ALA E 105 -6.16 47.95 34.32
CA ALA E 105 -5.78 46.66 34.86
C ALA E 105 -6.18 45.54 33.91
N LYS E 106 -5.23 44.64 33.69
CA LYS E 106 -5.42 43.39 32.96
C LYS E 106 -6.05 42.34 33.85
N GLY E 107 -7.09 41.67 33.31
CA GLY E 107 -7.83 40.67 34.06
C GLY E 107 -7.03 39.43 34.40
N LEU E 108 -7.49 38.74 35.44
CA LEU E 108 -6.75 37.59 35.98
C LEU E 108 -6.81 36.40 35.03
N LEU E 109 -8.01 35.94 34.67
CA LEU E 109 -8.24 34.68 33.94
C LEU E 109 -9.11 34.90 32.71
N ARG E 110 -8.87 34.06 31.71
CA ARG E 110 -9.68 34.04 30.50
C ARG E 110 -11.08 33.51 30.76
N ASP E 111 -11.20 32.52 31.66
CA ASP E 111 -12.48 31.89 31.97
C ASP E 111 -12.48 31.55 33.45
N GLY E 112 -13.51 30.84 33.90
CA GLY E 112 -13.66 30.52 35.30
C GLY E 112 -14.42 31.59 36.06
N SER E 113 -14.32 31.49 37.39
CA SER E 113 -15.12 32.34 38.27
C SER E 113 -14.55 33.73 38.47
N SER E 114 -13.28 33.97 38.11
CA SER E 114 -12.57 35.20 38.45
C SER E 114 -12.00 35.88 37.20
N THR E 115 -12.75 35.83 36.10
CA THR E 115 -12.28 36.49 34.88
C THR E 115 -12.36 38.01 34.99
N TRP E 116 -13.36 38.53 35.72
CA TRP E 116 -13.63 39.95 35.71
C TRP E 116 -12.57 40.75 36.46
N LEU E 117 -11.92 40.13 37.44
CA LEU E 117 -11.16 40.88 38.42
C LEU E 117 -9.93 41.52 37.79
N PRO E 118 -9.57 42.74 38.16
CA PRO E 118 -8.28 43.29 37.73
C PRO E 118 -7.12 42.58 38.42
N TYR E 119 -6.09 42.26 37.63
CA TYR E 119 -4.88 41.59 38.14
C TYR E 119 -3.65 42.47 38.00
N LEU E 120 -3.29 42.89 36.78
CA LEU E 120 -1.99 43.50 36.50
C LEU E 120 -2.16 44.97 36.15
N TRP E 121 -1.45 45.84 36.87
CA TRP E 121 -1.75 47.26 36.93
C TRP E 121 -0.65 48.10 36.30
N GLY E 122 -1.04 49.27 35.81
CA GLY E 122 -0.10 50.27 35.32
C GLY E 122 0.31 51.25 36.40
N GLN E 123 0.95 52.34 35.98
CA GLN E 123 1.45 53.32 36.93
C GLN E 123 0.39 54.33 37.38
N GLY E 124 -0.71 54.46 36.64
CA GLY E 124 -1.74 55.41 37.01
C GLY E 124 -1.52 56.79 36.42
N THR E 125 -2.60 57.42 35.96
CA THR E 125 -2.58 58.73 35.33
C THR E 125 -3.28 59.74 36.22
N LEU E 126 -2.61 60.84 36.51
CA LEU E 126 -3.12 61.86 37.44
C LEU E 126 -3.94 62.86 36.64
N LEU E 127 -5.25 62.84 36.85
CA LEU E 127 -6.18 63.80 36.26
C LEU E 127 -6.52 64.83 37.32
N THR E 128 -6.26 66.10 37.01
CA THR E 128 -6.56 67.22 37.89
C THR E 128 -7.64 68.08 37.26
N VAL E 129 -8.68 68.37 38.02
CA VAL E 129 -9.74 69.29 37.63
C VAL E 129 -9.75 70.42 38.64
N SER E 130 -9.52 71.64 38.16
CA SER E 130 -9.43 72.82 39.03
C SER E 130 -10.04 74.03 38.34
N SER F 2 -17.15 51.66 50.79
CA SER F 2 -18.38 52.39 51.13
C SER F 2 -19.48 51.43 51.56
N VAL F 3 -20.15 50.82 50.58
CA VAL F 3 -21.21 49.87 50.88
C VAL F 3 -20.63 48.65 51.61
N LEU F 4 -19.44 48.22 51.21
CA LEU F 4 -18.77 47.07 51.84
C LEU F 4 -17.95 47.60 53.00
N THR F 5 -18.42 47.38 54.22
CA THR F 5 -17.79 47.90 55.42
C THR F 5 -16.77 46.90 55.96
N GLN F 6 -15.57 47.39 56.25
CA GLN F 6 -14.52 46.61 56.89
C GLN F 6 -14.01 47.39 58.10
N SER F 7 -12.87 47.00 58.65
CA SER F 7 -12.42 47.52 59.93
C SER F 7 -11.59 48.77 59.72
N ALA F 8 -11.98 49.85 60.42
CA ALA F 8 -11.30 51.14 60.33
C ALA F 8 -9.79 51.00 60.44
N SER F 9 -9.31 50.53 61.60
CA SER F 9 -7.88 50.41 61.85
C SER F 9 -7.61 49.12 62.62
N VAL F 10 -6.59 48.39 62.18
CA VAL F 10 -6.19 47.11 62.77
C VAL F 10 -4.69 47.15 62.95
N SER F 11 -4.22 46.48 64.01
CA SER F 11 -2.79 46.45 64.31
C SER F 11 -2.41 45.09 64.86
N GLY F 12 -1.17 44.68 64.59
CA GLY F 12 -0.66 43.40 65.04
C GLY F 12 0.83 43.48 65.31
N SER F 13 1.34 42.43 65.96
CA SER F 13 2.74 42.33 66.34
C SER F 13 3.49 41.32 65.48
N LEU F 14 4.81 41.50 65.45
CA LEU F 14 5.72 40.62 64.71
C LEU F 14 5.54 39.16 65.11
N GLY F 15 5.07 38.33 64.18
CA GLY F 15 4.90 36.90 64.39
C GLY F 15 3.46 36.44 64.51
N GLN F 16 2.60 37.26 65.11
CA GLN F 16 1.21 36.88 65.34
C GLN F 16 0.38 37.22 64.09
N SER F 17 -0.90 36.84 64.11
CA SER F 17 -1.74 36.80 62.92
C SER F 17 -2.88 37.82 63.02
N VAL F 18 -3.21 38.44 61.89
CA VAL F 18 -4.24 39.46 61.82
C VAL F 18 -5.53 38.76 61.40
N THR F 19 -6.67 39.42 61.63
CA THR F 19 -7.98 38.85 61.30
C THR F 19 -8.86 39.98 60.74
N ILE F 20 -8.42 40.59 59.63
CA ILE F 20 -9.20 41.68 59.04
C ILE F 20 -10.51 41.08 58.50
N SER F 21 -11.58 41.90 58.52
CA SER F 21 -12.93 41.43 58.19
C SER F 21 -13.65 42.37 57.24
N CYS F 22 -14.52 41.77 56.43
CA CYS F 22 -15.32 42.44 55.42
C CYS F 22 -16.76 41.96 55.54
N THR F 23 -17.71 42.88 55.59
CA THR F 23 -19.13 42.54 55.72
C THR F 23 -19.93 43.73 55.19
N GLY F 24 -21.19 43.48 54.85
CA GLY F 24 -22.03 44.53 54.30
C GLY F 24 -23.49 44.13 54.12
N PRO F 25 -24.28 45.02 53.51
CA PRO F 25 -25.72 44.78 53.43
C PRO F 25 -26.08 43.58 52.57
N ASN F 26 -27.33 43.14 52.74
CA ASN F 26 -27.88 42.02 51.96
C ASN F 26 -27.72 42.23 50.47
N SER F 27 -27.77 43.47 49.99
CA SER F 27 -27.58 43.75 48.57
C SER F 27 -26.22 43.29 48.06
N VAL F 28 -25.24 43.17 48.96
CA VAL F 28 -23.89 42.72 48.64
C VAL F 28 -23.52 41.46 49.44
N CYS F 29 -24.53 40.75 49.97
CA CYS F 29 -24.35 39.55 50.79
C CYS F 29 -23.32 38.58 50.22
N CYS F 30 -22.66 37.82 51.09
CA CYS F 30 -21.54 37.01 50.67
C CYS F 30 -21.97 35.65 50.13
N SER F 31 -23.18 35.19 50.45
CA SER F 31 -23.63 33.91 49.92
C SER F 31 -23.83 33.97 48.40
N HIS F 32 -24.58 34.97 47.93
CA HIS F 32 -24.83 35.08 46.50
C HIS F 32 -23.58 35.55 45.77
N LYS F 33 -22.88 36.52 46.35
CA LYS F 33 -21.74 37.18 45.71
C LYS F 33 -20.47 36.46 46.14
N SER F 34 -19.33 37.15 46.10
CA SER F 34 -18.09 36.57 46.59
C SER F 34 -17.07 37.69 46.73
N ILE F 35 -16.19 37.52 47.72
CA ILE F 35 -15.30 38.58 48.19
C ILE F 35 -13.89 38.31 47.66
N SER F 36 -13.23 39.38 47.23
CA SER F 36 -11.85 39.35 46.79
C SER F 36 -11.13 40.53 47.42
N TRP F 37 -9.84 40.37 47.69
CA TRP F 37 -9.11 41.34 48.49
C TRP F 37 -7.98 41.96 47.68
N TYR F 38 -7.51 43.11 48.16
CA TYR F 38 -6.48 43.90 47.49
C TYR F 38 -5.55 44.53 48.51
N GLN F 39 -4.26 44.52 48.21
CA GLN F 39 -3.26 45.25 48.99
C GLN F 39 -3.00 46.56 48.26
N TRP F 40 -3.25 47.67 48.95
CA TRP F 40 -3.19 49.02 48.38
C TRP F 40 -2.12 49.81 49.14
N PRO F 41 -0.89 49.86 48.62
CA PRO F 41 0.06 50.85 49.11
C PRO F 41 -0.21 52.19 48.43
N PRO F 42 -0.49 53.28 49.19
CA PRO F 42 -0.76 54.55 48.51
C PRO F 42 0.46 55.06 47.74
N GLY F 43 0.37 55.06 46.40
CA GLY F 43 1.42 55.56 45.54
C GLY F 43 2.01 54.50 44.62
N ARG F 44 2.02 53.24 45.06
CA ARG F 44 2.58 52.13 44.30
C ARG F 44 1.44 51.29 43.73
N ALA F 45 1.80 50.22 43.03
CA ALA F 45 0.81 49.43 42.30
C ALA F 45 0.09 48.47 43.26
N PRO F 46 -1.26 48.47 43.28
CA PRO F 46 -1.96 47.54 44.20
C PRO F 46 -1.91 46.10 43.72
N THR F 47 -1.20 45.25 44.45
CA THR F 47 -1.06 43.85 44.09
C THR F 47 -2.31 43.07 44.51
N LEU F 48 -2.74 42.16 43.63
CA LEU F 48 -3.84 41.26 43.97
C LEU F 48 -3.38 40.27 45.02
N ILE F 49 -3.98 40.36 46.21
CA ILE F 49 -3.59 39.52 47.34
C ILE F 49 -4.41 38.23 47.38
N ILE F 50 -5.74 38.32 47.35
CA ILE F 50 -6.62 37.16 47.41
C ILE F 50 -7.74 37.37 46.40
N TYR F 51 -8.16 36.28 45.74
CA TYR F 51 -9.30 36.32 44.86
C TYR F 51 -10.14 35.07 45.06
N GLU F 52 -11.43 35.19 44.78
CA GLU F 52 -12.43 34.13 44.94
C GLU F 52 -12.26 33.41 46.28
N ASP F 53 -12.48 34.17 47.36
CA ASP F 53 -12.49 33.61 48.71
C ASP F 53 -11.15 32.94 49.07
N ASN F 54 -11.09 31.60 49.11
CA ASN F 54 -9.89 30.93 49.61
C ASN F 54 -8.75 30.99 48.60
N GLU F 55 -9.05 30.74 47.32
CA GLU F 55 -8.04 30.59 46.26
C GLU F 55 -6.98 31.68 46.24
N ARG F 56 -5.73 31.28 46.51
CA ARG F 56 -4.61 32.20 46.49
C ARG F 56 -4.24 32.52 45.05
N ALA F 57 -3.28 33.42 44.87
CA ALA F 57 -2.94 34.03 43.60
C ALA F 57 -1.45 33.90 43.32
N PRO F 58 -1.04 33.96 42.01
CA PRO F 58 0.39 33.88 41.64
C PRO F 58 1.31 34.73 42.51
N GLY F 59 2.47 34.18 42.86
CA GLY F 59 3.49 34.96 43.54
C GLY F 59 3.13 35.39 44.93
N ILE F 60 2.13 34.76 45.55
CA ILE F 60 1.71 35.05 46.91
C ILE F 60 2.15 33.87 47.78
N SER F 61 2.86 34.16 48.86
CA SER F 61 3.30 33.12 49.77
C SER F 61 2.11 32.51 50.50
N PRO F 62 2.23 31.27 50.99
CA PRO F 62 1.14 30.70 51.82
C PRO F 62 1.00 31.35 53.18
N ARG F 63 1.83 32.33 53.52
CA ARG F 63 1.70 33.08 54.77
C ARG F 63 0.34 33.75 54.93
N PHE F 64 -0.38 33.98 53.84
CA PHE F 64 -1.70 34.61 53.85
C PHE F 64 -2.78 33.56 53.61
N SER F 65 -3.99 33.86 54.08
CA SER F 65 -5.12 32.99 53.80
C SER F 65 -6.42 33.79 53.98
N GLY F 66 -7.50 33.23 53.46
CA GLY F 66 -8.79 33.89 53.49
C GLY F 66 -9.91 32.90 53.65
N TYR F 67 -10.96 33.33 54.34
CA TYR F 67 -12.15 32.52 54.60
C TYR F 67 -13.40 33.35 54.35
N LYS F 68 -14.51 32.67 54.04
CA LYS F 68 -15.79 33.35 53.79
C LYS F 68 -16.91 32.57 54.46
N SER F 69 -17.55 33.21 55.43
CA SER F 69 -18.75 32.67 56.07
C SER F 69 -20.00 33.21 55.36
N TYR F 70 -21.17 32.85 55.89
CA TYR F 70 -22.42 33.31 55.28
C TYR F 70 -22.69 34.78 55.54
N TRP F 71 -22.02 35.39 56.52
CA TRP F 71 -22.28 36.76 56.91
C TRP F 71 -21.03 37.63 56.96
N SER F 72 -19.85 37.06 56.74
CA SER F 72 -18.62 37.84 56.80
C SER F 72 -17.52 37.08 56.08
N ALA F 73 -16.50 37.84 55.68
CA ALA F 73 -15.28 37.28 55.09
C ALA F 73 -14.07 37.78 55.89
N TYR F 74 -13.06 36.91 56.03
CA TYR F 74 -11.90 37.18 56.84
C TYR F 74 -10.64 36.98 56.02
N LEU F 75 -9.62 37.77 56.34
CA LEU F 75 -8.28 37.65 55.78
C LEU F 75 -7.33 37.54 56.95
N THR F 76 -6.41 36.58 56.88
CA THR F 76 -5.45 36.30 57.93
C THR F 76 -4.06 36.38 57.35
N ILE F 77 -3.25 37.30 57.88
CA ILE F 77 -1.84 37.43 57.53
C ILE F 77 -1.06 37.04 58.77
N SER F 78 -0.17 36.04 58.66
CA SER F 78 0.69 35.71 59.82
C SER F 78 2.09 36.28 59.63
N ASP F 79 3.00 36.09 60.59
CA ASP F 79 4.42 36.51 60.41
C ASP F 79 4.52 38.00 60.05
N LEU F 80 3.74 38.86 60.71
CA LEU F 80 3.81 40.32 60.45
C LEU F 80 5.26 40.78 60.28
N ARG F 81 5.58 41.44 59.16
CA ARG F 81 6.93 41.93 58.90
C ARG F 81 6.92 43.45 58.76
N PRO F 82 8.09 44.13 58.71
CA PRO F 82 8.08 45.58 58.44
C PRO F 82 7.91 45.96 56.98
N GLU F 83 6.98 45.32 56.26
CA GLU F 83 6.60 45.72 54.91
C GLU F 83 5.10 45.69 54.66
N ASP F 84 4.29 45.21 55.59
CA ASP F 84 2.85 45.13 55.42
C ASP F 84 2.12 46.38 55.89
N GLU F 85 2.85 47.41 56.35
CA GLU F 85 2.23 48.64 56.84
C GLU F 85 1.72 49.46 55.64
N THR F 86 0.64 48.96 55.05
CA THR F 86 -0.04 49.57 53.92
C THR F 86 -1.54 49.40 54.15
N THR F 87 -2.34 49.61 53.10
CA THR F 87 -3.78 49.51 53.20
C THR F 87 -4.26 48.20 52.60
N TYR F 88 -5.45 47.78 53.00
CA TYR F 88 -6.07 46.56 52.49
C TYR F 88 -7.54 46.84 52.23
N TYR F 89 -8.03 46.33 51.11
CA TYR F 89 -9.41 46.52 50.69
C TYR F 89 -10.04 45.19 50.36
N CYS F 90 -11.36 45.17 50.42
CA CYS F 90 -12.17 44.03 50.02
C CYS F 90 -13.24 44.54 49.06
N CYS F 91 -13.55 43.75 48.03
CA CYS F 91 -14.62 44.07 47.11
C CYS F 91 -15.48 42.84 46.88
N SER F 92 -16.77 43.09 46.66
CA SER F 92 -17.77 42.05 46.51
C SER F 92 -18.28 42.01 45.08
N TYR F 93 -18.42 40.82 44.52
CA TYR F 93 -18.59 40.68 43.09
C TYR F 93 -19.46 39.48 42.77
N THR F 94 -20.24 39.61 41.71
CA THR F 94 -21.02 38.54 41.11
C THR F 94 -20.38 38.13 39.79
N HIS F 95 -20.91 37.08 39.20
CA HIS F 95 -20.29 36.48 38.02
C HIS F 95 -20.74 37.10 36.71
N ASN F 96 -21.63 38.10 36.73
CA ASN F 96 -22.06 38.81 35.53
C ASN F 96 -21.70 40.30 35.58
N SER F 97 -20.79 40.70 36.46
CA SER F 97 -20.44 42.11 36.62
C SER F 97 -19.06 42.20 37.25
N GLY F 98 -18.73 43.36 37.80
CA GLY F 98 -17.49 43.60 38.50
C GLY F 98 -17.72 43.72 40.00
N CYS F 99 -16.67 44.14 40.70
CA CYS F 99 -16.69 44.13 42.15
C CYS F 99 -16.80 45.54 42.72
N VAL F 100 -17.65 45.68 43.74
CA VAL F 100 -17.86 46.93 44.47
C VAL F 100 -16.87 46.95 45.63
N PHE F 101 -15.95 47.91 45.59
CA PHE F 101 -14.89 48.06 46.58
C PHE F 101 -15.43 48.39 47.97
N GLY F 102 -14.56 48.25 48.96
CA GLY F 102 -14.90 48.51 50.36
C GLY F 102 -14.57 49.92 50.82
N THR F 103 -14.03 50.05 52.03
CA THR F 103 -13.73 51.34 52.64
C THR F 103 -12.25 51.61 52.86
N GLY F 104 -11.46 50.59 53.18
CA GLY F 104 -10.03 50.76 53.43
C GLY F 104 -9.61 50.48 54.86
N THR F 105 -8.52 49.72 55.01
CA THR F 105 -8.04 49.28 56.32
C THR F 105 -6.53 49.26 56.27
N LYS F 106 -5.89 50.04 57.14
CA LYS F 106 -4.44 50.07 57.25
C LYS F 106 -3.99 49.18 58.40
N VAL F 107 -2.90 48.43 58.16
CA VAL F 107 -2.31 47.57 59.17
C VAL F 107 -1.14 48.30 59.80
N SER F 108 -1.11 48.31 61.14
CA SER F 108 -0.01 48.86 61.92
C SER F 108 0.76 47.70 62.56
N VAL F 109 2.05 47.62 62.28
CA VAL F 109 2.92 46.61 62.86
C VAL F 109 3.58 47.26 64.08
N LEU F 110 3.34 46.68 65.26
CA LEU F 110 3.78 47.32 66.49
C LEU F 110 5.27 47.09 66.71
N GLY F 111 5.91 48.08 67.35
CA GLY F 111 7.32 48.04 67.61
C GLY F 111 8.22 48.52 66.49
N GLN F 112 7.67 48.88 65.33
CA GLN F 112 8.46 49.24 64.16
C GLN F 112 8.24 50.70 63.78
N SER F 113 9.17 51.23 63.00
CA SER F 113 9.12 52.62 62.55
C SER F 113 9.94 52.80 61.27
N GLN G 1 -5.69 22.52 -40.22
CA GLN G 1 -6.98 22.38 -40.95
C GLN G 1 -6.72 21.94 -42.40
N VAL G 2 -6.79 20.64 -42.62
CA VAL G 2 -6.54 20.03 -43.92
C VAL G 2 -7.89 19.69 -44.54
N GLN G 3 -8.18 20.30 -45.69
CA GLN G 3 -9.39 20.01 -46.45
C GLN G 3 -9.04 19.15 -47.67
N LEU G 4 -9.94 18.22 -47.98
CA LEU G 4 -9.77 17.27 -49.08
C LEU G 4 -10.91 17.47 -50.06
N GLN G 5 -10.58 17.68 -51.34
CA GLN G 5 -11.57 18.00 -52.36
C GLN G 5 -11.37 17.07 -53.56
N GLU G 6 -12.42 16.31 -53.90
CA GLU G 6 -12.36 15.40 -55.03
C GLU G 6 -12.92 16.05 -56.28
N SER G 7 -12.57 15.47 -57.43
CA SER G 7 -13.06 15.94 -58.71
C SER G 7 -12.94 14.81 -59.72
N GLY G 8 -13.70 14.93 -60.81
CA GLY G 8 -13.69 13.94 -61.86
C GLY G 8 -14.99 13.91 -62.63
N PRO G 9 -15.10 13.02 -63.62
CA PRO G 9 -16.35 12.93 -64.38
C PRO G 9 -17.51 12.53 -63.48
N GLY G 10 -18.66 13.14 -63.74
CA GLY G 10 -19.88 12.81 -63.03
C GLY G 10 -20.65 11.65 -63.63
N LEU G 11 -20.37 11.33 -64.89
CA LEU G 11 -21.08 10.27 -65.62
C LEU G 11 -20.07 9.46 -66.41
N VAL G 12 -19.97 8.17 -66.09
CA VAL G 12 -19.08 7.24 -66.77
C VAL G 12 -19.92 6.04 -67.19
N LYS G 13 -19.97 5.77 -68.49
CA LYS G 13 -20.82 4.71 -68.99
C LYS G 13 -20.21 3.35 -68.65
N PRO G 14 -21.00 2.27 -68.70
CA PRO G 14 -20.47 0.95 -68.33
C PRO G 14 -19.32 0.53 -69.23
N SER G 15 -18.39 -0.22 -68.63
CA SER G 15 -17.19 -0.79 -69.23
C SER G 15 -16.09 0.24 -69.44
N GLU G 16 -16.33 1.53 -69.16
CA GLU G 16 -15.30 2.54 -69.28
C GLU G 16 -14.47 2.61 -68.00
N THR G 17 -13.42 3.43 -68.01
CA THR G 17 -12.57 3.63 -66.85
C THR G 17 -13.00 4.92 -66.15
N LEU G 18 -13.29 4.81 -64.86
CA LEU G 18 -13.69 5.95 -64.05
C LEU G 18 -12.44 6.48 -63.34
N SER G 19 -12.15 7.77 -63.54
CA SER G 19 -10.91 8.39 -63.06
C SER G 19 -11.27 9.57 -62.18
N LEU G 20 -10.94 9.49 -60.90
CA LEU G 20 -11.17 10.54 -59.93
C LEU G 20 -9.84 11.01 -59.36
N THR G 21 -9.78 12.30 -59.01
CA THR G 21 -8.60 12.92 -58.44
C THR G 21 -8.95 13.62 -57.14
N CYS G 22 -8.07 13.49 -56.15
CA CYS G 22 -8.24 14.09 -54.83
C CYS G 22 -7.13 15.09 -54.59
N THR G 23 -7.50 16.27 -54.10
CA THR G 23 -6.63 17.41 -53.92
C THR G 23 -6.60 17.77 -52.45
N VAL G 24 -5.43 18.11 -51.94
CA VAL G 24 -5.25 18.55 -50.56
C VAL G 24 -4.96 20.05 -50.61
N SER G 25 -5.75 20.82 -49.86
CA SER G 25 -5.62 22.27 -49.92
C SER G 25 -4.47 22.76 -49.04
N GLY G 26 -4.61 22.60 -47.73
CA GLY G 26 -3.66 23.15 -46.78
C GLY G 26 -2.70 22.10 -46.26
N GLY G 27 -1.88 21.54 -47.14
CA GLY G 27 -0.95 20.52 -46.72
C GLY G 27 -0.30 19.85 -47.92
N SER G 28 0.39 18.76 -47.62
CA SER G 28 1.06 17.92 -48.60
C SER G 28 0.77 16.48 -48.21
N ILE G 29 1.09 15.55 -49.11
CA ILE G 29 0.98 14.14 -48.76
C ILE G 29 1.91 13.85 -47.59
N ASP G 30 1.32 13.34 -46.50
CA ASP G 30 2.02 12.97 -45.27
C ASP G 30 2.31 11.48 -45.30
N ASP G 31 2.37 10.83 -44.14
CA ASP G 31 2.57 9.40 -44.02
C ASP G 31 1.37 8.76 -43.31
N TYR G 32 0.19 9.27 -43.66
CA TYR G 32 -1.10 8.74 -43.23
C TYR G 32 -1.71 8.05 -44.43
N PHE G 33 -2.45 6.96 -44.21
CA PHE G 33 -3.05 6.28 -45.35
C PHE G 33 -4.05 7.20 -46.01
N TRP G 34 -3.96 7.33 -47.34
CA TRP G 34 -4.89 8.13 -48.12
C TRP G 34 -5.82 7.16 -48.82
N ASN G 35 -7.12 7.33 -48.62
CA ASN G 35 -8.09 6.29 -48.91
C ASN G 35 -9.18 6.83 -49.83
N TRP G 36 -9.78 5.89 -50.54
CA TRP G 36 -10.97 6.12 -51.35
C TRP G 36 -12.06 5.20 -50.82
N VAL G 37 -13.21 5.81 -50.48
CA VAL G 37 -14.37 5.04 -49.94
C VAL G 37 -15.56 5.28 -50.87
N ARG G 38 -16.46 4.30 -51.01
CA ARG G 38 -17.61 4.40 -51.94
C ARG G 38 -18.93 4.34 -51.16
N GLN G 39 -19.85 5.26 -51.45
CA GLN G 39 -21.18 5.23 -50.79
C GLN G 39 -22.29 4.98 -51.83
N PRO G 40 -22.70 3.72 -52.09
CA PRO G 40 -23.82 3.45 -52.98
C PRO G 40 -25.12 3.91 -52.34
N PRO G 41 -26.12 4.30 -53.13
CA PRO G 41 -27.33 4.87 -52.53
C PRO G 41 -28.10 3.83 -51.74
N GLY G 42 -28.39 4.16 -50.49
CA GLY G 42 -29.15 3.27 -49.63
C GLY G 42 -28.36 2.11 -49.04
N LYS G 43 -27.04 2.10 -49.20
CA LYS G 43 -26.18 1.03 -48.73
C LYS G 43 -25.15 1.58 -47.74
N PRO G 44 -24.50 0.72 -46.96
CA PRO G 44 -23.43 1.21 -46.09
C PRO G 44 -22.24 1.72 -46.87
N LEU G 45 -21.46 2.58 -46.22
CA LEU G 45 -20.17 2.99 -46.75
C LEU G 45 -19.28 1.77 -46.96
N GLU G 46 -18.53 1.78 -48.06
CA GLU G 46 -17.62 0.69 -48.39
C GLU G 46 -16.29 1.26 -48.87
N CYS G 47 -15.20 0.69 -48.36
CA CYS G 47 -13.86 1.14 -48.73
C CYS G 47 -13.47 0.62 -50.12
N ILE G 48 -12.95 1.52 -50.95
CA ILE G 48 -12.39 1.13 -52.24
C ILE G 48 -10.92 0.77 -52.13
N GLY G 49 -10.13 1.56 -51.43
CA GLY G 49 -8.72 1.23 -51.32
C GLY G 49 -7.93 2.32 -50.62
N TYR G 50 -6.63 2.08 -50.49
CA TYR G 50 -5.76 3.11 -49.94
C TYR G 50 -4.32 2.94 -50.42
N ILE G 51 -3.60 4.06 -50.35
CA ILE G 51 -2.16 4.15 -50.60
C ILE G 51 -1.50 4.78 -49.40
N PHE G 52 -0.28 4.35 -49.07
CA PHE G 52 0.48 4.94 -47.99
C PHE G 52 1.40 6.03 -48.53
N GLY G 53 1.22 7.25 -48.05
CA GLY G 53 2.15 8.32 -48.34
C GLY G 53 2.28 8.62 -49.82
N ARG G 54 3.53 8.78 -50.26
CA ARG G 54 3.85 9.11 -51.65
C ARG G 54 4.39 7.86 -52.32
N GLY G 55 3.52 7.16 -53.03
CA GLY G 55 3.96 5.98 -53.78
C GLY G 55 4.52 4.88 -52.91
N GLY G 56 4.03 4.74 -51.69
CA GLY G 56 4.46 3.66 -50.81
C GLY G 56 3.70 2.39 -51.13
N GLY G 57 3.42 1.60 -50.09
CA GLY G 57 2.60 0.43 -50.29
C GLY G 57 1.13 0.78 -50.40
N THR G 58 0.39 -0.10 -51.05
CA THR G 58 -1.04 0.11 -51.30
C THR G 58 -1.80 -1.16 -51.00
N LYS G 59 -3.08 -0.99 -50.65
CA LYS G 59 -3.98 -2.12 -50.44
C LYS G 59 -5.33 -1.80 -51.04
N TYR G 60 -6.03 -2.84 -51.45
CA TYR G 60 -7.29 -2.72 -52.17
C TYR G 60 -8.30 -3.67 -51.55
N ASN G 61 -9.57 -3.26 -51.60
CA ASN G 61 -10.63 -4.05 -51.00
C ASN G 61 -10.68 -5.42 -51.69
N PRO G 62 -10.63 -6.54 -50.96
CA PRO G 62 -10.68 -7.84 -51.64
C PRO G 62 -11.95 -8.06 -52.44
N SER G 63 -13.08 -7.51 -51.99
CA SER G 63 -14.34 -7.76 -52.69
C SER G 63 -14.29 -7.26 -54.12
N LEU G 64 -13.74 -6.06 -54.34
CA LEU G 64 -13.54 -5.58 -55.69
C LEU G 64 -12.55 -6.47 -56.42
N ASP G 65 -12.93 -6.92 -57.62
CA ASP G 65 -12.19 -7.99 -58.30
C ASP G 65 -11.02 -7.40 -59.08
N ASN G 66 -10.04 -6.90 -58.31
CA ASN G 66 -8.75 -6.46 -58.84
C ASN G 66 -8.92 -5.47 -60.00
N ARG G 67 -9.85 -4.53 -59.82
CA ARG G 67 -10.18 -3.52 -60.82
C ARG G 67 -10.03 -2.12 -60.24
N VAL G 68 -9.05 -1.95 -59.37
CA VAL G 68 -8.77 -0.68 -58.70
C VAL G 68 -7.29 -0.38 -58.84
N THR G 69 -6.95 0.84 -59.27
CA THR G 69 -5.58 1.32 -59.30
C THR G 69 -5.53 2.72 -58.70
N ILE G 70 -4.79 2.87 -57.61
CA ILE G 70 -4.71 4.14 -56.89
C ILE G 70 -3.24 4.54 -56.85
N SER G 71 -2.96 5.82 -57.10
CA SER G 71 -1.57 6.25 -57.05
C SER G 71 -1.47 7.76 -56.88
N THR G 72 -0.31 8.19 -56.41
CA THR G 72 -0.01 9.61 -56.18
C THR G 72 0.58 10.18 -57.47
N ASP G 73 -0.17 11.07 -58.12
CA ASP G 73 0.31 11.68 -59.36
C ASP G 73 1.23 12.86 -59.06
N THR G 74 0.69 13.90 -58.43
CA THR G 74 1.43 15.07 -58.00
C THR G 74 1.82 14.93 -56.53
N PRO G 75 2.76 15.74 -56.03
CA PRO G 75 3.00 15.74 -54.58
C PRO G 75 1.87 16.38 -53.78
N ASN G 76 0.86 16.97 -54.43
CA ASN G 76 -0.30 17.54 -53.77
C ASN G 76 -1.59 16.77 -54.09
N GLN G 77 -1.59 15.94 -55.14
CA GLN G 77 -2.80 15.25 -55.59
C GLN G 77 -2.55 13.77 -55.69
N PHE G 78 -3.63 12.98 -55.54
CA PHE G 78 -3.59 11.56 -55.87
C PHE G 78 -4.85 11.20 -56.64
N SER G 79 -4.89 9.97 -57.16
CA SER G 79 -5.88 9.59 -58.15
C SER G 79 -6.30 8.14 -57.98
N LEU G 80 -7.60 7.90 -58.22
CA LEU G 80 -8.21 6.58 -58.26
C LEU G 80 -8.66 6.29 -59.68
N LYS G 81 -8.46 5.04 -60.12
CA LYS G 81 -8.89 4.57 -61.43
C LYS G 81 -9.61 3.24 -61.23
N LEU G 82 -10.93 3.26 -61.44
CA LEU G 82 -11.78 2.08 -61.34
C LEU G 82 -12.08 1.60 -62.76
N ARG G 83 -11.61 0.41 -63.10
CA ARG G 83 -11.76 -0.12 -64.46
C ARG G 83 -13.00 -0.99 -64.55
N SER G 84 -13.60 -1.01 -65.74
CA SER G 84 -14.82 -1.75 -66.06
C SER G 84 -15.91 -1.46 -65.04
N VAL G 85 -16.27 -0.17 -64.95
CA VAL G 85 -17.37 0.24 -64.10
C VAL G 85 -18.67 -0.36 -64.63
N THR G 86 -19.60 -0.63 -63.72
CA THR G 86 -20.91 -1.19 -64.05
C THR G 86 -22.00 -0.32 -63.43
N VAL G 87 -23.25 -0.68 -63.71
CA VAL G 87 -24.37 0.12 -63.22
C VAL G 87 -24.45 0.06 -61.70
N ALA G 88 -23.99 -1.03 -61.09
CA ALA G 88 -24.04 -1.17 -59.65
C ALA G 88 -23.05 -0.25 -58.92
N ASP G 89 -22.13 0.39 -59.63
CA ASP G 89 -21.10 1.22 -59.01
C ASP G 89 -21.49 2.68 -58.91
N THR G 90 -22.71 3.07 -59.30
CA THR G 90 -23.16 4.43 -59.09
C THR G 90 -23.17 4.73 -57.60
N ALA G 91 -22.55 5.84 -57.21
CA ALA G 91 -22.30 6.06 -55.80
C ALA G 91 -21.71 7.45 -55.60
N ILE G 92 -21.73 7.90 -54.34
CA ILE G 92 -20.98 9.07 -53.92
C ILE G 92 -19.61 8.57 -53.47
N TYR G 93 -18.56 9.02 -54.14
CA TYR G 93 -17.19 8.65 -53.81
C TYR G 93 -16.60 9.72 -52.90
N TYR G 94 -16.02 9.28 -51.78
CA TYR G 94 -15.37 10.13 -50.80
C TYR G 94 -13.87 9.85 -50.79
N CYS G 95 -13.10 10.91 -50.64
CA CYS G 95 -11.66 10.85 -50.42
C CYS G 95 -11.40 11.13 -48.96
N ALA G 96 -10.52 10.34 -48.33
CA ALA G 96 -10.34 10.43 -46.89
C ALA G 96 -8.88 10.25 -46.51
N ARG G 97 -8.54 10.79 -45.33
CA ARG G 97 -7.23 10.66 -44.70
C ARG G 97 -7.42 9.86 -43.43
N TRP G 98 -6.73 8.72 -43.36
CA TRP G 98 -6.78 7.76 -42.27
C TRP G 98 -5.48 7.88 -41.47
N ASN G 99 -5.62 8.25 -40.20
CA ASN G 99 -4.49 8.53 -39.32
C ASN G 99 -4.15 7.24 -38.57
N LEU G 100 -2.89 6.83 -38.66
CA LEU G 100 -2.44 5.54 -38.13
C LEU G 100 -1.48 5.68 -36.95
N TYR G 101 -1.40 6.86 -36.32
CA TYR G 101 -0.47 7.12 -35.23
C TYR G 101 -1.25 7.37 -33.95
N ASP G 102 -0.80 6.74 -32.86
CA ASP G 102 -1.55 6.71 -31.60
C ASP G 102 -1.24 7.86 -30.66
N ASP G 103 -0.37 8.80 -31.04
CA ASP G 103 -0.09 9.98 -30.23
C ASP G 103 -0.85 11.21 -30.70
N ASP G 104 -1.81 11.06 -31.61
CA ASP G 104 -2.48 12.19 -32.24
C ASP G 104 -3.96 11.90 -32.29
N PHE G 105 -4.77 12.97 -32.36
CA PHE G 105 -6.22 12.83 -32.42
C PHE G 105 -6.61 12.03 -33.67
N GLY G 106 -7.30 10.92 -33.46
CA GLY G 106 -7.87 10.16 -34.56
C GLY G 106 -7.14 8.87 -34.84
N TYR G 107 -6.63 8.21 -33.81
CA TYR G 107 -5.80 7.03 -34.01
C TYR G 107 -6.60 5.93 -34.70
N ASN G 108 -6.04 5.40 -35.78
CA ASN G 108 -6.68 4.39 -36.63
C ASN G 108 -8.11 4.82 -36.97
N SER G 109 -8.21 5.98 -37.59
CA SER G 109 -9.51 6.53 -37.93
C SER G 109 -9.39 7.43 -39.16
N PHE G 110 -10.49 7.56 -39.88
CA PHE G 110 -10.56 8.50 -40.99
C PHE G 110 -10.60 9.89 -40.38
N ALA G 111 -9.41 10.40 -40.07
CA ALA G 111 -9.30 11.69 -39.39
C ALA G 111 -9.89 12.81 -40.25
N VAL G 112 -9.76 12.70 -41.57
CA VAL G 112 -10.23 13.76 -42.46
C VAL G 112 -11.06 13.15 -43.57
N TRP G 113 -12.14 13.83 -43.94
CA TRP G 113 -12.96 13.49 -45.09
C TRP G 113 -13.09 14.70 -45.98
N GLY G 114 -13.54 14.47 -47.20
CA GLY G 114 -13.88 15.53 -48.14
C GLY G 114 -15.36 15.81 -48.15
N ARG G 115 -15.86 16.18 -49.33
CA ARG G 115 -17.27 16.51 -49.53
C ARG G 115 -18.05 15.42 -50.23
N GLY G 116 -17.39 14.63 -51.08
CA GLY G 116 -18.06 13.61 -51.86
C GLY G 116 -18.39 14.07 -53.26
N VAL G 117 -18.26 13.17 -54.24
CA VAL G 117 -18.62 13.47 -55.62
C VAL G 117 -19.50 12.34 -56.13
N LEU G 118 -20.62 12.69 -56.75
CA LEU G 118 -21.62 11.70 -57.17
C LEU G 118 -21.32 11.24 -58.59
N VAL G 119 -21.04 9.95 -58.74
CA VAL G 119 -20.89 9.31 -60.04
C VAL G 119 -22.18 8.54 -60.31
N THR G 120 -22.87 8.90 -61.39
CA THR G 120 -24.20 8.36 -61.67
C THR G 120 -24.17 7.11 -62.54
N VAL G 121 -23.23 7.02 -63.47
CA VAL G 121 -23.15 5.90 -64.40
C VAL G 121 -24.46 5.78 -65.17
N ASP H 1 -13.83 -8.88 -43.35
CA ASP H 1 -15.14 -8.32 -43.73
C ASP H 1 -16.14 -8.63 -42.61
N ILE H 2 -15.97 -7.89 -41.51
CA ILE H 2 -16.74 -8.07 -40.29
C ILE H 2 -18.08 -7.37 -40.42
N GLN H 3 -19.15 -8.14 -40.56
CA GLN H 3 -20.47 -7.56 -40.76
C GLN H 3 -20.84 -6.75 -39.53
N MET H 4 -21.44 -5.58 -39.75
CA MET H 4 -21.90 -4.69 -38.70
C MET H 4 -23.38 -4.40 -38.84
N THR H 5 -24.07 -4.32 -37.70
CA THR H 5 -25.47 -3.95 -37.65
C THR H 5 -25.66 -2.82 -36.66
N GLN H 6 -26.56 -1.90 -37.00
CA GLN H 6 -26.85 -0.73 -36.18
C GLN H 6 -28.34 -0.70 -35.92
N SER H 7 -28.72 -0.51 -34.66
CA SER H 7 -30.12 -0.46 -34.30
C SER H 7 -30.36 0.63 -33.27
N PRO H 8 -31.62 1.07 -33.10
CA PRO H 8 -32.77 0.90 -34.01
C PRO H 8 -32.60 1.87 -35.17
N SER H 9 -33.13 1.52 -36.36
CA SER H 9 -32.74 2.22 -37.58
C SER H 9 -33.13 3.69 -37.59
N SER H 10 -34.30 4.04 -37.04
CA SER H 10 -34.90 5.37 -37.23
C SER H 10 -35.31 5.98 -35.89
N LEU H 11 -34.35 6.58 -35.21
CA LEU H 11 -34.63 7.37 -34.02
C LEU H 11 -35.41 8.64 -34.35
N SER H 12 -36.32 8.99 -33.45
CA SER H 12 -36.98 10.29 -33.44
C SER H 12 -36.87 10.86 -32.03
N ALA H 13 -36.39 12.11 -31.92
CA ALA H 13 -36.18 12.71 -30.62
C ALA H 13 -36.40 14.22 -30.72
N SER H 14 -36.71 14.82 -29.57
CA SER H 14 -36.87 16.26 -29.45
C SER H 14 -35.50 16.91 -29.18
N VAL H 15 -35.50 18.22 -28.98
CA VAL H 15 -34.31 18.95 -28.59
C VAL H 15 -34.27 18.98 -27.06
N GLY H 16 -33.29 18.29 -26.47
CA GLY H 16 -33.10 18.27 -25.04
C GLY H 16 -33.06 16.88 -24.43
N ASP H 17 -33.75 15.93 -25.04
CA ASP H 17 -33.82 14.58 -24.47
C ASP H 17 -32.52 13.83 -24.78
N THR H 18 -32.48 12.56 -24.40
CA THR H 18 -31.29 11.72 -24.51
C THR H 18 -31.45 10.76 -25.69
N VAL H 19 -30.36 10.52 -26.40
CA VAL H 19 -30.31 9.65 -27.55
C VAL H 19 -29.33 8.51 -27.27
N THR H 20 -29.73 7.29 -27.63
CA THR H 20 -28.86 6.12 -27.52
C THR H 20 -28.98 5.31 -28.79
N ILE H 21 -27.84 5.00 -29.40
CA ILE H 21 -27.75 4.16 -30.59
C ILE H 21 -26.86 2.99 -30.24
N THR H 22 -27.24 1.78 -30.68
CA THR H 22 -26.51 0.56 -30.34
C THR H 22 -25.96 -0.07 -31.61
N CYS H 23 -24.68 -0.43 -31.57
CA CYS H 23 -23.95 -0.99 -32.69
C CYS H 23 -23.41 -2.36 -32.30
N GLN H 24 -23.67 -3.38 -33.13
CA GLN H 24 -23.17 -4.73 -32.91
C GLN H 24 -22.29 -5.18 -34.07
N ALA H 25 -21.06 -5.54 -33.76
CA ALA H 25 -20.18 -6.22 -34.70
C ALA H 25 -20.55 -7.69 -34.76
N ARG H 26 -20.47 -8.28 -35.96
CA ARG H 26 -20.66 -9.72 -36.07
C ARG H 26 -19.54 -10.49 -35.39
N HIS H 27 -18.30 -10.00 -35.52
CA HIS H 27 -17.11 -10.65 -34.99
C HIS H 27 -16.30 -9.64 -34.17
N ALA H 28 -15.47 -10.17 -33.27
CA ALA H 28 -14.82 -9.34 -32.27
C ALA H 28 -13.92 -8.29 -32.92
N VAL H 29 -14.12 -7.04 -32.49
CA VAL H 29 -13.30 -5.91 -32.90
C VAL H 29 -12.41 -5.40 -31.78
N GLY H 30 -12.42 -6.05 -30.62
CA GLY H 30 -11.77 -5.44 -29.46
C GLY H 30 -12.42 -4.11 -29.17
N LYS H 31 -11.59 -3.08 -29.01
CA LYS H 31 -12.06 -1.72 -28.75
C LYS H 31 -11.95 -0.83 -29.99
N ASN H 32 -11.64 -1.40 -31.14
CA ASN H 32 -11.37 -0.64 -32.36
C ASN H 32 -12.67 -0.40 -33.15
N LEU H 33 -13.55 0.42 -32.58
CA LEU H 33 -14.75 0.84 -33.29
C LEU H 33 -14.78 2.36 -33.35
N ASN H 34 -15.05 2.89 -34.54
CA ASN H 34 -15.02 4.31 -34.82
C ASN H 34 -16.45 4.80 -35.06
N TRP H 35 -16.78 5.99 -34.55
CA TRP H 35 -18.10 6.59 -34.74
C TRP H 35 -17.99 7.88 -35.53
N TYR H 36 -18.84 7.99 -36.57
CA TYR H 36 -18.86 9.08 -37.55
C TYR H 36 -20.23 9.76 -37.58
N GLN H 37 -20.22 11.07 -37.77
CA GLN H 37 -21.42 11.88 -37.99
C GLN H 37 -21.41 12.40 -39.42
N GLN H 38 -22.47 12.09 -40.17
CA GLN H 38 -22.64 12.49 -41.57
C GLN H 38 -23.87 13.37 -41.67
N LYS H 39 -23.72 14.54 -42.31
CA LYS H 39 -24.81 15.47 -42.55
C LYS H 39 -25.02 15.65 -44.05
N PRO H 40 -26.11 16.27 -44.49
CA PRO H 40 -26.24 16.57 -45.92
C PRO H 40 -25.29 17.69 -46.34
N GLY H 41 -24.74 17.56 -47.54
CA GLY H 41 -23.90 18.59 -48.11
C GLY H 41 -22.45 18.55 -47.71
N ARG H 42 -22.08 17.73 -46.72
CA ARG H 42 -20.69 17.57 -46.31
C ARG H 42 -20.43 16.11 -45.98
N GLY H 43 -19.15 15.75 -45.99
CA GLY H 43 -18.76 14.39 -45.72
C GLY H 43 -18.81 14.07 -44.25
N PRO H 44 -18.50 12.81 -43.93
CA PRO H 44 -18.45 12.40 -42.52
C PRO H 44 -17.41 13.19 -41.75
N GLN H 45 -17.70 13.42 -40.47
CA GLN H 45 -16.74 13.96 -39.52
C GLN H 45 -16.65 13.01 -38.34
N LEU H 46 -15.45 12.88 -37.77
CA LEU H 46 -15.24 11.91 -36.71
C LEU H 46 -15.90 12.36 -35.42
N LEU H 47 -16.46 11.39 -34.69
CA LEU H 47 -16.90 11.58 -33.32
C LEU H 47 -16.04 10.81 -32.34
N ILE H 48 -15.94 9.48 -32.49
CA ILE H 48 -15.28 8.62 -31.49
C ILE H 48 -14.21 7.79 -32.18
N TYR H 49 -13.04 7.67 -31.51
CA TYR H 49 -11.94 6.89 -32.05
C TYR H 49 -12.14 5.39 -31.81
N MET H 50 -12.08 4.99 -30.55
CA MET H 50 -11.89 3.60 -30.14
C MET H 50 -13.02 3.19 -29.22
N ALA H 51 -14.23 3.59 -29.59
CA ALA H 51 -15.50 3.33 -28.92
C ALA H 51 -15.69 4.18 -27.67
N SER H 52 -14.66 4.88 -27.17
CA SER H 52 -14.85 5.80 -26.04
C SER H 52 -14.12 7.13 -26.16
N SER H 53 -13.01 7.23 -26.89
CA SER H 53 -12.24 8.45 -26.92
C SER H 53 -12.87 9.46 -27.87
N ARG H 54 -12.84 10.74 -27.48
CA ARG H 54 -13.46 11.79 -28.26
C ARG H 54 -12.45 12.41 -29.22
N HIS H 55 -12.96 12.98 -30.30
CA HIS H 55 -12.15 13.76 -31.23
C HIS H 55 -12.09 15.22 -30.81
N SER H 56 -10.99 15.87 -31.18
CA SER H 56 -10.86 17.30 -30.90
C SER H 56 -11.99 18.06 -31.59
N GLY H 57 -12.66 18.92 -30.83
CA GLY H 57 -13.69 19.79 -31.35
C GLY H 57 -15.13 19.32 -31.13
N VAL H 58 -15.34 18.06 -30.76
CA VAL H 58 -16.71 17.56 -30.56
C VAL H 58 -17.06 17.81 -29.10
N PRO H 59 -18.26 18.29 -28.77
CA PRO H 59 -18.56 18.64 -27.39
C PRO H 59 -18.63 17.40 -26.51
N SER H 60 -18.78 17.64 -25.20
CA SER H 60 -18.91 16.57 -24.23
C SER H 60 -20.24 15.84 -24.33
N ARG H 61 -21.19 16.34 -25.14
CA ARG H 61 -22.48 15.67 -25.29
C ARG H 61 -22.32 14.23 -25.74
N PHE H 62 -21.38 13.96 -26.64
CA PHE H 62 -21.22 12.64 -27.24
C PHE H 62 -20.37 11.78 -26.34
N ARG H 63 -20.82 10.55 -26.09
CA ARG H 63 -20.08 9.60 -25.26
C ARG H 63 -20.24 8.22 -25.85
N GLY H 64 -19.12 7.54 -26.08
CA GLY H 64 -19.13 6.18 -26.55
C GLY H 64 -18.84 5.19 -25.43
N SER H 65 -19.22 3.94 -25.66
CA SER H 65 -18.82 2.88 -24.74
C SER H 65 -18.98 1.54 -25.46
N GLY H 66 -18.30 0.53 -24.90
CA GLY H 66 -18.50 -0.85 -25.34
C GLY H 66 -17.26 -1.70 -25.49
N SER H 67 -17.46 -2.93 -25.96
CA SER H 67 -16.38 -3.88 -26.19
C SER H 67 -16.93 -5.12 -26.91
N GLY H 68 -16.04 -5.79 -27.64
CA GLY H 68 -16.31 -7.12 -28.18
C GLY H 68 -17.21 -7.08 -29.40
N ARG H 69 -18.51 -6.95 -29.16
CA ARG H 69 -19.45 -6.61 -30.22
C ARG H 69 -20.34 -5.46 -29.78
N GLU H 70 -20.60 -5.34 -28.49
CA GLU H 70 -21.65 -4.46 -28.00
C GLU H 70 -21.06 -3.08 -27.79
N PHE H 71 -21.53 -2.10 -28.57
CA PHE H 71 -21.10 -0.73 -28.41
C PHE H 71 -22.32 0.17 -28.48
N THR H 72 -22.18 1.35 -27.88
CA THR H 72 -23.27 2.30 -27.81
C THR H 72 -22.72 3.71 -27.88
N LEU H 73 -23.48 4.58 -28.54
CA LEU H 73 -23.23 6.00 -28.58
C LEU H 73 -24.40 6.71 -27.91
N THR H 74 -24.09 7.54 -26.92
CA THR H 74 -25.09 8.26 -26.15
C THR H 74 -24.86 9.75 -26.32
N ILE H 75 -25.95 10.48 -26.56
CA ILE H 75 -25.94 11.93 -26.72
C ILE H 75 -26.88 12.52 -25.69
N ASN H 76 -26.37 13.45 -24.87
CA ASN H 76 -27.15 14.16 -23.88
C ASN H 76 -27.40 15.60 -24.32
N ASN H 77 -28.61 16.09 -24.03
CA ASN H 77 -29.01 17.47 -24.29
C ASN H 77 -28.86 17.77 -25.79
N LEU H 78 -29.73 17.14 -26.56
CA LEU H 78 -29.66 17.26 -28.02
C LEU H 78 -29.86 18.70 -28.46
N GLN H 79 -29.02 19.12 -29.40
CA GLN H 79 -29.06 20.43 -30.00
C GLN H 79 -29.68 20.31 -31.38
N PRO H 80 -30.26 21.38 -31.94
CA PRO H 80 -30.80 21.28 -33.30
C PRO H 80 -29.74 20.97 -34.34
N GLU H 81 -28.47 21.28 -34.07
CA GLU H 81 -27.40 21.00 -35.00
C GLU H 81 -26.98 19.53 -35.01
N ASP H 82 -27.36 18.75 -34.00
CA ASP H 82 -26.92 17.36 -33.87
C ASP H 82 -27.94 16.37 -34.44
N PHE H 83 -28.75 16.81 -35.40
CA PHE H 83 -29.70 15.94 -36.10
C PHE H 83 -29.03 15.54 -37.41
N ALA H 84 -28.48 14.32 -37.44
CA ALA H 84 -27.70 13.85 -38.58
C ALA H 84 -27.76 12.33 -38.60
N THR H 85 -26.87 11.71 -39.37
CA THR H 85 -26.82 10.25 -39.52
C THR H 85 -25.50 9.74 -38.98
N TYR H 86 -25.57 8.74 -38.09
CA TYR H 86 -24.41 8.24 -37.37
C TYR H 86 -24.04 6.86 -37.90
N SER H 87 -22.74 6.58 -37.94
CA SER H 87 -22.24 5.34 -38.52
C SER H 87 -21.07 4.79 -37.71
N CYS H 88 -20.89 3.47 -37.79
CA CYS H 88 -19.77 2.76 -37.17
C CYS H 88 -18.71 2.38 -38.20
N GLN H 89 -17.55 1.95 -37.68
CA GLN H 89 -16.51 1.35 -38.50
C GLN H 89 -15.64 0.41 -37.66
N GLN H 90 -15.11 -0.60 -38.35
CA GLN H 90 -14.35 -1.73 -37.80
C GLN H 90 -12.86 -1.51 -38.01
N GLY H 91 -12.18 -0.97 -37.01
CA GLY H 91 -10.76 -0.69 -37.20
C GLY H 91 -9.87 -1.90 -37.16
N TYR H 92 -10.34 -3.03 -36.63
CA TYR H 92 -9.46 -4.16 -36.39
C TYR H 92 -8.86 -4.76 -37.66
N THR H 93 -9.68 -4.94 -38.72
CA THR H 93 -9.13 -5.61 -39.92
C THR H 93 -9.77 -5.10 -41.23
N TYR H 94 -8.95 -4.64 -42.18
CA TYR H 94 -9.48 -4.23 -43.52
C TYR H 94 -10.00 -5.50 -44.22
N PRO H 95 -11.11 -5.47 -44.99
CA PRO H 95 -11.81 -4.23 -45.33
C PRO H 95 -12.63 -3.67 -44.16
N TRP H 96 -12.56 -2.35 -43.95
CA TRP H 96 -13.26 -1.74 -42.80
C TRP H 96 -14.76 -1.62 -43.11
N THR H 97 -15.58 -2.42 -42.44
CA THR H 97 -17.01 -2.44 -42.65
C THR H 97 -17.62 -1.19 -42.02
N PHE H 98 -18.82 -0.82 -42.50
CA PHE H 98 -19.57 0.29 -41.95
C PHE H 98 -21.01 -0.13 -41.68
N GLY H 99 -21.60 0.49 -40.66
CA GLY H 99 -22.98 0.22 -40.33
C GLY H 99 -23.95 0.83 -41.33
N GLN H 100 -25.18 0.33 -41.28
CA GLN H 100 -26.21 0.80 -42.22
C GLN H 100 -26.47 2.29 -42.04
N GLY H 101 -26.45 2.77 -40.80
CA GLY H 101 -26.58 4.18 -40.50
C GLY H 101 -27.92 4.56 -39.91
N THR H 102 -27.89 5.02 -38.66
CA THR H 102 -29.07 5.53 -37.98
C THR H 102 -29.44 6.91 -38.50
N LYS H 103 -30.73 7.23 -38.45
CA LYS H 103 -31.25 8.55 -38.77
C LYS H 103 -31.99 9.09 -37.56
N VAL H 104 -31.63 10.31 -37.14
CA VAL H 104 -32.25 10.99 -36.00
C VAL H 104 -33.03 12.15 -36.59
N GLU H 105 -34.34 12.21 -36.28
CA GLU H 105 -35.24 13.17 -36.88
C GLU H 105 -36.09 13.83 -35.79
N MET H 106 -36.53 15.06 -36.07
CA MET H 106 -37.42 15.90 -35.25
C MET H 106 -36.57 16.74 -34.31
N GLN I 1 44.14 8.54 -13.26
CA GLN I 1 45.54 9.06 -13.29
C GLN I 1 45.83 9.85 -14.57
N VAL I 2 44.79 10.46 -15.14
CA VAL I 2 44.96 11.30 -16.32
C VAL I 2 45.50 12.65 -15.88
N GLN I 3 46.60 13.07 -16.51
CA GLN I 3 47.27 14.32 -16.19
C GLN I 3 47.37 15.17 -17.45
N LEU I 4 47.36 16.49 -17.25
CA LEU I 4 47.36 17.46 -18.34
C LEU I 4 48.48 18.46 -18.09
N GLN I 5 49.26 18.75 -19.13
CA GLN I 5 50.40 19.67 -19.03
C GLN I 5 50.30 20.71 -20.13
N GLU I 6 50.27 21.98 -19.75
CA GLU I 6 50.28 23.07 -20.72
C GLU I 6 51.72 23.47 -21.05
N SER I 7 51.90 23.96 -22.27
CA SER I 7 53.20 24.45 -22.72
C SER I 7 52.98 25.55 -23.75
N GLY I 8 53.98 26.40 -23.88
CA GLY I 8 53.94 27.52 -24.80
C GLY I 8 54.73 28.70 -24.28
N PRO I 9 54.78 29.77 -25.06
CA PRO I 9 55.56 30.95 -24.64
C PRO I 9 54.90 31.62 -23.43
N GLY I 10 55.74 32.13 -22.54
CA GLY I 10 55.29 32.87 -21.39
C GLY I 10 55.18 34.36 -21.58
N LEU I 11 55.42 34.87 -22.79
CA LEU I 11 55.32 36.29 -23.06
C LEU I 11 54.99 36.46 -24.54
N VAL I 12 53.85 37.06 -24.83
CA VAL I 12 53.43 37.37 -26.19
C VAL I 12 53.04 38.84 -26.23
N LYS I 13 53.56 39.57 -27.23
CA LYS I 13 53.29 40.99 -27.34
C LYS I 13 51.88 41.19 -27.89
N PRO I 14 51.34 42.41 -27.83
CA PRO I 14 49.99 42.64 -28.35
C PRO I 14 49.89 42.36 -29.85
N SER I 15 48.73 41.81 -30.24
CA SER I 15 48.20 41.72 -31.60
C SER I 15 48.71 40.57 -32.46
N GLU I 16 49.67 39.75 -32.01
CA GLU I 16 50.00 38.53 -32.74
C GLU I 16 49.08 37.41 -32.27
N THR I 17 49.40 36.17 -32.66
CA THR I 17 48.61 35.00 -32.27
C THR I 17 49.28 34.30 -31.09
N LEU I 18 48.51 34.09 -30.02
CA LEU I 18 48.97 33.36 -28.85
C LEU I 18 48.68 31.87 -29.07
N SER I 19 49.72 31.05 -28.94
CA SER I 19 49.64 29.61 -29.21
C SER I 19 50.04 28.84 -27.97
N LEU I 20 49.14 27.96 -27.50
CA LEU I 20 49.41 27.08 -26.37
C LEU I 20 49.09 25.64 -26.78
N THR I 21 49.77 24.69 -26.15
CA THR I 21 49.56 23.27 -26.41
C THR I 21 49.38 22.55 -25.08
N CYS I 22 48.26 21.85 -24.92
CA CYS I 22 48.02 20.98 -23.78
C CYS I 22 48.25 19.53 -24.20
N THR I 23 49.13 18.86 -23.49
CA THR I 23 49.48 17.46 -23.71
C THR I 23 48.83 16.61 -22.63
N VAL I 24 48.21 15.52 -23.05
CA VAL I 24 47.54 14.59 -22.14
C VAL I 24 48.48 13.42 -21.89
N SER I 25 48.88 13.25 -20.64
CA SER I 25 49.67 12.11 -20.21
C SER I 25 48.74 11.06 -19.61
N GLY I 26 49.30 9.89 -19.31
CA GLY I 26 48.53 8.82 -18.70
C GLY I 26 47.61 8.10 -19.67
N GLY I 27 46.71 8.85 -20.33
CA GLY I 27 45.76 8.26 -21.24
C GLY I 27 45.67 9.06 -22.52
N SER I 28 45.17 8.41 -23.56
CA SER I 28 44.94 9.07 -24.84
C SER I 28 43.67 9.91 -24.78
N ILE I 29 43.54 10.82 -25.76
CA ILE I 29 42.34 11.64 -25.85
C ILE I 29 41.13 10.75 -26.09
N ASP I 30 40.03 11.07 -25.41
CA ASP I 30 38.78 10.30 -25.46
C ASP I 30 37.63 11.28 -25.60
N ASP I 31 36.40 10.73 -25.69
CA ASP I 31 35.21 11.52 -26.01
C ASP I 31 34.69 12.27 -24.79
N TYR I 32 35.50 13.24 -24.35
CA TYR I 32 35.15 14.23 -23.34
C TYR I 32 35.51 15.60 -23.89
N PHE I 33 34.74 16.62 -23.54
CA PHE I 33 35.09 17.94 -24.03
C PHE I 33 36.43 18.33 -23.41
N TRP I 34 37.35 18.82 -24.24
CA TRP I 34 38.62 19.33 -23.78
C TRP I 34 38.55 20.84 -23.89
N ASN I 35 38.80 21.52 -22.78
CA ASN I 35 38.44 22.92 -22.62
C ASN I 35 39.65 23.74 -22.25
N TRP I 36 39.76 24.91 -22.86
CA TRP I 36 40.69 25.94 -22.41
C TRP I 36 39.93 26.96 -21.58
N VAL I 37 40.50 27.30 -20.42
CA VAL I 37 39.96 28.26 -19.46
C VAL I 37 41.12 29.14 -19.04
N ARG I 38 40.81 30.33 -18.53
CA ARG I 38 41.85 31.21 -18.00
C ARG I 38 41.38 31.85 -16.71
N GLN I 39 42.35 32.28 -15.91
CA GLN I 39 42.14 33.09 -14.71
C GLN I 39 43.00 34.34 -14.85
N PRO I 40 42.43 35.50 -15.20
CA PRO I 40 43.20 36.74 -15.10
C PRO I 40 43.42 37.10 -13.64
N PRO I 41 44.47 37.85 -13.33
CA PRO I 41 44.65 38.28 -11.92
C PRO I 41 43.48 39.15 -11.46
N GLY I 42 42.95 38.82 -10.29
CA GLY I 42 41.88 39.60 -9.72
C GLY I 42 40.51 39.37 -10.32
N LYS I 43 40.36 38.34 -11.15
CA LYS I 43 39.12 38.05 -11.87
C LYS I 43 38.73 36.60 -11.62
N PRO I 44 37.47 36.24 -11.84
CA PRO I 44 37.10 34.83 -11.77
C PRO I 44 37.59 34.08 -13.00
N LEU I 45 37.60 32.76 -12.90
CA LEU I 45 37.96 31.94 -14.04
C LEU I 45 36.95 32.14 -15.16
N GLU I 46 37.46 32.28 -16.39
CA GLU I 46 36.63 32.53 -17.56
C GLU I 46 36.88 31.43 -18.58
N CYS I 47 35.82 30.76 -19.02
CA CYS I 47 35.94 29.73 -20.03
C CYS I 47 36.31 30.37 -21.37
N ILE I 48 37.29 29.78 -22.05
CA ILE I 48 37.72 30.24 -23.37
C ILE I 48 37.10 29.43 -24.48
N GLY I 49 37.09 28.11 -24.36
CA GLY I 49 36.46 27.31 -25.40
C GLY I 49 36.63 25.84 -25.15
N TYR I 50 36.09 25.04 -26.07
CA TYR I 50 36.28 23.60 -25.99
C TYR I 50 36.13 22.94 -27.35
N ILE I 51 36.76 21.76 -27.45
CA ILE I 51 36.67 20.87 -28.60
C ILE I 51 36.32 19.47 -28.12
N PHE I 52 35.52 18.76 -28.90
CA PHE I 52 35.11 17.40 -28.58
C PHE I 52 35.97 16.38 -29.31
N GLY I 53 36.54 15.45 -28.56
CA GLY I 53 37.23 14.29 -29.12
C GLY I 53 38.43 14.64 -29.98
N ARG I 54 38.79 13.70 -30.87
CA ARG I 54 39.93 13.85 -31.76
C ARG I 54 39.42 14.44 -33.07
N GLY I 55 39.25 15.76 -33.07
CA GLY I 55 38.69 16.43 -34.23
C GLY I 55 37.19 16.28 -34.22
N GLY I 56 36.46 17.38 -34.17
CA GLY I 56 35.02 17.30 -34.07
C GLY I 56 34.43 18.64 -33.73
N GLY I 57 33.15 18.62 -33.30
CA GLY I 57 32.48 19.85 -32.96
C GLY I 57 33.21 20.63 -31.90
N THR I 58 33.15 21.95 -32.02
CA THR I 58 33.77 22.88 -31.09
C THR I 58 32.75 23.91 -30.65
N LYS I 59 33.09 24.62 -29.58
CA LYS I 59 32.30 25.77 -29.16
C LYS I 59 33.24 26.73 -28.46
N TYR I 60 32.91 28.01 -28.51
CA TYR I 60 33.81 29.04 -28.01
C TYR I 60 33.00 30.10 -27.29
N ASN I 61 33.56 30.63 -26.20
CA ASN I 61 32.95 31.66 -25.37
C ASN I 61 32.50 32.83 -26.26
N PRO I 62 31.19 33.04 -26.46
CA PRO I 62 30.75 34.08 -27.43
C PRO I 62 31.35 35.46 -27.20
N SER I 63 31.66 35.82 -25.96
CA SER I 63 32.15 37.17 -25.65
C SER I 63 33.67 37.27 -25.81
N LEU I 64 34.17 36.83 -26.97
CA LEU I 64 35.57 36.99 -27.33
C LEU I 64 35.75 37.50 -28.76
N ASP I 65 34.66 37.84 -29.44
CA ASP I 65 34.63 38.31 -30.84
C ASP I 65 35.54 37.42 -31.69
N ASN I 66 35.19 36.13 -31.69
CA ASN I 66 35.80 35.09 -32.52
C ASN I 66 37.32 35.15 -32.66
N ARG I 67 38.02 35.54 -31.60
CA ARG I 67 39.47 35.64 -31.62
C ARG I 67 40.17 34.34 -31.28
N VAL I 68 39.42 33.27 -31.04
CA VAL I 68 39.94 32.01 -30.50
C VAL I 68 39.63 30.88 -31.46
N THR I 69 40.63 30.04 -31.72
CA THR I 69 40.48 28.81 -32.50
C THR I 69 41.18 27.68 -31.76
N ILE I 70 40.48 26.55 -31.61
CA ILE I 70 40.98 25.38 -30.90
C ILE I 70 40.94 24.19 -31.87
N SER I 71 41.99 23.38 -31.85
CA SER I 71 42.08 22.22 -32.72
C SER I 71 42.97 21.16 -32.08
N THR I 72 42.83 19.93 -32.57
CA THR I 72 43.61 18.79 -32.09
C THR I 72 44.77 18.54 -33.06
N ASP I 73 45.98 18.44 -32.51
CA ASP I 73 47.18 18.25 -33.31
C ASP I 73 47.69 16.82 -33.30
N THR I 74 47.62 16.13 -32.16
CA THR I 74 48.22 14.83 -31.97
C THR I 74 47.24 14.04 -31.11
N PRO I 75 47.19 12.70 -31.21
CA PRO I 75 46.24 11.94 -30.37
C PRO I 75 46.36 12.19 -28.88
N ASN I 76 47.47 12.75 -28.39
CA ASN I 76 47.60 13.16 -26.99
C ASN I 76 48.05 14.61 -26.84
N GLN I 77 47.80 15.46 -27.84
CA GLN I 77 48.04 16.90 -27.72
C GLN I 77 46.97 17.66 -28.49
N PHE I 78 46.40 18.67 -27.84
CA PHE I 78 45.52 19.64 -28.51
C PHE I 78 46.04 21.03 -28.19
N SER I 79 45.52 22.04 -28.89
CA SER I 79 46.13 23.36 -28.88
C SER I 79 45.09 24.46 -28.91
N LEU I 80 45.48 25.61 -28.39
CA LEU I 80 44.70 26.83 -28.36
C LEU I 80 45.40 27.89 -29.18
N LYS I 81 44.66 28.53 -30.07
CA LYS I 81 45.14 29.68 -30.84
C LYS I 81 44.20 30.86 -30.55
N LEU I 82 44.76 31.94 -30.00
CA LEU I 82 44.00 33.12 -29.62
C LEU I 82 44.59 34.32 -30.36
N ARG I 83 43.83 34.88 -31.29
CA ARG I 83 44.29 35.95 -32.15
C ARG I 83 44.07 37.31 -31.50
N SER I 84 44.84 38.31 -31.96
CA SER I 84 44.68 39.70 -31.56
C SER I 84 44.77 39.86 -30.04
N VAL I 85 45.75 39.17 -29.43
CA VAL I 85 45.89 39.21 -27.99
C VAL I 85 46.22 40.64 -27.57
N THR I 86 45.62 41.09 -26.48
CA THR I 86 45.82 42.42 -25.91
C THR I 86 46.31 42.30 -24.47
N VAL I 87 46.56 43.46 -23.85
CA VAL I 87 47.10 43.46 -22.50
C VAL I 87 46.08 42.93 -21.50
N ALA I 88 44.78 43.06 -21.80
CA ALA I 88 43.74 42.52 -20.93
C ALA I 88 43.75 41.00 -20.85
N ASP I 89 44.43 40.32 -21.77
CA ASP I 89 44.39 38.88 -21.86
C ASP I 89 45.46 38.19 -21.00
N THR I 90 46.25 38.94 -20.24
CA THR I 90 47.20 38.32 -19.32
C THR I 90 46.45 37.48 -18.30
N ALA I 91 46.89 36.23 -18.11
CA ALA I 91 46.15 35.31 -17.28
C ALA I 91 46.96 34.02 -17.12
N ILE I 92 46.53 33.20 -16.16
CA ILE I 92 46.99 31.82 -16.05
C ILE I 92 46.01 30.96 -16.84
N TYR I 93 46.50 30.31 -17.88
CA TYR I 93 45.69 29.47 -18.76
C TYR I 93 45.78 28.02 -18.32
N TYR I 94 44.62 27.39 -18.20
CA TYR I 94 44.48 25.98 -17.85
C TYR I 94 43.79 25.24 -18.99
N CYS I 95 44.19 23.99 -19.20
CA CYS I 95 43.44 23.05 -20.00
C CYS I 95 42.80 22.04 -19.06
N ALA I 96 41.56 21.64 -19.37
CA ALA I 96 40.76 20.84 -18.46
C ALA I 96 39.91 19.87 -19.25
N ARG I 97 39.47 18.82 -18.55
CA ARG I 97 38.65 17.76 -19.10
C ARG I 97 37.25 17.90 -18.53
N TRP I 98 36.25 18.03 -19.40
CA TRP I 98 34.86 18.19 -19.01
C TRP I 98 34.09 16.94 -19.41
N ASN I 99 33.46 16.31 -18.42
CA ASN I 99 32.75 15.05 -18.59
C ASN I 99 31.36 15.28 -19.13
N LEU I 100 30.89 14.35 -19.97
CA LEU I 100 29.56 14.41 -20.55
C LEU I 100 28.59 13.40 -19.95
N TYR I 101 29.06 12.46 -19.14
CA TYR I 101 28.30 11.26 -18.80
C TYR I 101 28.03 11.20 -17.32
N ASP I 102 26.79 10.88 -16.96
CA ASP I 102 26.32 10.87 -15.59
C ASP I 102 26.55 9.56 -14.87
N ASP I 103 27.24 8.60 -15.50
CA ASP I 103 27.56 7.33 -14.87
C ASP I 103 28.96 7.31 -14.26
N ASP I 104 29.67 8.44 -14.27
CA ASP I 104 31.01 8.54 -13.72
C ASP I 104 31.08 9.74 -12.79
N PHE I 105 32.14 9.79 -11.99
CA PHE I 105 32.31 10.91 -11.07
C PHE I 105 32.65 12.17 -11.84
N GLY I 106 32.11 13.30 -11.38
CA GLY I 106 32.40 14.57 -12.00
C GLY I 106 31.54 14.89 -13.20
N TYR I 107 30.30 14.42 -13.23
CA TYR I 107 29.41 14.73 -14.33
C TYR I 107 29.18 16.24 -14.44
N ASN I 108 29.40 16.77 -15.64
CA ASN I 108 29.30 18.20 -15.92
C ASN I 108 30.16 19.00 -14.94
N SER I 109 31.47 18.72 -14.98
CA SER I 109 32.42 19.43 -14.14
C SER I 109 33.82 19.17 -14.71
N PHE I 110 34.73 20.11 -14.45
CA PHE I 110 36.12 19.96 -14.87
C PHE I 110 36.81 19.00 -13.90
N ALA I 111 36.63 17.71 -14.16
CA ALA I 111 37.15 16.68 -13.27
C ALA I 111 38.67 16.70 -13.23
N VAL I 112 39.32 16.90 -14.38
CA VAL I 112 40.78 16.85 -14.49
C VAL I 112 41.26 18.22 -14.95
N TRP I 113 42.14 18.83 -14.16
CA TRP I 113 42.78 20.09 -14.49
C TRP I 113 44.28 19.89 -14.66
N GLY I 114 44.87 20.72 -15.51
CA GLY I 114 46.32 20.79 -15.61
C GLY I 114 46.91 21.79 -14.63
N ARG I 115 48.24 21.86 -14.62
CA ARG I 115 48.92 22.74 -13.67
C ARG I 115 48.62 24.21 -13.98
N GLY I 116 48.70 24.59 -15.25
CA GLY I 116 48.41 25.95 -15.68
C GLY I 116 49.67 26.73 -16.00
N VAL I 117 49.62 27.57 -17.03
CA VAL I 117 50.78 28.33 -17.49
C VAL I 117 50.42 29.81 -17.49
N LEU I 118 51.29 30.63 -16.92
CA LEU I 118 51.06 32.06 -16.81
C LEU I 118 51.56 32.75 -18.09
N VAL I 119 50.64 33.39 -18.81
CA VAL I 119 50.96 34.13 -20.02
C VAL I 119 50.64 35.60 -19.76
N THR I 120 51.64 36.46 -19.95
CA THR I 120 51.51 37.89 -19.79
C THR I 120 51.58 38.56 -21.16
N VAL I 121 51.52 39.89 -21.16
CA VAL I 121 51.61 40.67 -22.38
C VAL I 121 52.44 41.92 -22.10
N ASP J 1 25.62 36.31 -20.31
CA ASP J 1 25.93 35.13 -19.46
C ASP J 1 25.21 35.23 -18.13
N ILE J 2 25.31 34.18 -17.32
CA ILE J 2 24.69 34.12 -16.00
C ILE J 2 25.75 34.53 -14.99
N GLN J 3 25.51 35.62 -14.28
CA GLN J 3 26.45 36.10 -13.29
C GLN J 3 26.32 35.30 -12.00
N MET J 4 27.46 34.90 -11.44
CA MET J 4 27.53 34.16 -10.20
C MET J 4 28.26 35.01 -9.17
N THR J 5 27.76 34.99 -7.93
CA THR J 5 28.42 35.69 -6.84
C THR J 5 28.47 34.72 -5.66
N GLN J 6 29.39 34.97 -4.73
CA GLN J 6 29.49 34.15 -3.54
C GLN J 6 29.84 35.05 -2.35
N SER J 7 29.56 34.53 -1.15
CA SER J 7 29.76 35.23 0.12
C SER J 7 30.19 34.28 1.22
N PRO J 8 31.12 34.70 2.11
CA PRO J 8 31.89 35.95 2.16
C PRO J 8 33.06 35.94 1.17
N SER J 9 33.59 37.11 0.82
CA SER J 9 34.72 37.16 -0.09
C SER J 9 35.97 36.54 0.53
N SER J 10 36.07 36.53 1.86
CA SER J 10 37.15 35.86 2.55
C SER J 10 36.77 35.71 4.02
N LEU J 11 37.27 34.64 4.63
CA LEU J 11 37.03 34.42 6.05
C LEU J 11 38.25 33.74 6.68
N SER J 12 38.41 33.95 7.98
CA SER J 12 39.45 33.31 8.76
C SER J 12 38.84 32.21 9.61
N ALA J 13 39.60 31.13 9.81
CA ALA J 13 39.13 30.02 10.61
C ALA J 13 40.32 29.25 11.14
N SER J 14 40.09 28.50 12.22
CA SER J 14 41.10 27.66 12.83
C SER J 14 40.83 26.19 12.49
N VAL J 15 41.71 25.32 12.98
CA VAL J 15 41.54 23.89 12.78
C VAL J 15 40.41 23.40 13.66
N GLY J 16 39.46 22.69 13.07
CA GLY J 16 38.36 22.07 13.79
C GLY J 16 37.03 22.79 13.71
N ASP J 17 37.01 24.03 13.25
CA ASP J 17 35.76 24.77 13.15
C ASP J 17 35.01 24.37 11.88
N THR J 18 33.77 24.82 11.79
CA THR J 18 32.92 24.63 10.62
C THR J 18 32.85 25.92 9.82
N VAL J 19 32.98 25.80 8.50
CA VAL J 19 32.96 26.94 7.58
C VAL J 19 31.81 26.76 6.62
N THR J 20 31.09 27.85 6.34
CA THR J 20 29.98 27.86 5.39
C THR J 20 30.21 28.92 4.33
N ILE J 21 30.14 28.53 3.06
CA ILE J 21 30.31 29.42 1.93
C ILE J 21 29.05 29.36 1.08
N THR J 22 28.44 30.51 0.80
CA THR J 22 27.20 30.58 0.06
C THR J 22 27.49 31.04 -1.37
N CYS J 23 26.98 30.30 -2.35
CA CYS J 23 27.09 30.65 -3.75
C CYS J 23 25.69 30.94 -4.29
N GLN J 24 25.55 32.10 -4.95
CA GLN J 24 24.27 32.63 -5.39
C GLN J 24 24.36 32.86 -6.89
N ALA J 25 23.40 32.30 -7.64
CA ALA J 25 23.35 32.45 -9.08
C ALA J 25 22.37 33.56 -9.45
N ARG J 26 22.70 34.33 -10.48
CA ARG J 26 21.80 35.38 -10.91
C ARG J 26 20.55 34.79 -11.56
N HIS J 27 20.64 33.57 -12.10
CA HIS J 27 19.51 32.88 -12.68
C HIS J 27 19.54 31.42 -12.25
N ALA J 28 18.37 30.79 -12.28
CA ALA J 28 18.26 29.41 -11.80
C ALA J 28 19.09 28.48 -12.64
N VAL J 29 19.79 27.56 -11.97
CA VAL J 29 20.67 26.59 -12.60
C VAL J 29 20.30 25.15 -12.21
N GLY J 30 19.11 24.94 -11.68
CA GLY J 30 18.74 23.62 -11.20
C GLY J 30 19.67 23.16 -10.10
N LYS J 31 20.19 21.93 -10.24
CA LYS J 31 21.20 21.38 -9.36
C LYS J 31 22.58 21.31 -10.02
N ASN J 32 22.76 21.98 -11.15
CA ASN J 32 23.99 21.88 -11.93
C ASN J 32 24.99 22.91 -11.41
N LEU J 33 25.57 22.61 -10.25
CA LEU J 33 26.64 23.41 -9.67
C LEU J 33 27.80 22.51 -9.26
N ASN J 34 29.01 23.00 -9.43
CA ASN J 34 30.23 22.34 -9.03
C ASN J 34 31.03 23.24 -8.09
N TRP J 35 31.74 22.61 -7.16
CA TRP J 35 32.61 23.30 -6.21
C TRP J 35 34.03 22.83 -6.42
N TYR J 36 34.94 23.80 -6.62
CA TYR J 36 36.34 23.60 -6.94
C TYR J 36 37.22 24.18 -5.85
N GLN J 37 38.38 23.54 -5.65
CA GLN J 37 39.40 23.96 -4.70
C GLN J 37 40.67 24.30 -5.45
N GLN J 38 41.25 25.47 -5.14
CA GLN J 38 42.46 25.97 -5.78
C GLN J 38 43.50 26.27 -4.72
N LYS J 39 44.73 25.80 -4.97
CA LYS J 39 45.87 26.04 -4.11
C LYS J 39 47.01 26.60 -4.95
N PRO J 40 47.90 27.40 -4.36
CA PRO J 40 49.02 27.92 -5.15
C PRO J 40 49.95 26.81 -5.60
N GLY J 41 50.44 26.93 -6.83
CA GLY J 41 51.35 25.94 -7.39
C GLY J 41 50.67 24.68 -7.89
N ARG J 42 49.35 24.59 -7.78
CA ARG J 42 48.60 23.40 -8.16
C ARG J 42 47.38 23.83 -8.95
N GLY J 43 46.94 22.98 -9.87
CA GLY J 43 45.73 23.25 -10.61
C GLY J 43 44.50 23.12 -9.74
N PRO J 44 43.36 23.64 -10.18
CA PRO J 44 42.14 23.46 -9.40
C PRO J 44 41.78 21.99 -9.27
N GLN J 45 41.26 21.63 -8.10
CA GLN J 45 40.74 20.29 -7.85
C GLN J 45 39.23 20.35 -7.71
N LEU J 46 38.55 19.34 -8.24
CA LEU J 46 37.11 19.22 -8.11
C LEU J 46 36.75 18.62 -6.76
N LEU J 47 35.92 19.33 -6.00
CA LEU J 47 35.38 18.83 -4.74
C LEU J 47 33.99 18.24 -4.90
N ILE J 48 33.05 19.01 -5.47
CA ILE J 48 31.65 18.56 -5.58
C ILE J 48 31.19 18.78 -7.01
N TYR J 49 30.40 17.82 -7.51
CA TYR J 49 29.78 17.92 -8.82
C TYR J 49 28.27 17.71 -8.67
N MET J 50 27.51 18.36 -9.55
CA MET J 50 26.04 18.36 -9.50
C MET J 50 25.51 18.82 -8.14
N ALA J 51 26.27 19.68 -7.46
CA ALA J 51 25.83 20.45 -6.30
C ALA J 51 25.62 19.66 -5.01
N SER J 52 25.61 18.31 -5.07
CA SER J 52 25.51 17.52 -3.85
C SER J 52 26.31 16.22 -3.87
N SER J 53 26.98 15.88 -4.97
CA SER J 53 27.72 14.63 -5.08
C SER J 53 29.22 14.90 -4.92
N ARG J 54 29.83 14.27 -3.94
CA ARG J 54 31.27 14.38 -3.76
C ARG J 54 32.00 13.62 -4.85
N HIS J 55 33.10 14.19 -5.33
CA HIS J 55 33.93 13.51 -6.30
C HIS J 55 34.72 12.39 -5.62
N SER J 56 35.15 11.41 -6.41
CA SER J 56 35.85 10.26 -5.87
C SER J 56 37.15 10.70 -5.18
N GLY J 57 37.38 10.17 -3.99
CA GLY J 57 38.56 10.49 -3.22
C GLY J 57 38.49 11.79 -2.44
N VAL J 58 37.38 12.51 -2.54
CA VAL J 58 37.22 13.74 -1.74
C VAL J 58 36.95 13.36 -0.29
N PRO J 59 37.52 14.02 0.71
CA PRO J 59 37.24 13.64 2.10
C PRO J 59 35.77 13.83 2.44
N SER J 60 35.28 12.95 3.31
CA SER J 60 33.87 12.96 3.68
C SER J 60 33.46 14.27 4.35
N ARG J 61 34.41 14.96 5.00
CA ARG J 61 34.08 16.14 5.78
C ARG J 61 33.40 17.21 4.93
N PHE J 62 33.82 17.34 3.67
CA PHE J 62 33.23 18.36 2.75
C PHE J 62 31.76 18.04 2.47
N ARG J 63 30.83 18.93 2.87
CA ARG J 63 29.39 18.72 2.57
C ARG J 63 28.84 19.91 1.77
N GLY J 64 28.20 19.65 0.63
CA GLY J 64 27.65 20.74 -0.20
C GLY J 64 26.23 20.43 -0.65
N SER J 65 25.35 21.44 -0.66
CA SER J 65 23.92 21.18 -1.00
C SER J 65 23.23 22.48 -1.44
N GLY J 66 22.09 22.36 -2.11
CA GLY J 66 21.32 23.51 -2.54
C GLY J 66 20.54 23.18 -3.79
N SER J 67 19.80 24.19 -4.26
CA SER J 67 19.04 24.04 -5.48
C SER J 67 18.70 25.43 -5.99
N GLY J 68 18.12 25.46 -7.20
CA GLY J 68 17.76 26.76 -7.81
C GLY J 68 18.98 27.63 -7.98
N ARG J 69 18.90 28.89 -7.59
CA ARG J 69 20.08 29.80 -7.66
C ARG J 69 20.86 29.78 -6.33
N GLU J 70 20.39 29.06 -5.32
CA GLU J 70 21.05 29.13 -3.98
C GLU J 70 21.75 27.82 -3.60
N PHE J 71 23.03 27.89 -3.23
CA PHE J 71 23.78 26.72 -2.83
C PHE J 71 24.74 27.08 -1.70
N THR J 72 25.06 26.09 -0.87
CA THR J 72 25.97 26.27 0.25
C THR J 72 26.92 25.09 0.34
N LEU J 73 28.21 25.40 0.53
CA LEU J 73 29.25 24.42 0.84
C LEU J 73 29.63 24.56 2.30
N THR J 74 29.49 23.48 3.05
CA THR J 74 29.85 23.42 4.47
C THR J 74 31.03 22.46 4.63
N ILE J 75 32.09 22.97 5.24
CA ILE J 75 33.30 22.20 5.56
C ILE J 75 33.32 22.05 7.07
N ASN J 76 33.06 20.84 7.54
CA ASN J 76 33.10 20.52 8.97
C ASN J 76 34.48 19.98 9.34
N ASN J 77 34.91 20.27 10.57
CA ASN J 77 36.18 19.77 11.09
C ASN J 77 37.34 20.19 10.19
N LEU J 78 37.55 21.51 10.14
CA LEU J 78 38.54 22.09 9.24
C LEU J 78 39.91 21.52 9.56
N GLN J 79 40.58 21.00 8.53
CA GLN J 79 41.90 20.41 8.59
C GLN J 79 42.95 21.38 8.06
N PRO J 80 44.22 21.25 8.46
CA PRO J 80 45.23 22.18 7.93
C PRO J 80 45.43 22.06 6.43
N GLU J 81 45.08 20.93 5.82
CA GLU J 81 45.21 20.77 4.38
C GLU J 81 44.05 21.37 3.60
N ASP J 82 43.01 21.86 4.28
CA ASP J 82 41.82 22.39 3.62
C ASP J 82 41.82 23.91 3.50
N PHE J 83 42.92 24.58 3.81
CA PHE J 83 43.02 26.02 3.65
C PHE J 83 43.36 26.31 2.19
N ALA J 84 42.37 26.76 1.44
CA ALA J 84 42.51 26.91 0.00
C ALA J 84 41.39 27.82 -0.49
N THR J 85 41.50 28.23 -1.76
CA THR J 85 40.50 29.11 -2.37
C THR J 85 39.39 28.26 -2.96
N TYR J 86 38.17 28.46 -2.47
CA TYR J 86 37.01 27.70 -2.92
C TYR J 86 36.18 28.54 -3.87
N SER J 87 35.73 27.91 -4.96
CA SER J 87 34.96 28.61 -5.98
C SER J 87 33.81 27.73 -6.43
N CYS J 88 32.72 28.37 -6.86
CA CYS J 88 31.55 27.69 -7.37
C CYS J 88 31.40 27.98 -8.86
N GLN J 89 30.92 26.99 -9.60
CA GLN J 89 30.74 27.06 -11.04
C GLN J 89 29.37 26.51 -11.37
N GLN J 90 28.72 27.09 -12.37
CA GLN J 90 27.47 26.58 -12.89
C GLN J 90 27.73 25.49 -13.92
N GLY J 91 26.66 24.91 -14.47
CA GLY J 91 26.78 23.92 -15.51
C GLY J 91 25.68 23.95 -16.56
N TYR J 92 24.71 24.86 -16.41
CA TYR J 92 23.55 24.84 -17.30
C TYR J 92 23.87 25.41 -18.68
N THR J 93 24.19 26.70 -18.75
CA THR J 93 24.46 27.38 -20.01
C THR J 93 25.96 27.57 -20.19
N TYR J 94 26.40 27.55 -21.47
CA TYR J 94 27.81 27.78 -21.76
C TYR J 94 28.02 29.23 -22.18
N PRO J 95 28.99 29.98 -21.63
CA PRO J 95 30.12 29.56 -20.81
C PRO J 95 29.71 29.34 -19.36
N TRP J 96 30.23 28.29 -18.76
CA TRP J 96 29.93 27.95 -17.37
C TRP J 96 30.73 28.87 -16.46
N THR J 97 30.09 29.98 -16.08
CA THR J 97 30.77 31.01 -15.32
C THR J 97 31.21 30.49 -13.96
N PHE J 98 32.38 30.94 -13.52
CA PHE J 98 32.94 30.64 -12.20
C PHE J 98 32.54 31.77 -11.25
N GLY J 99 33.26 31.93 -10.14
CA GLY J 99 32.92 32.92 -9.14
C GLY J 99 34.17 33.53 -8.55
N GLN J 100 33.96 34.65 -7.84
CA GLN J 100 35.06 35.48 -7.35
C GLN J 100 36.09 34.68 -6.54
N GLY J 101 35.61 33.78 -5.67
CA GLY J 101 36.50 32.94 -4.88
C GLY J 101 36.62 33.40 -3.44
N THR J 102 36.55 32.46 -2.50
CA THR J 102 36.69 32.74 -1.07
C THR J 102 37.97 32.08 -0.58
N LYS J 103 38.84 32.87 0.03
CA LYS J 103 40.11 32.39 0.55
C LYS J 103 39.93 32.10 2.03
N VAL J 104 40.29 30.89 2.44
CA VAL J 104 40.17 30.46 3.83
C VAL J 104 41.53 30.63 4.48
N GLU J 105 41.59 31.47 5.51
CA GLU J 105 42.83 31.84 6.17
C GLU J 105 42.90 31.20 7.55
N MET J 106 44.13 31.10 8.06
CA MET J 106 44.37 30.55 9.39
C MET J 106 43.88 31.51 10.46
N GLU K 2 -11.70 -29.39 42.18
CA GLU K 2 -11.16 -30.13 41.04
C GLU K 2 -11.82 -29.74 39.71
N LYS K 3 -12.70 -28.74 39.74
CA LYS K 3 -13.37 -28.26 38.54
C LYS K 3 -12.50 -27.18 37.90
N LEU K 4 -12.12 -27.39 36.64
CA LEU K 4 -11.15 -26.56 35.95
C LEU K 4 -11.80 -25.79 34.81
N TRP K 5 -11.30 -24.57 34.59
CA TRP K 5 -11.84 -23.66 33.60
C TRP K 5 -10.71 -23.14 32.73
N VAL K 6 -11.05 -22.78 31.50
CA VAL K 6 -10.05 -22.31 30.53
C VAL K 6 -9.67 -20.88 30.85
N THR K 7 -8.37 -20.59 30.83
CA THR K 7 -7.85 -19.25 30.97
C THR K 7 -6.96 -18.98 29.77
N VAL K 8 -6.95 -17.72 29.34
CA VAL K 8 -6.24 -17.26 28.16
C VAL K 8 -5.05 -16.44 28.63
N TYR K 9 -3.88 -16.72 28.06
CA TYR K 9 -2.65 -16.01 28.36
C TYR K 9 -2.13 -15.38 27.08
N TYR K 10 -1.85 -14.07 27.14
CA TYR K 10 -1.33 -13.30 26.02
C TYR K 10 0.10 -12.88 26.32
N GLY K 11 1.00 -13.14 25.38
CA GLY K 11 2.41 -12.99 25.59
C GLY K 11 3.13 -14.30 25.83
N VAL K 12 2.54 -15.41 25.41
CA VAL K 12 3.12 -16.73 25.70
C VAL K 12 4.46 -16.85 24.99
N PRO K 13 5.54 -17.30 25.67
CA PRO K 13 6.82 -17.47 24.95
C PRO K 13 6.85 -18.76 24.15
N VAL K 14 6.09 -18.76 23.06
CA VAL K 14 6.01 -19.88 22.13
C VAL K 14 6.22 -19.35 20.72
N TRP K 15 6.73 -20.22 19.84
CA TRP K 15 6.97 -19.83 18.46
C TRP K 15 6.82 -21.05 17.57
N LYS K 16 6.69 -20.80 16.27
CA LYS K 16 6.70 -21.85 15.27
C LYS K 16 7.60 -21.47 14.12
N ASP K 17 8.06 -22.49 13.39
CA ASP K 17 8.85 -22.25 12.18
C ASP K 17 8.03 -21.47 11.17
N ALA K 18 8.63 -20.43 10.61
CA ALA K 18 7.90 -19.53 9.72
C ALA K 18 8.86 -18.95 8.69
N GLU K 19 8.27 -18.49 7.58
CA GLU K 19 8.98 -17.78 6.52
C GLU K 19 8.33 -16.41 6.36
N THR K 20 9.14 -15.36 6.45
CA THR K 20 8.65 -13.99 6.38
C THR K 20 9.64 -13.14 5.58
N THR K 21 9.29 -11.86 5.43
CA THR K 21 10.14 -10.91 4.75
C THR K 21 10.99 -10.18 5.79
N LEU K 22 12.30 -10.35 5.69
CA LEU K 22 13.24 -9.64 6.54
C LEU K 22 13.64 -8.34 5.87
N PHE K 23 14.06 -7.37 6.68
CA PHE K 23 14.52 -6.08 6.19
C PHE K 23 15.99 -5.91 6.54
N CYS K 24 16.64 -4.98 5.85
CA CYS K 24 18.07 -4.78 5.98
C CYS K 24 18.40 -3.70 7.01
N ALA K 25 19.56 -3.86 7.63
CA ALA K 25 20.14 -2.86 8.51
C ALA K 25 21.65 -2.86 8.31
N SER K 26 22.26 -1.70 8.52
CA SER K 26 23.69 -1.54 8.28
C SER K 26 24.25 -0.54 9.27
N ASP K 27 25.58 -0.50 9.34
CA ASP K 27 26.24 0.43 10.24
C ASP K 27 26.00 1.87 9.79
N ALA K 28 26.04 2.79 10.74
CA ALA K 28 25.84 4.20 10.45
C ALA K 28 27.09 4.90 9.97
N LYS K 29 28.27 4.34 10.26
CA LYS K 29 29.56 4.98 9.96
C LYS K 29 30.38 4.23 8.93
N ALA K 30 30.41 2.89 9.00
CA ALA K 30 31.22 2.10 8.09
C ALA K 30 30.73 2.25 6.65
N THR K 33 27.98 2.73 3.83
CA THR K 33 27.41 4.03 4.17
C THR K 33 27.71 5.08 3.11
N GLU K 34 28.81 4.90 2.39
CA GLU K 34 29.17 5.83 1.34
C GLU K 34 28.25 5.64 0.12
N LYS K 35 28.16 6.69 -0.68
CA LYS K 35 27.24 6.70 -1.80
C LYS K 35 27.73 5.79 -2.93
N HIS K 36 26.78 5.36 -3.75
CA HIS K 36 27.07 4.63 -5.00
C HIS K 36 27.68 3.26 -4.71
N ASN K 37 27.14 2.56 -3.72
CA ASN K 37 27.46 1.16 -3.50
C ASN K 37 26.44 0.28 -4.23
N VAL K 38 26.92 -0.83 -4.80
CA VAL K 38 26.04 -1.70 -5.57
C VAL K 38 24.96 -2.32 -4.68
N TRP K 39 25.26 -2.52 -3.39
CA TRP K 39 24.30 -3.14 -2.48
C TRP K 39 23.31 -2.16 -1.88
N ALA K 40 23.47 -0.86 -2.13
CA ALA K 40 22.52 0.16 -1.70
C ALA K 40 22.30 0.13 -0.19
N THR K 41 23.40 -0.03 0.56
CA THR K 41 23.28 -0.09 2.02
C THR K 41 22.87 1.24 2.62
N HIS K 42 22.98 2.34 1.89
CA HIS K 42 22.52 3.63 2.40
C HIS K 42 21.01 3.64 2.62
N ALA K 43 20.27 2.85 1.87
CA ALA K 43 18.81 2.79 2.01
C ALA K 43 18.36 1.96 3.20
N CYS K 44 19.27 1.29 3.89
CA CYS K 44 18.90 0.42 5.00
C CYS K 44 18.71 1.22 6.28
N VAL K 45 18.01 0.61 7.23
CA VAL K 45 17.79 1.27 8.52
C VAL K 45 19.09 1.30 9.30
N PRO K 46 19.42 2.37 10.03
CA PRO K 46 20.62 2.32 10.88
C PRO K 46 20.50 1.23 11.93
N THR K 47 21.58 0.47 12.10
CA THR K 47 21.59 -0.61 13.07
C THR K 47 21.51 -0.07 14.49
N ASP K 48 20.99 -0.90 15.39
CA ASP K 48 20.96 -0.56 16.81
C ASP K 48 22.40 -0.33 17.28
N PRO K 49 22.70 0.77 17.99
CA PRO K 49 24.10 0.95 18.46
C PRO K 49 24.59 -0.20 19.33
N ASN K 50 23.84 -0.57 20.35
CA ASN K 50 24.14 -1.74 21.17
C ASN K 50 23.14 -2.84 20.80
N PRO K 51 23.57 -4.00 20.26
CA PRO K 51 22.58 -5.00 19.85
C PRO K 51 21.91 -5.61 21.07
N GLN K 52 20.68 -6.10 20.85
CA GLN K 52 19.90 -6.75 21.90
C GLN K 52 19.93 -8.24 21.61
N GLU K 53 20.70 -8.96 22.43
CA GLU K 53 20.82 -10.41 22.36
C GLU K 53 20.42 -10.98 23.71
N VAL K 54 19.57 -12.01 23.71
CA VAL K 54 19.11 -12.63 24.96
C VAL K 54 19.27 -14.14 24.88
N VAL K 55 20.20 -14.69 25.66
CA VAL K 55 20.41 -16.13 25.73
C VAL K 55 19.18 -16.79 26.31
N LEU K 56 18.55 -17.68 25.53
CA LEU K 56 17.37 -18.42 25.99
C LEU K 56 17.85 -19.65 26.75
N GLU K 57 17.64 -19.66 28.06
CA GLU K 57 18.04 -20.79 28.88
C GLU K 57 17.00 -21.91 28.77
N ASN K 58 17.48 -23.15 28.94
CA ASN K 58 16.69 -24.37 29.04
C ASN K 58 16.00 -24.77 27.73
N VAL K 59 16.22 -24.06 26.62
CA VAL K 59 15.61 -24.38 25.34
C VAL K 59 16.65 -25.02 24.44
N THR K 60 16.26 -26.10 23.76
CA THR K 60 17.06 -26.74 22.73
C THR K 60 16.22 -26.78 21.47
N GLU K 61 16.74 -26.21 20.39
CA GLU K 61 16.00 -26.00 19.16
C GLU K 61 16.70 -26.69 18.00
N HIS K 62 15.90 -27.25 17.10
CA HIS K 62 16.38 -27.94 15.91
C HIS K 62 16.58 -26.94 14.77
N PHE K 63 17.82 -26.81 14.31
CA PHE K 63 18.16 -25.97 13.18
C PHE K 63 18.41 -26.85 11.96
N ASN K 64 18.12 -26.30 10.77
CA ASN K 64 18.34 -27.01 9.51
C ASN K 64 18.60 -25.94 8.46
N MET K 65 19.87 -25.77 8.09
CA MET K 65 20.20 -24.69 7.17
C MET K 65 19.70 -24.96 5.76
N TRP K 66 19.65 -26.23 5.35
CA TRP K 66 19.28 -26.56 3.97
C TRP K 66 17.82 -26.31 3.68
N LYS K 67 16.99 -26.07 4.70
CA LYS K 67 15.61 -25.62 4.54
C LYS K 67 15.43 -24.19 5.03
N ASN K 68 16.52 -23.44 5.14
CA ASN K 68 16.48 -22.08 5.66
C ASN K 68 16.01 -21.13 4.55
N ASN K 69 14.82 -20.56 4.73
CA ASN K 69 14.29 -19.64 3.73
C ASN K 69 15.09 -18.35 3.64
N MET K 70 15.88 -18.02 4.68
CA MET K 70 16.69 -16.80 4.60
C MET K 70 17.70 -16.88 3.47
N VAL K 71 18.18 -18.08 3.14
CA VAL K 71 19.15 -18.20 2.04
C VAL K 71 18.50 -17.82 0.72
N GLU K 72 17.31 -18.35 0.45
CA GLU K 72 16.61 -17.98 -0.77
C GLU K 72 16.22 -16.51 -0.76
N GLN K 73 15.85 -15.98 0.41
CA GLN K 73 15.50 -14.58 0.52
C GLN K 73 16.72 -13.70 0.19
N MET K 74 17.89 -14.11 0.68
CA MET K 74 19.11 -13.37 0.36
C MET K 74 19.46 -13.48 -1.11
N GLN K 75 19.21 -14.65 -1.72
CA GLN K 75 19.41 -14.79 -3.16
C GLN K 75 18.53 -13.80 -3.93
N THR K 76 17.25 -13.73 -3.57
CA THR K 76 16.36 -12.78 -4.22
C THR K 76 16.85 -11.35 -3.98
N ASP K 77 17.30 -11.06 -2.76
CA ASP K 77 17.78 -9.73 -2.44
C ASP K 77 18.97 -9.34 -3.29
N ILE K 78 19.93 -10.26 -3.44
CA ILE K 78 21.15 -9.95 -4.17
C ILE K 78 20.85 -9.79 -5.65
N ILE K 79 20.01 -10.68 -6.21
CA ILE K 79 19.63 -10.55 -7.62
C ILE K 79 18.93 -9.22 -7.86
N SER K 80 18.01 -8.84 -6.97
CA SER K 80 17.28 -7.60 -7.18
C SER K 80 18.19 -6.39 -7.04
N LEU K 81 19.14 -6.44 -6.09
CA LEU K 81 20.10 -5.35 -5.95
C LEU K 81 20.97 -5.23 -7.19
N TRP K 82 21.43 -6.35 -7.72
CA TRP K 82 22.25 -6.35 -8.93
C TRP K 82 21.50 -5.71 -10.09
N ASP K 83 20.25 -6.15 -10.30
CA ASP K 83 19.47 -5.61 -11.41
C ASP K 83 19.16 -4.14 -11.21
N GLN K 84 18.83 -3.74 -9.97
CA GLN K 84 18.55 -2.33 -9.69
C GLN K 84 19.78 -1.47 -9.94
N SER K 85 20.95 -1.92 -9.49
CA SER K 85 22.16 -1.13 -9.67
C SER K 85 22.52 -1.01 -11.15
N LEU K 86 22.33 -2.08 -11.92
CA LEU K 86 22.69 -2.05 -13.34
C LEU K 86 21.64 -1.40 -14.22
N LYS K 87 20.40 -1.23 -13.73
CA LYS K 87 19.34 -0.71 -14.59
C LYS K 87 19.63 0.69 -15.12
N PRO K 88 19.98 1.69 -14.29
CA PRO K 88 20.28 3.03 -14.84
C PRO K 88 21.73 3.15 -15.30
N CYS K 89 22.10 2.36 -16.30
CA CYS K 89 23.45 2.37 -16.86
C CYS K 89 23.36 2.13 -18.36
N VAL K 90 24.51 2.16 -19.02
CA VAL K 90 24.58 2.13 -20.47
C VAL K 90 24.34 0.70 -20.96
N LYS K 91 23.47 0.55 -21.94
CA LYS K 91 23.32 -0.71 -22.67
C LYS K 91 24.30 -0.71 -23.84
N LEU K 92 25.00 -1.83 -24.02
CA LEU K 92 25.96 -1.97 -25.11
C LEU K 92 25.37 -2.65 -26.33
N THR K 93 24.05 -2.58 -26.51
CA THR K 93 23.46 -3.12 -27.73
C THR K 93 24.00 -2.47 -29.00
N PRO K 94 24.17 -1.14 -29.09
CA PRO K 94 24.71 -0.58 -30.33
C PRO K 94 26.13 -1.01 -30.65
N LEU K 95 26.86 -1.57 -29.69
CA LEU K 95 28.24 -1.99 -29.92
C LEU K 95 28.36 -3.35 -30.60
N CYS K 96 27.37 -4.22 -30.48
CA CYS K 96 27.54 -5.59 -30.93
C CYS K 96 27.54 -5.67 -32.46
N VAL K 97 28.73 -5.62 -33.04
CA VAL K 97 28.95 -5.49 -34.48
C VAL K 97 30.00 -6.53 -34.87
N THR K 98 30.09 -6.82 -36.17
CA THR K 98 31.20 -7.61 -36.68
C THR K 98 32.52 -6.98 -36.24
N LEU K 99 33.25 -7.68 -35.38
CA LEU K 99 34.49 -7.19 -34.77
C LEU K 99 35.68 -7.80 -35.49
N ASN K 100 36.36 -7.00 -36.32
CA ASN K 100 37.56 -7.43 -37.03
C ASN K 100 38.78 -7.15 -36.17
N CYS K 101 39.33 -8.19 -35.54
CA CYS K 101 40.25 -8.05 -34.42
C CYS K 101 41.54 -8.80 -34.70
N LYS K 102 42.66 -8.10 -34.55
CA LYS K 102 43.99 -8.69 -34.60
C LYS K 102 44.44 -9.01 -33.17
N ASP K 103 45.72 -9.35 -33.01
CA ASP K 103 46.30 -9.74 -31.75
C ASP K 103 47.32 -8.69 -31.32
N VAL K 104 47.63 -8.68 -30.03
CA VAL K 104 48.55 -7.70 -29.43
C VAL K 104 49.88 -8.39 -29.19
N ASN K 105 50.95 -7.83 -29.76
CA ASN K 105 52.29 -8.38 -29.62
C ASN K 105 52.99 -7.70 -28.44
N ALA K 106 53.54 -8.51 -27.54
CA ALA K 106 54.14 -8.01 -26.32
C ALA K 106 55.65 -7.82 -26.49
N THR K 116 56.32 -14.41 -16.48
CA THR K 116 55.04 -15.06 -16.77
C THR K 116 54.29 -14.24 -17.81
N MET K 117 54.79 -14.27 -19.05
CA MET K 117 54.21 -13.48 -20.13
C MET K 117 52.95 -14.15 -20.67
N GLU K 118 52.06 -13.33 -21.22
CA GLU K 118 50.83 -13.79 -21.83
C GLU K 118 51.06 -14.06 -23.31
N ARG K 119 50.18 -14.89 -23.89
CA ARG K 119 50.21 -15.16 -25.32
C ARG K 119 48.80 -15.42 -25.81
N GLY K 120 48.30 -14.55 -26.69
CA GLY K 120 47.01 -14.73 -27.31
C GLY K 120 45.83 -14.23 -26.50
N GLU K 121 46.06 -13.66 -25.32
CA GLU K 121 44.95 -13.36 -24.42
C GLU K 121 44.29 -12.03 -24.74
N ILE K 122 45.10 -11.01 -25.07
CA ILE K 122 44.60 -9.66 -25.34
C ILE K 122 44.60 -9.46 -26.84
N LYS K 123 43.50 -8.90 -27.37
CA LYS K 123 43.27 -8.76 -28.79
C LYS K 123 42.89 -7.32 -29.12
N ASN K 124 43.58 -6.75 -30.10
CA ASN K 124 43.33 -5.41 -30.61
C ASN K 124 42.14 -5.50 -31.55
N CYS K 125 40.97 -5.06 -31.09
CA CYS K 125 39.69 -5.38 -31.69
C CYS K 125 39.05 -4.08 -32.16
N SER K 126 38.75 -4.00 -33.46
CA SER K 126 38.24 -2.79 -34.09
C SER K 126 36.83 -3.02 -34.61
N PHE K 127 36.10 -1.92 -34.78
CA PHE K 127 34.74 -2.00 -35.29
C PHE K 127 34.27 -0.62 -35.74
N ASN K 128 33.17 -0.62 -36.49
CA ASN K 128 32.58 0.57 -37.08
C ASN K 128 31.35 0.98 -36.27
N ILE K 129 31.40 2.20 -35.73
CA ILE K 129 30.38 2.73 -34.83
C ILE K 129 29.81 4.00 -35.44
N THR K 130 28.62 4.37 -35.00
CA THR K 130 28.00 5.62 -35.41
C THR K 130 28.38 6.72 -34.43
N THR K 131 28.64 7.91 -34.97
CA THR K 131 29.02 9.06 -34.15
C THR K 131 27.73 9.76 -33.72
N GLU K 132 27.80 11.00 -33.24
CA GLU K 132 26.61 11.67 -32.75
C GLU K 132 25.73 12.24 -33.86
N LEU K 133 26.18 12.14 -35.11
CA LEU K 133 25.44 12.62 -36.27
C LEU K 133 24.67 11.50 -36.97
N ARG K 134 24.69 10.28 -36.42
CA ARG K 134 23.93 9.15 -36.95
C ARG K 134 24.44 8.68 -38.31
N ASP K 135 24.33 9.53 -39.35
CA ASP K 135 24.71 9.09 -40.69
C ASP K 135 26.22 8.80 -40.77
N LYS K 136 27.05 9.67 -40.21
CA LYS K 136 28.49 9.47 -40.30
C LYS K 136 28.90 8.27 -39.46
N VAL K 137 29.87 7.51 -39.96
CA VAL K 137 30.43 6.34 -39.29
C VAL K 137 31.89 6.61 -38.98
N GLN K 138 32.35 6.02 -37.88
CA GLN K 138 33.72 6.17 -37.41
C GLN K 138 34.26 4.79 -37.06
N LYS K 139 35.54 4.58 -37.37
CA LYS K 139 36.22 3.33 -37.01
C LYS K 139 36.92 3.52 -35.68
N VAL K 140 36.69 2.60 -34.75
CA VAL K 140 37.22 2.69 -33.40
C VAL K 140 37.86 1.35 -33.03
N TYR K 141 38.71 1.39 -32.00
CA TYR K 141 39.44 0.21 -31.55
C TYR K 141 39.46 0.17 -30.03
N ALA K 142 39.56 -1.04 -29.49
CA ALA K 142 39.71 -1.27 -28.07
C ALA K 142 40.37 -2.63 -27.90
N LEU K 143 40.93 -2.86 -26.72
CA LEU K 143 41.55 -4.14 -26.40
C LEU K 143 40.57 -4.99 -25.61
N PHE K 144 40.42 -6.25 -26.01
CA PHE K 144 39.54 -7.19 -25.33
C PHE K 144 40.30 -8.46 -24.98
N TYR K 145 39.90 -9.09 -23.87
CA TYR K 145 40.47 -10.37 -23.54
C TYR K 145 39.89 -11.45 -24.45
N LYS K 146 40.60 -12.57 -24.55
CA LYS K 146 40.13 -13.68 -25.39
C LYS K 146 38.78 -14.20 -24.93
N LEU K 147 38.50 -14.16 -23.63
CA LEU K 147 37.31 -14.83 -23.10
C LEU K 147 36.02 -14.10 -23.47
N ASP K 148 36.06 -12.77 -23.61
CA ASP K 148 34.86 -12.00 -23.93
C ASP K 148 34.51 -12.02 -25.42
N VAL K 149 35.34 -12.63 -26.27
CA VAL K 149 35.13 -12.61 -27.71
C VAL K 149 34.94 -14.04 -28.19
N VAL K 150 34.11 -14.19 -29.22
CA VAL K 150 33.79 -15.49 -29.81
C VAL K 150 34.16 -15.41 -31.30
N PRO K 151 34.82 -16.42 -31.87
CA PRO K 151 35.03 -16.39 -33.33
C PRO K 151 33.74 -16.59 -34.09
N ILE K 152 33.72 -16.07 -35.31
CA ILE K 152 32.65 -16.31 -36.27
C ILE K 152 33.28 -16.51 -37.64
N ASP K 153 32.49 -17.06 -38.57
CA ASP K 153 32.93 -17.29 -39.94
C ASP K 153 34.18 -18.16 -40.00
N ASN K 154 34.15 -19.26 -39.25
CA ASN K 154 35.22 -20.26 -39.20
C ASN K 154 36.50 -19.57 -38.71
N ASN K 155 37.58 -19.49 -39.50
CA ASN K 155 38.91 -19.20 -39.00
C ASN K 155 39.42 -17.82 -39.42
N ASN K 156 38.53 -16.94 -39.88
CA ASN K 156 38.96 -15.59 -40.22
C ASN K 156 39.07 -14.76 -38.95
N THR K 157 39.40 -13.48 -39.11
CA THR K 157 39.64 -12.58 -37.99
C THR K 157 38.37 -11.90 -37.47
N SER K 158 37.21 -12.19 -38.04
CA SER K 158 35.96 -11.61 -37.55
C SER K 158 35.54 -12.29 -36.26
N TYR K 159 35.21 -11.48 -35.25
CA TYR K 159 34.77 -11.94 -33.94
C TYR K 159 33.48 -11.23 -33.57
N ARG K 160 32.85 -11.70 -32.49
CA ARG K 160 31.74 -10.99 -31.87
C ARG K 160 31.94 -11.03 -30.37
N LEU K 161 31.05 -10.38 -29.63
CA LEU K 161 31.09 -10.36 -28.18
C LEU K 161 30.26 -11.54 -27.65
N ILE K 162 30.85 -12.30 -26.72
CA ILE K 162 30.19 -13.49 -26.20
C ILE K 162 28.87 -13.11 -25.55
N SER K 163 27.84 -13.90 -25.82
CA SER K 163 26.51 -13.84 -25.24
C SER K 163 25.66 -12.70 -25.80
N CYS K 164 26.21 -11.80 -26.64
CA CYS K 164 25.37 -10.74 -27.18
C CYS K 164 24.40 -11.24 -28.24
N ASP K 165 24.57 -12.47 -28.72
CA ASP K 165 23.59 -13.05 -29.62
C ASP K 165 22.24 -13.25 -28.96
N THR K 166 22.19 -13.31 -27.62
CA THR K 166 20.96 -13.66 -26.90
C THR K 166 20.70 -12.83 -25.66
N SER K 167 21.57 -11.90 -25.29
CA SER K 167 21.45 -11.15 -24.04
C SER K 167 21.68 -9.67 -24.28
N VAL K 168 21.01 -8.85 -23.47
CA VAL K 168 21.08 -7.39 -23.59
C VAL K 168 22.23 -6.95 -22.68
N ILE K 169 23.43 -6.96 -23.23
CA ILE K 169 24.67 -6.64 -22.52
C ILE K 169 24.53 -5.27 -21.87
N THR K 170 24.62 -5.23 -20.54
CA THR K 170 24.58 -3.99 -19.77
C THR K 170 25.97 -3.67 -19.25
N GLN K 171 26.32 -2.39 -19.27
CA GLN K 171 27.57 -1.91 -18.70
C GLN K 171 27.35 -1.52 -17.24
N ALA K 172 28.23 -1.98 -16.37
CA ALA K 172 28.22 -1.50 -15.00
C ALA K 172 28.71 -0.06 -14.96
N CYS K 173 27.96 0.81 -14.31
CA CYS K 173 28.37 2.20 -14.19
C CYS K 173 29.68 2.27 -13.40
N PRO K 174 30.72 2.97 -13.91
CA PRO K 174 31.97 3.04 -13.13
C PRO K 174 31.81 3.64 -11.75
N LYS K 175 30.84 4.52 -11.53
CA LYS K 175 30.71 5.13 -10.21
C LYS K 175 30.09 4.18 -9.19
N ILE K 176 29.50 3.07 -9.62
CA ILE K 176 28.97 2.08 -8.69
C ILE K 176 30.13 1.23 -8.19
N SER K 177 30.27 1.14 -6.87
CA SER K 177 31.28 0.31 -6.24
C SER K 177 30.73 -1.07 -5.94
N PHE K 178 31.54 -2.09 -6.20
CA PHE K 178 31.21 -3.47 -5.89
C PHE K 178 31.83 -3.94 -4.58
N GLU K 179 32.35 -3.02 -3.77
CA GLU K 179 32.98 -3.41 -2.51
C GLU K 179 31.94 -4.04 -1.59
N PRO K 180 32.17 -5.25 -1.05
CA PRO K 180 31.22 -5.78 -0.07
C PRO K 180 31.18 -4.91 1.17
N ILE K 181 29.99 -4.73 1.71
CA ILE K 181 29.77 -4.05 2.98
C ILE K 181 28.92 -5.02 3.81
N PRO K 182 29.16 -5.17 5.12
CA PRO K 182 28.33 -6.12 5.89
C PRO K 182 26.87 -5.70 5.87
N ILE K 183 26.00 -6.69 5.68
CA ILE K 183 24.55 -6.49 5.70
C ILE K 183 23.96 -7.29 6.86
N HIS K 184 23.20 -6.62 7.71
CA HIS K 184 22.47 -7.25 8.80
C HIS K 184 21.03 -7.49 8.36
N TYR K 185 20.54 -8.70 8.57
CA TYR K 185 19.15 -9.04 8.33
C TYR K 185 18.38 -8.97 9.65
N CYS K 186 17.27 -8.24 9.66
CA CYS K 186 16.45 -8.04 10.84
C CYS K 186 15.03 -8.47 10.54
N ALA K 187 14.43 -9.19 11.48
CA ALA K 187 13.06 -9.67 11.31
C ALA K 187 12.07 -8.58 11.71
N PRO K 188 10.84 -8.63 11.18
CA PRO K 188 9.83 -7.67 11.63
C PRO K 188 9.45 -7.92 13.08
N ALA K 189 8.88 -6.88 13.71
CA ALA K 189 8.38 -7.02 15.07
C ALA K 189 7.27 -8.06 15.10
N GLY K 190 7.32 -8.94 16.10
CA GLY K 190 6.49 -10.12 16.16
C GLY K 190 7.18 -11.39 15.69
N PHE K 191 8.34 -11.27 15.05
CA PHE K 191 9.19 -12.39 14.65
C PHE K 191 10.51 -12.29 15.39
N ALA K 192 11.31 -13.34 15.31
CA ALA K 192 12.61 -13.34 15.97
C ALA K 192 13.57 -14.22 15.20
N ILE K 193 14.86 -14.06 15.47
CA ILE K 193 15.89 -14.87 14.85
C ILE K 193 16.62 -15.61 15.97
N LEU K 194 16.58 -16.94 15.90
CA LEU K 194 17.28 -17.78 16.87
C LEU K 194 18.66 -18.11 16.34
N LYS K 195 19.68 -17.83 17.16
CA LYS K 195 21.08 -18.07 16.84
C LYS K 195 21.56 -19.29 17.59
N CYS K 196 22.17 -20.23 16.88
CA CYS K 196 22.77 -21.42 17.44
C CYS K 196 24.21 -21.10 17.84
N ASN K 197 24.53 -21.27 19.12
CA ASN K 197 25.84 -20.91 19.67
C ASN K 197 26.76 -22.11 19.92
N ASP K 198 26.35 -23.32 19.54
CA ASP K 198 27.23 -24.47 19.75
C ASP K 198 28.48 -24.33 18.89
N LYS K 199 29.64 -24.60 19.48
CA LYS K 199 30.90 -24.30 18.81
C LYS K 199 31.10 -25.22 17.61
N THR K 200 30.72 -26.48 17.73
CA THR K 200 30.95 -27.50 16.70
C THR K 200 29.63 -27.91 16.05
N PHE K 201 28.72 -26.95 15.88
CA PHE K 201 27.45 -27.23 15.24
C PHE K 201 27.67 -27.67 13.79
N ASN K 202 26.97 -28.74 13.40
CA ASN K 202 27.19 -29.40 12.12
C ASN K 202 26.21 -28.98 11.04
N GLY K 203 25.39 -27.95 11.27
CA GLY K 203 24.51 -27.40 10.26
C GLY K 203 23.12 -27.98 10.26
N LYS K 204 22.91 -29.15 10.86
CA LYS K 204 21.61 -29.78 10.92
C LYS K 204 21.52 -30.53 12.24
N GLY K 205 20.58 -30.15 13.08
CA GLY K 205 20.36 -30.82 14.35
C GLY K 205 20.05 -29.84 15.46
N PRO K 206 20.05 -30.33 16.69
CA PRO K 206 19.71 -29.48 17.84
C PRO K 206 20.90 -28.73 18.41
N CYS K 207 20.60 -27.52 18.92
CA CYS K 207 21.59 -26.62 19.50
C CYS K 207 21.38 -26.47 21.00
N LYS K 208 22.43 -26.72 21.78
CA LYS K 208 22.33 -26.62 23.24
C LYS K 208 22.11 -25.18 23.67
N ASN K 209 22.89 -24.26 23.13
CA ASN K 209 22.93 -22.87 23.54
C ASN K 209 22.31 -22.04 22.44
N VAL K 210 21.13 -21.50 22.70
CA VAL K 210 20.33 -20.80 21.70
C VAL K 210 20.06 -19.40 22.23
N SER K 211 20.12 -18.42 21.33
CA SER K 211 19.90 -17.02 21.69
C SER K 211 18.88 -16.40 20.77
N THR K 212 18.21 -15.36 21.25
CA THR K 212 17.23 -14.61 20.47
C THR K 212 17.84 -13.26 20.11
N VAL K 213 17.89 -12.99 18.81
CA VAL K 213 18.42 -11.75 18.25
C VAL K 213 17.38 -11.16 17.30
N GLN K 214 17.23 -9.83 17.37
CA GLN K 214 16.45 -9.13 16.35
C GLN K 214 17.16 -9.12 15.01
N CYS K 215 18.49 -8.94 15.01
CA CYS K 215 19.28 -8.73 13.79
C CYS K 215 20.49 -9.66 13.75
N THR K 216 20.68 -10.31 12.61
CA THR K 216 21.83 -11.17 12.40
C THR K 216 23.13 -10.37 12.50
N HIS K 217 24.22 -11.09 12.77
CA HIS K 217 25.54 -10.47 12.67
C HIS K 217 25.79 -10.07 11.23
N GLY K 218 26.52 -8.97 11.05
CA GLY K 218 26.81 -8.43 9.72
C GLY K 218 27.36 -9.46 8.75
N ILE K 219 26.58 -9.75 7.71
CA ILE K 219 26.94 -10.73 6.69
C ILE K 219 27.62 -9.99 5.56
N ARG K 220 28.85 -10.38 5.24
CA ARG K 220 29.58 -9.75 4.15
C ARG K 220 29.19 -10.44 2.86
N PRO K 221 28.44 -9.79 1.94
CA PRO K 221 27.93 -10.54 0.77
C PRO K 221 28.98 -10.68 -0.33
N VAL K 222 29.99 -11.48 -0.06
CA VAL K 222 31.05 -11.73 -1.03
C VAL K 222 30.58 -12.80 -2.01
N VAL K 223 30.78 -12.56 -3.29
CA VAL K 223 30.38 -13.47 -4.36
C VAL K 223 31.63 -14.14 -4.92
N SER K 224 31.62 -15.47 -4.97
CA SER K 224 32.76 -16.25 -5.43
C SER K 224 32.27 -17.68 -5.65
N THR K 225 33.19 -18.55 -6.02
CA THR K 225 32.92 -19.97 -6.16
C THR K 225 34.09 -20.76 -5.61
N GLN K 226 33.84 -22.06 -5.38
CA GLN K 226 34.84 -22.99 -4.87
C GLN K 226 35.34 -22.62 -3.48
N LEU K 227 36.02 -21.48 -3.35
CA LEU K 227 36.57 -21.02 -2.08
C LEU K 227 35.83 -19.78 -1.62
N LEU K 228 35.61 -19.70 -0.31
CA LEU K 228 34.92 -18.59 0.32
C LEU K 228 35.95 -17.58 0.82
N LEU K 229 35.77 -16.32 0.44
CA LEU K 229 36.69 -15.26 0.80
C LEU K 229 36.06 -14.34 1.82
N ASN K 230 36.89 -13.80 2.72
CA ASN K 230 36.44 -12.94 3.81
C ASN K 230 35.47 -13.72 4.71
N GLY K 231 34.80 -13.02 5.61
CA GLY K 231 33.75 -13.63 6.42
C GLY K 231 34.25 -14.14 7.75
N SER K 232 33.43 -14.99 8.36
CA SER K 232 33.65 -15.51 9.70
C SER K 232 34.27 -16.90 9.65
N LEU K 233 34.89 -17.29 10.77
CA LEU K 233 35.63 -18.54 10.90
C LEU K 233 34.95 -19.43 11.93
N ALA K 234 35.26 -20.72 11.85
CA ALA K 234 34.88 -21.64 12.92
C ALA K 234 35.64 -21.29 14.20
N GLU K 235 34.97 -21.44 15.33
CA GLU K 235 35.52 -20.93 16.58
C GLU K 235 36.56 -21.86 17.20
N GLU K 236 36.40 -23.18 17.03
CA GLU K 236 37.25 -24.17 17.69
C GLU K 236 38.04 -25.03 16.72
N GLU K 237 37.42 -25.53 15.66
CA GLU K 237 38.09 -26.47 14.77
C GLU K 237 37.43 -26.41 13.40
N VAL K 238 38.09 -27.03 12.43
CA VAL K 238 37.54 -27.12 11.08
C VAL K 238 36.29 -27.97 11.12
N VAL K 239 35.18 -27.44 10.59
CA VAL K 239 33.89 -28.13 10.58
C VAL K 239 33.43 -28.31 9.14
N ILE K 240 33.12 -29.54 8.77
CA ILE K 240 32.53 -29.88 7.49
C ILE K 240 31.03 -30.10 7.70
N ARG K 241 30.21 -29.51 6.83
CA ARG K 241 28.77 -29.62 6.89
C ARG K 241 28.24 -30.00 5.52
N SER K 242 27.38 -31.01 5.47
CA SER K 242 26.67 -31.36 4.25
C SER K 242 25.31 -31.91 4.63
N ASP K 243 24.41 -31.94 3.64
CA ASP K 243 23.08 -32.46 3.90
C ASP K 243 23.11 -33.95 4.24
N ASN K 244 23.88 -34.74 3.48
CA ASN K 244 23.81 -36.19 3.52
C ASN K 244 25.12 -36.88 3.86
N PHE K 245 26.22 -36.50 3.21
CA PHE K 245 27.53 -37.18 3.21
C PHE K 245 27.57 -38.51 2.47
N THR K 246 26.44 -39.01 1.97
CA THR K 246 26.43 -40.16 1.06
C THR K 246 25.84 -39.84 -0.30
N ASN K 247 24.89 -38.91 -0.37
CA ASN K 247 24.37 -38.45 -1.65
C ASN K 247 25.41 -37.56 -2.32
N ASN K 248 25.88 -37.97 -3.51
CA ASN K 248 26.98 -37.28 -4.17
C ASN K 248 26.57 -35.97 -4.80
N ALA K 249 25.27 -35.65 -4.85
CA ALA K 249 24.80 -34.40 -5.44
C ALA K 249 24.77 -33.23 -4.45
N LYS K 250 25.09 -33.47 -3.17
CA LYS K 250 25.01 -32.44 -2.16
C LYS K 250 26.34 -31.70 -2.02
N THR K 251 26.26 -30.39 -1.85
CA THR K 251 27.44 -29.57 -1.67
C THR K 251 27.96 -29.72 -0.25
N ILE K 252 29.29 -29.82 -0.12
CA ILE K 252 29.97 -29.97 1.15
C ILE K 252 30.65 -28.65 1.45
N ILE K 253 30.27 -28.01 2.56
CA ILE K 253 30.77 -26.70 2.94
C ILE K 253 31.75 -26.90 4.10
N VAL K 254 32.97 -26.42 3.93
CA VAL K 254 34.03 -26.56 4.93
C VAL K 254 34.33 -25.18 5.47
N GLN K 255 34.22 -25.02 6.79
CA GLN K 255 34.57 -23.79 7.48
C GLN K 255 35.81 -24.04 8.32
N LEU K 256 36.81 -23.17 8.19
CA LEU K 256 38.13 -23.39 8.72
C LEU K 256 38.33 -22.70 10.06
N LYS K 257 39.25 -23.25 10.85
CA LYS K 257 39.62 -22.62 12.12
C LYS K 257 40.29 -21.28 11.89
N GLU K 258 41.27 -21.24 10.97
CA GLU K 258 42.07 -20.06 10.71
C GLU K 258 42.09 -19.80 9.21
N SER K 259 42.13 -18.52 8.86
CA SER K 259 42.05 -18.13 7.46
C SER K 259 43.40 -18.26 6.77
N VAL K 260 43.37 -18.44 5.46
CA VAL K 260 44.56 -18.53 4.62
C VAL K 260 44.64 -17.24 3.81
N GLU K 261 45.73 -16.50 3.97
CA GLU K 261 45.90 -15.28 3.21
C GLU K 261 46.17 -15.61 1.74
N ILE K 262 45.46 -14.93 0.85
CA ILE K 262 45.69 -15.04 -0.60
C ILE K 262 45.91 -13.63 -1.11
N ASN K 263 47.02 -13.42 -1.82
CA ASN K 263 47.34 -12.11 -2.39
C ASN K 263 47.31 -12.25 -3.91
N CYS K 264 46.45 -11.49 -4.57
CA CYS K 264 46.37 -11.53 -6.03
C CYS K 264 46.77 -10.18 -6.60
N THR K 265 47.57 -10.20 -7.65
CA THR K 265 48.05 -9.01 -8.32
C THR K 265 47.68 -9.05 -9.79
N ARG K 266 47.17 -7.92 -10.29
CA ARG K 266 47.10 -7.71 -11.74
C ARG K 266 48.24 -6.75 -12.09
N PRO K 267 49.39 -7.22 -12.57
CA PRO K 267 50.51 -6.28 -12.78
C PRO K 267 50.31 -5.33 -13.95
N ASN K 268 49.72 -5.80 -15.04
CA ASN K 268 49.68 -5.01 -16.29
C ASN K 268 48.97 -3.68 -16.08
N ASN K 269 49.67 -2.60 -16.42
CA ASN K 269 49.22 -1.23 -16.25
C ASN K 269 48.31 -0.79 -17.40
N TYR K 270 47.17 -0.21 -17.05
CA TYR K 270 46.06 0.03 -17.97
C TYR K 270 45.64 1.49 -18.01
N THR K 271 45.01 1.84 -19.14
CA THR K 271 44.44 3.16 -19.38
C THR K 271 43.02 2.97 -19.90
N ARG K 272 42.12 3.88 -19.52
CA ARG K 272 40.72 3.79 -19.88
C ARG K 272 40.39 4.78 -20.99
N LYS K 273 39.80 4.29 -22.07
CA LYS K 273 39.31 5.10 -23.17
C LYS K 273 37.79 5.02 -23.20
N SER K 274 37.15 6.15 -23.43
CA SER K 274 35.69 6.24 -23.48
C SER K 274 35.24 6.57 -24.90
N ILE K 275 34.41 5.70 -25.46
CA ILE K 275 33.90 5.84 -26.82
C ILE K 275 32.41 6.15 -26.72
N ARG K 276 31.97 7.26 -27.28
CA ARG K 276 30.57 7.62 -27.15
C ARG K 276 29.70 6.66 -27.96
N ILE K 277 28.67 6.14 -27.30
CA ILE K 277 27.68 5.27 -27.95
C ILE K 277 26.57 6.10 -28.56
N GLY K 278 26.10 7.10 -27.81
CA GLY K 278 24.93 7.87 -28.19
C GLY K 278 24.90 9.18 -27.42
N PRO K 279 23.72 9.79 -27.27
CA PRO K 279 23.66 11.11 -26.65
C PRO K 279 23.83 11.05 -25.13
N GLY K 280 25.08 11.10 -24.68
CA GLY K 280 25.39 11.01 -23.26
C GLY K 280 25.62 9.61 -22.73
N ARG K 281 25.77 8.63 -23.60
CA ARG K 281 26.09 7.25 -23.23
C ARG K 281 27.53 6.95 -23.61
N ALA K 282 28.33 6.45 -22.66
CA ALA K 282 29.73 6.14 -22.88
C ALA K 282 29.98 4.65 -22.77
N PHE K 283 30.80 4.13 -23.68
CA PHE K 283 31.37 2.80 -23.58
C PHE K 283 32.76 2.99 -22.99
N TYR K 284 32.93 2.61 -21.73
CA TYR K 284 34.21 2.69 -21.03
C TYR K 284 34.97 1.41 -21.31
N THR K 285 36.17 1.52 -21.87
CA THR K 285 36.85 0.35 -22.41
C THR K 285 38.36 0.52 -22.30
N MET K 286 39.04 -0.47 -22.84
CA MET K 286 40.49 -0.53 -22.81
C MET K 286 41.10 0.57 -23.65
N GLY K 287 42.19 1.15 -23.16
CA GLY K 287 43.02 2.06 -23.94
C GLY K 287 44.38 1.48 -24.26
N GLU K 288 45.40 2.32 -24.24
CA GLU K 288 46.77 1.84 -24.43
C GLU K 288 47.22 1.07 -23.20
N ILE K 289 48.06 0.07 -23.42
CA ILE K 289 48.69 -0.68 -22.33
C ILE K 289 50.04 -0.04 -22.06
N ILE K 290 50.26 0.37 -20.82
CA ILE K 290 51.54 0.92 -20.37
C ILE K 290 52.35 -0.22 -19.77
N GLY K 291 53.63 -0.28 -20.10
CA GLY K 291 54.50 -1.29 -19.55
C GLY K 291 54.41 -2.61 -20.30
N ASP K 292 55.14 -3.59 -19.78
CA ASP K 292 55.15 -4.91 -20.40
C ASP K 292 53.87 -5.67 -20.04
N ILE K 293 53.60 -6.71 -20.82
CA ILE K 293 52.37 -7.50 -20.70
C ILE K 293 52.76 -8.74 -19.90
N ARG K 294 52.57 -8.66 -18.59
CA ARG K 294 52.71 -9.80 -17.69
C ARG K 294 51.32 -10.38 -17.43
N GLN K 295 51.24 -11.34 -16.51
CA GLN K 295 50.01 -12.05 -16.21
C GLN K 295 49.60 -11.78 -14.77
N ALA K 296 48.29 -11.87 -14.51
CA ALA K 296 47.73 -11.67 -13.19
C ALA K 296 47.80 -12.97 -12.42
N HIS K 297 48.37 -12.93 -11.21
CA HIS K 297 48.64 -14.16 -10.46
C HIS K 297 48.21 -14.02 -9.00
N CYS K 298 47.77 -15.14 -8.44
CA CYS K 298 47.45 -15.25 -7.01
C CYS K 298 48.48 -16.11 -6.27
N ASN K 299 49.01 -15.57 -5.19
CA ASN K 299 50.01 -16.23 -4.35
C ASN K 299 49.34 -16.65 -3.04
N ILE K 300 49.41 -17.94 -2.75
CA ILE K 300 48.93 -18.51 -1.49
C ILE K 300 50.13 -19.15 -0.80
N SER K 301 50.32 -18.85 0.49
CA SER K 301 51.44 -19.44 1.20
C SER K 301 51.25 -20.95 1.29
N ARG K 302 52.31 -21.70 0.98
CA ARG K 302 52.17 -23.15 0.86
C ARG K 302 51.95 -23.80 2.23
N ALA K 303 52.70 -23.37 3.25
CA ALA K 303 52.65 -24.04 4.55
C ALA K 303 51.24 -23.95 5.16
N LYS K 304 50.62 -22.78 5.07
CA LYS K 304 49.27 -22.62 5.61
C LYS K 304 48.29 -23.52 4.87
N TRP K 305 48.42 -23.61 3.54
CA TRP K 305 47.53 -24.48 2.78
C TRP K 305 47.76 -25.93 3.14
N ASN K 306 49.02 -26.33 3.34
CA ASN K 306 49.34 -27.64 3.88
C ASN K 306 48.55 -27.92 5.14
N ASP K 307 48.75 -27.09 6.17
CA ASP K 307 48.04 -27.27 7.44
C ASP K 307 46.52 -27.36 7.24
N THR K 308 45.97 -26.49 6.39
CA THR K 308 44.53 -26.47 6.18
C THR K 308 44.05 -27.78 5.56
N LEU K 309 44.72 -28.22 4.49
CA LEU K 309 44.35 -29.49 3.88
C LEU K 309 44.55 -30.66 4.82
N LYS K 310 45.56 -30.58 5.70
CA LYS K 310 45.80 -31.66 6.66
C LYS K 310 44.62 -31.78 7.63
N GLN K 311 44.18 -30.65 8.18
CA GLN K 311 43.01 -30.65 9.05
C GLN K 311 41.79 -31.17 8.30
N ILE K 312 41.64 -30.77 7.03
CA ILE K 312 40.49 -31.21 6.25
C ILE K 312 40.51 -32.72 6.08
N VAL K 313 41.67 -33.30 5.78
CA VAL K 313 41.68 -34.75 5.54
C VAL K 313 41.46 -35.47 6.86
N ILE K 314 41.95 -34.91 7.97
CA ILE K 314 41.71 -35.53 9.28
C ILE K 314 40.20 -35.61 9.53
N LYS K 315 39.50 -34.49 9.35
CA LYS K 315 38.07 -34.50 9.62
C LYS K 315 37.30 -35.33 8.59
N LEU K 316 37.74 -35.35 7.34
CA LEU K 316 37.09 -36.18 6.34
C LEU K 316 37.27 -37.67 6.65
N ARG K 317 38.46 -38.07 7.08
CA ARG K 317 38.68 -39.46 7.49
C ARG K 317 37.82 -39.80 8.68
N GLU K 318 37.66 -38.86 9.62
CA GLU K 318 36.76 -39.08 10.73
C GLU K 318 35.33 -39.29 10.23
N GLN K 319 34.91 -38.50 9.25
CA GLN K 319 33.54 -38.62 8.74
C GLN K 319 33.36 -39.81 7.82
N PHE K 320 34.35 -40.08 6.96
CA PHE K 320 34.25 -41.10 5.91
C PHE K 320 35.07 -42.35 6.25
N GLU K 321 35.28 -42.61 7.54
CA GLU K 321 36.05 -43.77 8.00
C GLU K 321 37.48 -43.71 7.47
N ASN K 322 38.28 -44.74 7.76
CA ASN K 322 39.68 -44.77 7.33
C ASN K 322 39.76 -45.15 5.85
N LYS K 323 39.39 -44.18 5.00
CA LYS K 323 39.45 -44.31 3.56
C LYS K 323 40.43 -43.30 2.99
N THR K 324 40.90 -43.57 1.78
CA THR K 324 41.82 -42.67 1.10
C THR K 324 41.06 -41.46 0.57
N ILE K 325 41.63 -40.27 0.82
CA ILE K 325 41.01 -39.00 0.44
C ILE K 325 41.98 -38.31 -0.50
N VAL K 326 41.52 -38.09 -1.75
CA VAL K 326 42.32 -37.46 -2.79
C VAL K 326 41.55 -36.29 -3.36
N PHE K 327 42.23 -35.17 -3.55
CA PHE K 327 41.70 -33.99 -4.22
C PHE K 327 42.36 -33.86 -5.58
N ASN K 328 41.56 -33.68 -6.63
CA ASN K 328 42.05 -33.57 -7.99
C ASN K 328 41.33 -32.42 -8.69
N HIS K 329 41.82 -32.08 -9.88
CA HIS K 329 41.38 -30.89 -10.59
C HIS K 329 39.89 -30.93 -10.91
N SER K 330 39.28 -29.75 -10.90
CA SER K 330 37.85 -29.63 -11.17
C SER K 330 37.55 -30.03 -12.61
N SER K 331 36.31 -30.46 -12.84
CA SER K 331 35.88 -30.82 -14.18
C SER K 331 35.91 -29.60 -15.09
N GLY K 332 36.37 -29.80 -16.32
CA GLY K 332 36.46 -28.70 -17.26
C GLY K 332 35.10 -28.25 -17.75
N GLY K 333 35.05 -27.01 -18.21
CA GLY K 333 33.79 -26.42 -18.64
C GLY K 333 33.90 -24.91 -18.69
N ASP K 334 32.73 -24.27 -18.66
CA ASP K 334 32.66 -22.82 -18.76
C ASP K 334 33.40 -22.19 -17.58
N PRO K 335 34.13 -21.08 -17.77
CA PRO K 335 34.88 -20.51 -16.65
C PRO K 335 34.00 -20.03 -15.49
N GLU K 336 32.76 -19.62 -15.77
CA GLU K 336 31.94 -19.04 -14.70
C GLU K 336 31.57 -20.06 -13.63
N ILE K 337 31.46 -21.34 -13.99
CA ILE K 337 31.00 -22.37 -13.07
C ILE K 337 32.11 -23.34 -12.68
N VAL K 338 33.24 -23.36 -13.38
CA VAL K 338 34.32 -24.31 -13.13
C VAL K 338 35.45 -23.67 -12.36
N MET K 339 35.86 -22.46 -12.76
CA MET K 339 37.07 -21.86 -12.22
C MET K 339 36.75 -20.92 -11.05
N HIS K 340 37.73 -20.77 -10.17
CA HIS K 340 37.60 -19.83 -9.05
C HIS K 340 37.38 -18.41 -9.57
N SER K 341 36.68 -17.59 -8.79
CA SER K 341 36.37 -16.24 -9.22
C SER K 341 36.25 -15.31 -8.02
N PHE K 342 36.50 -14.03 -8.24
CA PHE K 342 36.34 -13.04 -7.16
C PHE K 342 36.35 -11.64 -7.76
N ASN K 343 36.02 -10.65 -6.92
CA ASN K 343 35.60 -9.33 -7.38
C ASN K 343 36.38 -8.15 -6.77
N CYS K 344 37.51 -8.37 -6.10
CA CYS K 344 38.17 -7.26 -5.43
C CYS K 344 38.69 -6.23 -6.42
N GLY K 345 38.52 -4.95 -6.07
CA GLY K 345 38.93 -3.85 -6.90
C GLY K 345 37.98 -3.50 -8.02
N GLY K 346 36.83 -4.17 -8.12
CA GLY K 346 35.90 -3.96 -9.21
C GLY K 346 36.20 -4.74 -10.47
N GLU K 347 37.28 -5.52 -10.51
CA GLU K 347 37.65 -6.32 -11.67
C GLU K 347 37.43 -7.79 -11.34
N PHE K 348 36.77 -8.50 -12.25
CA PHE K 348 36.29 -9.86 -11.99
C PHE K 348 37.38 -10.86 -12.33
N PHE K 349 38.22 -11.18 -11.36
CA PHE K 349 39.28 -12.15 -11.60
C PHE K 349 38.67 -13.54 -11.71
N TYR K 350 39.24 -14.37 -12.59
CA TYR K 350 38.97 -15.79 -12.66
C TYR K 350 40.31 -16.49 -12.53
N CYS K 351 40.33 -17.67 -11.91
CA CYS K 351 41.57 -18.36 -11.61
C CYS K 351 41.39 -19.86 -11.78
N ASN K 352 42.50 -20.52 -12.12
CA ASN K 352 42.45 -21.92 -12.53
C ASN K 352 42.05 -22.83 -11.38
N SER K 353 42.74 -22.73 -10.25
CA SER K 353 42.52 -23.58 -9.08
C SER K 353 42.64 -25.06 -9.44
N THR K 354 43.88 -25.45 -9.73
CA THR K 354 44.21 -26.86 -9.91
C THR K 354 45.58 -27.19 -9.32
N GLN K 355 46.17 -26.27 -8.55
CA GLN K 355 47.42 -26.51 -7.85
C GLN K 355 47.21 -26.40 -6.34
N LEU K 356 45.96 -26.28 -5.89
CA LEU K 356 45.58 -26.32 -4.49
C LEU K 356 44.79 -27.58 -4.15
N PHE K 357 44.50 -28.42 -5.15
CA PHE K 357 43.73 -29.66 -4.97
C PHE K 357 44.42 -30.78 -5.74
N ASN K 358 45.71 -30.93 -5.50
CA ASN K 358 46.57 -31.90 -6.19
C ASN K 358 47.43 -32.58 -5.11
N SER K 359 46.89 -33.65 -4.52
CA SER K 359 47.57 -34.32 -3.42
C SER K 359 46.88 -35.64 -3.14
N THR K 360 47.64 -36.56 -2.54
CA THR K 360 47.14 -37.82 -2.00
C THR K 360 47.71 -37.96 -0.60
N TRP K 361 46.86 -38.35 0.35
CA TRP K 361 47.19 -38.33 1.77
C TRP K 361 47.34 -39.72 2.39
N ASN K 362 46.47 -40.66 2.05
CA ASN K 362 46.47 -42.03 2.60
C ASN K 362 46.33 -41.87 4.11
N ASN K 363 47.32 -42.26 4.93
CA ASN K 363 47.24 -42.10 6.39
C ASN K 363 48.59 -41.60 6.92
N THR K 371 57.34 -30.74 -4.50
CA THR K 371 57.49 -29.44 -5.14
C THR K 371 57.91 -28.41 -4.09
N GLU K 372 59.02 -27.75 -4.34
CA GLU K 372 59.57 -26.77 -3.40
C GLU K 372 59.00 -25.38 -3.69
N GLY K 373 59.17 -24.49 -2.70
CA GLY K 373 58.69 -23.12 -2.77
C GLY K 373 57.68 -22.90 -1.67
N ASN K 374 57.81 -21.77 -0.97
CA ASN K 374 56.89 -21.45 0.12
C ASN K 374 55.60 -20.81 -0.35
N THR K 375 55.48 -20.48 -1.65
CA THR K 375 54.29 -19.87 -2.22
C THR K 375 53.85 -20.67 -3.43
N ILE K 376 52.55 -20.90 -3.54
CA ILE K 376 51.94 -21.52 -4.71
C ILE K 376 51.26 -20.41 -5.51
N THR K 377 51.63 -20.30 -6.78
CA THR K 377 51.21 -19.22 -7.65
C THR K 377 50.24 -19.76 -8.69
N LEU K 378 49.06 -19.13 -8.79
CA LEU K 378 48.00 -19.54 -9.69
C LEU K 378 47.85 -18.51 -10.81
N PRO K 379 47.88 -18.92 -12.08
CA PRO K 379 47.52 -17.98 -13.16
C PRO K 379 46.05 -17.62 -13.09
N CYS K 380 45.75 -16.33 -13.27
CA CYS K 380 44.39 -15.83 -13.26
C CYS K 380 44.15 -14.98 -14.50
N ARG K 381 42.98 -15.19 -15.11
CA ARG K 381 42.55 -14.50 -16.31
C ARG K 381 41.41 -13.56 -15.96
N ILE K 382 41.55 -12.30 -16.32
CA ILE K 382 40.49 -11.32 -16.15
C ILE K 382 39.42 -11.56 -17.20
N LYS K 383 38.18 -11.20 -16.87
CA LYS K 383 37.08 -11.28 -17.82
C LYS K 383 36.15 -10.11 -17.55
N GLN K 384 35.48 -9.62 -18.61
CA GLN K 384 34.62 -8.45 -18.52
C GLN K 384 33.17 -8.73 -18.88
N ILE K 385 32.92 -9.50 -19.94
CA ILE K 385 31.56 -9.82 -20.36
C ILE K 385 31.13 -11.03 -19.56
N ILE K 386 30.24 -10.82 -18.59
CA ILE K 386 29.95 -11.80 -17.55
C ILE K 386 28.45 -12.07 -17.55
N ASN K 387 28.10 -13.35 -17.72
CA ASN K 387 26.73 -13.81 -17.51
C ASN K 387 26.57 -14.25 -16.06
N MET K 388 26.66 -13.26 -15.17
CA MET K 388 26.66 -13.54 -13.74
C MET K 388 25.32 -14.12 -13.31
N TRP K 389 25.37 -14.99 -12.30
CA TRP K 389 24.25 -15.74 -11.75
C TRP K 389 23.74 -16.83 -12.69
N GLN K 390 24.42 -17.08 -13.81
CA GLN K 390 24.03 -18.12 -14.76
C GLN K 390 22.62 -17.91 -15.27
N ARG K 391 22.25 -16.66 -15.52
CA ARG K 391 20.97 -16.34 -16.12
C ARG K 391 21.07 -16.44 -17.65
N VAL K 392 19.91 -16.45 -18.29
CA VAL K 392 19.80 -16.48 -19.74
C VAL K 392 19.04 -15.23 -20.18
N GLY K 393 19.60 -14.50 -21.12
CA GLY K 393 19.03 -13.27 -21.62
C GLY K 393 19.62 -12.01 -21.03
N GLN K 394 20.49 -12.11 -20.03
CA GLN K 394 21.12 -10.96 -19.42
C GLN K 394 22.59 -11.27 -19.12
N ALA K 395 23.42 -10.25 -19.24
CA ALA K 395 24.83 -10.34 -18.89
C ALA K 395 25.34 -8.92 -18.69
N MET K 396 26.45 -8.81 -17.95
CA MET K 396 26.98 -7.52 -17.52
C MET K 396 28.40 -7.35 -18.04
N TYR K 397 28.77 -6.08 -18.26
CA TYR K 397 30.11 -5.70 -18.67
C TYR K 397 30.71 -4.79 -17.61
N ALA K 398 31.98 -5.06 -17.26
CA ALA K 398 32.65 -4.40 -16.15
C ALA K 398 33.70 -3.42 -16.70
N PRO K 399 33.59 -2.11 -16.51
CA PRO K 399 34.58 -1.18 -17.09
C PRO K 399 35.98 -1.50 -16.58
N PRO K 400 37.00 -1.48 -17.44
CA PRO K 400 38.35 -1.83 -16.97
C PRO K 400 38.91 -0.77 -16.02
N ILE K 401 39.32 -1.24 -14.84
CA ILE K 401 39.93 -0.34 -13.87
C ILE K 401 41.24 0.18 -14.46
N ARG K 402 41.68 1.35 -13.97
CA ARG K 402 42.84 2.06 -14.50
C ARG K 402 43.90 2.05 -13.40
N GLY K 403 44.71 1.02 -13.40
CA GLY K 403 45.84 0.91 -12.50
C GLY K 403 46.19 -0.55 -12.26
N GLN K 404 46.76 -0.81 -11.08
CA GLN K 404 47.10 -2.14 -10.63
C GLN K 404 46.20 -2.53 -9.46
N ILE K 405 45.66 -3.75 -9.51
CA ILE K 405 44.74 -4.24 -8.48
C ILE K 405 45.49 -5.21 -7.60
N ARG K 406 45.21 -5.12 -6.29
CA ARG K 406 45.92 -5.82 -5.21
C ARG K 406 44.93 -6.44 -4.23
N CYS K 407 44.43 -7.63 -4.56
CA CYS K 407 43.70 -8.41 -3.57
C CYS K 407 44.62 -8.84 -2.44
N SER K 408 44.07 -8.83 -1.21
CA SER K 408 44.68 -9.49 -0.06
C SER K 408 43.52 -10.01 0.79
N SER K 409 43.00 -11.18 0.40
CA SER K 409 41.78 -11.73 0.97
C SER K 409 42.09 -12.85 1.96
N ASN K 410 41.17 -13.04 2.89
CA ASN K 410 41.17 -14.20 3.77
C ASN K 410 40.30 -15.30 3.16
N ILE K 411 40.89 -16.42 2.81
CA ILE K 411 40.14 -17.63 2.51
C ILE K 411 39.68 -18.20 3.84
N THR K 412 38.35 -18.29 4.03
CA THR K 412 37.76 -18.79 5.27
C THR K 412 37.04 -20.11 5.12
N GLY K 413 36.72 -20.53 3.89
CA GLY K 413 36.00 -21.77 3.71
C GLY K 413 36.11 -22.25 2.28
N LEU K 414 35.68 -23.50 2.09
CA LEU K 414 35.74 -24.19 0.81
C LEU K 414 34.40 -24.83 0.50
N LEU K 415 34.11 -24.98 -0.79
CA LEU K 415 32.96 -25.74 -1.28
C LEU K 415 33.49 -26.92 -2.07
N LEU K 416 33.34 -28.12 -1.51
CA LEU K 416 33.79 -29.36 -2.12
C LEU K 416 32.61 -30.21 -2.53
N THR K 417 32.79 -30.99 -3.59
CA THR K 417 31.78 -31.91 -4.09
C THR K 417 32.43 -33.27 -4.28
N ARG K 418 31.64 -34.32 -4.07
CA ARG K 418 32.12 -35.69 -4.13
C ARG K 418 31.48 -36.41 -5.32
N ASP K 419 32.26 -37.24 -5.99
CA ASP K 419 31.79 -37.95 -7.18
C ASP K 419 30.61 -38.85 -6.83
N GLU K 424 36.51 -45.93 -7.73
CA GLU K 424 35.65 -46.51 -6.71
C GLU K 424 36.36 -47.62 -5.92
N ASN K 425 37.69 -47.62 -5.94
CA ASN K 425 38.47 -48.67 -5.27
C ASN K 425 38.76 -48.26 -3.82
N GLY K 426 37.69 -47.99 -3.09
CA GLY K 426 37.83 -47.59 -1.70
C GLY K 426 38.32 -46.18 -1.48
N THR K 427 38.37 -45.36 -2.53
CA THR K 427 38.89 -44.00 -2.46
C THR K 427 37.78 -43.03 -2.86
N GLU K 428 37.61 -41.99 -2.06
CA GLU K 428 36.63 -40.93 -2.32
C GLU K 428 37.37 -39.72 -2.88
N ILE K 429 36.95 -39.26 -4.05
CA ILE K 429 37.59 -38.15 -4.75
C ILE K 429 36.74 -36.91 -4.54
N PHE K 430 37.35 -35.85 -4.00
CA PHE K 430 36.68 -34.59 -3.74
C PHE K 430 37.25 -33.52 -4.66
N ARG K 431 36.36 -32.71 -5.22
CA ARG K 431 36.71 -31.69 -6.20
C ARG K 431 36.19 -30.35 -5.73
N PRO K 432 36.84 -29.24 -6.11
CA PRO K 432 36.16 -27.94 -5.95
C PRO K 432 34.93 -27.89 -6.83
N GLY K 433 33.88 -27.26 -6.32
CA GLY K 433 32.63 -27.20 -7.05
C GLY K 433 31.54 -26.63 -6.17
N GLY K 434 30.31 -26.77 -6.66
CA GLY K 434 29.16 -26.28 -5.94
C GLY K 434 28.01 -26.03 -6.88
N GLY K 435 26.91 -25.56 -6.30
CA GLY K 435 25.72 -25.24 -7.05
C GLY K 435 25.55 -23.74 -7.21
N ASP K 436 24.35 -23.25 -6.90
CA ASP K 436 24.08 -21.82 -7.01
C ASP K 436 24.92 -21.05 -5.99
N MET K 437 24.82 -19.72 -6.04
CA MET K 437 25.51 -18.89 -5.07
C MET K 437 24.96 -19.06 -3.66
N ARG K 438 23.77 -19.66 -3.52
CA ARG K 438 23.14 -19.84 -2.21
C ARG K 438 24.08 -20.52 -1.22
N ASP K 439 24.83 -21.52 -1.69
CA ASP K 439 25.75 -22.25 -0.82
C ASP K 439 26.75 -21.30 -0.16
N ASN K 440 27.22 -20.30 -0.90
CA ASN K 440 28.19 -19.36 -0.34
C ASN K 440 27.65 -18.65 0.89
N TRP K 441 26.34 -18.43 0.96
CA TRP K 441 25.74 -17.79 2.12
C TRP K 441 25.30 -18.77 3.19
N ARG K 442 25.23 -20.07 2.89
CA ARG K 442 24.99 -21.05 3.93
C ARG K 442 26.18 -21.23 4.86
N SER K 443 27.35 -20.72 4.50
CA SER K 443 28.47 -20.67 5.43
C SER K 443 28.30 -19.60 6.50
N GLU K 444 27.34 -18.69 6.34
CA GLU K 444 27.10 -17.60 7.29
C GLU K 444 25.72 -17.65 7.94
N LEU K 445 24.70 -18.13 7.24
CA LEU K 445 23.36 -18.28 7.78
C LEU K 445 23.11 -19.65 8.38
N TYR K 446 24.15 -20.45 8.60
CA TYR K 446 23.97 -21.79 9.14
C TYR K 446 23.37 -21.75 10.54
N LYS K 447 23.82 -20.82 11.38
CA LYS K 447 23.45 -20.80 12.78
C LYS K 447 22.16 -20.05 13.07
N TYR K 448 21.54 -19.42 12.08
CA TYR K 448 20.38 -18.57 12.30
C TYR K 448 19.12 -19.19 11.72
N LYS K 449 17.99 -18.95 12.40
CA LYS K 449 16.69 -19.47 12.01
C LYS K 449 15.62 -18.44 12.33
N VAL K 450 14.67 -18.26 11.43
CA VAL K 450 13.59 -17.29 11.61
C VAL K 450 12.40 -18.02 12.22
N VAL K 451 11.83 -17.44 13.29
CA VAL K 451 10.68 -18.03 13.97
C VAL K 451 9.60 -16.97 14.16
N LYS K 452 8.34 -17.40 14.04
CA LYS K 452 7.18 -16.55 14.24
C LYS K 452 6.65 -16.75 15.65
N ILE K 453 6.44 -15.65 16.36
CA ILE K 453 5.89 -15.70 17.71
C ILE K 453 4.38 -15.85 17.63
N GLU K 454 3.83 -16.69 18.50
CA GLU K 454 2.39 -16.95 18.60
C GLU K 454 1.98 -16.63 20.04
N PRO K 455 1.80 -15.35 20.39
CA PRO K 455 1.70 -14.98 21.80
C PRO K 455 0.48 -15.55 22.51
N LEU K 456 -0.53 -16.01 21.78
CA LEU K 456 -1.76 -16.48 22.41
C LEU K 456 -1.61 -17.92 22.86
N GLY K 457 -2.12 -18.22 24.05
CA GLY K 457 -2.18 -19.59 24.52
C GLY K 457 -3.29 -19.71 25.54
N VAL K 458 -3.65 -20.96 25.84
CA VAL K 458 -4.68 -21.26 26.83
C VAL K 458 -4.24 -22.40 27.73
N ALA K 459 -4.81 -22.43 28.92
CA ALA K 459 -4.45 -23.42 29.92
C ALA K 459 -5.58 -23.55 30.93
N PRO K 460 -5.65 -24.65 31.67
CA PRO K 460 -6.66 -24.74 32.72
C PRO K 460 -6.23 -24.06 34.02
N THR K 461 -7.23 -23.57 34.75
CA THR K 461 -7.01 -22.92 36.04
C THR K 461 -8.25 -23.19 36.89
N ARG K 462 -8.17 -22.79 38.16
CA ARG K 462 -9.32 -22.85 39.05
C ARG K 462 -10.19 -21.61 38.99
N CYS K 463 -9.71 -20.51 38.42
CA CYS K 463 -10.45 -19.25 38.44
C CYS K 463 -11.54 -19.25 37.37
N LYS K 464 -12.66 -18.60 37.70
CA LYS K 464 -13.83 -18.47 36.84
C LYS K 464 -13.99 -17.03 36.34
N ARG K 465 -14.89 -16.87 35.36
CA ARG K 465 -15.13 -15.55 34.80
C ARG K 465 -15.63 -14.58 35.85
N ARG K 466 -16.49 -15.04 36.76
CA ARG K 466 -17.07 -14.20 37.81
C ARG K 466 -17.88 -13.06 37.17
N VAL K 467 -18.93 -13.45 36.45
CA VAL K 467 -19.78 -12.51 35.73
C VAL K 467 -20.42 -11.53 36.72
N VAL K 486 14.53 -11.21 37.96
CA VAL K 486 14.05 -12.50 37.49
C VAL K 486 13.83 -12.49 35.97
N ARG K 487 13.58 -11.32 35.41
CA ARG K 487 13.34 -11.21 33.98
C ARG K 487 14.61 -11.48 33.20
N ARG K 488 14.49 -12.27 32.13
CA ARG K 488 15.60 -12.57 31.24
C ARG K 488 15.52 -11.83 29.91
N GLY K 489 14.35 -11.32 29.53
CA GLY K 489 14.15 -10.62 28.29
C GLY K 489 13.14 -11.29 27.40
N PHE K 490 13.11 -10.88 26.14
CA PHE K 490 12.17 -11.40 25.16
C PHE K 490 12.39 -12.88 24.93
N LEU K 491 11.34 -13.68 25.15
CA LEU K 491 11.39 -15.14 25.12
C LEU K 491 12.35 -15.73 26.16
N GLY K 492 12.80 -14.94 27.14
CA GLY K 492 13.74 -15.45 28.12
C GLY K 492 13.18 -16.58 28.96
N ALA K 493 11.86 -16.60 29.14
CA ALA K 493 11.18 -17.63 29.90
C ALA K 493 10.70 -18.79 29.02
N ALA K 494 11.11 -18.83 27.75
CA ALA K 494 10.59 -19.86 26.85
C ALA K 494 10.98 -21.25 27.30
N GLY K 495 12.19 -21.43 27.81
CA GLY K 495 12.60 -22.69 28.37
C GLY K 495 12.18 -22.93 29.80
N SER K 496 11.53 -21.95 30.44
CA SER K 496 11.07 -22.11 31.80
C SER K 496 9.76 -22.88 31.83
N THR K 497 9.32 -23.20 33.04
CA THR K 497 8.04 -23.87 33.23
C THR K 497 6.91 -22.85 33.10
N MET K 498 5.69 -23.37 32.95
CA MET K 498 4.54 -22.50 32.65
C MET K 498 4.33 -21.49 33.76
N GLY K 499 4.49 -21.90 35.02
CA GLY K 499 4.25 -20.98 36.12
C GLY K 499 5.20 -19.81 36.11
N ALA K 500 6.49 -20.07 35.86
CA ALA K 500 7.46 -18.99 35.79
C ALA K 500 7.18 -18.09 34.59
N ALA K 501 6.81 -18.68 33.45
CA ALA K 501 6.55 -17.90 32.25
C ALA K 501 5.37 -16.97 32.44
N SER K 502 4.34 -17.42 33.18
CA SER K 502 3.12 -16.64 33.33
C SER K 502 3.41 -15.28 33.96
N MET K 503 4.33 -15.24 34.93
CA MET K 503 4.72 -13.98 35.55
C MET K 503 5.36 -13.03 34.54
N THR K 504 6.14 -13.56 33.61
CA THR K 504 6.95 -12.76 32.68
C THR K 504 6.24 -12.48 31.36
N LEU K 505 4.93 -12.70 31.29
CA LEU K 505 4.19 -12.50 30.05
C LEU K 505 4.34 -11.08 29.51
N THR K 506 4.45 -10.09 30.40
CA THR K 506 4.51 -8.70 29.97
C THR K 506 5.69 -8.45 29.04
N VAL K 507 6.86 -8.99 29.40
CA VAL K 507 8.06 -8.80 28.58
C VAL K 507 7.82 -9.28 27.15
N GLN K 508 7.07 -10.37 27.00
CA GLN K 508 6.82 -10.92 25.66
C GLN K 508 5.72 -10.17 24.94
N ALA K 509 4.75 -9.63 25.70
CA ALA K 509 3.67 -8.85 25.09
C ALA K 509 4.15 -7.48 24.65
N ARG K 510 5.20 -6.96 25.27
CA ARG K 510 5.64 -5.60 24.97
C ARG K 510 6.29 -5.51 23.60
N ASN K 511 7.05 -6.53 23.21
CA ASN K 511 7.90 -6.46 22.03
C ASN K 511 7.23 -7.00 20.77
N LEU K 512 5.94 -7.33 20.82
CA LEU K 512 5.30 -7.84 19.62
C LEU K 512 5.18 -6.75 18.57
N LEU K 513 4.71 -5.58 18.98
CA LEU K 513 4.80 -4.35 18.18
C LEU K 513 5.50 -3.24 18.94
N SER K 514 5.22 -3.12 20.24
CA SER K 514 5.70 -2.02 21.07
C SER K 514 5.27 -0.69 20.47
N LEU K 536 12.32 4.49 -4.52
CA LEU K 536 12.02 3.41 -3.59
C LEU K 536 12.52 2.08 -4.17
N GLY K 537 13.68 1.64 -3.73
CA GLY K 537 14.31 0.44 -4.24
C GLY K 537 13.84 -0.80 -3.54
N VAL K 538 14.69 -1.83 -3.55
CA VAL K 538 14.31 -3.11 -2.97
C VAL K 538 14.12 -2.98 -1.46
N TRP K 539 15.03 -2.30 -0.78
CA TRP K 539 14.93 -2.21 0.67
C TRP K 539 13.72 -1.42 1.11
N GLY K 540 13.33 -0.39 0.35
CA GLY K 540 12.14 0.36 0.70
C GLY K 540 10.88 -0.49 0.63
N ILE K 541 10.71 -1.24 -0.46
CA ILE K 541 9.51 -2.05 -0.60
C ILE K 541 9.52 -3.20 0.39
N LYS K 542 10.70 -3.77 0.68
CA LYS K 542 10.75 -4.83 1.69
C LYS K 542 10.43 -4.28 3.08
N GLN K 543 10.90 -3.09 3.41
CA GLN K 543 10.54 -2.46 4.68
C GLN K 543 9.04 -2.21 4.74
N LEU K 544 8.46 -1.76 3.63
CA LEU K 544 7.01 -1.53 3.59
C LEU K 544 6.26 -2.83 3.83
N GLN K 545 6.67 -3.91 3.18
CA GLN K 545 6.01 -5.20 3.37
C GLN K 545 6.16 -5.69 4.80
N ALA K 546 7.35 -5.52 5.39
CA ALA K 546 7.55 -5.93 6.78
C ALA K 546 6.66 -5.14 7.73
N ARG K 547 6.55 -3.83 7.51
CA ARG K 547 5.69 -3.02 8.37
C ARG K 547 4.23 -3.44 8.25
N VAL K 548 3.77 -3.69 7.01
CA VAL K 548 2.40 -4.12 6.81
C VAL K 548 2.17 -5.47 7.48
N LEU K 549 3.14 -6.37 7.38
CA LEU K 549 3.00 -7.68 8.00
C LEU K 549 2.92 -7.57 9.52
N ALA K 550 3.76 -6.71 10.12
CA ALA K 550 3.71 -6.53 11.56
C ALA K 550 2.36 -5.96 11.99
N VAL K 551 1.85 -4.98 11.23
CA VAL K 551 0.54 -4.41 11.54
C VAL K 551 -0.54 -5.46 11.45
N GLU K 552 -0.49 -6.30 10.40
CA GLU K 552 -1.49 -7.35 10.24
C GLU K 552 -1.45 -8.33 11.40
N ARG K 553 -0.25 -8.74 11.82
CA ARG K 553 -0.16 -9.72 12.90
C ARG K 553 -0.66 -9.14 14.21
N TYR K 554 -0.27 -7.90 14.53
CA TYR K 554 -0.72 -7.28 15.77
C TYR K 554 -2.24 -7.11 15.76
N LEU K 555 -2.80 -6.69 14.62
CA LEU K 555 -4.24 -6.57 14.53
C LEU K 555 -4.93 -7.91 14.69
N ARG K 556 -4.33 -8.97 14.14
CA ARG K 556 -4.93 -10.30 14.29
C ARG K 556 -5.00 -10.69 15.76
N ASP K 557 -3.89 -10.51 16.48
CA ASP K 557 -3.87 -10.87 17.89
C ASP K 557 -4.86 -10.02 18.70
N GLN K 558 -4.89 -8.72 18.44
CA GLN K 558 -5.79 -7.85 19.20
C GLN K 558 -7.25 -8.16 18.89
N GLN K 559 -7.57 -8.46 17.63
CA GLN K 559 -8.93 -8.84 17.30
C GLN K 559 -9.33 -10.13 18.00
N LEU K 560 -8.43 -11.11 18.03
CA LEU K 560 -8.74 -12.38 18.70
C LEU K 560 -8.97 -12.15 20.18
N LEU K 561 -8.19 -11.27 20.81
CA LEU K 561 -8.48 -10.92 22.20
C LEU K 561 -9.80 -10.19 22.32
N GLY K 562 -10.14 -9.36 21.33
CA GLY K 562 -11.38 -8.60 21.40
C GLY K 562 -12.62 -9.45 21.36
N ILE K 563 -12.66 -10.44 20.46
CA ILE K 563 -13.86 -11.28 20.37
C ILE K 563 -14.03 -12.10 21.64
N TRP K 564 -12.93 -12.48 22.28
CA TRP K 564 -12.99 -13.24 23.52
C TRP K 564 -13.33 -12.38 24.74
N GLY K 565 -13.45 -11.06 24.58
CA GLY K 565 -13.76 -10.21 25.71
C GLY K 565 -12.60 -9.98 26.65
N CYS K 566 -11.37 -10.14 26.17
CA CYS K 566 -10.15 -10.05 26.98
C CYS K 566 -9.19 -9.02 26.39
N SER K 567 -9.73 -7.95 25.81
CA SER K 567 -8.90 -7.03 25.03
C SER K 567 -7.85 -6.33 25.89
N GLY K 568 -8.17 -6.04 27.14
CA GLY K 568 -7.30 -5.26 28.01
C GLY K 568 -6.52 -6.04 29.05
N LYS K 569 -6.42 -7.37 28.90
CA LYS K 569 -5.81 -8.22 29.91
C LYS K 569 -4.75 -9.12 29.29
N LEU K 570 -3.62 -9.24 29.97
CA LEU K 570 -2.61 -10.22 29.57
C LEU K 570 -3.04 -11.63 30.00
N ILE K 571 -3.65 -11.75 31.18
CA ILE K 571 -4.22 -13.00 31.67
C ILE K 571 -5.70 -12.75 31.86
N CYS K 572 -6.53 -13.53 31.17
CA CYS K 572 -7.98 -13.40 31.22
C CYS K 572 -8.60 -14.75 31.48
N THR K 573 -9.63 -14.79 32.33
CA THR K 573 -10.23 -16.05 32.75
C THR K 573 -11.61 -16.15 32.12
N THR K 574 -11.86 -17.29 31.46
CA THR K 574 -13.07 -17.53 30.69
C THR K 574 -13.97 -18.53 31.40
N ALA K 575 -15.20 -18.65 30.88
CA ALA K 575 -16.22 -19.52 31.46
C ALA K 575 -16.26 -20.93 30.84
N VAL K 576 -15.29 -21.29 30.01
CA VAL K 576 -15.31 -22.63 29.40
C VAL K 576 -14.89 -23.64 30.46
N PRO K 577 -15.68 -24.67 30.77
CA PRO K 577 -15.16 -25.73 31.64
C PRO K 577 -14.14 -26.54 30.86
N TRP K 578 -13.13 -27.04 31.56
CA TRP K 578 -12.10 -27.82 30.89
C TRP K 578 -12.64 -29.20 30.56
N ASN K 579 -12.61 -29.56 29.28
CA ASN K 579 -13.02 -30.88 28.83
C ASN K 579 -11.85 -31.84 29.03
N ALA K 580 -12.08 -32.91 29.78
CA ALA K 580 -10.99 -33.83 30.13
C ALA K 580 -10.38 -34.49 28.90
N SER K 581 -11.13 -34.58 27.80
CA SER K 581 -10.58 -35.21 26.60
C SER K 581 -9.45 -34.39 25.99
N TRP K 582 -9.41 -33.07 26.24
CA TRP K 582 -8.30 -32.27 25.74
C TRP K 582 -7.01 -32.64 26.46
N SER K 583 -7.02 -32.63 27.78
CA SER K 583 -5.88 -33.07 28.57
C SER K 583 -6.36 -33.38 29.97
N ASN K 584 -6.34 -34.66 30.34
CA ASN K 584 -6.81 -35.11 31.65
C ASN K 584 -5.64 -35.19 32.62
N LYS K 585 -5.03 -34.02 32.88
CA LYS K 585 -3.84 -33.90 33.71
C LYS K 585 -4.09 -32.86 34.78
N SER K 586 -3.53 -33.10 35.97
CA SER K 586 -3.72 -32.19 37.09
C SER K 586 -2.89 -30.91 36.89
N LEU K 587 -3.20 -29.90 37.70
CA LEU K 587 -2.49 -28.63 37.58
C LEU K 587 -1.02 -28.77 37.94
N ASP K 588 -0.68 -29.71 38.83
CA ASP K 588 0.73 -29.97 39.09
C ASP K 588 1.39 -30.66 37.90
N ARG K 589 0.65 -31.51 37.20
CA ARG K 589 1.16 -32.19 36.01
C ARG K 589 1.29 -31.26 34.81
N ILE K 590 0.73 -30.05 34.87
CA ILE K 590 0.79 -29.09 33.77
C ILE K 590 1.74 -27.93 34.09
N TRP K 591 1.51 -27.27 35.21
CA TRP K 591 2.19 -26.01 35.50
C TRP K 591 3.63 -26.20 35.98
N ASN K 592 4.01 -27.40 36.39
CA ASN K 592 5.35 -27.67 36.91
C ASN K 592 6.06 -28.79 36.17
N ASN K 593 5.54 -29.22 35.02
CA ASN K 593 6.05 -30.34 34.24
C ASN K 593 6.39 -29.96 32.81
N MET K 594 5.55 -29.14 32.18
CA MET K 594 5.63 -28.85 30.76
C MET K 594 6.13 -27.42 30.53
N THR K 595 6.77 -27.22 29.39
CA THR K 595 7.02 -25.88 28.88
C THR K 595 5.82 -25.44 28.05
N TRP K 596 5.77 -24.14 27.74
CA TRP K 596 4.71 -23.63 26.89
C TRP K 596 4.78 -24.23 25.49
N MET K 597 6.00 -24.49 25.00
CA MET K 597 6.14 -25.16 23.71
C MET K 597 5.48 -26.53 23.72
N GLU K 598 5.78 -27.34 24.74
CA GLU K 598 5.22 -28.68 24.81
C GLU K 598 3.71 -28.65 24.96
N TRP K 599 3.22 -27.75 25.81
CA TRP K 599 1.78 -27.63 26.01
C TRP K 599 1.09 -27.22 24.71
N GLU K 600 1.66 -26.26 23.98
CA GLU K 600 1.02 -25.80 22.76
C GLU K 600 1.04 -26.86 21.68
N ARG K 601 2.13 -27.64 21.58
CA ARG K 601 2.12 -28.72 20.59
C ARG K 601 1.13 -29.81 20.97
N GLU K 602 0.94 -30.06 22.27
CA GLU K 602 0.11 -31.18 22.69
C GLU K 602 -1.34 -31.04 22.22
N ILE K 603 -1.90 -29.83 22.33
CA ILE K 603 -3.33 -29.61 22.18
C ILE K 603 -3.69 -28.74 20.97
N ASP K 604 -2.97 -28.87 19.86
CA ASP K 604 -3.17 -27.98 18.70
C ASP K 604 -4.60 -28.06 18.14
N ASN K 605 -5.03 -29.25 17.70
CA ASN K 605 -6.38 -29.34 17.16
C ASN K 605 -7.40 -29.10 18.27
N TYR K 606 -7.11 -29.62 19.46
CA TYR K 606 -7.92 -29.27 20.61
C TYR K 606 -7.89 -27.77 20.86
N THR K 607 -6.74 -27.10 20.62
CA THR K 607 -6.66 -25.65 20.81
C THR K 607 -7.64 -24.94 19.88
N SER K 608 -7.72 -25.38 18.62
CA SER K 608 -8.70 -24.76 17.72
C SER K 608 -10.11 -24.96 18.26
N GLU K 609 -10.38 -26.15 18.82
CA GLU K 609 -11.68 -26.37 19.45
C GLU K 609 -11.93 -25.40 20.61
N ILE K 610 -10.93 -25.21 21.47
CA ILE K 610 -11.09 -24.24 22.57
C ILE K 610 -11.38 -22.85 22.02
N TYR K 611 -10.65 -22.43 20.99
CA TYR K 611 -10.87 -21.09 20.45
C TYR K 611 -12.31 -20.93 19.96
N THR K 612 -12.80 -21.90 19.19
CA THR K 612 -14.18 -21.78 18.71
C THR K 612 -15.19 -21.84 19.85
N LEU K 613 -14.86 -22.50 20.98
CA LEU K 613 -15.81 -22.51 22.08
C LEU K 613 -15.81 -21.20 22.85
N ILE K 614 -14.63 -20.64 23.14
CA ILE K 614 -14.57 -19.39 23.87
C ILE K 614 -15.24 -18.28 23.06
N GLU K 615 -14.92 -18.21 21.77
CA GLU K 615 -15.51 -17.18 20.93
C GLU K 615 -17.01 -17.42 20.67
N GLU K 616 -17.41 -18.64 20.32
CA GLU K 616 -18.76 -18.83 19.80
C GLU K 616 -19.82 -18.67 20.89
N SER K 617 -19.64 -19.33 22.04
CA SER K 617 -20.70 -19.46 23.03
C SER K 617 -20.48 -18.62 24.29
N GLN K 618 -19.35 -18.82 24.98
CA GLN K 618 -19.13 -18.18 26.28
C GLN K 618 -19.30 -16.67 26.21
N ASN K 619 -18.53 -16.02 25.35
CA ASN K 619 -18.57 -14.56 25.31
C ASN K 619 -19.93 -14.10 24.83
N GLN K 620 -20.45 -14.73 23.78
CA GLN K 620 -21.70 -14.30 23.19
C GLN K 620 -22.88 -14.56 24.13
N GLN K 621 -22.93 -15.76 24.73
CA GLN K 621 -24.00 -16.07 25.69
C GLN K 621 -23.96 -15.18 26.93
N GLU K 622 -22.76 -14.91 27.44
CA GLU K 622 -22.63 -13.99 28.61
C GLU K 622 -22.90 -12.53 28.16
N LYS K 623 -22.75 -12.22 26.87
CA LYS K 623 -22.86 -10.80 26.41
C LYS K 623 -24.27 -10.45 25.92
N ASN K 624 -25.03 -11.47 25.49
CA ASN K 624 -26.43 -11.23 25.03
C ASN K 624 -27.34 -11.27 26.26
N GLU K 625 -27.12 -12.23 27.15
CA GLU K 625 -27.93 -12.33 28.40
C GLU K 625 -27.91 -10.98 29.10
N GLN K 626 -26.73 -10.39 29.30
CA GLN K 626 -26.64 -9.11 30.00
C GLN K 626 -27.61 -8.10 29.38
N GLU K 627 -27.66 -8.03 28.05
CA GLU K 627 -28.49 -7.03 27.38
C GLU K 627 -29.98 -7.30 27.64
N LEU K 628 -30.36 -8.56 27.88
CA LEU K 628 -31.75 -8.91 28.19
C LEU K 628 -32.02 -8.99 29.68
N LEU K 629 -31.03 -8.73 30.54
CA LEU K 629 -31.15 -8.81 31.99
C LEU K 629 -30.75 -7.48 32.64
N CYS K 630 -30.95 -6.36 31.94
CA CYS K 630 -30.73 -5.03 32.49
C CYS K 630 -32.01 -4.24 32.63
N LEU K 631 -33.05 -4.60 31.89
CA LEU K 631 -34.38 -3.98 31.98
C LEU K 631 -34.86 -3.82 33.42
N GLU L 2 -5.71 20.32 45.44
CA GLU L 2 -4.61 19.76 46.20
C GLU L 2 -4.31 18.35 45.73
N LYS L 3 -5.31 17.47 45.81
CA LYS L 3 -5.15 16.05 45.49
C LYS L 3 -5.37 15.90 43.98
N LEU L 4 -4.31 16.12 43.21
CA LEU L 4 -4.37 16.15 41.76
C LEU L 4 -3.75 14.89 41.17
N TRP L 5 -4.33 14.40 40.08
CA TRP L 5 -3.90 13.18 39.43
C TRP L 5 -3.80 13.40 37.93
N VAL L 6 -2.86 12.67 37.30
CA VAL L 6 -2.69 12.74 35.85
C VAL L 6 -3.90 12.13 35.17
N THR L 7 -4.42 12.82 34.15
CA THR L 7 -5.48 12.32 33.29
C THR L 7 -5.02 12.50 31.86
N VAL L 8 -5.19 11.45 31.05
CA VAL L 8 -4.75 11.44 29.66
C VAL L 8 -5.94 11.78 28.79
N TYR L 9 -5.74 12.75 27.89
CA TYR L 9 -6.74 13.26 26.97
C TYR L 9 -6.31 12.94 25.55
N TYR L 10 -7.18 12.26 24.80
CA TYR L 10 -6.91 11.85 23.43
C TYR L 10 -7.83 12.59 22.49
N GLY L 11 -7.25 13.25 21.49
CA GLY L 11 -7.96 14.15 20.61
C GLY L 11 -7.65 15.61 20.84
N VAL L 12 -6.51 15.93 21.45
CA VAL L 12 -6.18 17.30 21.84
C VAL L 12 -6.00 18.15 20.59
N PRO L 13 -6.50 19.41 20.55
CA PRO L 13 -6.14 20.29 19.41
C PRO L 13 -4.76 20.93 19.58
N VAL L 14 -3.73 20.15 19.25
CA VAL L 14 -2.35 20.58 19.28
C VAL L 14 -1.72 20.20 17.94
N TRP L 15 -0.64 20.91 17.58
CA TRP L 15 0.05 20.58 16.35
C TRP L 15 1.50 21.08 16.42
N LYS L 16 2.33 20.54 15.54
CA LYS L 16 3.69 21.01 15.35
C LYS L 16 4.01 20.98 13.86
N ASP L 17 4.95 21.84 13.45
CA ASP L 17 5.34 21.91 12.05
C ASP L 17 5.92 20.59 11.58
N ALA L 18 5.49 20.16 10.39
CA ALA L 18 5.92 18.88 9.85
C ALA L 18 5.86 18.92 8.34
N GLU L 19 6.58 17.99 7.71
CA GLU L 19 6.69 17.88 6.27
C GLU L 19 6.22 16.50 5.84
N THR L 20 5.28 16.45 4.91
CA THR L 20 4.75 15.18 4.42
C THR L 20 4.34 15.37 2.96
N THR L 21 3.84 14.28 2.37
CA THR L 21 3.32 14.28 1.01
C THR L 21 1.81 14.41 1.03
N LEU L 22 1.29 15.37 0.29
CA LEU L 22 -0.14 15.68 0.23
C LEU L 22 -0.76 15.04 -1.00
N PHE L 23 -2.07 14.82 -0.94
CA PHE L 23 -2.80 14.18 -2.03
C PHE L 23 -3.29 15.24 -3.01
N CYS L 24 -3.03 15.03 -4.30
CA CYS L 24 -3.45 16.00 -5.31
C CYS L 24 -4.89 15.68 -5.70
N ALA L 25 -5.72 16.72 -5.76
CA ALA L 25 -7.13 16.61 -6.10
C ALA L 25 -7.44 17.53 -7.28
N SER L 26 -8.23 17.03 -8.23
CA SER L 26 -8.58 17.76 -9.43
C SER L 26 -10.07 18.07 -9.43
N ASP L 27 -10.43 19.18 -10.06
CA ASP L 27 -11.81 19.62 -10.08
C ASP L 27 -12.68 18.61 -10.81
N ALA L 28 -13.88 18.35 -10.28
CA ALA L 28 -14.74 17.30 -10.83
C ALA L 28 -15.12 17.60 -12.27
N LYS L 29 -15.62 18.81 -12.51
CA LYS L 29 -15.93 19.32 -13.86
C LYS L 29 -16.71 18.34 -14.74
N GLU L 34 -12.02 13.48 -20.19
CA GLU L 34 -10.56 13.43 -20.14
C GLU L 34 -9.96 14.16 -21.34
N LYS L 35 -8.73 14.66 -21.15
CA LYS L 35 -8.00 15.31 -22.23
C LYS L 35 -6.53 14.90 -22.31
N HIS L 36 -6.06 13.98 -21.46
CA HIS L 36 -4.67 13.56 -21.43
C HIS L 36 -3.72 14.71 -21.06
N ASN L 37 -4.26 15.77 -20.44
CA ASN L 37 -3.46 16.91 -19.98
C ASN L 37 -2.23 16.46 -19.22
N VAL L 38 -1.08 17.05 -19.59
CA VAL L 38 0.27 16.71 -19.13
C VAL L 38 0.31 16.35 -17.65
N TRP L 39 -0.29 17.18 -16.80
CA TRP L 39 -0.49 16.82 -15.39
C TRP L 39 -1.74 15.95 -15.33
N ALA L 40 -1.55 14.64 -15.19
CA ALA L 40 -2.62 13.68 -15.42
C ALA L 40 -3.76 13.89 -14.43
N THR L 41 -4.98 13.91 -14.96
CA THR L 41 -6.16 13.97 -14.10
C THR L 41 -6.34 12.68 -13.32
N HIS L 42 -5.99 11.54 -13.95
CA HIS L 42 -6.24 10.24 -13.33
C HIS L 42 -5.47 10.10 -12.02
N ALA L 43 -4.27 10.67 -11.94
CA ALA L 43 -3.47 10.54 -10.72
C ALA L 43 -4.16 11.16 -9.52
N CYS L 44 -4.88 12.26 -9.75
CA CYS L 44 -5.45 13.06 -8.67
C CYS L 44 -6.92 12.71 -8.45
N VAL L 45 -7.29 12.63 -7.18
CA VAL L 45 -8.64 12.20 -6.77
C VAL L 45 -9.64 13.30 -7.09
N PRO L 46 -10.93 13.01 -7.18
CA PRO L 46 -11.90 14.10 -7.41
C PRO L 46 -12.05 14.96 -6.16
N THR L 47 -12.25 16.26 -6.38
CA THR L 47 -12.37 17.19 -5.26
C THR L 47 -13.69 17.00 -4.53
N ASP L 48 -13.67 17.32 -3.24
CA ASP L 48 -14.90 17.32 -2.46
C ASP L 48 -15.83 18.40 -3.00
N PRO L 49 -17.15 18.16 -3.07
CA PRO L 49 -18.03 19.19 -3.66
C PRO L 49 -18.01 20.52 -2.91
N ASN L 50 -18.00 20.49 -1.58
CA ASN L 50 -17.93 21.71 -0.76
C ASN L 50 -16.73 21.62 0.18
N PRO L 51 -15.77 22.54 0.16
CA PRO L 51 -14.72 22.52 1.18
C PRO L 51 -15.23 23.07 2.51
N GLN L 52 -14.56 22.66 3.58
CA GLN L 52 -14.84 23.15 4.92
C GLN L 52 -13.70 24.04 5.38
N GLU L 53 -14.02 25.25 5.84
CA GLU L 53 -13.03 26.22 6.31
C GLU L 53 -13.47 26.72 7.68
N VAL L 54 -13.18 25.95 8.72
CA VAL L 54 -13.42 26.41 10.08
C VAL L 54 -12.51 27.60 10.36
N VAL L 55 -13.09 28.68 10.87
CA VAL L 55 -12.37 29.94 11.07
C VAL L 55 -11.81 29.91 12.49
N LEU L 56 -10.69 29.21 12.65
CA LEU L 56 -9.96 29.16 13.93
C LEU L 56 -9.83 30.55 14.54
N GLU L 57 -10.37 30.70 15.74
CA GLU L 57 -10.37 31.97 16.46
C GLU L 57 -9.41 31.85 17.62
N ASN L 58 -8.72 32.95 17.91
CA ASN L 58 -7.71 33.10 18.96
C ASN L 58 -6.38 32.42 18.62
N VAL L 59 -6.26 31.80 17.44
CA VAL L 59 -5.04 31.13 17.02
C VAL L 59 -4.26 32.11 16.15
N THR L 60 -3.03 32.41 16.57
CA THR L 60 -2.11 33.29 15.84
C THR L 60 -0.86 32.49 15.52
N GLU L 61 -0.88 31.82 14.37
CA GLU L 61 0.24 30.99 13.95
C GLU L 61 1.25 31.80 13.15
N HIS L 62 2.49 31.32 13.15
CA HIS L 62 3.59 31.95 12.43
C HIS L 62 3.79 31.21 11.11
N PHE L 63 3.62 31.93 10.00
CA PHE L 63 3.80 31.38 8.66
C PHE L 63 5.12 31.87 8.07
N ASN L 64 5.65 31.09 7.14
CA ASN L 64 6.88 31.46 6.43
C ASN L 64 6.83 30.82 5.05
N MET L 65 6.64 31.63 4.02
CA MET L 65 6.62 31.11 2.65
C MET L 65 7.96 30.53 2.25
N TRP L 66 9.06 31.07 2.77
CA TRP L 66 10.38 30.70 2.28
C TRP L 66 10.94 29.42 2.89
N LYS L 67 10.25 28.85 3.89
CA LYS L 67 10.56 27.51 4.40
C LYS L 67 9.23 26.77 4.43
N ASN L 68 8.85 26.21 3.27
CA ASN L 68 7.53 25.60 3.08
C ASN L 68 7.72 24.38 2.22
N ASN L 69 7.60 23.19 2.81
CA ASN L 69 7.85 21.95 2.08
C ASN L 69 6.81 21.71 0.98
N MET L 70 5.65 22.36 1.06
CA MET L 70 4.64 22.17 0.01
C MET L 70 5.15 22.64 -1.34
N VAL L 71 5.93 23.72 -1.37
CA VAL L 71 6.43 24.23 -2.64
C VAL L 71 7.38 23.24 -3.29
N GLU L 72 8.31 22.68 -2.49
CA GLU L 72 9.23 21.70 -3.03
C GLU L 72 8.50 20.42 -3.41
N GLN L 73 7.47 20.04 -2.65
CA GLN L 73 6.67 18.89 -3.01
C GLN L 73 5.95 19.11 -4.34
N MET L 74 5.46 20.33 -4.57
CA MET L 74 4.85 20.64 -5.85
C MET L 74 5.85 20.59 -6.98
N GLN L 75 7.07 21.10 -6.76
CA GLN L 75 8.10 21.01 -7.79
C GLN L 75 8.38 19.56 -8.15
N THR L 76 8.58 18.71 -7.14
CA THR L 76 8.85 17.31 -7.40
C THR L 76 7.67 16.65 -8.10
N ASP L 77 6.43 16.94 -7.66
CA ASP L 77 5.27 16.29 -8.24
C ASP L 77 5.07 16.72 -9.69
N ILE L 78 5.24 18.00 -9.99
CA ILE L 78 5.03 18.46 -11.37
C ILE L 78 6.13 17.91 -12.27
N ILE L 79 7.37 17.82 -11.77
CA ILE L 79 8.42 17.21 -12.59
C ILE L 79 8.09 15.75 -12.87
N SER L 80 7.63 15.02 -11.85
CA SER L 80 7.30 13.62 -12.04
C SER L 80 6.15 13.45 -13.02
N LEU L 81 5.11 14.28 -12.90
CA LEU L 81 3.98 14.17 -13.82
C LEU L 81 4.38 14.55 -15.24
N TRP L 82 5.23 15.56 -15.39
CA TRP L 82 5.72 15.94 -16.70
C TRP L 82 6.48 14.80 -17.34
N ASP L 83 7.39 14.17 -16.59
CA ASP L 83 8.17 13.06 -17.14
C ASP L 83 7.28 11.87 -17.47
N GLN L 84 6.30 11.57 -16.60
CA GLN L 84 5.44 10.41 -16.85
C GLN L 84 4.54 10.66 -18.06
N SER L 85 4.08 11.89 -18.25
CA SER L 85 3.22 12.19 -19.40
C SER L 85 3.97 12.04 -20.72
N LEU L 86 5.26 12.35 -20.74
CA LEU L 86 6.08 12.20 -21.93
C LEU L 86 6.73 10.82 -22.05
N LYS L 87 6.49 9.93 -21.08
CA LYS L 87 7.13 8.61 -21.11
C LYS L 87 6.75 7.79 -22.33
N PRO L 88 5.48 7.61 -22.69
CA PRO L 88 5.15 6.75 -23.84
C PRO L 88 5.18 7.43 -25.19
N CYS L 89 5.62 8.68 -25.28
CA CYS L 89 5.63 9.39 -26.56
C CYS L 89 6.89 9.03 -27.35
N VAL L 90 6.87 9.41 -28.63
CA VAL L 90 7.95 9.05 -29.55
C VAL L 90 9.24 9.75 -29.12
N LYS L 91 10.35 9.01 -29.15
CA LYS L 91 11.67 9.54 -28.88
C LYS L 91 12.39 9.75 -30.19
N LEU L 92 12.77 11.01 -30.47
CA LEU L 92 13.41 11.38 -31.74
C LEU L 92 14.89 10.98 -31.75
N THR L 93 15.14 9.67 -31.72
CA THR L 93 16.53 9.22 -31.82
C THR L 93 17.11 9.39 -33.22
N PRO L 94 16.42 8.97 -34.36
CA PRO L 94 17.05 9.06 -35.69
C PRO L 94 16.79 10.40 -36.38
N LEU L 95 17.05 11.50 -35.68
CA LEU L 95 16.92 12.84 -36.25
C LEU L 95 18.09 13.74 -35.90
N CYS L 96 19.20 13.17 -35.46
CA CYS L 96 20.43 13.93 -35.24
C CYS L 96 21.21 14.06 -36.54
N VAL L 97 20.65 13.58 -37.66
CA VAL L 97 21.34 13.55 -38.94
C VAL L 97 21.80 14.95 -39.32
N THR L 98 22.91 15.02 -40.05
CA THR L 98 23.41 16.29 -40.55
C THR L 98 22.33 16.93 -41.43
N LEU L 99 22.01 18.18 -41.16
CA LEU L 99 20.95 18.89 -41.86
C LEU L 99 21.54 19.91 -42.81
N ASN L 100 21.16 19.83 -44.09
CA ASN L 100 21.53 20.84 -45.08
C ASN L 100 20.47 21.92 -45.03
N CYS L 101 20.81 23.09 -44.49
CA CYS L 101 19.83 24.14 -44.25
C CYS L 101 20.14 25.39 -45.06
N LYS L 102 19.07 25.99 -45.58
CA LYS L 102 19.14 27.27 -46.26
C LYS L 102 18.13 28.23 -45.65
N ASP L 103 18.45 29.52 -45.69
CA ASP L 103 17.56 30.52 -45.14
C ASP L 103 16.25 30.55 -45.93
N VAL L 104 15.14 30.69 -45.21
CA VAL L 104 13.84 30.77 -45.86
C VAL L 104 13.69 32.14 -46.51
N ASN L 105 13.18 32.14 -47.73
CA ASN L 105 13.05 33.38 -48.51
C ASN L 105 11.81 34.12 -48.04
N ALA L 106 12.02 35.19 -47.26
CA ALA L 106 10.91 35.98 -46.72
C ALA L 106 10.51 37.08 -47.69
N GLU L 118 10.67 39.04 -39.80
CA GLU L 118 11.76 38.15 -39.44
C GLU L 118 12.67 37.87 -40.63
N ARG L 119 13.93 37.58 -40.36
CA ARG L 119 14.88 37.16 -41.39
C ARG L 119 15.83 36.14 -40.78
N GLY L 120 15.89 34.95 -41.36
CA GLY L 120 16.78 33.91 -40.88
C GLY L 120 16.27 33.14 -39.68
N GLU L 121 15.05 33.44 -39.20
CA GLU L 121 14.54 32.75 -38.02
C GLU L 121 14.08 31.33 -38.33
N ILE L 122 13.63 31.09 -39.55
CA ILE L 122 13.12 29.80 -39.98
C ILE L 122 14.03 29.31 -41.11
N LYS L 123 14.48 28.07 -41.01
CA LYS L 123 15.46 27.50 -41.91
C LYS L 123 14.86 26.28 -42.59
N ASN L 124 15.00 26.24 -43.92
CA ASN L 124 14.55 25.14 -44.77
C ASN L 124 15.66 24.10 -44.76
N CYS L 125 15.47 23.02 -44.00
CA CYS L 125 16.49 22.03 -43.75
C CYS L 125 16.12 20.71 -44.42
N SER L 126 17.05 20.17 -45.19
CA SER L 126 16.94 18.88 -45.84
C SER L 126 17.73 17.85 -45.05
N PHE L 127 17.22 16.63 -44.99
CA PHE L 127 17.99 15.58 -44.34
C PHE L 127 17.56 14.21 -44.83
N ASN L 128 18.47 13.26 -44.70
CA ASN L 128 18.26 11.88 -45.12
C ASN L 128 17.77 11.08 -43.92
N ILE L 129 16.50 10.69 -43.94
CA ILE L 129 15.95 9.81 -42.92
C ILE L 129 16.05 8.37 -43.40
N THR L 130 16.59 7.51 -42.54
CA THR L 130 16.74 6.07 -42.80
C THR L 130 15.74 5.36 -41.91
N THR L 131 14.54 5.12 -42.45
CA THR L 131 13.47 4.55 -41.66
C THR L 131 13.78 3.08 -41.34
N GLU L 132 12.90 2.46 -40.56
CA GLU L 132 13.09 1.07 -40.17
C GLU L 132 12.84 0.09 -41.31
N LEU L 133 12.33 0.55 -42.46
CA LEU L 133 12.23 -0.32 -43.61
C LEU L 133 13.61 -0.82 -44.05
N ARG L 134 14.63 0.04 -43.94
CA ARG L 134 16.03 -0.33 -44.13
C ARG L 134 16.35 -0.79 -45.55
N ASP L 135 15.52 -0.42 -46.54
CA ASP L 135 15.86 -0.55 -47.94
C ASP L 135 15.63 0.75 -48.71
N LYS L 136 15.48 1.88 -47.99
CA LYS L 136 15.36 3.17 -48.62
C LYS L 136 16.06 4.21 -47.74
N VAL L 137 16.51 5.28 -48.37
CA VAL L 137 17.01 6.46 -47.70
C VAL L 137 16.22 7.61 -48.29
N GLN L 138 15.38 8.24 -47.47
CA GLN L 138 14.43 9.24 -47.95
C GLN L 138 14.96 10.63 -47.65
N LYS L 139 15.17 11.43 -48.68
CA LYS L 139 15.51 12.83 -48.50
C LYS L 139 14.22 13.60 -48.24
N VAL L 140 14.17 14.32 -47.12
CA VAL L 140 12.96 15.01 -46.70
C VAL L 140 13.32 16.45 -46.36
N TYR L 141 12.32 17.33 -46.48
CA TYR L 141 12.46 18.76 -46.26
C TYR L 141 11.56 19.17 -45.11
N ALA L 142 12.08 20.00 -44.22
CA ALA L 142 11.33 20.46 -43.06
C ALA L 142 11.84 21.82 -42.65
N LEU L 143 10.99 22.60 -42.00
CA LEU L 143 11.36 23.92 -41.49
C LEU L 143 11.66 23.83 -40.01
N PHE L 144 12.78 24.43 -39.59
CA PHE L 144 13.14 24.48 -38.18
C PHE L 144 13.45 25.91 -37.78
N TYR L 145 13.11 26.26 -36.55
CA TYR L 145 13.44 27.57 -36.05
C TYR L 145 14.94 27.69 -35.83
N LYS L 146 15.46 28.91 -35.93
CA LYS L 146 16.90 29.12 -35.79
C LYS L 146 17.40 28.73 -34.41
N LEU L 147 16.57 28.88 -33.39
CA LEU L 147 17.02 28.62 -32.02
C LEU L 147 17.34 27.14 -31.80
N ASP L 148 16.70 26.25 -32.54
CA ASP L 148 16.89 24.81 -32.37
C ASP L 148 17.96 24.23 -33.28
N VAL L 149 18.65 25.06 -34.06
CA VAL L 149 19.55 24.60 -35.11
C VAL L 149 20.90 25.29 -34.91
N VAL L 150 21.97 24.51 -34.88
CA VAL L 150 23.32 25.01 -34.61
C VAL L 150 24.29 24.55 -35.70
N PRO L 151 25.30 25.34 -36.10
CA PRO L 151 26.26 24.87 -37.09
C PRO L 151 27.11 23.73 -36.53
N ILE L 152 27.70 22.97 -37.46
CA ILE L 152 28.60 21.88 -37.12
C ILE L 152 29.90 21.98 -37.93
N ASP L 153 30.08 23.06 -38.67
CA ASP L 153 31.21 23.15 -39.59
C ASP L 153 31.40 24.60 -39.99
N ASN L 154 32.51 24.83 -40.72
CA ASN L 154 32.72 26.10 -41.40
C ASN L 154 31.87 26.23 -42.67
N ASN L 155 31.19 25.16 -43.08
CA ASN L 155 30.21 25.24 -44.15
C ASN L 155 28.93 25.88 -43.63
N ASN L 156 28.49 26.94 -44.29
CA ASN L 156 27.38 27.73 -43.80
C ASN L 156 26.03 27.03 -43.93
N THR L 157 25.96 25.88 -44.60
CA THR L 157 24.70 25.18 -44.85
C THR L 157 24.51 23.93 -43.99
N SER L 158 25.53 23.48 -43.26
CA SER L 158 25.46 22.24 -42.49
C SER L 158 25.17 22.56 -41.04
N TYR L 159 24.10 21.97 -40.50
CA TYR L 159 23.67 22.22 -39.14
C TYR L 159 23.16 20.93 -38.51
N ARG L 160 22.91 20.99 -37.20
CA ARG L 160 22.25 19.91 -36.47
C ARG L 160 21.28 20.51 -35.46
N LEU L 161 20.49 19.65 -34.83
CA LEU L 161 19.62 20.08 -33.74
C LEU L 161 20.43 20.50 -32.54
N ILE L 162 19.92 21.49 -31.81
CA ILE L 162 20.75 22.24 -30.86
C ILE L 162 21.25 21.35 -29.73
N SER L 163 20.41 20.42 -29.24
CA SER L 163 20.71 19.69 -28.01
C SER L 163 20.58 18.19 -28.20
N CYS L 164 20.54 17.69 -29.44
CA CYS L 164 20.39 16.26 -29.67
C CYS L 164 21.68 15.48 -29.50
N ASP L 165 22.82 16.15 -29.40
CA ASP L 165 24.10 15.45 -29.27
C ASP L 165 24.42 15.07 -27.82
N THR L 166 23.87 15.78 -26.83
CA THR L 166 24.12 15.50 -25.42
C THR L 166 22.82 15.18 -24.67
N SER L 167 21.75 14.85 -25.38
CA SER L 167 20.48 14.55 -24.74
C SER L 167 19.65 13.68 -25.65
N VAL L 168 18.68 13.00 -25.05
CA VAL L 168 17.67 12.25 -25.79
C VAL L 168 16.42 13.13 -25.88
N ILE L 169 15.99 13.40 -27.11
CA ILE L 169 14.92 14.35 -27.37
C ILE L 169 13.61 13.56 -27.42
N THR L 170 12.70 13.88 -26.51
CA THR L 170 11.38 13.25 -26.47
C THR L 170 10.38 14.19 -27.14
N GLN L 171 9.70 13.70 -28.18
CA GLN L 171 8.64 14.48 -28.80
C GLN L 171 7.40 14.44 -27.93
N ALA L 172 6.83 15.60 -27.66
CA ALA L 172 5.56 15.65 -26.95
C ALA L 172 4.46 15.10 -27.86
N CYS L 173 3.62 14.24 -27.33
CA CYS L 173 2.49 13.74 -28.10
C CYS L 173 1.57 14.92 -28.41
N PRO L 174 1.16 15.12 -29.67
CA PRO L 174 0.20 16.21 -29.95
C PRO L 174 -1.11 16.10 -29.18
N LYS L 175 -1.50 14.91 -28.73
CA LYS L 175 -2.77 14.79 -28.02
C LYS L 175 -2.69 15.27 -26.58
N ILE L 176 -1.50 15.52 -26.05
CA ILE L 176 -1.36 16.06 -24.71
C ILE L 176 -1.59 17.57 -24.77
N SER L 177 -2.54 18.05 -23.98
CA SER L 177 -2.82 19.48 -23.86
C SER L 177 -2.02 20.07 -22.71
N PHE L 178 -1.64 21.34 -22.86
CA PHE L 178 -0.90 22.08 -21.84
C PHE L 178 -1.75 23.17 -21.19
N GLU L 179 -3.07 23.11 -21.34
CA GLU L 179 -3.93 24.13 -20.76
C GLU L 179 -3.88 24.03 -19.23
N PRO L 180 -3.66 25.13 -18.50
CA PRO L 180 -3.69 25.03 -17.03
C PRO L 180 -5.05 24.56 -16.52
N ILE L 181 -5.00 23.67 -15.53
CA ILE L 181 -6.18 23.22 -14.80
C ILE L 181 -5.94 23.50 -13.32
N PRO L 182 -6.92 23.97 -12.55
CA PRO L 182 -6.66 24.20 -11.13
C PRO L 182 -6.44 22.86 -10.43
N ILE L 183 -5.34 22.76 -9.68
CA ILE L 183 -4.99 21.58 -8.90
C ILE L 183 -5.01 21.96 -7.43
N HIS L 184 -5.69 21.16 -6.63
CA HIS L 184 -5.69 21.30 -5.18
C HIS L 184 -4.75 20.27 -4.56
N TYR L 185 -4.22 20.61 -3.40
CA TYR L 185 -3.50 19.69 -2.53
C TYR L 185 -4.27 19.56 -1.24
N CYS L 186 -4.58 18.33 -0.86
CA CYS L 186 -5.41 18.00 0.29
C CYS L 186 -4.59 17.22 1.31
N ALA L 187 -4.81 17.51 2.59
CA ALA L 187 -4.03 16.90 3.64
C ALA L 187 -4.37 15.41 3.76
N PRO L 188 -3.41 14.55 4.06
CA PRO L 188 -3.73 13.17 4.42
C PRO L 188 -4.22 13.11 5.86
N ALA L 189 -4.79 11.96 6.21
CA ALA L 189 -5.23 11.74 7.58
C ALA L 189 -4.05 11.82 8.53
N GLY L 190 -4.22 12.56 9.63
CA GLY L 190 -3.16 12.79 10.59
C GLY L 190 -2.51 14.16 10.50
N PHE L 191 -2.77 14.91 9.43
CA PHE L 191 -2.19 16.23 9.21
C PHE L 191 -3.31 17.23 8.96
N ALA L 192 -2.96 18.51 8.96
CA ALA L 192 -3.91 19.57 8.69
C ALA L 192 -3.24 20.69 7.92
N ILE L 193 -4.06 21.43 7.16
CA ILE L 193 -3.61 22.60 6.42
C ILE L 193 -4.24 23.82 7.09
N LEU L 194 -3.39 24.71 7.59
CA LEU L 194 -3.81 25.95 8.22
C LEU L 194 -3.63 27.08 7.20
N LYS L 195 -4.71 27.78 6.91
CA LYS L 195 -4.74 28.86 5.94
C LYS L 195 -4.73 30.20 6.67
N CYS L 196 -3.92 31.13 6.17
CA CYS L 196 -3.88 32.48 6.69
C CYS L 196 -4.87 33.35 5.91
N ASN L 197 -5.88 33.88 6.59
CA ASN L 197 -6.96 34.62 5.94
C ASN L 197 -6.76 36.13 6.00
N ASP L 198 -5.55 36.58 6.33
CA ASP L 198 -5.29 38.01 6.33
C ASP L 198 -5.26 38.54 4.89
N LYS L 199 -5.31 39.86 4.76
CA LYS L 199 -5.42 40.52 3.47
C LYS L 199 -4.15 41.24 3.03
N THR L 200 -3.30 41.65 3.97
CA THR L 200 -2.05 42.35 3.69
C THR L 200 -0.85 41.54 4.16
N PHE L 201 -1.00 40.21 4.21
CA PHE L 201 0.04 39.36 4.77
C PHE L 201 1.33 39.46 3.97
N ASN L 202 2.45 39.57 4.69
CA ASN L 202 3.77 39.79 4.08
C ASN L 202 4.57 38.51 3.95
N GLY L 203 3.91 37.36 3.88
CA GLY L 203 4.59 36.10 3.64
C GLY L 203 5.20 35.45 4.87
N LYS L 204 6.10 36.17 5.55
CA LYS L 204 6.81 35.67 6.71
C LYS L 204 6.41 36.48 7.93
N GLY L 205 5.76 35.82 8.89
CA GLY L 205 5.36 36.47 10.12
C GLY L 205 4.13 35.83 10.75
N PRO L 206 3.65 36.42 11.84
CA PRO L 206 2.41 35.92 12.45
C PRO L 206 1.19 36.30 11.64
N CYS L 207 0.20 35.41 11.67
CA CYS L 207 -1.08 35.62 11.00
C CYS L 207 -2.17 35.72 12.05
N LYS L 208 -2.96 36.79 11.99
CA LYS L 208 -3.96 37.06 13.03
C LYS L 208 -5.28 36.36 12.78
N ASN L 209 -5.61 36.03 11.52
CA ASN L 209 -6.86 35.38 11.14
C ASN L 209 -6.52 34.07 10.43
N VAL L 210 -6.63 32.96 11.17
CA VAL L 210 -6.24 31.65 10.68
C VAL L 210 -7.47 30.76 10.62
N SER L 211 -7.56 29.94 9.57
CA SER L 211 -8.59 28.94 9.39
C SER L 211 -7.91 27.61 9.11
N THR L 212 -8.69 26.53 9.14
CA THR L 212 -8.22 25.20 8.77
C THR L 212 -9.03 24.73 7.57
N VAL L 213 -8.33 24.25 6.54
CA VAL L 213 -8.96 23.77 5.31
C VAL L 213 -8.48 22.37 5.03
N GLN L 214 -9.38 21.56 4.45
CA GLN L 214 -8.96 20.22 4.01
C GLN L 214 -8.16 20.29 2.71
N CYS L 215 -8.47 21.26 1.85
CA CYS L 215 -7.79 21.41 0.57
C CYS L 215 -7.59 22.90 0.29
N THR L 216 -6.58 23.22 -0.51
CA THR L 216 -6.28 24.59 -0.87
C THR L 216 -7.15 25.05 -2.02
N HIS L 217 -7.07 26.34 -2.33
CA HIS L 217 -7.84 26.89 -3.43
C HIS L 217 -7.27 26.40 -4.76
N GLY L 218 -8.03 26.59 -5.83
CA GLY L 218 -7.61 26.14 -7.14
C GLY L 218 -6.31 26.81 -7.58
N ILE L 219 -5.30 26.00 -7.87
CA ILE L 219 -3.97 26.47 -8.25
C ILE L 219 -3.71 26.03 -9.68
N ARG L 220 -3.51 27.00 -10.57
CA ARG L 220 -3.14 26.71 -11.95
C ARG L 220 -1.62 26.56 -12.03
N PRO L 221 -1.08 25.37 -12.35
CA PRO L 221 0.39 25.29 -12.41
C PRO L 221 0.95 25.90 -13.70
N VAL L 222 0.86 27.22 -13.80
CA VAL L 222 1.32 27.94 -14.98
C VAL L 222 2.84 28.01 -14.92
N VAL L 223 3.49 27.65 -16.03
CA VAL L 223 4.95 27.66 -16.13
C VAL L 223 5.35 28.89 -16.92
N SER L 224 6.10 29.80 -16.28
CA SER L 224 6.57 31.00 -16.93
C SER L 224 7.72 31.57 -16.11
N THR L 225 8.46 32.50 -16.72
CA THR L 225 9.64 33.08 -16.09
C THR L 225 9.63 34.60 -16.27
N GLN L 226 10.14 35.28 -15.24
CA GLN L 226 10.15 36.74 -15.08
C GLN L 226 8.77 37.32 -14.76
N LEU L 227 7.72 36.51 -14.78
CA LEU L 227 6.38 37.06 -14.70
C LEU L 227 5.38 35.94 -14.47
N LEU L 228 4.46 36.13 -13.54
CA LEU L 228 3.48 35.12 -13.16
C LEU L 228 2.18 35.41 -13.87
N LEU L 229 1.70 34.45 -14.63
CA LEU L 229 0.55 34.59 -15.51
C LEU L 229 -0.62 33.81 -14.92
N ASN L 230 -1.78 34.48 -14.81
CA ASN L 230 -3.00 33.89 -14.26
C ASN L 230 -2.81 33.55 -12.78
N GLY L 231 -3.90 33.48 -12.03
CA GLY L 231 -3.87 33.20 -10.61
C GLY L 231 -4.57 34.29 -9.81
N SER L 232 -4.40 34.22 -8.50
CA SER L 232 -5.11 35.09 -7.58
C SER L 232 -4.44 36.45 -7.47
N LEU L 233 -5.23 37.43 -7.03
CA LEU L 233 -4.80 38.82 -6.90
C LEU L 233 -4.95 39.28 -5.45
N ALA L 234 -4.14 40.27 -5.08
CA ALA L 234 -4.25 40.85 -3.74
C ALA L 234 -5.57 41.57 -3.57
N GLU L 235 -6.04 41.64 -2.32
CA GLU L 235 -7.34 42.21 -2.00
C GLU L 235 -7.29 43.66 -1.56
N GLU L 236 -6.22 44.08 -0.85
CA GLU L 236 -6.11 45.41 -0.30
C GLU L 236 -5.19 46.32 -1.10
N GLU L 237 -3.97 45.87 -1.40
CA GLU L 237 -3.01 46.68 -2.13
C GLU L 237 -1.99 45.74 -2.75
N VAL L 238 -1.15 46.30 -3.62
CA VAL L 238 -0.07 45.53 -4.21
C VAL L 238 0.86 45.07 -3.09
N VAL L 239 1.16 43.78 -3.04
CA VAL L 239 1.95 43.18 -1.95
C VAL L 239 3.31 42.77 -2.49
N ILE L 240 4.36 43.22 -1.82
CA ILE L 240 5.75 42.96 -2.19
C ILE L 240 6.31 42.06 -1.09
N ARG L 241 6.72 40.84 -1.45
CA ARG L 241 7.19 39.85 -0.49
C ARG L 241 8.62 39.42 -0.80
N SER L 242 9.48 39.50 0.20
CA SER L 242 10.86 39.01 0.13
C SER L 242 11.26 38.49 1.51
N ASP L 243 12.17 37.52 1.51
CA ASP L 243 12.57 36.88 2.76
C ASP L 243 13.33 37.83 3.68
N ASN L 244 14.36 38.50 3.16
CA ASN L 244 15.20 39.39 3.93
C ASN L 244 15.08 40.84 3.54
N PHE L 245 14.83 41.11 2.25
CA PHE L 245 14.66 42.44 1.67
C PHE L 245 15.96 43.22 1.56
N THR L 246 17.09 42.72 2.12
CA THR L 246 18.37 43.42 1.93
C THR L 246 19.56 42.60 1.45
N ASN L 247 19.53 41.26 1.53
CA ASN L 247 20.69 40.47 1.13
C ASN L 247 20.93 40.60 -0.37
N ASN L 248 19.91 41.01 -1.16
CA ASN L 248 19.91 40.98 -2.63
C ASN L 248 19.80 39.52 -3.09
N ALA L 249 19.60 39.33 -4.39
CA ALA L 249 19.52 38.01 -5.01
C ALA L 249 18.52 37.09 -4.32
N LYS L 250 17.44 37.69 -3.78
CA LYS L 250 16.31 36.97 -3.21
C LYS L 250 15.07 37.49 -3.89
N THR L 251 14.37 36.62 -4.62
CA THR L 251 13.21 36.99 -5.42
C THR L 251 12.24 37.87 -4.64
N ILE L 252 11.90 39.01 -5.22
CA ILE L 252 10.95 39.95 -4.63
C ILE L 252 9.59 39.74 -5.30
N ILE L 253 8.88 38.68 -4.89
CA ILE L 253 7.57 38.37 -5.46
C ILE L 253 6.65 39.58 -5.32
N VAL L 254 6.01 39.98 -6.42
CA VAL L 254 5.08 41.10 -6.43
C VAL L 254 3.73 40.57 -6.87
N GLN L 255 2.72 40.71 -6.00
CA GLN L 255 1.33 40.39 -6.30
C GLN L 255 0.56 41.69 -6.49
N LEU L 256 -0.30 41.72 -7.51
CA LEU L 256 -1.00 42.93 -7.91
C LEU L 256 -2.46 42.90 -7.50
N LYS L 257 -3.06 44.10 -7.46
CA LYS L 257 -4.49 44.27 -7.23
C LYS L 257 -5.29 44.16 -8.52
N GLU L 258 -4.85 44.84 -9.57
CA GLU L 258 -5.52 44.85 -10.86
C GLU L 258 -4.63 44.18 -11.89
N SER L 259 -5.23 43.43 -12.81
CA SER L 259 -4.52 42.62 -13.76
C SER L 259 -4.45 43.33 -15.11
N VAL L 260 -3.23 43.46 -15.63
CA VAL L 260 -2.99 43.92 -16.99
C VAL L 260 -3.24 42.67 -17.83
N GLU L 261 -3.28 42.80 -19.17
CA GLU L 261 -3.66 41.70 -20.03
C GLU L 261 -2.65 41.54 -21.16
N ILE L 262 -2.08 40.35 -21.28
CA ILE L 262 -1.12 40.01 -22.31
C ILE L 262 -1.91 39.31 -23.42
N ASN L 263 -2.43 40.09 -24.36
CA ASN L 263 -2.88 39.53 -25.63
C ASN L 263 -1.66 39.21 -26.48
N CYS L 264 -1.56 37.97 -26.96
CA CYS L 264 -0.43 37.56 -27.78
C CYS L 264 -0.91 36.75 -28.96
N THR L 265 -0.27 36.96 -30.11
CA THR L 265 -0.64 36.29 -31.34
C THR L 265 0.61 35.88 -32.10
N ARG L 266 0.53 34.72 -32.75
CA ARG L 266 1.52 34.30 -33.74
C ARG L 266 0.82 34.39 -35.09
N PRO L 267 1.11 35.38 -35.94
CA PRO L 267 0.30 35.52 -37.16
C PRO L 267 0.48 34.38 -38.14
N ASN L 268 1.69 33.84 -38.25
CA ASN L 268 2.00 32.90 -39.32
C ASN L 268 1.12 31.63 -39.24
N ASN L 269 0.63 31.20 -40.39
CA ASN L 269 -0.12 29.97 -40.54
C ASN L 269 0.79 28.89 -41.13
N TYR L 270 0.88 27.76 -40.45
CA TYR L 270 1.77 26.68 -40.85
C TYR L 270 1.00 25.38 -41.01
N THR L 271 1.57 24.48 -41.79
CA THR L 271 1.03 23.15 -42.03
C THR L 271 2.00 22.12 -41.47
N ARG L 272 1.45 21.10 -40.81
CA ARG L 272 2.22 20.11 -40.07
C ARG L 272 2.32 18.83 -40.88
N LYS L 273 3.50 18.55 -41.42
CA LYS L 273 3.75 17.28 -42.09
C LYS L 273 4.28 16.27 -41.09
N SER L 274 4.05 15.00 -41.39
CA SER L 274 4.50 13.88 -40.56
C SER L 274 5.48 13.02 -41.35
N ILE L 275 6.50 12.53 -40.66
CA ILE L 275 7.53 11.69 -41.26
C ILE L 275 7.66 10.43 -40.42
N ARG L 276 7.50 9.28 -41.06
CA ARG L 276 7.53 8.02 -40.34
C ARG L 276 8.90 7.79 -39.72
N ILE L 277 8.91 7.30 -38.48
CA ILE L 277 10.13 6.91 -37.80
C ILE L 277 10.21 5.40 -37.63
N GLY L 278 9.09 4.78 -37.28
CA GLY L 278 9.00 3.35 -37.10
C GLY L 278 7.54 2.98 -37.13
N PRO L 279 7.23 1.70 -36.95
CA PRO L 279 5.82 1.29 -37.08
C PRO L 279 4.97 1.89 -35.99
N GLY L 280 4.23 2.94 -36.33
CA GLY L 280 3.35 3.61 -35.41
C GLY L 280 3.92 4.83 -34.73
N ARG L 281 5.09 5.30 -35.16
CA ARG L 281 5.75 6.47 -34.61
C ARG L 281 6.06 7.45 -35.73
N ALA L 282 5.85 8.74 -35.45
CA ALA L 282 6.02 9.78 -36.45
C ALA L 282 6.65 11.00 -35.83
N PHE L 283 7.50 11.66 -36.62
CA PHE L 283 8.05 12.95 -36.28
C PHE L 283 7.19 14.01 -36.94
N TYR L 284 6.60 14.88 -36.14
CA TYR L 284 5.74 15.95 -36.64
C TYR L 284 6.59 17.19 -36.82
N THR L 285 6.61 17.73 -38.03
CA THR L 285 7.44 18.87 -38.34
C THR L 285 6.68 19.85 -39.23
N MET L 286 7.39 20.89 -39.61
CA MET L 286 6.80 22.09 -40.22
C MET L 286 6.85 21.94 -41.72
N GLY L 287 5.70 22.01 -42.39
CA GLY L 287 5.66 21.71 -43.81
C GLY L 287 6.10 22.84 -44.71
N GLU L 288 5.33 23.92 -44.76
CA GLU L 288 5.68 25.08 -45.58
C GLU L 288 4.96 26.29 -45.02
N ILE L 289 5.33 27.46 -45.51
CA ILE L 289 4.76 28.72 -45.07
C ILE L 289 3.47 28.97 -45.85
N ILE L 290 2.39 29.25 -45.12
CA ILE L 290 1.16 29.76 -45.69
C ILE L 290 1.05 31.22 -45.27
N GLY L 291 0.98 32.12 -46.24
CA GLY L 291 0.92 33.54 -45.95
C GLY L 291 2.30 34.15 -45.75
N ASP L 292 2.29 35.43 -45.39
CA ASP L 292 3.51 36.21 -45.21
C ASP L 292 4.19 35.85 -43.89
N ILE L 293 5.50 36.07 -43.85
CA ILE L 293 6.30 35.84 -42.66
C ILE L 293 6.24 37.11 -41.81
N ARG L 294 5.41 37.08 -40.78
CA ARG L 294 5.29 38.15 -39.80
C ARG L 294 6.03 37.74 -38.53
N GLN L 295 5.82 38.50 -37.46
CA GLN L 295 6.49 38.28 -36.18
C GLN L 295 5.43 38.24 -35.09
N ALA L 296 5.76 37.56 -33.99
CA ALA L 296 4.84 37.43 -32.87
C ALA L 296 4.97 38.68 -32.00
N HIS L 297 3.94 39.52 -32.04
CA HIS L 297 3.95 40.85 -31.42
C HIS L 297 2.96 40.87 -30.26
N CYS L 298 3.45 40.58 -29.06
CA CYS L 298 2.62 40.63 -27.87
C CYS L 298 2.30 42.08 -27.50
N ASN L 299 1.01 42.36 -27.26
CA ASN L 299 0.52 43.72 -27.05
C ASN L 299 0.08 43.90 -25.60
N ILE L 300 0.73 44.82 -24.90
CA ILE L 300 0.36 45.18 -23.54
C ILE L 300 -0.04 46.66 -23.52
N SER L 301 -1.18 46.95 -22.89
CA SER L 301 -1.67 48.33 -22.81
C SER L 301 -0.72 49.17 -21.96
N ARG L 302 -0.07 50.16 -22.59
CA ARG L 302 0.94 50.96 -21.90
C ARG L 302 0.37 51.67 -20.67
N ALA L 303 -0.82 52.26 -20.79
CA ALA L 303 -1.41 52.99 -19.66
C ALA L 303 -1.55 52.09 -18.43
N LYS L 304 -2.09 50.89 -18.62
CA LYS L 304 -2.30 49.98 -17.51
C LYS L 304 -0.95 49.60 -16.88
N TRP L 305 0.04 49.28 -17.70
CA TRP L 305 1.37 48.97 -17.17
C TRP L 305 1.95 50.17 -16.42
N ASN L 306 1.74 51.39 -16.93
CA ASN L 306 2.11 52.60 -16.21
C ASN L 306 1.55 52.56 -14.80
N ASP L 307 0.25 52.36 -14.69
CA ASP L 307 -0.40 52.34 -13.39
C ASP L 307 0.20 51.25 -12.49
N THR L 308 0.45 50.07 -13.06
CA THR L 308 0.97 48.98 -12.26
C THR L 308 2.38 49.31 -11.75
N LEU L 309 3.22 49.85 -12.62
CA LEU L 309 4.57 50.23 -12.21
C LEU L 309 4.51 51.29 -11.12
N LYS L 310 3.56 52.20 -11.21
CA LYS L 310 3.40 53.21 -10.16
C LYS L 310 3.05 52.54 -8.83
N GLN L 311 2.01 51.70 -8.84
CA GLN L 311 1.56 50.97 -7.66
C GLN L 311 2.57 49.96 -7.13
N ILE L 312 3.69 49.76 -7.83
CA ILE L 312 4.78 48.91 -7.36
C ILE L 312 5.93 49.74 -6.84
N VAL L 313 6.29 50.81 -7.55
CA VAL L 313 7.42 51.63 -7.12
C VAL L 313 7.05 52.39 -5.86
N ILE L 314 5.78 52.73 -5.66
CA ILE L 314 5.38 53.34 -4.40
C ILE L 314 5.67 52.40 -3.23
N LYS L 315 5.29 51.13 -3.37
CA LYS L 315 5.52 50.17 -2.30
C LYS L 315 7.01 49.92 -2.12
N LEU L 316 7.76 49.88 -3.22
CA LEU L 316 9.19 49.66 -3.11
C LEU L 316 9.89 50.85 -2.45
N ARG L 317 9.45 52.07 -2.72
CA ARG L 317 9.99 53.22 -2.00
C ARG L 317 9.64 53.16 -0.52
N GLU L 318 8.44 52.68 -0.21
CA GLU L 318 8.05 52.50 1.18
C GLU L 318 8.96 51.49 1.88
N GLN L 319 9.33 50.42 1.18
CA GLN L 319 10.10 49.35 1.83
C GLN L 319 11.61 49.65 1.85
N PHE L 320 12.13 50.25 0.79
CA PHE L 320 13.56 50.54 0.63
C PHE L 320 13.90 51.99 0.92
N GLU L 321 12.99 52.74 1.57
CA GLU L 321 13.14 54.17 1.85
C GLU L 321 13.14 54.94 0.52
N ASN L 322 12.99 56.26 0.57
CA ASN L 322 12.80 57.06 -0.63
C ASN L 322 14.11 57.17 -1.40
N LYS L 323 14.45 56.09 -2.09
CA LYS L 323 15.53 56.07 -3.07
C LYS L 323 14.96 56.11 -4.48
N THR L 324 15.79 56.53 -5.43
CA THR L 324 15.43 56.45 -6.83
C THR L 324 15.42 54.99 -7.25
N ILE L 325 14.34 54.57 -7.91
CA ILE L 325 14.14 53.18 -8.31
C ILE L 325 14.13 53.14 -9.83
N VAL L 326 14.98 52.29 -10.40
CA VAL L 326 15.15 52.15 -11.84
C VAL L 326 14.82 50.71 -12.19
N PHE L 327 13.89 50.54 -13.13
CA PHE L 327 13.54 49.23 -13.66
C PHE L 327 14.31 49.02 -14.96
N ASN L 328 15.33 48.17 -14.90
CA ASN L 328 16.15 47.82 -16.06
C ASN L 328 15.76 46.45 -16.57
N HIS L 329 16.10 46.20 -17.82
CA HIS L 329 15.92 44.87 -18.38
C HIS L 329 16.97 43.92 -17.80
N SER L 330 16.74 42.62 -18.00
CA SER L 330 17.67 41.64 -17.48
C SER L 330 19.00 41.71 -18.23
N SER L 331 20.05 41.19 -17.59
CA SER L 331 21.37 41.19 -18.20
C SER L 331 21.37 40.36 -19.47
N GLY L 332 22.18 40.77 -20.44
CA GLY L 332 22.19 40.10 -21.72
C GLY L 332 22.70 38.68 -21.63
N GLY L 333 22.33 37.88 -22.62
CA GLY L 333 22.71 36.49 -22.64
C GLY L 333 21.78 35.68 -23.54
N ASP L 334 21.82 34.37 -23.34
CA ASP L 334 21.06 33.48 -24.22
C ASP L 334 19.56 33.72 -24.04
N PRO L 335 18.77 33.54 -25.12
CA PRO L 335 17.35 33.92 -25.06
C PRO L 335 16.54 33.20 -23.99
N GLU L 336 16.84 31.92 -23.71
CA GLU L 336 16.01 31.16 -22.78
C GLU L 336 16.01 31.80 -21.40
N ILE L 337 17.18 32.19 -20.91
CA ILE L 337 17.27 32.76 -19.57
C ILE L 337 16.73 34.19 -19.55
N VAL L 338 17.19 35.02 -20.48
CA VAL L 338 16.95 36.46 -20.39
C VAL L 338 15.47 36.77 -20.63
N MET L 339 14.87 36.11 -21.61
CA MET L 339 13.56 36.49 -22.12
C MET L 339 12.43 35.70 -21.45
N HIS L 340 11.30 36.39 -21.27
CA HIS L 340 10.11 35.81 -20.68
C HIS L 340 9.65 34.64 -21.55
N SER L 341 8.98 33.64 -20.94
CA SER L 341 8.64 32.39 -21.64
C SER L 341 7.24 31.90 -21.25
N PHE L 342 6.27 32.10 -22.14
CA PHE L 342 4.90 31.64 -21.95
C PHE L 342 4.77 30.13 -22.13
N ASN L 343 3.62 29.62 -21.68
CA ASN L 343 3.13 28.28 -22.01
C ASN L 343 1.69 28.44 -22.51
N CYS L 344 1.53 28.93 -23.73
CA CYS L 344 0.22 29.24 -24.29
C CYS L 344 0.01 28.52 -25.61
N GLY L 345 -1.09 27.77 -25.70
CA GLY L 345 -1.51 27.17 -26.95
C GLY L 345 -0.77 25.93 -27.37
N GLY L 346 0.18 25.45 -26.57
CA GLY L 346 1.03 24.36 -26.98
C GLY L 346 2.25 24.78 -27.77
N GLU L 347 2.52 26.08 -27.91
CA GLU L 347 3.71 26.60 -28.54
C GLU L 347 4.47 27.43 -27.51
N PHE L 348 5.77 27.15 -27.38
CA PHE L 348 6.61 27.79 -26.38
C PHE L 348 7.12 29.12 -26.93
N PHE L 349 6.68 30.22 -26.33
CA PHE L 349 7.09 31.56 -26.73
C PHE L 349 8.28 31.98 -25.89
N TYR L 350 9.13 32.83 -26.47
CA TYR L 350 10.15 33.55 -25.72
C TYR L 350 10.09 35.00 -26.14
N CYS L 351 9.66 35.88 -25.22
CA CYS L 351 9.37 37.28 -25.54
C CYS L 351 10.40 38.20 -24.90
N ASN L 352 10.89 39.16 -25.69
CA ASN L 352 11.94 40.09 -25.29
C ASN L 352 11.31 41.16 -24.40
N SER L 353 11.20 40.86 -23.11
CA SER L 353 10.59 41.77 -22.14
C SER L 353 11.59 42.83 -21.72
N THR L 354 11.86 43.76 -22.64
CA THR L 354 12.74 44.90 -22.41
C THR L 354 11.97 46.22 -22.32
N GLN L 355 10.95 46.42 -23.14
CA GLN L 355 10.20 47.67 -23.08
C GLN L 355 9.43 47.81 -21.77
N LEU L 356 9.15 46.71 -21.07
CA LEU L 356 8.36 46.80 -19.85
C LEU L 356 9.17 47.34 -18.67
N PHE L 357 10.49 47.16 -18.69
CA PHE L 357 11.36 47.64 -17.62
C PHE L 357 12.42 48.51 -18.26
N ASN L 358 12.04 49.76 -18.53
CA ASN L 358 12.92 50.74 -19.17
C ASN L 358 12.66 52.13 -18.60
N SER L 359 12.50 52.23 -17.29
CA SER L 359 11.97 53.45 -16.67
C SER L 359 12.75 53.82 -15.42
N THR L 360 12.97 55.12 -15.25
CA THR L 360 13.49 55.71 -14.02
C THR L 360 12.38 56.57 -13.42
N TRP L 361 12.06 56.34 -12.14
CA TRP L 361 10.91 56.99 -11.52
C TRP L 361 11.29 58.17 -10.64
N ASN L 362 12.24 57.99 -9.72
CA ASN L 362 12.70 59.06 -8.83
C ASN L 362 11.51 59.67 -8.09
N ASN L 363 11.43 61.00 -7.99
CA ASN L 363 10.32 61.69 -7.32
C ASN L 363 10.05 61.16 -5.91
N THR L 371 7.22 60.68 -24.99
CA THR L 371 5.84 60.22 -25.04
C THR L 371 5.49 59.78 -26.45
N GLU L 372 5.57 58.46 -26.70
CA GLU L 372 5.24 57.88 -27.99
C GLU L 372 4.40 56.63 -27.78
N GLY L 373 3.35 56.50 -28.58
CA GLY L 373 2.54 55.30 -28.59
C GLY L 373 1.64 55.14 -27.37
N ASN L 374 0.76 54.13 -27.43
CA ASN L 374 -0.08 53.77 -26.30
C ASN L 374 -0.14 52.26 -26.07
N THR L 375 0.56 51.46 -26.86
CA THR L 375 0.60 50.01 -26.69
C THR L 375 2.04 49.55 -26.85
N ILE L 376 2.50 48.69 -25.94
CA ILE L 376 3.85 48.15 -25.98
C ILE L 376 3.78 46.83 -26.76
N THR L 377 4.60 46.73 -27.80
CA THR L 377 4.68 45.56 -28.67
C THR L 377 5.99 44.84 -28.38
N LEU L 378 5.89 43.68 -27.75
CA LEU L 378 7.06 42.87 -27.42
C LEU L 378 7.27 41.83 -28.53
N PRO L 379 8.41 41.83 -29.22
CA PRO L 379 8.64 40.74 -30.18
C PRO L 379 8.95 39.44 -29.46
N CYS L 380 8.53 38.34 -30.07
CA CYS L 380 8.68 37.02 -29.48
C CYS L 380 9.15 36.04 -30.54
N ARG L 381 9.95 35.07 -30.10
CA ARG L 381 10.45 34.00 -30.95
C ARG L 381 9.96 32.67 -30.42
N ILE L 382 9.60 31.78 -31.33
CA ILE L 382 9.04 30.48 -30.99
C ILE L 382 10.15 29.45 -31.02
N LYS L 383 10.18 28.58 -30.01
CA LYS L 383 11.20 27.55 -29.86
C LYS L 383 10.51 26.23 -29.63
N GLN L 384 10.97 25.18 -30.32
CA GLN L 384 10.38 23.85 -30.20
C GLN L 384 11.19 22.91 -29.34
N ILE L 385 12.51 23.02 -29.35
CA ILE L 385 13.39 22.15 -28.57
C ILE L 385 13.73 22.91 -27.29
N ILE L 386 13.37 22.35 -26.14
CA ILE L 386 13.43 23.05 -24.87
C ILE L 386 14.03 22.14 -23.81
N ASN L 387 14.62 22.76 -22.79
CA ASN L 387 15.17 22.08 -21.63
C ASN L 387 14.45 22.65 -20.41
N MET L 388 13.53 21.88 -19.85
CA MET L 388 12.64 22.35 -18.80
C MET L 388 13.17 21.99 -17.42
N TRP L 389 12.69 22.72 -16.41
CA TRP L 389 13.05 22.52 -15.01
C TRP L 389 14.56 22.68 -14.78
N GLN L 390 15.23 23.47 -15.62
CA GLN L 390 16.65 23.75 -15.49
C GLN L 390 17.49 22.47 -15.46
N ARG L 391 17.01 21.42 -16.13
CA ARG L 391 17.74 20.17 -16.23
C ARG L 391 18.63 20.16 -17.46
N VAL L 392 19.58 19.22 -17.45
CA VAL L 392 20.51 19.02 -18.55
C VAL L 392 20.56 17.53 -18.86
N GLY L 393 20.78 17.20 -20.12
CA GLY L 393 20.76 15.82 -20.58
C GLY L 393 19.38 15.30 -20.94
N GLN L 394 18.34 16.11 -20.78
CA GLN L 394 16.99 15.76 -21.22
C GLN L 394 16.41 16.95 -21.99
N ALA L 395 15.59 16.66 -22.98
CA ALA L 395 15.05 17.72 -23.83
C ALA L 395 13.74 17.26 -24.45
N MET L 396 12.86 18.22 -24.68
CA MET L 396 11.51 18.00 -25.17
C MET L 396 11.33 18.76 -26.47
N TYR L 397 10.68 18.12 -27.44
CA TYR L 397 10.35 18.73 -28.72
C TYR L 397 8.84 18.92 -28.78
N ALA L 398 8.41 20.19 -28.90
CA ALA L 398 7.00 20.50 -28.99
C ALA L 398 6.58 20.57 -30.45
N PRO L 399 5.67 19.71 -30.93
CA PRO L 399 5.34 19.75 -32.35
C PRO L 399 4.57 21.01 -32.69
N PRO L 400 4.68 21.50 -33.92
CA PRO L 400 4.02 22.78 -34.26
C PRO L 400 2.51 22.62 -34.35
N ILE L 401 1.83 23.76 -34.25
CA ILE L 401 0.38 23.83 -34.24
C ILE L 401 -0.07 24.47 -35.54
N ARG L 402 -1.05 23.84 -36.20
CA ARG L 402 -1.61 24.38 -37.43
C ARG L 402 -2.55 25.54 -37.11
N GLY L 403 -2.38 26.66 -37.80
CA GLY L 403 -3.22 27.82 -37.61
C GLY L 403 -2.58 28.85 -36.69
N GLN L 404 -3.25 30.00 -36.61
CA GLN L 404 -2.81 31.06 -35.72
C GLN L 404 -3.09 30.66 -34.27
N ILE L 405 -2.25 31.18 -33.37
CA ILE L 405 -2.39 31.00 -31.93
C ILE L 405 -2.65 32.37 -31.36
N ARG L 406 -3.77 32.53 -30.63
CA ARG L 406 -4.19 33.82 -30.08
C ARG L 406 -4.41 33.67 -28.58
N CYS L 407 -3.43 34.10 -27.78
CA CYS L 407 -3.52 34.01 -26.34
C CYS L 407 -4.41 35.14 -25.81
N SER L 408 -4.83 35.00 -24.55
CA SER L 408 -5.60 36.05 -23.88
C SER L 408 -5.28 36.05 -22.38
N SER L 409 -3.99 36.11 -22.04
CA SER L 409 -3.58 35.88 -20.66
C SER L 409 -3.83 37.12 -19.80
N ASN L 410 -3.55 37.00 -18.51
CA ASN L 410 -3.74 38.05 -17.52
C ASN L 410 -2.47 38.22 -16.70
N ILE L 411 -1.91 39.43 -16.72
CA ILE L 411 -0.84 39.77 -15.79
C ILE L 411 -1.36 39.58 -14.38
N THR L 412 -0.71 38.72 -13.60
CA THR L 412 -1.08 38.47 -12.22
C THR L 412 0.05 38.77 -11.24
N GLY L 413 1.31 38.64 -11.63
CA GLY L 413 2.39 38.90 -10.71
C GLY L 413 3.70 39.14 -11.42
N LEU L 414 4.65 39.71 -10.69
CA LEU L 414 6.01 39.91 -11.19
C LEU L 414 7.03 39.28 -10.25
N LEU L 415 8.18 38.94 -10.81
CA LEU L 415 9.36 38.52 -10.06
C LEU L 415 10.49 39.51 -10.34
N LEU L 416 10.94 40.21 -9.31
CA LEU L 416 11.99 41.22 -9.43
C LEU L 416 13.21 40.78 -8.64
N THR L 417 14.38 41.16 -9.16
CA THR L 417 15.66 40.91 -8.50
C THR L 417 16.49 42.18 -8.53
N ARG L 418 17.29 42.40 -7.50
CA ARG L 418 18.12 43.59 -7.37
C ARG L 418 19.55 43.30 -7.80
N ASP L 419 20.23 44.36 -8.21
CA ASP L 419 21.65 44.27 -8.54
C ASP L 419 22.50 44.11 -7.29
N GLU L 424 25.54 52.71 -8.07
CA GLU L 424 25.37 52.73 -6.62
C GLU L 424 25.48 54.15 -6.08
N ASN L 425 24.76 55.08 -6.73
CA ASN L 425 24.72 56.49 -6.34
C ASN L 425 23.44 56.83 -5.61
N GLY L 426 22.95 55.91 -4.77
CA GLY L 426 21.67 56.07 -4.12
C GLY L 426 20.49 55.63 -4.95
N THR L 427 20.71 54.85 -6.01
CA THR L 427 19.66 54.36 -6.89
C THR L 427 19.62 52.84 -6.80
N GLU L 428 18.43 52.29 -6.61
CA GLU L 428 18.22 50.85 -6.58
C GLU L 428 17.81 50.37 -7.96
N ILE L 429 18.49 49.34 -8.45
CA ILE L 429 18.26 48.80 -9.78
C ILE L 429 17.51 47.49 -9.62
N PHE L 430 16.25 47.47 -10.06
CA PHE L 430 15.44 46.27 -10.09
C PHE L 430 15.33 45.77 -11.52
N ARG L 431 15.44 44.46 -11.70
CA ARG L 431 15.39 43.82 -13.00
C ARG L 431 14.38 42.69 -12.96
N PRO L 432 13.75 42.37 -14.09
CA PRO L 432 12.93 41.15 -14.14
C PRO L 432 13.83 39.93 -14.06
N GLY L 433 13.70 39.18 -12.97
CA GLY L 433 14.55 38.02 -12.73
C GLY L 433 13.71 36.80 -12.48
N GLY L 434 13.90 36.17 -11.32
CA GLY L 434 13.08 35.05 -10.92
C GLY L 434 13.94 33.91 -10.41
N GLY L 435 13.44 32.70 -10.59
CA GLY L 435 14.21 31.53 -10.23
C GLY L 435 13.60 30.29 -10.84
N ASP L 436 13.88 29.15 -10.22
CA ASP L 436 13.19 27.94 -10.63
C ASP L 436 11.70 28.09 -10.34
N MET L 437 10.91 27.14 -10.83
CA MET L 437 9.46 27.29 -10.81
C MET L 437 8.89 27.30 -9.40
N ARG L 438 9.67 26.95 -8.38
CA ARG L 438 9.18 27.06 -7.01
C ARG L 438 8.72 28.49 -6.71
N ASP L 439 9.45 29.49 -7.19
CA ASP L 439 9.06 30.86 -6.94
C ASP L 439 7.78 31.24 -7.66
N ASN L 440 7.36 30.48 -8.67
CA ASN L 440 6.08 30.73 -9.31
C ASN L 440 4.92 30.24 -8.47
N TRP L 441 5.18 29.48 -7.40
CA TRP L 441 4.14 28.97 -6.52
C TRP L 441 4.21 29.48 -5.09
N ARG L 442 5.35 30.04 -4.68
CA ARG L 442 5.37 30.81 -3.44
C ARG L 442 4.48 32.03 -3.53
N SER L 443 4.25 32.55 -4.74
CA SER L 443 3.36 33.68 -4.93
C SER L 443 1.91 33.34 -4.63
N GLU L 444 1.56 32.05 -4.65
CA GLU L 444 0.20 31.58 -4.42
C GLU L 444 0.08 30.84 -3.10
N LEU L 445 0.92 29.82 -2.86
CA LEU L 445 0.91 29.11 -1.58
C LEU L 445 1.69 29.90 -0.51
N TYR L 446 1.28 31.15 -0.29
CA TYR L 446 1.81 31.98 0.77
C TYR L 446 0.87 32.09 1.96
N LYS L 447 -0.36 31.57 1.84
CA LYS L 447 -1.36 31.66 2.90
C LYS L 447 -1.74 30.27 3.37
N TYR L 448 -0.78 29.34 3.46
CA TYR L 448 -1.11 27.96 3.82
C TYR L 448 0.14 27.29 4.39
N LYS L 449 -0.08 26.44 5.39
CA LYS L 449 0.96 25.74 6.10
C LYS L 449 0.47 24.34 6.45
N VAL L 450 1.39 23.38 6.45
CA VAL L 450 1.07 21.99 6.78
C VAL L 450 1.56 21.72 8.20
N VAL L 451 0.68 21.16 9.03
CA VAL L 451 0.97 20.92 10.45
C VAL L 451 0.59 19.51 10.82
N LYS L 452 1.48 18.85 11.57
CA LYS L 452 1.23 17.52 12.11
C LYS L 452 0.58 17.66 13.48
N ILE L 453 -0.50 16.90 13.69
CA ILE L 453 -1.27 16.94 14.92
C ILE L 453 -0.89 15.74 15.77
N GLU L 454 -0.67 15.98 17.06
CA GLU L 454 -0.30 14.96 18.04
C GLU L 454 -1.42 14.89 19.07
N PRO L 455 -2.42 14.03 18.88
CA PRO L 455 -3.66 14.17 19.67
C PRO L 455 -3.51 13.88 21.15
N LEU L 456 -2.42 13.26 21.59
CA LEU L 456 -2.29 12.84 22.98
C LEU L 456 -1.80 13.97 23.86
N GLY L 457 -2.37 14.08 25.06
CA GLY L 457 -1.91 15.05 26.04
C GLY L 457 -2.26 14.57 27.44
N VAL L 458 -1.72 15.28 28.43
CA VAL L 458 -1.94 14.97 29.83
C VAL L 458 -2.28 16.26 30.56
N ALA L 459 -3.04 16.13 31.66
CA ALA L 459 -3.40 17.29 32.45
C ALA L 459 -3.78 16.82 33.85
N PRO L 460 -3.66 17.67 34.86
CA PRO L 460 -4.11 17.30 36.20
C PRO L 460 -5.61 17.48 36.36
N THR L 461 -6.23 16.54 37.08
CA THR L 461 -7.63 16.62 37.44
C THR L 461 -7.79 16.14 38.88
N ARG L 462 -9.02 16.21 39.40
CA ARG L 462 -9.30 15.79 40.77
C ARG L 462 -9.72 14.33 40.89
N CYS L 463 -9.93 13.63 39.78
CA CYS L 463 -10.46 12.28 39.80
C CYS L 463 -9.35 11.24 39.76
N LYS L 464 -9.70 10.01 40.16
CA LYS L 464 -8.86 8.83 40.06
C LYS L 464 -9.58 7.77 39.23
N ARG L 465 -8.92 6.64 39.02
CA ARG L 465 -9.52 5.51 38.34
C ARG L 465 -10.73 4.99 39.13
N ARG L 488 -18.20 22.85 17.79
CA ARG L 488 -17.48 23.47 16.68
C ARG L 488 -16.78 22.38 15.86
N GLY L 489 -15.96 22.80 14.90
CA GLY L 489 -15.34 21.89 13.97
C GLY L 489 -13.94 21.47 14.38
N PHE L 490 -13.18 20.99 13.41
CA PHE L 490 -11.88 20.40 13.66
C PHE L 490 -10.86 21.49 13.99
N LEU L 491 -10.30 21.42 15.20
CA LEU L 491 -9.47 22.48 15.81
C LEU L 491 -10.24 23.77 16.04
N GLY L 492 -11.58 23.72 16.01
CA GLY L 492 -12.35 24.93 16.23
C GLY L 492 -12.11 25.55 17.58
N ALA L 493 -11.81 24.72 18.59
CA ALA L 493 -11.48 25.18 19.93
C ALA L 493 -9.98 25.19 20.17
N ALA L 494 -9.17 25.18 19.12
CA ALA L 494 -7.72 25.13 19.29
C ALA L 494 -7.21 26.37 20.01
N GLY L 495 -7.77 27.53 19.68
CA GLY L 495 -7.43 28.75 20.40
C GLY L 495 -8.21 28.96 21.69
N SER L 496 -9.18 28.10 21.97
CA SER L 496 -9.94 28.24 23.21
C SER L 496 -9.08 27.81 24.40
N THR L 497 -9.54 28.18 25.59
CA THR L 497 -8.85 27.78 26.81
C THR L 497 -8.90 26.26 26.96
N MET L 498 -8.15 25.78 27.95
CA MET L 498 -8.16 24.36 28.28
C MET L 498 -9.59 23.89 28.55
N GLY L 499 -10.30 24.60 29.41
CA GLY L 499 -11.72 24.35 29.58
C GLY L 499 -12.48 24.80 28.34
N ALA L 500 -13.48 23.99 27.97
CA ALA L 500 -14.36 24.10 26.81
C ALA L 500 -13.66 23.71 25.49
N ALA L 501 -12.35 23.45 25.50
CA ALA L 501 -11.70 22.72 24.42
C ALA L 501 -11.62 21.23 24.72
N SER L 502 -11.61 20.87 26.00
CA SER L 502 -11.66 19.49 26.46
C SER L 502 -13.01 18.83 26.22
N MET L 503 -14.03 19.57 25.79
CA MET L 503 -15.32 18.96 25.46
C MET L 503 -15.49 18.62 23.98
N THR L 504 -14.56 19.04 23.11
CA THR L 504 -14.67 18.80 21.67
C THR L 504 -13.63 17.82 21.11
N LEU L 505 -13.00 16.99 21.95
CA LEU L 505 -12.02 16.05 21.42
C LEU L 505 -12.63 15.04 20.44
N THR L 506 -13.95 14.81 20.54
CA THR L 506 -14.59 13.80 19.69
C THR L 506 -14.37 14.06 18.20
N VAL L 507 -14.57 15.30 17.75
CA VAL L 507 -14.48 15.57 16.32
C VAL L 507 -13.04 15.46 15.85
N GLN L 508 -12.09 15.93 16.66
CA GLN L 508 -10.69 15.84 16.26
C GLN L 508 -10.23 14.39 16.22
N ALA L 509 -10.68 13.58 17.17
CA ALA L 509 -10.30 12.17 17.16
C ALA L 509 -10.94 11.44 15.98
N ARG L 510 -12.19 11.77 15.66
CA ARG L 510 -12.85 11.09 14.54
C ARG L 510 -12.20 11.44 13.21
N ASN L 511 -11.88 12.72 12.99
CA ASN L 511 -11.48 13.19 11.67
C ASN L 511 -9.97 13.27 11.50
N LEU L 512 -9.19 13.08 12.57
CA LEU L 512 -7.73 13.15 12.44
C LEU L 512 -7.19 11.93 11.72
N LEU L 513 -7.55 10.73 12.19
CA LEU L 513 -6.95 9.49 11.72
C LEU L 513 -7.95 8.73 10.87
N SER L 514 -7.44 8.05 9.85
CA SER L 514 -8.27 7.25 8.94
C SER L 514 -9.35 8.10 8.30
N LEU L 536 -1.45 2.48 -7.64
CA LEU L 536 -0.88 2.20 -8.96
C LEU L 536 0.20 3.22 -9.31
N GLY L 537 1.30 2.74 -9.89
CA GLY L 537 2.36 3.62 -10.36
C GLY L 537 3.12 4.31 -9.24
N VAL L 538 3.86 5.37 -9.64
CA VAL L 538 4.69 6.12 -8.70
C VAL L 538 3.83 6.84 -7.69
N TRP L 539 2.80 7.56 -8.16
CA TRP L 539 1.87 8.18 -7.23
C TRP L 539 1.24 7.12 -6.33
N GLY L 540 1.01 5.93 -6.89
CA GLY L 540 0.47 4.86 -6.08
C GLY L 540 1.39 4.45 -4.94
N ILE L 541 2.67 4.21 -5.25
CA ILE L 541 3.60 3.77 -4.21
C ILE L 541 3.74 4.84 -3.14
N LYS L 542 3.79 6.11 -3.54
CA LYS L 542 3.88 7.16 -2.54
C LYS L 542 2.64 7.18 -1.66
N GLN L 543 1.45 7.00 -2.26
CA GLN L 543 0.22 6.96 -1.46
C GLN L 543 0.19 5.75 -0.54
N LEU L 544 0.69 4.60 -1.00
CA LEU L 544 0.72 3.42 -0.14
C LEU L 544 1.62 3.64 1.07
N GLN L 545 2.80 4.22 0.83
CA GLN L 545 3.69 4.51 1.94
C GLN L 545 3.07 5.52 2.89
N ALA L 546 2.33 6.50 2.36
CA ALA L 546 1.68 7.49 3.21
C ALA L 546 0.59 6.84 4.07
N ARG L 547 -0.27 6.02 3.45
CA ARG L 547 -1.34 5.39 4.21
C ARG L 547 -0.79 4.41 5.25
N VAL L 548 0.24 3.66 4.90
CA VAL L 548 0.85 2.75 5.88
C VAL L 548 1.44 3.54 7.03
N LEU L 549 2.08 4.67 6.74
CA LEU L 549 2.61 5.51 7.82
C LEU L 549 1.50 6.05 8.70
N ALA L 550 0.38 6.45 8.09
CA ALA L 550 -0.74 6.95 8.89
C ALA L 550 -1.31 5.86 9.79
N VAL L 551 -1.45 4.64 9.26
CA VAL L 551 -1.94 3.53 10.07
C VAL L 551 -0.96 3.24 11.20
N GLU L 552 0.34 3.33 10.90
CA GLU L 552 1.36 3.19 11.93
C GLU L 552 1.16 4.20 13.05
N ARG L 553 1.09 5.49 12.71
CA ARG L 553 0.83 6.53 13.69
C ARG L 553 -0.41 6.23 14.53
N TYR L 554 -1.50 5.83 13.88
CA TYR L 554 -2.74 5.54 14.59
C TYR L 554 -2.52 4.39 15.57
N LEU L 555 -1.82 3.34 15.14
CA LEU L 555 -1.57 2.22 16.05
C LEU L 555 -0.56 2.58 17.13
N ARG L 556 0.32 3.56 16.87
CA ARG L 556 1.18 4.09 17.91
C ARG L 556 0.34 4.71 19.02
N ASP L 557 -0.62 5.56 18.64
CA ASP L 557 -1.50 6.17 19.62
C ASP L 557 -2.34 5.13 20.35
N GLN L 558 -2.87 4.16 19.61
CA GLN L 558 -3.76 3.18 20.24
C GLN L 558 -2.99 2.27 21.19
N GLN L 559 -1.76 1.90 20.84
CA GLN L 559 -0.96 1.08 21.74
C GLN L 559 -0.53 1.89 22.96
N LEU L 560 -0.22 3.17 22.79
CA LEU L 560 0.09 4.01 23.94
C LEU L 560 -1.11 4.10 24.87
N LEU L 561 -2.32 4.22 24.32
CA LEU L 561 -3.51 4.24 25.16
C LEU L 561 -3.74 2.90 25.82
N GLY L 562 -3.46 1.80 25.12
CA GLY L 562 -3.68 0.49 25.69
C GLY L 562 -2.73 0.18 26.83
N ILE L 563 -1.44 0.50 26.65
CA ILE L 563 -0.47 0.28 27.70
C ILE L 563 -0.70 1.22 28.88
N TRP L 564 -1.46 2.30 28.69
CA TRP L 564 -1.88 3.19 29.76
C TRP L 564 -3.25 2.82 30.33
N GLY L 565 -3.82 1.69 29.92
CA GLY L 565 -5.09 1.26 30.46
C GLY L 565 -6.28 2.10 30.05
N CYS L 566 -6.19 2.68 28.83
CA CYS L 566 -7.33 3.45 28.27
C CYS L 566 -7.84 2.69 27.04
N SER L 567 -8.44 1.50 27.25
CA SER L 567 -8.88 0.67 26.10
C SER L 567 -9.63 1.52 25.07
N GLY L 568 -10.67 2.24 25.51
CA GLY L 568 -11.45 3.10 24.59
C GLY L 568 -12.04 4.28 25.33
N LYS L 569 -11.20 5.24 25.74
CA LYS L 569 -11.68 6.40 26.53
C LYS L 569 -10.94 7.66 26.13
N LEU L 570 -11.50 8.47 25.22
CA LEU L 570 -10.87 9.73 24.88
C LEU L 570 -10.25 10.38 26.11
N ILE L 571 -10.96 10.33 27.23
CA ILE L 571 -10.49 10.87 28.51
C ILE L 571 -10.39 9.70 29.47
N CYS L 572 -9.18 9.40 29.93
CA CYS L 572 -8.95 8.32 30.89
C CYS L 572 -8.11 8.83 32.05
N THR L 573 -8.64 8.73 33.25
CA THR L 573 -7.92 9.12 34.45
C THR L 573 -6.94 8.02 34.83
N THR L 574 -5.78 8.42 35.36
CA THR L 574 -4.70 7.49 35.67
C THR L 574 -4.58 7.19 37.16
N ALA L 575 -4.73 8.20 38.00
CA ALA L 575 -4.55 8.16 39.47
C ALA L 575 -3.07 8.22 39.83
N VAL L 576 -2.19 8.46 38.86
CA VAL L 576 -0.78 8.69 39.17
C VAL L 576 -0.67 10.03 39.90
N PRO L 577 0.16 10.17 40.94
CA PRO L 577 0.24 11.46 41.62
C PRO L 577 0.80 12.55 40.72
N TRP L 578 0.24 13.75 40.86
CA TRP L 578 0.71 14.93 40.14
C TRP L 578 1.83 15.57 40.94
N ASN L 579 3.07 15.28 40.58
CA ASN L 579 4.21 15.94 41.19
C ASN L 579 4.10 17.45 41.04
N ALA L 580 4.83 18.18 41.88
CA ALA L 580 4.89 19.63 41.84
C ALA L 580 6.17 20.16 41.21
N SER L 581 7.03 19.28 40.70
CA SER L 581 8.19 19.70 39.93
C SER L 581 7.90 19.82 38.44
N TRP L 582 6.73 19.39 37.98
CA TRP L 582 6.35 19.57 36.58
C TRP L 582 5.76 20.96 36.37
N SER L 583 4.53 21.16 36.85
CA SER L 583 3.89 22.47 36.89
C SER L 583 3.38 22.72 38.30
N ASN L 584 3.68 23.91 38.84
CA ASN L 584 3.23 24.27 40.18
C ASN L 584 1.89 24.98 40.18
N LYS L 585 1.30 25.22 39.00
CA LYS L 585 0.05 25.97 38.91
C LYS L 585 -1.13 25.15 39.42
N SER L 586 -2.09 25.84 40.02
CA SER L 586 -3.29 25.21 40.51
C SER L 586 -4.23 24.88 39.35
N LEU L 587 -5.25 24.07 39.63
CA LEU L 587 -6.14 23.61 38.58
C LEU L 587 -6.83 24.78 37.88
N ASP L 588 -7.18 25.83 38.64
CA ASP L 588 -7.83 26.98 38.03
C ASP L 588 -6.92 27.66 37.03
N ARG L 589 -5.63 27.74 37.33
CA ARG L 589 -4.66 28.37 36.44
C ARG L 589 -4.09 27.41 35.41
N ILE L 590 -4.47 26.13 35.47
CA ILE L 590 -4.05 25.14 34.48
C ILE L 590 -5.18 24.84 33.50
N TRP L 591 -6.42 24.80 33.98
CA TRP L 591 -7.57 24.52 33.15
C TRP L 591 -8.28 25.78 32.68
N ASN L 592 -7.65 26.93 32.87
CA ASN L 592 -8.09 28.19 32.28
C ASN L 592 -6.82 29.01 32.05
N ASN L 593 -6.98 30.20 31.49
CA ASN L 593 -5.84 31.09 31.24
C ASN L 593 -4.77 30.55 30.30
N MET L 594 -4.92 29.35 29.74
CA MET L 594 -3.92 28.78 28.84
C MET L 594 -4.60 27.97 27.75
N THR L 595 -3.98 27.97 26.57
CA THR L 595 -4.38 27.10 25.48
C THR L 595 -3.68 25.75 25.61
N TRP L 596 -4.16 24.78 24.84
CA TRP L 596 -3.51 23.48 24.83
C TRP L 596 -2.09 23.58 24.28
N MET L 597 -1.86 24.54 23.37
CA MET L 597 -0.52 24.75 22.85
C MET L 597 0.46 25.16 23.94
N GLU L 598 0.09 26.16 24.75
CA GLU L 598 0.99 26.63 25.79
C GLU L 598 1.24 25.54 26.82
N TRP L 599 0.23 24.72 27.10
CA TRP L 599 0.42 23.68 28.10
C TRP L 599 1.33 22.59 27.55
N GLU L 600 1.10 22.17 26.31
CA GLU L 600 1.92 21.11 25.72
C GLU L 600 3.37 21.58 25.63
N ARG L 601 3.58 22.86 25.29
CA ARG L 601 4.93 23.40 25.30
C ARG L 601 5.50 23.39 26.72
N GLU L 602 4.69 23.71 27.71
CA GLU L 602 5.16 23.85 29.08
C GLU L 602 5.72 22.52 29.61
N ILE L 603 4.96 21.44 29.46
CA ILE L 603 5.33 20.14 30.01
C ILE L 603 6.10 19.30 28.99
N ASP L 604 6.69 19.96 27.99
CA ASP L 604 7.36 19.23 26.92
C ASP L 604 8.49 18.37 27.46
N ASN L 605 9.36 18.94 28.29
CA ASN L 605 10.52 18.21 28.77
C ASN L 605 10.11 16.99 29.60
N TYR L 606 9.05 17.13 30.40
CA TYR L 606 8.63 16.08 31.30
C TYR L 606 7.74 15.04 30.64
N THR L 607 7.43 15.19 29.34
CA THR L 607 6.50 14.29 28.67
C THR L 607 6.96 12.85 28.80
N SER L 608 8.24 12.58 28.56
CA SER L 608 8.74 11.22 28.64
C SER L 608 8.60 10.67 30.05
N GLU L 609 9.01 11.45 31.05
CA GLU L 609 8.91 11.01 32.44
C GLU L 609 7.47 10.73 32.82
N ILE L 610 6.56 11.68 32.53
CA ILE L 610 5.15 11.49 32.84
C ILE L 610 4.63 10.22 32.18
N TYR L 611 4.92 10.05 30.90
CA TYR L 611 4.46 8.87 30.16
C TYR L 611 4.93 7.60 30.83
N THR L 612 6.21 7.57 31.21
CA THR L 612 6.76 6.42 31.92
C THR L 612 5.94 6.14 33.16
N LEU L 613 5.75 7.16 34.00
CA LEU L 613 4.94 6.98 35.20
C LEU L 613 3.54 6.44 34.89
N ILE L 614 2.89 6.94 33.83
CA ILE L 614 1.56 6.41 33.50
C ILE L 614 1.64 4.95 33.15
N GLU L 615 2.76 4.51 32.56
CA GLU L 615 2.85 3.11 32.10
C GLU L 615 3.34 2.21 33.23
N GLU L 616 4.59 2.40 33.66
CA GLU L 616 5.25 1.54 34.63
C GLU L 616 4.49 1.49 35.96
N SER L 617 4.24 2.65 36.56
CA SER L 617 3.79 2.70 37.95
C SER L 617 2.43 2.05 38.16
N GLN L 618 1.59 1.93 37.12
CA GLN L 618 0.21 1.49 37.31
C GLN L 618 -0.13 0.17 36.62
N ASN L 619 -0.23 0.20 35.28
CA ASN L 619 -0.66 -1.00 34.54
C ASN L 619 -0.03 -2.25 35.14
N GLN L 620 1.30 -2.30 35.17
CA GLN L 620 2.02 -3.47 35.75
C GLN L 620 1.39 -3.82 37.09
N GLN L 621 1.40 -2.88 38.03
CA GLN L 621 0.88 -3.14 39.38
C GLN L 621 -0.60 -3.51 39.34
N GLU L 622 -1.40 -2.77 38.57
CA GLU L 622 -2.82 -3.09 38.47
C GLU L 622 -3.03 -4.48 37.87
N LYS L 623 -2.23 -4.83 36.87
CA LYS L 623 -2.31 -6.14 36.24
C LYS L 623 -1.98 -7.24 37.24
N ASN L 624 -0.83 -7.11 37.92
CA ASN L 624 -0.48 -8.06 38.97
C ASN L 624 -1.59 -8.18 40.00
N GLU L 625 -2.18 -7.06 40.41
CA GLU L 625 -3.24 -7.10 41.42
C GLU L 625 -4.43 -7.90 40.90
N GLN L 626 -4.89 -7.61 39.69
CA GLN L 626 -6.01 -8.35 39.13
C GLN L 626 -5.67 -9.81 38.92
N GLU L 627 -4.40 -10.11 38.61
CA GLU L 627 -3.95 -11.50 38.54
C GLU L 627 -4.08 -12.17 39.90
N LEU L 628 -3.91 -11.41 40.99
CA LEU L 628 -3.98 -11.95 42.34
C LEU L 628 -5.38 -11.88 42.94
N LEU L 629 -6.39 -11.38 42.21
CA LEU L 629 -7.73 -11.26 42.77
C LEU L 629 -8.58 -12.51 42.57
N CYS L 630 -8.33 -13.30 41.53
CA CYS L 630 -9.18 -14.46 41.27
C CYS L 630 -8.87 -15.63 42.19
N LEU L 631 -7.75 -15.60 42.91
CA LEU L 631 -7.41 -16.63 43.88
C LEU L 631 -7.45 -16.05 45.30
N GLU M 2 -42.55 -1.08 24.91
CA GLU M 2 -42.90 0.14 24.19
C GLU M 2 -41.68 1.05 24.04
N LYS M 3 -40.70 0.90 24.93
CA LYS M 3 -39.48 1.69 24.91
C LYS M 3 -38.42 0.95 24.09
N LEU M 4 -38.57 1.03 22.77
CA LEU M 4 -37.66 0.38 21.84
C LEU M 4 -36.48 1.31 21.60
N TRP M 5 -35.27 0.81 21.83
CA TRP M 5 -34.05 1.60 21.74
C TRP M 5 -33.16 1.12 20.61
N VAL M 6 -32.25 2.00 20.19
CA VAL M 6 -31.36 1.75 19.06
C VAL M 6 -30.16 0.97 19.59
N THR M 7 -29.93 -0.22 19.03
CA THR M 7 -28.82 -1.08 19.42
C THR M 7 -27.96 -1.37 18.20
N VAL M 8 -26.67 -1.14 18.33
CA VAL M 8 -25.73 -1.39 17.26
C VAL M 8 -25.32 -2.85 17.37
N TYR M 9 -25.18 -3.50 16.21
CA TYR M 9 -24.80 -4.90 16.06
C TYR M 9 -23.62 -5.00 15.11
N TYR M 10 -22.49 -5.49 15.60
CA TYR M 10 -21.25 -5.57 14.82
C TYR M 10 -20.89 -7.03 14.64
N GLY M 11 -20.79 -7.46 13.38
CA GLY M 11 -20.56 -8.85 13.03
C GLY M 11 -21.70 -9.50 12.29
N VAL M 12 -22.83 -8.80 12.11
CA VAL M 12 -24.02 -9.33 11.47
C VAL M 12 -23.66 -9.87 10.08
N PRO M 13 -24.24 -11.00 9.62
CA PRO M 13 -23.95 -11.53 8.28
C PRO M 13 -24.80 -10.97 7.13
N VAL M 14 -24.41 -9.80 6.62
CA VAL M 14 -25.09 -9.16 5.50
C VAL M 14 -24.07 -8.67 4.50
N TRP M 15 -24.41 -8.80 3.22
CA TRP M 15 -23.51 -8.53 2.11
C TRP M 15 -24.20 -7.65 1.07
N LYS M 16 -23.40 -6.82 0.41
CA LYS M 16 -23.86 -5.92 -0.64
C LYS M 16 -22.97 -6.10 -1.86
N ASP M 17 -23.58 -6.12 -3.04
CA ASP M 17 -22.83 -6.32 -4.28
C ASP M 17 -21.74 -5.25 -4.42
N ALA M 18 -20.55 -5.68 -4.84
CA ALA M 18 -19.42 -4.77 -4.91
C ALA M 18 -18.40 -5.32 -5.90
N GLU M 19 -17.51 -4.42 -6.34
CA GLU M 19 -16.42 -4.74 -7.25
C GLU M 19 -15.11 -4.43 -6.53
N THR M 20 -14.27 -5.46 -6.36
CA THR M 20 -13.01 -5.33 -5.65
C THR M 20 -11.89 -6.02 -6.42
N THR M 21 -10.67 -5.81 -5.96
CA THR M 21 -9.45 -6.26 -6.62
C THR M 21 -9.08 -7.64 -6.06
N LEU M 22 -9.48 -8.70 -6.75
CA LEU M 22 -9.18 -10.06 -6.33
C LEU M 22 -7.74 -10.42 -6.65
N PHE M 23 -7.01 -10.94 -5.64
CA PHE M 23 -5.65 -11.43 -5.87
C PHE M 23 -5.70 -12.88 -6.36
N CYS M 24 -4.54 -13.53 -6.42
CA CYS M 24 -4.38 -14.85 -7.01
C CYS M 24 -3.74 -15.83 -6.04
N ALA M 25 -4.06 -17.10 -6.23
CA ALA M 25 -3.36 -18.20 -5.56
C ALA M 25 -3.30 -19.38 -6.51
N SER M 26 -2.08 -19.81 -6.84
CA SER M 26 -1.86 -20.96 -7.70
C SER M 26 -0.70 -21.79 -7.18
N ASP M 27 -0.72 -23.08 -7.52
CA ASP M 27 0.30 -24.01 -7.05
C ASP M 27 0.57 -25.08 -8.11
N HIS M 36 9.71 -20.41 -17.40
CA HIS M 36 9.32 -19.02 -17.17
C HIS M 36 7.91 -18.80 -17.73
N ASN M 37 6.96 -19.53 -17.18
CA ASN M 37 5.58 -19.49 -17.66
C ASN M 37 5.04 -18.06 -17.67
N VAL M 38 4.24 -17.75 -18.69
CA VAL M 38 3.74 -16.38 -18.85
C VAL M 38 2.94 -15.97 -17.63
N TRP M 39 2.15 -16.89 -17.08
CA TRP M 39 1.26 -16.53 -16.00
C TRP M 39 1.96 -16.27 -14.67
N ALA M 40 3.28 -16.46 -14.58
CA ALA M 40 4.05 -16.09 -13.39
C ALA M 40 3.54 -16.82 -12.15
N THR M 41 3.33 -18.13 -12.30
CA THR M 41 2.78 -18.94 -11.21
C THR M 41 3.62 -18.85 -9.95
N HIS M 42 4.93 -18.63 -10.09
CA HIS M 42 5.80 -18.52 -8.92
C HIS M 42 5.38 -17.35 -8.03
N ALA M 43 4.99 -16.23 -8.64
CA ALA M 43 4.61 -15.07 -7.86
C ALA M 43 3.37 -15.33 -7.01
N CYS M 44 2.41 -16.08 -7.55
CA CYS M 44 1.16 -16.33 -6.86
C CYS M 44 1.42 -17.05 -5.53
N VAL M 45 0.68 -16.63 -4.50
CA VAL M 45 0.81 -17.23 -3.17
C VAL M 45 0.40 -18.70 -3.25
N PRO M 46 0.91 -19.59 -2.40
CA PRO M 46 0.44 -20.97 -2.41
C PRO M 46 -1.05 -21.06 -2.16
N THR M 47 -1.71 -22.00 -2.84
CA THR M 47 -3.13 -22.24 -2.61
C THR M 47 -3.32 -22.83 -1.22
N ASP M 48 -4.40 -22.44 -0.57
CA ASP M 48 -4.77 -23.08 0.68
C ASP M 48 -5.15 -24.53 0.36
N PRO M 49 -4.65 -25.53 1.09
CA PRO M 49 -4.94 -26.91 0.67
C PRO M 49 -6.39 -27.32 0.84
N ASN M 50 -7.20 -26.54 1.55
CA ASN M 50 -8.58 -26.86 1.86
C ASN M 50 -9.50 -25.77 1.31
N PRO M 51 -10.61 -26.10 0.64
CA PRO M 51 -11.49 -25.02 0.16
C PRO M 51 -12.21 -24.31 1.29
N GLN M 52 -12.68 -25.06 2.29
CA GLN M 52 -13.52 -24.52 3.37
C GLN M 52 -14.76 -23.84 2.79
N GLU M 53 -15.49 -24.59 1.98
CA GLU M 53 -16.80 -24.16 1.54
C GLU M 53 -17.80 -24.38 2.66
N VAL M 54 -18.66 -23.40 2.88
CA VAL M 54 -19.78 -23.49 3.81
C VAL M 54 -21.06 -23.25 3.03
N VAL M 55 -21.98 -24.22 3.09
CA VAL M 55 -23.26 -24.04 2.43
C VAL M 55 -24.06 -23.02 3.21
N LEU M 56 -24.83 -22.19 2.50
CA LEU M 56 -25.71 -21.21 3.09
C LEU M 56 -27.15 -21.69 3.03
N GLU M 57 -27.81 -21.70 4.18
CA GLU M 57 -29.18 -22.16 4.32
C GLU M 57 -30.15 -20.99 4.27
N ASN M 58 -31.27 -21.18 3.57
CA ASN M 58 -32.36 -20.20 3.49
C ASN M 58 -31.92 -18.92 2.76
N VAL M 59 -31.09 -19.06 1.73
CA VAL M 59 -30.60 -17.93 0.95
C VAL M 59 -31.05 -18.11 -0.49
N THR M 60 -31.48 -17.01 -1.11
CA THR M 60 -31.80 -16.99 -2.53
C THR M 60 -31.22 -15.69 -3.09
N GLU M 61 -30.12 -15.81 -3.84
CA GLU M 61 -29.41 -14.68 -4.39
C GLU M 61 -29.54 -14.69 -5.91
N HIS M 62 -29.51 -13.49 -6.50
CA HIS M 62 -29.75 -13.29 -7.92
C HIS M 62 -28.41 -13.18 -8.64
N PHE M 63 -27.89 -14.33 -9.08
CA PHE M 63 -26.65 -14.35 -9.82
C PHE M 63 -26.87 -13.95 -11.27
N ASN M 64 -25.95 -13.16 -11.82
CA ASN M 64 -26.08 -12.67 -13.19
C ASN M 64 -24.68 -12.54 -13.80
N MET M 65 -24.25 -13.57 -14.54
CA MET M 65 -23.05 -13.37 -15.34
C MET M 65 -23.37 -12.39 -16.47
N TRP M 66 -22.33 -11.99 -17.20
CA TRP M 66 -22.34 -10.97 -18.25
C TRP M 66 -22.29 -9.60 -17.60
N LYS M 67 -22.14 -9.53 -16.27
CA LYS M 67 -21.95 -8.28 -15.56
C LYS M 67 -21.02 -8.49 -14.36
N ASN M 68 -20.18 -9.51 -14.39
CA ASN M 68 -19.34 -9.90 -13.26
C ASN M 68 -17.99 -9.19 -13.35
N ASN M 69 -17.71 -8.35 -12.36
CA ASN M 69 -16.40 -7.70 -12.27
C ASN M 69 -15.25 -8.71 -12.31
N MET M 70 -15.46 -9.92 -11.77
CA MET M 70 -14.45 -10.98 -11.86
C MET M 70 -13.94 -11.15 -13.28
N VAL M 71 -14.87 -11.18 -14.24
CA VAL M 71 -14.52 -11.46 -15.63
C VAL M 71 -13.58 -10.37 -16.17
N GLU M 72 -14.03 -9.11 -16.14
CA GLU M 72 -13.18 -8.03 -16.64
C GLU M 72 -11.91 -7.86 -15.82
N GLN M 73 -11.92 -8.28 -14.55
CA GLN M 73 -10.69 -8.23 -13.77
C GLN M 73 -9.67 -9.20 -14.33
N MET M 74 -10.09 -10.44 -14.57
CA MET M 74 -9.16 -11.41 -15.15
C MET M 74 -8.74 -11.00 -16.56
N GLN M 75 -9.65 -10.37 -17.32
CA GLN M 75 -9.26 -9.84 -18.63
C GLN M 75 -8.10 -8.83 -18.50
N THR M 76 -8.29 -7.83 -17.62
CA THR M 76 -7.22 -6.87 -17.37
C THR M 76 -5.95 -7.59 -16.93
N ASP M 77 -6.09 -8.64 -16.12
CA ASP M 77 -4.91 -9.31 -15.59
C ASP M 77 -4.17 -10.08 -16.68
N ILE M 78 -4.89 -10.83 -17.53
CA ILE M 78 -4.22 -11.57 -18.59
C ILE M 78 -3.51 -10.61 -19.52
N ILE M 79 -4.14 -9.48 -19.86
CA ILE M 79 -3.49 -8.51 -20.73
C ILE M 79 -2.23 -7.97 -20.06
N SER M 80 -2.31 -7.65 -18.76
CA SER M 80 -1.17 -7.09 -18.06
C SER M 80 -0.01 -8.09 -18.00
N LEU M 81 -0.29 -9.35 -17.66
CA LEU M 81 0.78 -10.34 -17.61
C LEU M 81 1.39 -10.56 -18.98
N TRP M 82 0.56 -10.66 -20.01
CA TRP M 82 1.09 -10.93 -21.34
C TRP M 82 2.00 -9.80 -21.80
N ASP M 83 1.55 -8.55 -21.59
CA ASP M 83 2.38 -7.41 -22.00
C ASP M 83 3.67 -7.35 -21.19
N GLN M 84 3.59 -7.58 -19.87
CA GLN M 84 4.80 -7.51 -19.05
C GLN M 84 5.78 -8.60 -19.44
N SER M 85 5.29 -9.82 -19.72
CA SER M 85 6.17 -10.91 -20.11
C SER M 85 6.84 -10.62 -21.45
N LEU M 86 6.07 -10.13 -22.42
CA LEU M 86 6.63 -9.88 -23.74
C LEU M 86 7.63 -8.72 -23.73
N LYS M 87 7.35 -7.68 -22.94
CA LYS M 87 8.10 -6.41 -22.94
C LYS M 87 9.62 -6.53 -23.08
N PRO M 88 10.34 -7.34 -22.31
CA PRO M 88 11.81 -7.35 -22.42
C PRO M 88 12.33 -8.03 -23.67
N CYS M 89 11.49 -8.71 -24.45
CA CYS M 89 11.96 -9.50 -25.58
C CYS M 89 12.24 -8.63 -26.80
N VAL M 90 12.96 -9.23 -27.75
CA VAL M 90 13.44 -8.52 -28.93
C VAL M 90 12.27 -8.10 -29.81
N LYS M 91 12.27 -6.84 -30.24
CA LYS M 91 11.33 -6.37 -31.24
C LYS M 91 11.81 -6.77 -32.64
N LEU M 92 10.85 -6.93 -33.56
CA LEU M 92 11.12 -7.43 -34.90
C LEU M 92 10.92 -6.31 -35.93
N THR M 93 11.36 -5.10 -35.60
CA THR M 93 11.34 -4.03 -36.60
C THR M 93 12.24 -4.29 -37.80
N PRO M 94 13.45 -4.87 -37.66
CA PRO M 94 14.30 -5.03 -38.84
C PRO M 94 13.70 -5.88 -39.94
N LEU M 95 12.90 -6.89 -39.60
CA LEU M 95 12.38 -7.78 -40.64
C LEU M 95 11.29 -7.15 -41.52
N CYS M 96 10.90 -5.88 -41.31
CA CYS M 96 9.91 -5.29 -42.21
C CYS M 96 10.47 -5.05 -43.60
N VAL M 97 11.80 -5.16 -43.77
CA VAL M 97 12.41 -4.97 -45.07
C VAL M 97 11.82 -5.97 -46.06
N THR M 98 11.71 -5.54 -47.32
CA THR M 98 10.98 -6.30 -48.32
C THR M 98 11.61 -7.67 -48.54
N LEU M 99 10.76 -8.66 -48.74
CA LEU M 99 11.16 -10.06 -48.84
C LEU M 99 10.95 -10.53 -50.27
N ASN M 100 11.97 -11.20 -50.83
CA ASN M 100 11.87 -11.88 -52.11
C ASN M 100 11.64 -13.34 -51.80
N CYS M 101 10.55 -13.90 -52.34
CA CYS M 101 10.08 -15.21 -51.92
C CYS M 101 9.77 -16.09 -53.13
N LYS M 102 10.01 -17.38 -52.94
CA LYS M 102 9.76 -18.42 -53.92
C LYS M 102 8.91 -19.50 -53.26
N ASP M 103 7.88 -19.97 -53.96
CA ASP M 103 7.04 -21.03 -53.42
C ASP M 103 7.91 -22.28 -53.24
N VAL M 104 7.64 -23.01 -52.16
CA VAL M 104 8.44 -24.19 -51.84
C VAL M 104 8.00 -25.35 -52.74
N ASN M 105 8.98 -26.17 -53.13
CA ASN M 105 8.72 -27.33 -53.97
C ASN M 105 8.13 -28.44 -53.11
N ALA M 106 6.82 -28.67 -53.25
CA ALA M 106 6.16 -29.70 -52.46
C ALA M 106 6.73 -31.08 -52.75
N THR M 107 6.91 -31.86 -51.71
CA THR M 107 7.43 -33.22 -51.83
C THR M 107 6.27 -34.20 -51.93
N GLU M 118 -1.59 -27.65 -51.49
CA GLU M 118 -0.72 -27.35 -50.37
C GLU M 118 0.55 -26.63 -50.80
N ARG M 119 0.49 -25.97 -51.96
CA ARG M 119 1.65 -25.26 -52.50
C ARG M 119 1.67 -23.84 -51.94
N GLY M 120 2.85 -23.40 -51.50
CA GLY M 120 3.01 -22.07 -50.95
C GLY M 120 2.89 -21.99 -49.44
N GLU M 121 2.60 -23.10 -48.76
CA GLU M 121 2.36 -23.05 -47.33
C GLU M 121 3.56 -22.51 -46.57
N ILE M 122 4.77 -22.88 -46.97
CA ILE M 122 6.00 -22.49 -46.27
C ILE M 122 6.92 -21.85 -47.31
N LYS M 123 6.78 -20.55 -47.52
CA LYS M 123 7.57 -19.80 -48.51
C LYS M 123 8.97 -19.56 -47.96
N ASN M 124 9.97 -20.22 -48.55
CA ASN M 124 11.35 -19.81 -48.28
C ASN M 124 11.58 -18.43 -48.89
N CYS M 125 11.86 -17.46 -48.04
CA CYS M 125 12.06 -16.07 -48.41
C CYS M 125 13.50 -15.68 -48.10
N SER M 126 13.98 -14.64 -48.78
CA SER M 126 15.34 -14.16 -48.64
C SER M 126 15.35 -12.65 -48.55
N PHE M 127 16.17 -12.13 -47.64
CA PHE M 127 16.33 -10.69 -47.46
C PHE M 127 17.82 -10.37 -47.31
N ASN M 128 18.12 -9.08 -47.18
CA ASN M 128 19.48 -8.58 -47.07
C ASN M 128 19.81 -8.26 -45.62
N ILE M 129 20.97 -7.63 -45.41
CA ILE M 129 21.50 -7.21 -44.10
C ILE M 129 21.28 -8.28 -43.03
N VAL M 137 24.28 -8.58 -45.33
CA VAL M 137 24.40 -8.05 -46.68
C VAL M 137 24.94 -9.25 -47.50
N GLN M 138 24.38 -10.43 -47.21
CA GLN M 138 24.78 -11.67 -47.87
C GLN M 138 23.58 -12.53 -48.25
N LYS M 139 22.40 -11.93 -48.44
CA LYS M 139 21.20 -12.64 -48.86
C LYS M 139 20.88 -13.80 -47.93
N VAL M 140 20.49 -13.44 -46.70
CA VAL M 140 20.11 -14.44 -45.72
C VAL M 140 18.74 -14.98 -46.08
N TYR M 141 18.47 -16.23 -45.65
CA TYR M 141 17.27 -16.98 -46.02
C TYR M 141 16.52 -17.38 -44.76
N ALA M 142 15.22 -17.68 -44.93
CA ALA M 142 14.38 -18.05 -43.80
C ALA M 142 13.03 -18.53 -44.33
N LEU M 143 12.39 -19.41 -43.59
CA LEU M 143 11.08 -19.95 -43.97
C LEU M 143 9.99 -19.16 -43.26
N PHE M 144 8.94 -18.80 -44.01
CA PHE M 144 7.83 -18.05 -43.46
C PHE M 144 6.54 -18.61 -44.00
N TYR M 145 5.56 -18.83 -43.12
CA TYR M 145 4.29 -19.41 -43.52
C TYR M 145 3.57 -18.48 -44.49
N LYS M 146 2.56 -19.05 -45.18
CA LYS M 146 1.81 -18.25 -46.15
C LYS M 146 1.02 -17.14 -45.47
N LEU M 147 0.38 -17.45 -44.35
CA LEU M 147 -0.39 -16.45 -43.61
C LEU M 147 0.47 -15.30 -43.11
N ASP M 148 1.78 -15.49 -43.02
CA ASP M 148 2.70 -14.51 -42.45
C ASP M 148 3.31 -13.58 -43.49
N VAL M 149 2.95 -13.71 -44.76
CA VAL M 149 3.45 -12.85 -45.83
C VAL M 149 2.27 -12.32 -46.63
N VAL M 150 2.30 -11.02 -46.92
CA VAL M 150 1.28 -10.34 -47.69
C VAL M 150 1.95 -9.75 -48.94
N PRO M 151 1.37 -9.86 -50.13
CA PRO M 151 2.01 -9.26 -51.31
C PRO M 151 2.08 -7.74 -51.19
N ILE M 152 3.27 -7.20 -51.46
CA ILE M 152 3.41 -5.75 -51.60
C ILE M 152 2.63 -5.29 -52.82
N ASP M 153 2.73 -6.03 -53.91
CA ASP M 153 2.02 -5.77 -55.15
C ASP M 153 2.07 -7.06 -55.96
N ASN M 154 1.46 -7.05 -57.15
CA ASN M 154 1.39 -8.26 -57.94
C ASN M 154 2.69 -8.52 -58.71
N ASN M 155 3.83 -8.49 -58.00
CA ASN M 155 5.09 -8.92 -58.58
C ASN M 155 5.15 -10.43 -58.76
N ASN M 156 4.55 -11.18 -57.83
CA ASN M 156 4.49 -12.64 -57.70
C ASN M 156 5.67 -13.14 -56.85
N THR M 157 6.58 -12.27 -56.41
CA THR M 157 7.67 -12.65 -55.52
C THR M 157 7.73 -11.73 -54.31
N SER M 158 7.89 -10.43 -54.55
CA SER M 158 8.00 -9.43 -53.48
C SER M 158 6.89 -9.58 -52.44
N TYR M 159 7.30 -9.81 -51.20
CA TYR M 159 6.38 -10.01 -50.08
C TYR M 159 6.84 -9.19 -48.89
N ARG M 160 5.92 -8.97 -47.95
CA ARG M 160 6.27 -8.33 -46.69
C ARG M 160 5.53 -9.03 -45.55
N LEU M 161 6.10 -8.96 -44.35
CA LEU M 161 5.49 -9.61 -43.21
C LEU M 161 4.12 -9.00 -42.90
N ILE M 162 3.25 -9.80 -42.31
CA ILE M 162 1.87 -9.38 -42.10
C ILE M 162 1.83 -8.39 -40.94
N SER M 163 1.34 -7.19 -41.22
CA SER M 163 1.07 -6.12 -40.27
C SER M 163 2.35 -5.44 -39.80
N CYS M 164 3.52 -5.82 -40.33
CA CYS M 164 4.78 -5.27 -39.85
C CYS M 164 4.83 -3.76 -40.12
N ASP M 165 4.21 -3.33 -41.22
CA ASP M 165 4.30 -1.94 -41.65
C ASP M 165 3.76 -0.99 -40.58
N THR M 166 2.63 -1.33 -39.95
CA THR M 166 2.09 -0.58 -38.81
C THR M 166 1.73 -1.55 -37.69
N SER M 167 2.76 -2.10 -37.05
CA SER M 167 2.61 -2.83 -35.80
C SER M 167 3.98 -2.93 -35.18
N VAL M 168 4.00 -3.18 -33.88
CA VAL M 168 5.24 -3.46 -33.17
C VAL M 168 5.22 -4.95 -32.91
N ILE M 169 6.23 -5.65 -33.39
CA ILE M 169 6.27 -7.11 -33.38
C ILE M 169 7.37 -7.50 -32.41
N THR M 170 7.01 -8.32 -31.43
CA THR M 170 7.93 -8.74 -30.39
C THR M 170 8.11 -10.25 -30.49
N GLN M 171 9.36 -10.69 -30.57
CA GLN M 171 9.65 -12.11 -30.53
C GLN M 171 9.29 -12.64 -29.14
N ALA M 172 8.67 -13.81 -29.11
CA ALA M 172 8.42 -14.48 -27.83
C ALA M 172 9.67 -15.24 -27.46
N CYS M 173 10.44 -14.72 -26.48
CA CYS M 173 11.70 -15.30 -26.02
C CYS M 173 11.56 -16.81 -25.84
N PRO M 174 12.54 -17.62 -26.24
CA PRO M 174 12.37 -19.08 -26.17
C PRO M 174 12.09 -19.59 -24.77
N LYS M 175 12.66 -18.93 -23.74
CA LYS M 175 12.48 -19.40 -22.38
C LYS M 175 11.00 -19.38 -21.98
N ILE M 176 10.32 -18.26 -22.25
CA ILE M 176 8.90 -18.14 -21.90
C ILE M 176 8.10 -19.23 -22.60
N SER M 177 7.24 -19.90 -21.85
CA SER M 177 6.37 -20.96 -22.33
C SER M 177 4.91 -20.62 -22.03
N PHE M 178 4.01 -21.19 -22.83
CA PHE M 178 2.58 -20.93 -22.75
C PHE M 178 1.90 -22.22 -22.29
N GLU M 179 1.54 -22.28 -21.00
CA GLU M 179 0.91 -23.45 -20.42
C GLU M 179 -0.25 -23.05 -19.50
N PRO M 180 -1.50 -23.53 -19.72
CA PRO M 180 -2.59 -23.13 -18.82
C PRO M 180 -2.46 -23.74 -17.43
N ILE M 181 -1.68 -23.10 -16.57
CA ILE M 181 -1.52 -23.56 -15.19
C ILE M 181 -2.70 -23.07 -14.37
N PRO M 182 -3.38 -23.94 -13.59
CA PRO M 182 -4.57 -23.49 -12.85
C PRO M 182 -4.27 -22.31 -11.93
N ILE M 183 -5.16 -21.32 -11.96
CA ILE M 183 -5.09 -20.13 -11.10
C ILE M 183 -6.41 -19.98 -10.37
N HIS M 184 -6.35 -19.84 -9.05
CA HIS M 184 -7.51 -19.56 -8.22
C HIS M 184 -7.60 -18.07 -7.93
N TYR M 185 -8.82 -17.53 -8.02
CA TYR M 185 -9.08 -16.11 -7.79
C TYR M 185 -9.68 -15.92 -6.40
N CYS M 186 -8.79 -15.85 -5.40
CA CYS M 186 -9.22 -15.70 -4.02
C CYS M 186 -9.49 -14.24 -3.70
N ALA M 187 -10.67 -13.96 -3.13
CA ALA M 187 -11.05 -12.59 -2.81
C ALA M 187 -10.35 -12.14 -1.53
N PRO M 188 -10.07 -10.84 -1.40
CA PRO M 188 -9.39 -10.37 -0.19
C PRO M 188 -10.29 -10.39 1.03
N ALA M 189 -9.66 -10.42 2.19
CA ALA M 189 -10.39 -10.37 3.45
C ALA M 189 -11.19 -9.08 3.52
N GLY M 190 -12.46 -9.21 3.86
CA GLY M 190 -13.42 -8.12 3.82
C GLY M 190 -14.50 -8.33 2.78
N PHE M 191 -14.26 -9.18 1.80
CA PHE M 191 -15.21 -9.55 0.76
C PHE M 191 -15.31 -11.06 0.75
N ALA M 192 -16.34 -11.57 0.08
CA ALA M 192 -16.55 -13.01 -0.03
C ALA M 192 -17.02 -13.37 -1.42
N ILE M 193 -16.72 -14.61 -1.82
CA ILE M 193 -17.09 -15.15 -3.12
C ILE M 193 -18.19 -16.16 -2.88
N LEU M 194 -19.32 -15.99 -3.57
CA LEU M 194 -20.49 -16.83 -3.43
C LEU M 194 -20.61 -17.69 -4.68
N LYS M 195 -20.40 -18.99 -4.50
CA LYS M 195 -20.64 -19.96 -5.54
C LYS M 195 -22.12 -20.29 -5.56
N CYS M 196 -22.59 -20.82 -6.69
CA CYS M 196 -24.01 -21.15 -6.89
C CYS M 196 -24.09 -22.59 -7.40
N ASN M 197 -23.98 -23.54 -6.48
CA ASN M 197 -24.07 -24.94 -6.85
C ASN M 197 -25.47 -25.23 -7.37
N ASP M 198 -25.57 -25.81 -8.55
CA ASP M 198 -26.87 -26.28 -9.02
C ASP M 198 -26.64 -27.25 -10.16
N LYS M 199 -27.59 -28.16 -10.34
CA LYS M 199 -27.47 -29.13 -11.43
C LYS M 199 -27.58 -28.44 -12.78
N THR M 200 -28.56 -27.55 -12.94
CA THR M 200 -28.69 -26.70 -14.11
C THR M 200 -28.96 -25.28 -13.64
N PHE M 201 -28.14 -24.35 -14.09
CA PHE M 201 -28.31 -22.92 -13.80
C PHE M 201 -28.27 -22.14 -15.10
N ASN M 202 -29.41 -21.56 -15.48
CA ASN M 202 -29.49 -20.71 -16.67
C ASN M 202 -28.36 -19.68 -16.73
N GLY M 203 -27.94 -19.16 -15.57
CA GLY M 203 -26.89 -18.18 -15.48
C GLY M 203 -27.34 -16.75 -15.20
N LYS M 204 -28.61 -16.44 -15.38
CA LYS M 204 -29.20 -15.20 -14.88
C LYS M 204 -30.46 -15.54 -14.11
N GLY M 205 -30.46 -15.26 -12.81
CA GLY M 205 -31.61 -15.53 -11.98
C GLY M 205 -31.31 -15.95 -10.56
N PRO M 206 -32.35 -16.33 -9.81
CA PRO M 206 -32.16 -16.82 -8.45
C PRO M 206 -31.44 -18.16 -8.40
N CYS M 207 -30.71 -18.35 -7.31
CA CYS M 207 -30.00 -19.60 -7.02
C CYS M 207 -30.42 -20.09 -5.64
N LYS M 208 -30.42 -21.42 -5.45
CA LYS M 208 -30.99 -22.03 -4.24
C LYS M 208 -30.02 -22.90 -3.45
N ASN M 209 -28.74 -22.97 -3.81
CA ASN M 209 -27.75 -23.69 -3.01
C ASN M 209 -26.48 -22.87 -2.90
N VAL M 210 -26.65 -21.55 -2.75
CA VAL M 210 -25.51 -20.64 -2.66
C VAL M 210 -24.60 -21.08 -1.53
N SER M 211 -23.29 -20.91 -1.73
CA SER M 211 -22.31 -21.27 -0.72
C SER M 211 -21.18 -20.25 -0.77
N THR M 212 -20.47 -20.11 0.34
CA THR M 212 -19.38 -19.15 0.47
C THR M 212 -18.06 -19.90 0.35
N VAL M 213 -17.26 -19.53 -0.65
CA VAL M 213 -15.95 -20.13 -0.88
C VAL M 213 -14.91 -19.02 -0.85
N GLN M 214 -13.79 -19.28 -0.18
CA GLN M 214 -12.70 -18.30 -0.16
C GLN M 214 -12.18 -18.04 -1.57
N CYS M 215 -11.83 -19.11 -2.29
CA CYS M 215 -11.33 -19.04 -3.65
C CYS M 215 -12.27 -19.75 -4.61
N THR M 216 -11.93 -19.67 -5.90
CA THR M 216 -12.65 -20.37 -6.95
C THR M 216 -12.06 -21.76 -7.11
N HIS M 217 -12.45 -22.48 -8.16
CA HIS M 217 -11.88 -23.79 -8.44
C HIS M 217 -10.54 -23.57 -9.15
N GLY M 218 -10.01 -24.60 -9.81
CA GLY M 218 -8.73 -24.47 -10.46
C GLY M 218 -8.87 -23.95 -11.88
N ILE M 219 -9.32 -22.70 -12.00
CA ILE M 219 -9.49 -22.04 -13.27
C ILE M 219 -8.15 -22.01 -13.98
N ARG M 220 -8.04 -22.74 -15.12
CA ARG M 220 -6.84 -22.70 -15.94
C ARG M 220 -7.09 -21.82 -17.16
N PRO M 221 -6.25 -20.80 -17.44
CA PRO M 221 -6.56 -19.87 -18.54
C PRO M 221 -6.19 -20.46 -19.89
N VAL M 222 -7.22 -20.80 -20.67
CA VAL M 222 -7.07 -21.49 -21.95
C VAL M 222 -7.41 -20.51 -23.06
N VAL M 223 -6.60 -20.52 -24.11
CA VAL M 223 -6.79 -19.65 -25.26
C VAL M 223 -7.55 -20.46 -26.32
N SER M 224 -8.78 -20.05 -26.59
CA SER M 224 -9.60 -20.71 -27.60
C SER M 224 -10.55 -19.67 -28.19
N THR M 225 -10.98 -19.92 -29.43
CA THR M 225 -11.81 -18.98 -30.18
C THR M 225 -13.27 -19.41 -30.25
N GLN M 226 -13.53 -20.65 -30.67
CA GLN M 226 -14.88 -21.19 -30.83
C GLN M 226 -15.16 -22.40 -29.99
N LEU M 227 -14.15 -23.20 -29.64
CA LEU M 227 -14.33 -24.46 -28.94
C LEU M 227 -13.48 -24.40 -27.67
N LEU M 228 -14.14 -24.39 -26.52
CA LEU M 228 -13.40 -24.33 -25.27
C LEU M 228 -12.72 -25.65 -24.97
N LEU M 229 -11.50 -25.57 -24.45
CA LEU M 229 -10.65 -26.73 -24.24
C LEU M 229 -10.16 -26.76 -22.80
N ASN M 230 -9.96 -27.97 -22.29
CA ASN M 230 -9.42 -28.20 -20.94
C ASN M 230 -10.25 -27.43 -19.90
N GLY M 231 -11.58 -27.54 -20.03
CA GLY M 231 -12.50 -26.77 -19.23
C GLY M 231 -13.24 -27.61 -18.18
N SER M 232 -13.93 -26.90 -17.30
CA SER M 232 -14.75 -27.51 -16.25
C SER M 232 -16.13 -27.82 -16.80
N LEU M 233 -16.48 -29.09 -16.87
CA LEU M 233 -17.75 -29.52 -17.44
C LEU M 233 -18.90 -29.27 -16.47
N ALA M 234 -20.11 -29.49 -16.97
CA ALA M 234 -21.31 -29.44 -16.14
C ALA M 234 -21.48 -30.80 -15.46
N GLU M 235 -22.65 -31.06 -14.88
CA GLU M 235 -22.96 -32.33 -14.22
C GLU M 235 -24.19 -32.99 -14.79
N GLU M 236 -25.31 -32.28 -14.89
CA GLU M 236 -26.57 -32.91 -15.27
C GLU M 236 -26.65 -33.13 -16.77
N GLU M 237 -26.63 -32.06 -17.56
CA GLU M 237 -26.90 -32.15 -18.99
C GLU M 237 -26.27 -30.94 -19.67
N VAL M 238 -26.06 -31.08 -20.99
CA VAL M 238 -25.47 -30.02 -21.81
C VAL M 238 -26.34 -28.78 -21.64
N VAL M 239 -25.78 -27.72 -21.04
CA VAL M 239 -26.55 -26.52 -20.72
C VAL M 239 -26.22 -25.45 -21.74
N ILE M 240 -27.24 -24.63 -22.06
CA ILE M 240 -27.14 -23.50 -22.98
C ILE M 240 -27.53 -22.24 -22.23
N ARG M 241 -26.71 -21.20 -22.34
CA ARG M 241 -26.95 -19.95 -21.62
C ARG M 241 -26.70 -18.76 -22.53
N SER M 242 -27.64 -17.81 -22.53
CA SER M 242 -27.51 -16.58 -23.30
C SER M 242 -28.19 -15.45 -22.55
N ASP M 243 -27.65 -14.24 -22.71
CA ASP M 243 -28.21 -13.08 -22.01
C ASP M 243 -29.63 -12.81 -22.47
N ASN M 244 -29.87 -12.84 -23.77
CA ASN M 244 -31.21 -12.62 -24.32
C ASN M 244 -31.32 -13.53 -25.56
N PHE M 245 -31.74 -14.78 -25.32
CA PHE M 245 -31.83 -15.80 -26.37
C PHE M 245 -32.51 -15.29 -27.63
N THR M 246 -33.59 -14.52 -27.50
CA THR M 246 -34.29 -14.06 -28.69
C THR M 246 -33.46 -13.07 -29.49
N ASN M 247 -32.60 -12.30 -28.82
CA ASN M 247 -31.71 -11.41 -29.54
C ASN M 247 -30.74 -12.22 -30.40
N ASN M 248 -30.35 -11.66 -31.54
CA ASN M 248 -29.55 -12.35 -32.54
C ASN M 248 -28.05 -12.13 -32.39
N ALA M 249 -27.60 -11.50 -31.31
CA ALA M 249 -26.21 -11.16 -31.11
C ALA M 249 -25.59 -11.89 -29.94
N LYS M 250 -26.23 -11.86 -28.76
CA LYS M 250 -25.69 -12.49 -27.56
C LYS M 250 -25.34 -13.94 -27.82
N THR M 251 -24.10 -14.29 -27.51
CA THR M 251 -23.60 -15.64 -27.76
C THR M 251 -24.28 -16.66 -26.86
N ILE M 252 -24.63 -17.81 -27.46
CA ILE M 252 -25.28 -18.90 -26.73
C ILE M 252 -24.17 -19.83 -26.26
N ILE M 253 -23.61 -19.52 -25.07
CA ILE M 253 -22.56 -20.35 -24.49
C ILE M 253 -23.13 -21.74 -24.21
N VAL M 254 -22.35 -22.77 -24.58
CA VAL M 254 -22.76 -24.16 -24.44
C VAL M 254 -21.72 -24.84 -23.56
N GLN M 255 -22.18 -25.47 -22.46
CA GLN M 255 -21.32 -26.29 -21.61
C GLN M 255 -21.75 -27.75 -21.76
N LEU M 256 -20.76 -28.64 -21.91
CA LEU M 256 -20.98 -30.03 -22.24
C LEU M 256 -20.96 -30.92 -21.00
N LYS M 257 -21.84 -31.93 -20.99
CA LYS M 257 -21.86 -32.92 -19.92
C LYS M 257 -20.58 -33.76 -19.95
N GLU M 258 -20.26 -34.32 -21.12
CA GLU M 258 -19.07 -35.12 -21.33
C GLU M 258 -18.05 -34.35 -22.17
N SER M 259 -16.81 -34.81 -22.12
CA SER M 259 -15.69 -34.14 -22.79
C SER M 259 -15.40 -34.83 -24.12
N VAL M 260 -15.58 -34.10 -25.22
CA VAL M 260 -15.14 -34.60 -26.51
C VAL M 260 -13.61 -34.49 -26.56
N GLU M 261 -12.97 -35.33 -27.34
CA GLU M 261 -11.51 -35.40 -27.39
C GLU M 261 -11.01 -34.87 -28.72
N ILE M 262 -10.08 -33.92 -28.66
CA ILE M 262 -9.39 -33.37 -29.83
C ILE M 262 -7.91 -33.64 -29.63
N ASN M 263 -7.31 -34.34 -30.60
CA ASN M 263 -5.86 -34.56 -30.59
C ASN M 263 -5.30 -34.04 -31.90
N CYS M 264 -4.27 -33.19 -31.81
CA CYS M 264 -3.74 -32.46 -32.95
C CYS M 264 -2.23 -32.49 -32.97
N THR M 265 -1.67 -32.73 -34.15
CA THR M 265 -0.23 -32.70 -34.31
C THR M 265 0.14 -32.01 -35.62
N ARG M 266 1.36 -31.47 -35.64
CA ARG M 266 1.99 -30.99 -36.85
C ARG M 266 3.08 -32.01 -37.19
N PRO M 267 2.97 -32.79 -38.28
CA PRO M 267 4.04 -33.76 -38.59
C PRO M 267 5.13 -33.16 -39.48
N ASN M 268 5.92 -32.26 -38.89
CA ASN M 268 7.07 -31.66 -39.55
C ASN M 268 8.23 -31.62 -38.58
N ASN M 269 9.44 -31.73 -39.13
CA ASN M 269 10.68 -31.55 -38.39
C ASN M 269 11.39 -30.34 -38.95
N TYR M 270 11.78 -29.41 -38.07
CA TYR M 270 12.33 -28.13 -38.47
C TYR M 270 13.62 -27.87 -37.71
N THR M 271 14.33 -26.82 -38.13
CA THR M 271 15.57 -26.39 -37.49
C THR M 271 15.51 -24.89 -37.22
N ARG M 272 15.87 -24.49 -36.01
CA ARG M 272 15.83 -23.08 -35.61
C ARG M 272 17.08 -22.38 -36.11
N LYS M 273 16.92 -21.58 -37.17
CA LYS M 273 18.03 -20.88 -37.81
C LYS M 273 18.11 -19.47 -37.25
N SER M 274 18.97 -19.27 -36.25
CA SER M 274 19.24 -17.92 -35.75
C SER M 274 19.80 -17.05 -36.86
N ILE M 275 19.32 -15.81 -36.94
CA ILE M 275 19.79 -14.82 -37.90
C ILE M 275 20.33 -13.61 -37.16
N ARG M 276 21.31 -12.89 -37.72
CA ARG M 276 21.76 -11.63 -37.05
C ARG M 276 21.67 -10.41 -37.99
N ILE M 277 20.47 -9.89 -38.24
CA ILE M 277 20.29 -8.78 -39.23
C ILE M 277 20.96 -7.44 -38.90
N GLY M 278 20.93 -6.95 -37.64
CA GLY M 278 21.46 -5.58 -37.36
C GLY M 278 22.35 -5.52 -36.14
N PRO M 279 22.58 -4.36 -35.46
CA PRO M 279 23.31 -4.35 -34.19
C PRO M 279 22.29 -4.65 -33.09
N GLY M 280 22.49 -5.72 -32.32
CA GLY M 280 21.47 -6.11 -31.35
C GLY M 280 21.42 -7.59 -31.06
N ARG M 281 20.41 -7.99 -30.28
CA ARG M 281 20.22 -9.43 -30.00
C ARG M 281 19.81 -10.12 -31.29
N ALA M 282 20.19 -11.39 -31.45
CA ALA M 282 19.94 -12.14 -32.66
C ALA M 282 18.45 -12.42 -32.82
N PHE M 283 18.05 -12.61 -34.08
CA PHE M 283 16.66 -12.84 -34.45
C PHE M 283 16.48 -14.29 -34.88
N TYR M 284 15.66 -15.03 -34.16
CA TYR M 284 15.45 -16.44 -34.43
C TYR M 284 14.41 -16.63 -35.52
N THR M 285 14.53 -17.73 -36.27
CA THR M 285 13.56 -18.08 -37.29
C THR M 285 13.77 -19.53 -37.71
N MET M 286 12.88 -20.00 -38.58
CA MET M 286 12.88 -21.38 -39.06
C MET M 286 14.07 -21.63 -39.99
N GLY M 287 14.40 -22.91 -40.15
CA GLY M 287 15.57 -23.32 -40.93
C GLY M 287 15.26 -24.11 -42.18
N GLU M 288 15.37 -25.44 -42.08
CA GLU M 288 15.14 -26.36 -43.19
C GLU M 288 14.27 -27.52 -42.72
N ILE M 289 13.40 -28.00 -43.61
CA ILE M 289 12.52 -29.12 -43.31
C ILE M 289 13.35 -30.40 -43.44
N ILE M 290 13.73 -30.99 -42.31
CA ILE M 290 14.51 -32.23 -42.35
C ILE M 290 13.69 -33.33 -43.00
N GLY M 291 12.40 -33.41 -42.68
CA GLY M 291 11.50 -34.37 -43.28
C GLY M 291 10.77 -33.83 -44.49
N ASP M 292 9.69 -34.50 -44.85
CA ASP M 292 8.85 -34.04 -45.96
C ASP M 292 7.91 -32.96 -45.46
N ILE M 293 7.14 -32.38 -46.39
CA ILE M 293 6.18 -31.33 -46.08
C ILE M 293 4.82 -32.00 -45.95
N ARG M 294 4.30 -32.07 -44.71
CA ARG M 294 3.02 -32.68 -44.41
C ARG M 294 2.15 -31.67 -43.67
N GLN M 295 0.84 -31.89 -43.72
CA GLN M 295 -0.14 -30.97 -43.15
C GLN M 295 -0.37 -31.27 -41.68
N ALA M 296 -0.51 -30.21 -40.88
CA ALA M 296 -0.88 -30.34 -39.48
C ALA M 296 -2.38 -30.57 -39.38
N HIS M 297 -2.78 -31.56 -38.57
CA HIS M 297 -4.17 -31.99 -38.52
C HIS M 297 -4.66 -32.12 -37.08
N CYS M 298 -5.97 -31.92 -36.92
CA CYS M 298 -6.71 -32.07 -35.67
C CYS M 298 -7.75 -33.17 -35.85
N ASN M 299 -7.56 -34.30 -35.16
CA ASN M 299 -8.49 -35.43 -35.22
C ASN M 299 -9.49 -35.38 -34.06
N ILE M 300 -10.75 -35.64 -34.41
CA ILE M 300 -11.89 -35.80 -33.51
C ILE M 300 -12.40 -37.22 -33.73
N SER M 301 -13.54 -37.54 -33.12
CA SER M 301 -14.21 -38.85 -33.33
C SER M 301 -15.66 -38.53 -33.68
N ARG M 302 -16.21 -39.11 -34.75
CA ARG M 302 -17.57 -38.72 -35.18
C ARG M 302 -18.59 -39.03 -34.08
N ALA M 303 -18.48 -40.19 -33.43
CA ALA M 303 -19.48 -40.58 -32.42
C ALA M 303 -19.45 -39.58 -31.26
N LYS M 304 -18.24 -39.17 -30.85
CA LYS M 304 -18.09 -38.23 -29.72
C LYS M 304 -18.75 -36.89 -30.06
N TRP M 305 -18.60 -36.43 -31.30
CA TRP M 305 -19.11 -35.09 -31.68
C TRP M 305 -20.58 -35.14 -32.10
N ASN M 306 -20.97 -36.17 -32.85
CA ASN M 306 -22.33 -36.22 -33.39
C ASN M 306 -23.36 -36.36 -32.28
N ASP M 307 -23.07 -37.19 -31.27
CA ASP M 307 -23.99 -37.29 -30.14
C ASP M 307 -24.06 -36.00 -29.35
N THR M 308 -22.92 -35.33 -29.18
CA THR M 308 -22.90 -34.03 -28.49
C THR M 308 -23.75 -33.02 -29.25
N LEU M 309 -23.64 -33.02 -30.58
CA LEU M 309 -24.46 -32.12 -31.38
C LEU M 309 -25.92 -32.47 -31.24
N LYS M 310 -26.24 -33.76 -31.12
CA LYS M 310 -27.64 -34.15 -30.95
C LYS M 310 -28.21 -33.58 -29.65
N GLN M 311 -27.44 -33.69 -28.56
CA GLN M 311 -27.92 -33.15 -27.29
C GLN M 311 -28.09 -31.63 -27.36
N ILE M 312 -27.11 -30.95 -27.97
CA ILE M 312 -27.21 -29.51 -28.15
C ILE M 312 -28.47 -29.15 -28.95
N VAL M 313 -28.78 -29.95 -29.98
CA VAL M 313 -30.00 -29.70 -30.75
C VAL M 313 -31.24 -29.86 -29.89
N ILE M 314 -31.27 -30.86 -29.00
CA ILE M 314 -32.43 -30.99 -28.11
C ILE M 314 -32.61 -29.73 -27.28
N LYS M 315 -31.52 -29.26 -26.67
CA LYS M 315 -31.63 -28.07 -25.82
C LYS M 315 -32.10 -26.85 -26.61
N LEU M 316 -31.43 -26.54 -27.72
CA LEU M 316 -31.89 -25.41 -28.53
C LEU M 316 -33.31 -25.62 -29.07
N ARG M 317 -33.72 -26.87 -29.29
CA ARG M 317 -35.08 -27.13 -29.73
C ARG M 317 -36.09 -26.69 -28.67
N GLU M 318 -35.85 -27.07 -27.40
CA GLU M 318 -36.81 -26.65 -26.39
C GLU M 318 -36.73 -25.13 -26.17
N GLN M 319 -35.52 -24.58 -26.23
CA GLN M 319 -35.36 -23.13 -26.04
C GLN M 319 -35.97 -22.32 -27.18
N PHE M 320 -35.91 -22.83 -28.43
CA PHE M 320 -36.39 -22.12 -29.61
C PHE M 320 -37.63 -22.78 -30.23
N GLU M 321 -38.36 -23.59 -29.44
CA GLU M 321 -39.54 -24.33 -29.97
C GLU M 321 -39.09 -25.38 -31.01
N ASN M 322 -39.96 -26.33 -31.35
CA ASN M 322 -39.56 -27.29 -32.42
C ASN M 322 -39.39 -26.51 -33.73
N LYS M 323 -38.35 -26.86 -34.50
CA LYS M 323 -37.90 -26.07 -35.67
C LYS M 323 -36.65 -26.74 -36.27
N THR M 324 -36.13 -26.19 -37.38
CA THR M 324 -34.91 -26.73 -37.95
C THR M 324 -33.69 -26.08 -37.34
N ILE M 325 -32.78 -26.89 -36.81
CA ILE M 325 -31.54 -26.42 -36.20
C ILE M 325 -30.43 -26.65 -37.22
N VAL M 326 -29.95 -25.56 -37.82
CA VAL M 326 -28.90 -25.62 -38.82
C VAL M 326 -27.57 -25.36 -38.13
N PHE M 327 -26.50 -25.91 -38.73
CA PHE M 327 -25.12 -25.65 -38.29
C PHE M 327 -24.31 -25.46 -39.57
N ASN M 328 -24.22 -24.22 -40.04
CA ASN M 328 -23.27 -23.83 -41.08
C ASN M 328 -21.98 -23.38 -40.38
N HIS M 329 -21.13 -22.63 -41.08
CA HIS M 329 -19.84 -22.17 -40.56
C HIS M 329 -19.82 -20.65 -40.55
N SER M 330 -18.79 -20.10 -39.90
CA SER M 330 -18.63 -18.64 -39.81
C SER M 330 -18.69 -18.00 -41.19
N SER M 331 -19.57 -17.01 -41.33
CA SER M 331 -20.00 -16.56 -42.65
C SER M 331 -18.88 -15.91 -43.45
N GLY M 332 -17.96 -15.21 -42.80
CA GLY M 332 -16.97 -14.47 -43.56
C GLY M 332 -15.93 -13.84 -42.65
N GLY M 333 -14.96 -13.20 -43.29
CA GLY M 333 -13.82 -12.62 -42.64
C GLY M 333 -12.53 -13.30 -43.04
N ASP M 334 -11.43 -12.79 -42.48
CA ASP M 334 -10.12 -13.34 -42.77
C ASP M 334 -10.05 -14.74 -42.17
N PRO M 335 -8.99 -15.50 -42.46
CA PRO M 335 -8.84 -16.80 -41.77
C PRO M 335 -8.89 -16.70 -40.25
N GLU M 336 -8.17 -15.75 -39.62
CA GLU M 336 -8.01 -15.79 -38.17
C GLU M 336 -9.37 -15.74 -37.46
N ILE M 337 -10.28 -14.90 -37.96
CA ILE M 337 -11.61 -14.82 -37.37
C ILE M 337 -12.36 -16.14 -37.61
N VAL M 338 -12.32 -16.64 -38.85
CA VAL M 338 -13.04 -17.86 -39.20
C VAL M 338 -12.44 -19.08 -38.52
N MET M 339 -11.11 -19.16 -38.44
CA MET M 339 -10.46 -20.37 -37.97
C MET M 339 -10.53 -20.50 -36.45
N HIS M 340 -10.74 -21.72 -35.98
CA HIS M 340 -10.53 -22.05 -34.56
C HIS M 340 -9.04 -22.01 -34.25
N SER M 341 -8.68 -21.44 -33.11
CA SER M 341 -7.29 -21.28 -32.70
C SER M 341 -7.05 -21.83 -31.30
N PHE M 342 -5.98 -22.59 -31.15
CA PHE M 342 -5.54 -23.11 -29.86
C PHE M 342 -4.02 -22.97 -29.77
N ASN M 343 -3.51 -22.96 -28.54
CA ASN M 343 -2.13 -22.59 -28.24
C ASN M 343 -1.26 -23.82 -27.91
N CYS M 344 -1.75 -25.03 -28.22
CA CYS M 344 -1.08 -26.29 -27.90
C CYS M 344 0.41 -26.31 -28.25
N GLY M 345 1.24 -26.56 -27.24
CA GLY M 345 2.68 -26.66 -27.37
C GLY M 345 3.24 -25.46 -28.09
N GLY M 346 2.88 -24.27 -27.61
CA GLY M 346 3.22 -23.04 -28.30
C GLY M 346 2.75 -23.10 -29.72
N GLU M 347 3.57 -22.55 -30.64
CA GLU M 347 3.40 -22.60 -32.09
C GLU M 347 2.15 -21.89 -32.62
N PHE M 348 0.98 -22.13 -32.00
CA PHE M 348 -0.33 -21.59 -32.35
C PHE M 348 -0.88 -22.37 -33.53
N PHE M 349 -2.19 -22.29 -33.76
CA PHE M 349 -2.82 -23.03 -34.84
C PHE M 349 -3.98 -22.19 -35.35
N TYR M 350 -4.64 -22.67 -36.40
CA TYR M 350 -5.80 -21.99 -36.95
C TYR M 350 -6.59 -22.97 -37.81
N CYS M 351 -7.31 -23.89 -37.18
CA CYS M 351 -8.02 -24.96 -37.88
C CYS M 351 -9.26 -24.45 -38.60
N ASN M 352 -9.68 -25.22 -39.63
CA ASN M 352 -10.81 -24.81 -40.46
C ASN M 352 -12.12 -24.83 -39.70
N SER M 353 -12.33 -25.84 -38.86
CA SER M 353 -13.52 -25.96 -38.02
C SER M 353 -14.79 -25.78 -38.84
N THR M 354 -14.84 -26.43 -40.00
CA THR M 354 -15.99 -26.44 -40.88
C THR M 354 -16.74 -27.76 -40.83
N GLN M 355 -16.02 -28.88 -41.04
CA GLN M 355 -16.64 -30.20 -40.98
C GLN M 355 -17.38 -30.43 -39.67
N LEU M 356 -16.97 -29.77 -38.59
CA LEU M 356 -17.61 -29.97 -37.30
C LEU M 356 -19.04 -29.45 -37.31
N PHE M 357 -19.26 -28.29 -37.92
CA PHE M 357 -20.57 -27.64 -37.97
C PHE M 357 -21.00 -27.57 -39.43
N ASN M 358 -21.58 -28.67 -39.91
CA ASN M 358 -22.13 -28.74 -41.26
C ASN M 358 -23.28 -29.74 -41.20
N SER M 359 -24.47 -29.25 -40.88
CA SER M 359 -25.58 -30.16 -40.62
C SER M 359 -26.90 -29.40 -40.60
N THR M 360 -27.98 -30.14 -40.84
CA THR M 360 -29.35 -29.61 -40.76
C THR M 360 -30.19 -30.63 -40.00
N TRP M 361 -30.65 -30.27 -38.80
CA TRP M 361 -31.42 -31.16 -37.95
C TRP M 361 -32.90 -30.80 -38.02
N ASN M 362 -33.73 -31.78 -38.39
CA ASN M 362 -35.18 -31.64 -38.36
C ASN M 362 -35.84 -33.00 -38.55
N ASN M 363 -36.75 -33.36 -37.66
CA ASN M 363 -37.48 -34.63 -37.72
C ASN M 363 -38.90 -34.41 -38.23
N THR M 371 -21.36 -41.95 -45.87
CA THR M 371 -21.19 -40.77 -45.03
C THR M 371 -20.53 -41.11 -43.69
N GLU M 372 -19.80 -42.22 -43.65
CA GLU M 372 -19.19 -42.71 -42.43
C GLU M 372 -17.77 -42.15 -42.31
N GLY M 373 -16.98 -42.72 -41.39
CA GLY M 373 -15.64 -42.25 -41.10
C GLY M 373 -15.52 -41.83 -39.65
N ASN M 374 -14.84 -42.65 -38.83
CA ASN M 374 -14.77 -42.37 -37.40
C ASN M 374 -14.07 -41.05 -37.12
N THR M 375 -12.97 -40.77 -37.80
CA THR M 375 -12.15 -39.59 -37.55
C THR M 375 -12.43 -38.55 -38.62
N ILE M 376 -12.71 -37.32 -38.19
CA ILE M 376 -12.91 -36.19 -39.09
C ILE M 376 -11.62 -35.38 -39.06
N THR M 377 -10.74 -35.63 -40.02
CA THR M 377 -9.45 -34.95 -40.07
C THR M 377 -9.67 -33.50 -40.49
N LEU M 378 -9.32 -32.56 -39.59
CA LEU M 378 -9.53 -31.13 -39.83
C LEU M 378 -8.23 -30.50 -40.33
N PRO M 379 -8.21 -29.76 -41.45
CA PRO M 379 -6.97 -29.07 -41.83
C PRO M 379 -6.66 -27.97 -40.84
N CYS M 380 -5.38 -27.85 -40.47
CA CYS M 380 -4.94 -26.80 -39.56
C CYS M 380 -3.74 -26.06 -40.15
N ARG M 381 -3.79 -24.74 -40.06
CA ARG M 381 -2.76 -23.84 -40.57
C ARG M 381 -2.12 -23.11 -39.40
N ILE M 382 -0.79 -23.10 -39.38
CA ILE M 382 -0.01 -22.48 -38.30
C ILE M 382 0.45 -21.10 -38.75
N LYS M 383 0.24 -20.10 -37.90
CA LYS M 383 0.62 -18.72 -38.18
C LYS M 383 1.51 -18.24 -37.04
N GLN M 384 2.74 -17.85 -37.37
CA GLN M 384 3.68 -17.44 -36.33
C GLN M 384 3.29 -16.11 -35.71
N ILE M 385 2.86 -15.14 -36.52
CA ILE M 385 2.55 -13.80 -36.03
C ILE M 385 1.10 -13.80 -35.56
N ILE M 386 0.90 -13.59 -34.25
CA ILE M 386 -0.39 -13.75 -33.60
C ILE M 386 -0.83 -12.40 -33.04
N ASN M 387 -2.02 -11.94 -33.44
CA ASN M 387 -2.66 -10.75 -32.88
C ASN M 387 -3.67 -11.20 -31.83
N MET M 388 -3.16 -11.51 -30.63
CA MET M 388 -3.97 -12.24 -29.65
C MET M 388 -5.15 -11.42 -29.15
N TRP M 389 -4.91 -10.16 -28.77
CA TRP M 389 -5.84 -9.43 -27.91
C TRP M 389 -6.67 -8.42 -28.66
N GLN M 390 -6.86 -8.66 -29.97
CA GLN M 390 -7.71 -7.76 -30.81
C GLN M 390 -7.28 -6.30 -30.60
N ARG M 391 -5.99 -6.06 -30.43
CA ARG M 391 -5.47 -4.68 -30.30
C ARG M 391 -4.54 -4.39 -31.49
N VAL M 392 -4.77 -3.27 -32.18
CA VAL M 392 -3.94 -2.94 -33.37
C VAL M 392 -2.62 -2.32 -32.89
N GLY M 393 -1.53 -2.56 -33.62
CA GLY M 393 -0.27 -1.96 -33.27
C GLY M 393 0.65 -2.83 -32.43
N GLN M 394 0.29 -4.08 -32.17
CA GLN M 394 1.15 -5.00 -31.45
C GLN M 394 0.93 -6.42 -31.96
N ALA M 395 1.99 -7.22 -31.88
CA ALA M 395 1.89 -8.61 -32.32
C ALA M 395 3.07 -9.39 -31.74
N MET M 396 2.86 -10.69 -31.54
CA MET M 396 3.85 -11.58 -30.98
C MET M 396 4.29 -12.59 -32.04
N TYR M 397 5.59 -12.66 -32.28
CA TYR M 397 6.18 -13.64 -33.18
C TYR M 397 6.57 -14.87 -32.36
N ALA M 398 5.80 -15.93 -32.47
CA ALA M 398 6.10 -17.18 -31.78
C ALA M 398 7.26 -17.90 -32.46
N PRO M 399 8.49 -17.92 -31.90
CA PRO M 399 9.59 -18.55 -32.61
C PRO M 399 9.38 -20.05 -32.72
N PRO M 400 9.97 -20.70 -33.72
CA PRO M 400 9.82 -22.16 -33.83
C PRO M 400 10.51 -22.85 -32.66
N ILE M 401 9.86 -23.89 -32.13
CA ILE M 401 10.39 -24.63 -30.98
C ILE M 401 11.19 -25.88 -31.40
N ARG M 402 11.25 -26.19 -32.69
CA ARG M 402 12.04 -27.28 -33.28
C ARG M 402 11.45 -28.68 -33.03
N GLY M 403 10.66 -28.86 -31.98
CA GLY M 403 10.11 -30.16 -31.65
C GLY M 403 8.85 -30.47 -32.45
N GLN M 404 8.25 -31.60 -32.11
CA GLN M 404 6.95 -31.99 -32.63
C GLN M 404 5.87 -31.71 -31.57
N ILE M 405 4.61 -31.88 -31.97
CA ILE M 405 3.44 -31.59 -31.15
C ILE M 405 2.64 -32.88 -31.03
N ARG M 406 1.92 -33.04 -29.91
CA ARG M 406 1.04 -34.20 -29.73
C ARG M 406 -0.33 -33.84 -29.15
N CYS M 407 -0.39 -32.91 -28.19
CA CYS M 407 -1.65 -32.36 -27.68
C CYS M 407 -2.45 -33.37 -26.88
N SER M 408 -3.62 -33.82 -27.38
CA SER M 408 -4.58 -34.62 -26.62
C SER M 408 -5.29 -33.78 -25.55
N SER M 409 -6.27 -32.98 -25.99
CA SER M 409 -7.01 -32.05 -25.15
C SER M 409 -8.50 -32.34 -25.27
N ASN M 410 -9.28 -31.70 -24.40
CA ASN M 410 -10.71 -32.00 -24.21
C ASN M 410 -11.59 -30.80 -24.55
N ILE M 411 -12.33 -30.89 -25.65
CA ILE M 411 -13.45 -29.97 -25.86
C ILE M 411 -14.46 -30.15 -24.75
N THR M 412 -14.78 -29.05 -24.06
CA THR M 412 -15.75 -29.04 -22.98
C THR M 412 -16.91 -28.07 -23.21
N GLY M 413 -16.86 -27.24 -24.24
CA GLY M 413 -17.92 -26.26 -24.45
C GLY M 413 -17.78 -25.55 -25.77
N LEU M 414 -18.90 -25.05 -26.27
CA LEU M 414 -18.98 -24.29 -27.51
C LEU M 414 -19.42 -22.85 -27.24
N LEU M 415 -19.22 -22.00 -28.24
CA LEU M 415 -19.60 -20.59 -28.21
C LEU M 415 -20.45 -20.24 -29.44
N LEU M 416 -21.53 -20.98 -29.65
CA LEU M 416 -22.36 -20.77 -30.83
C LEU M 416 -23.02 -19.39 -30.81
N THR M 417 -23.41 -18.92 -31.99
CA THR M 417 -24.10 -17.65 -32.17
C THR M 417 -25.18 -17.82 -33.22
N ARG M 418 -26.25 -17.05 -33.11
CA ARG M 418 -27.39 -17.17 -34.01
C ARG M 418 -27.34 -16.08 -35.07
N ASP M 419 -28.08 -16.31 -36.16
CA ASP M 419 -28.19 -15.34 -37.22
C ASP M 419 -29.11 -14.21 -36.78
N GLU M 424 -34.42 -18.04 -41.33
CA GLU M 424 -35.18 -16.94 -41.90
C GLU M 424 -36.55 -17.40 -42.39
N ASN M 425 -36.64 -18.66 -42.82
CA ASN M 425 -37.87 -19.27 -43.34
C ASN M 425 -38.11 -20.56 -42.57
N GLY M 426 -38.81 -20.44 -41.45
CA GLY M 426 -39.11 -21.61 -40.63
C GLY M 426 -37.88 -22.33 -40.12
N THR M 427 -36.80 -21.60 -39.88
CA THR M 427 -35.57 -22.20 -39.37
C THR M 427 -34.74 -21.11 -38.70
N GLU M 428 -33.82 -21.56 -37.85
CA GLU M 428 -32.83 -20.69 -37.21
C GLU M 428 -31.45 -21.20 -37.55
N ILE M 429 -30.65 -20.34 -38.19
CA ILE M 429 -29.29 -20.71 -38.60
C ILE M 429 -28.36 -20.37 -37.44
N PHE M 430 -27.55 -21.36 -37.04
CA PHE M 430 -26.59 -21.15 -35.94
C PHE M 430 -25.17 -21.25 -36.50
N ARG M 431 -24.35 -20.23 -36.25
CA ARG M 431 -22.97 -20.21 -36.83
C ARG M 431 -21.94 -20.19 -35.71
N PRO M 432 -20.88 -21.04 -35.76
CA PRO M 432 -19.81 -21.01 -34.77
C PRO M 432 -19.47 -19.57 -34.38
N GLY M 433 -19.42 -19.27 -33.08
CA GLY M 433 -19.21 -17.92 -32.65
C GLY M 433 -17.88 -17.71 -31.95
N GLY M 434 -17.68 -16.47 -31.54
CA GLY M 434 -16.45 -16.05 -30.90
C GLY M 434 -16.69 -14.90 -29.94
N GLY M 435 -16.23 -13.74 -30.34
CA GLY M 435 -16.35 -12.54 -29.56
C GLY M 435 -15.14 -12.33 -28.69
N ASP M 436 -15.31 -11.48 -27.69
CA ASP M 436 -14.17 -11.14 -26.85
C ASP M 436 -13.83 -12.34 -25.98
N MET M 437 -12.57 -12.35 -25.51
CA MET M 437 -12.07 -13.48 -24.67
C MET M 437 -12.88 -13.58 -23.38
N ARG M 438 -13.44 -12.46 -22.92
CA ARG M 438 -14.20 -12.47 -21.65
C ARG M 438 -15.40 -13.40 -21.82
N ASP M 439 -16.05 -13.33 -23.00
CA ASP M 439 -17.18 -14.24 -23.28
C ASP M 439 -16.69 -15.69 -23.09
N ASN M 440 -15.51 -16.02 -23.62
CA ASN M 440 -15.08 -17.41 -23.54
C ASN M 440 -14.87 -17.79 -22.07
N TRP M 441 -14.23 -16.92 -21.29
CA TRP M 441 -13.95 -17.24 -19.90
C TRP M 441 -15.22 -17.31 -19.04
N ARG M 442 -16.22 -16.46 -19.31
CA ARG M 442 -17.47 -16.45 -18.54
C ARG M 442 -18.03 -17.85 -18.30
N SER M 443 -17.98 -18.71 -19.31
CA SER M 443 -18.47 -20.07 -19.19
C SER M 443 -17.82 -20.84 -18.06
N GLU M 444 -16.62 -20.43 -17.62
CA GLU M 444 -15.92 -21.02 -16.49
C GLU M 444 -16.01 -20.15 -15.24
N LEU M 445 -16.81 -19.07 -15.27
CA LEU M 445 -17.06 -18.21 -14.12
C LEU M 445 -18.54 -17.84 -14.08
N TYR M 446 -19.39 -18.80 -14.44
CA TYR M 446 -20.83 -18.56 -14.53
C TYR M 446 -21.54 -18.66 -13.19
N LYS M 447 -20.81 -18.97 -12.11
CA LYS M 447 -21.39 -19.16 -10.78
C LYS M 447 -20.91 -18.09 -9.80
N TYR M 448 -19.59 -17.98 -9.62
CA TYR M 448 -19.02 -17.13 -8.58
C TYR M 448 -19.49 -15.68 -8.71
N LYS M 449 -19.78 -15.08 -7.55
CA LYS M 449 -20.11 -13.66 -7.44
C LYS M 449 -19.31 -13.08 -6.29
N VAL M 450 -18.95 -11.79 -6.39
CA VAL M 450 -18.15 -11.12 -5.38
C VAL M 450 -19.05 -10.15 -4.63
N VAL M 451 -19.05 -10.24 -3.29
CA VAL M 451 -19.87 -9.38 -2.45
C VAL M 451 -19.01 -8.82 -1.32
N LYS M 452 -19.43 -7.66 -0.80
CA LYS M 452 -18.75 -6.96 0.27
C LYS M 452 -19.58 -7.12 1.54
N ILE M 453 -18.99 -7.74 2.56
CA ILE M 453 -19.69 -7.97 3.82
C ILE M 453 -19.75 -6.66 4.60
N GLU M 454 -20.97 -6.21 4.93
CA GLU M 454 -21.18 -5.04 5.75
C GLU M 454 -21.46 -5.49 7.18
N PRO M 455 -20.48 -5.43 8.09
CA PRO M 455 -20.70 -6.05 9.41
C PRO M 455 -21.74 -5.32 10.26
N LEU M 456 -21.80 -4.00 10.21
CA LEU M 456 -22.48 -3.21 11.25
C LEU M 456 -23.91 -2.88 10.83
N GLY M 457 -24.86 -3.19 11.71
CA GLY M 457 -26.26 -2.87 11.50
C GLY M 457 -26.87 -2.35 12.79
N VAL M 458 -28.02 -1.68 12.66
CA VAL M 458 -28.73 -1.09 13.79
C VAL M 458 -30.10 -1.74 13.89
N ALA M 459 -30.50 -2.11 15.11
CA ALA M 459 -31.74 -2.85 15.33
C ALA M 459 -32.41 -2.42 16.62
N PRO M 460 -33.74 -2.61 16.73
CA PRO M 460 -34.42 -2.32 18.00
C PRO M 460 -34.10 -3.33 19.08
N THR M 461 -34.22 -2.86 20.35
CA THR M 461 -34.01 -3.74 21.53
C THR M 461 -34.63 -3.03 22.76
N ARG M 462 -35.28 -3.78 23.65
CA ARG M 462 -36.00 -3.21 24.83
C ARG M 462 -35.10 -2.48 25.84
N CYS M 463 -33.91 -2.99 26.14
CA CYS M 463 -33.08 -2.39 27.24
C CYS M 463 -32.41 -1.07 26.85
N LYS M 464 -32.00 -0.26 27.84
CA LYS M 464 -31.30 1.00 27.62
C LYS M 464 -30.11 1.06 28.57
N ARG M 465 -28.94 1.35 28.01
CA ARG M 465 -27.64 1.38 28.71
C ARG M 465 -27.52 0.42 29.89
N ALA M 485 -26.57 -25.74 19.37
CA ALA M 485 -25.39 -25.52 18.54
C ALA M 485 -25.43 -26.40 17.30
N VAL M 486 -24.98 -25.86 16.17
CA VAL M 486 -24.93 -26.60 14.90
C VAL M 486 -23.59 -26.41 14.20
N ARG M 487 -22.74 -25.51 14.69
CA ARG M 487 -21.48 -25.16 14.03
C ARG M 487 -21.70 -24.83 12.55
N ARG M 488 -22.49 -23.78 12.31
CA ARG M 488 -22.85 -23.44 10.94
C ARG M 488 -21.64 -22.96 10.15
N GLY M 489 -20.89 -22.00 10.67
CA GLY M 489 -19.72 -21.46 10.01
C GLY M 489 -19.92 -20.00 9.60
N PHE M 490 -18.95 -19.52 8.82
CA PHE M 490 -18.97 -18.13 8.36
C PHE M 490 -20.17 -17.87 7.46
N LEU M 491 -20.89 -16.80 7.76
CA LEU M 491 -22.12 -16.41 7.07
C LEU M 491 -23.19 -17.50 7.06
N GLY M 492 -23.06 -18.53 7.90
CA GLY M 492 -24.02 -19.62 7.88
C GLY M 492 -25.43 -19.16 8.18
N ALA M 493 -25.58 -18.15 9.03
CA ALA M 493 -26.89 -17.64 9.42
C ALA M 493 -27.22 -16.36 8.66
N ALA M 494 -27.19 -16.47 7.33
CA ALA M 494 -27.56 -15.37 6.45
C ALA M 494 -28.97 -15.52 5.90
N GLY M 495 -29.55 -16.71 6.02
CA GLY M 495 -30.96 -16.94 5.78
C GLY M 495 -31.73 -17.20 7.05
N SER M 496 -31.12 -17.06 8.21
CA SER M 496 -31.74 -17.37 9.49
C SER M 496 -32.37 -16.10 10.05
N THR M 497 -33.54 -16.27 10.67
CA THR M 497 -34.21 -15.16 11.34
C THR M 497 -33.23 -14.43 12.25
N MET M 498 -33.46 -13.14 12.45
CA MET M 498 -32.49 -12.30 13.15
C MET M 498 -32.24 -12.76 14.58
N GLY M 499 -33.14 -13.55 15.16
CA GLY M 499 -32.92 -14.13 16.47
C GLY M 499 -31.76 -15.10 16.48
N ALA M 500 -31.93 -16.26 15.83
CA ALA M 500 -30.85 -17.22 15.67
C ALA M 500 -29.58 -16.56 15.13
N ALA M 501 -29.72 -15.68 14.15
CA ALA M 501 -28.58 -14.98 13.59
C ALA M 501 -27.82 -14.20 14.65
N SER M 502 -28.53 -13.54 15.56
CA SER M 502 -27.90 -12.70 16.58
C SER M 502 -27.04 -13.48 17.58
N MET M 503 -26.94 -14.81 17.47
CA MET M 503 -25.97 -15.60 18.22
C MET M 503 -24.73 -15.92 17.42
N THR M 504 -24.86 -16.02 16.10
CA THR M 504 -23.74 -16.28 15.20
C THR M 504 -23.32 -14.99 14.49
N LEU M 505 -22.82 -14.03 15.28
CA LEU M 505 -22.21 -12.82 14.73
C LEU M 505 -20.78 -12.62 15.21
N THR M 506 -20.19 -13.62 15.88
CA THR M 506 -18.77 -13.59 16.21
C THR M 506 -17.95 -14.53 15.34
N VAL M 507 -18.60 -15.36 14.53
CA VAL M 507 -17.88 -16.14 13.52
C VAL M 507 -17.69 -15.34 12.24
N GLN M 508 -18.49 -14.29 12.02
CA GLN M 508 -18.35 -13.39 10.89
C GLN M 508 -17.43 -12.21 11.20
N ALA M 509 -16.60 -12.33 12.24
CA ALA M 509 -15.73 -11.24 12.67
C ALA M 509 -14.27 -11.64 12.75
N ARG M 510 -13.95 -12.91 12.95
CA ARG M 510 -12.55 -13.35 12.90
C ARG M 510 -12.06 -13.61 11.48
N ASN M 511 -12.83 -13.24 10.45
CA ASN M 511 -12.45 -13.40 9.05
C ASN M 511 -12.53 -12.08 8.31
N LEU M 512 -12.27 -10.97 9.00
CA LEU M 512 -12.12 -9.67 8.37
C LEU M 512 -10.64 -9.28 8.23
N LEU M 513 -9.71 -10.20 8.53
CA LEU M 513 -8.28 -9.98 8.32
C LEU M 513 -7.62 -11.27 7.83
N SER M 514 -8.36 -12.08 7.07
CA SER M 514 -7.82 -13.28 6.44
C SER M 514 -7.43 -14.31 7.50
N LEU M 536 8.05 -5.52 -7.91
CA LEU M 536 6.75 -5.00 -8.32
C LEU M 536 6.06 -6.08 -9.17
N GLY M 537 5.06 -5.70 -9.97
CA GLY M 537 4.33 -6.64 -10.80
C GLY M 537 2.84 -6.52 -10.54
N VAL M 538 2.01 -7.07 -11.44
CA VAL M 538 0.58 -7.04 -11.24
C VAL M 538 0.15 -7.73 -9.96
N TRP M 539 0.95 -8.67 -9.46
CA TRP M 539 0.75 -9.29 -8.14
C TRP M 539 1.73 -8.71 -7.13
N GLY M 540 1.95 -7.41 -7.27
CA GLY M 540 2.86 -6.62 -6.48
C GLY M 540 2.02 -5.64 -5.69
N ILE M 541 1.77 -4.48 -6.30
CA ILE M 541 0.94 -3.45 -5.69
C ILE M 541 -0.44 -4.00 -5.33
N LYS M 542 -0.98 -4.91 -6.15
CA LYS M 542 -2.36 -5.36 -5.96
C LYS M 542 -2.56 -6.04 -4.61
N GLN M 543 -1.69 -7.00 -4.27
CA GLN M 543 -1.87 -7.73 -3.02
C GLN M 543 -1.70 -6.81 -1.82
N LEU M 544 -0.67 -5.97 -1.85
CA LEU M 544 -0.43 -5.06 -0.73
C LEU M 544 -1.58 -4.07 -0.59
N GLN M 545 -2.14 -3.63 -1.72
CA GLN M 545 -3.33 -2.78 -1.69
C GLN M 545 -4.50 -3.51 -1.05
N ALA M 546 -4.69 -4.78 -1.38
CA ALA M 546 -5.79 -5.54 -0.80
C ALA M 546 -5.63 -5.65 0.72
N ARG M 547 -4.40 -5.94 1.16
CA ARG M 547 -4.16 -6.06 2.60
C ARG M 547 -4.39 -4.73 3.31
N VAL M 548 -3.87 -3.64 2.74
CA VAL M 548 -4.05 -2.32 3.35
C VAL M 548 -5.53 -1.94 3.31
N LEU M 549 -6.24 -2.32 2.25
CA LEU M 549 -7.68 -2.09 2.17
C LEU M 549 -8.39 -2.74 3.35
N ALA M 550 -8.26 -4.07 3.48
CA ALA M 550 -8.86 -4.80 4.59
C ALA M 550 -8.52 -4.15 5.93
N VAL M 551 -7.24 -3.81 6.13
CA VAL M 551 -6.83 -3.19 7.39
C VAL M 551 -7.55 -1.86 7.59
N GLU M 552 -7.64 -1.05 6.53
CA GLU M 552 -8.25 0.26 6.65
C GLU M 552 -9.73 0.13 6.98
N ARG M 553 -10.43 -0.80 6.33
CA ARG M 553 -11.84 -1.03 6.64
C ARG M 553 -12.03 -1.43 8.10
N TYR M 554 -11.23 -2.40 8.57
CA TYR M 554 -11.43 -2.86 9.94
C TYR M 554 -11.10 -1.76 10.94
N LEU M 555 -10.03 -0.99 10.67
CA LEU M 555 -9.69 0.11 11.56
C LEU M 555 -10.78 1.17 11.56
N ARG M 556 -11.38 1.43 10.40
CA ARG M 556 -12.48 2.40 10.34
C ARG M 556 -13.67 1.92 11.14
N ASP M 557 -14.00 0.63 11.05
CA ASP M 557 -15.13 0.11 11.83
C ASP M 557 -14.84 0.16 13.32
N GLN M 558 -13.61 -0.17 13.72
CA GLN M 558 -13.23 -0.05 15.12
C GLN M 558 -13.32 1.40 15.59
N GLN M 559 -12.85 2.34 14.76
CA GLN M 559 -12.96 3.75 15.09
C GLN M 559 -14.42 4.16 15.24
N LEU M 560 -15.28 3.68 14.35
CA LEU M 560 -16.71 3.98 14.43
C LEU M 560 -17.29 3.52 15.76
N LEU M 561 -17.06 2.25 16.09
CA LEU M 561 -17.51 1.75 17.40
C LEU M 561 -16.90 2.55 18.54
N GLY M 562 -15.65 2.98 18.39
CA GLY M 562 -14.98 3.71 19.46
C GLY M 562 -15.57 5.08 19.73
N ILE M 563 -15.74 5.89 18.68
CA ILE M 563 -16.29 7.22 18.85
C ILE M 563 -17.71 7.15 19.41
N TRP M 564 -18.45 6.08 19.09
CA TRP M 564 -19.75 5.89 19.69
C TRP M 564 -19.68 5.34 21.11
N GLY M 565 -18.49 4.95 21.58
CA GLY M 565 -18.33 4.47 22.93
C GLY M 565 -18.65 3.01 23.12
N CYS M 566 -18.84 2.27 22.02
CA CYS M 566 -19.16 0.85 22.07
C CYS M 566 -17.94 -0.04 21.85
N SER M 567 -16.75 0.41 22.25
CA SER M 567 -15.55 -0.37 22.01
C SER M 567 -15.59 -1.66 22.80
N GLY M 568 -15.14 -2.75 22.19
CA GLY M 568 -15.05 -4.03 22.86
C GLY M 568 -16.35 -4.81 22.94
N LYS M 569 -17.42 -4.33 22.32
CA LYS M 569 -18.75 -4.92 22.41
C LYS M 569 -19.20 -5.29 21.01
N LEU M 570 -19.64 -6.54 20.84
CA LEU M 570 -20.20 -6.94 19.56
C LEU M 570 -21.51 -6.20 19.27
N ILE M 571 -22.41 -6.11 20.25
CA ILE M 571 -23.61 -5.30 20.12
C ILE M 571 -23.61 -4.38 21.33
N CYS M 572 -23.97 -3.12 21.13
CA CYS M 572 -24.08 -2.19 22.24
C CYS M 572 -25.41 -1.46 22.21
N THR M 573 -25.84 -1.04 23.40
CA THR M 573 -27.15 -0.44 23.61
C THR M 573 -26.96 1.04 23.84
N THR M 574 -27.68 1.86 23.08
CA THR M 574 -27.48 3.30 23.03
C THR M 574 -28.75 4.02 23.42
N ALA M 575 -28.58 5.20 24.02
CA ALA M 575 -29.68 5.92 24.66
C ALA M 575 -30.79 6.24 23.65
N VAL M 576 -30.42 6.56 22.42
CA VAL M 576 -31.30 7.00 21.32
C VAL M 576 -32.64 6.27 21.35
N PRO M 577 -33.79 6.97 21.31
CA PRO M 577 -35.07 6.28 21.21
C PRO M 577 -35.43 5.94 19.77
N TRP M 578 -35.85 4.70 19.54
CA TRP M 578 -36.37 4.30 18.24
C TRP M 578 -37.56 5.19 17.89
N ASN M 579 -37.40 6.03 16.86
CA ASN M 579 -38.44 7.01 16.54
C ASN M 579 -39.72 6.37 16.04
N ALA M 580 -39.68 5.10 15.62
CA ALA M 580 -40.81 4.32 15.11
C ALA M 580 -41.30 4.75 13.73
N SER M 581 -40.92 5.94 13.25
CA SER M 581 -41.19 6.29 11.86
C SER M 581 -40.44 5.39 10.91
N TRP M 582 -39.23 4.97 11.32
CA TRP M 582 -38.40 4.11 10.49
C TRP M 582 -39.10 2.80 10.18
N SER M 583 -39.61 2.13 11.21
CA SER M 583 -40.31 0.86 11.04
C SER M 583 -41.29 0.69 12.19
N ASN M 584 -42.59 0.89 11.91
CA ASN M 584 -43.63 0.71 12.90
C ASN M 584 -44.02 -0.77 13.01
N LYS M 585 -43.04 -1.58 13.41
CA LYS M 585 -43.19 -3.03 13.51
C LYS M 585 -42.78 -3.51 14.90
N SER M 586 -43.54 -4.45 15.43
CA SER M 586 -43.28 -4.99 16.76
C SER M 586 -42.02 -5.86 16.76
N LEU M 587 -41.38 -5.93 17.92
CA LEU M 587 -40.19 -6.77 18.07
C LEU M 587 -40.47 -8.23 17.75
N ASP M 588 -41.71 -8.69 17.94
CA ASP M 588 -42.04 -10.06 17.57
C ASP M 588 -41.95 -10.28 16.07
N ARG M 589 -42.07 -9.22 15.27
CA ARG M 589 -41.99 -9.31 13.82
C ARG M 589 -40.67 -8.81 13.27
N ILE M 590 -40.04 -7.85 13.94
CA ILE M 590 -38.72 -7.40 13.51
C ILE M 590 -37.68 -8.49 13.73
N TRP M 591 -37.71 -9.14 14.90
CA TRP M 591 -36.68 -10.10 15.28
C TRP M 591 -37.05 -11.54 14.93
N ASN M 592 -38.29 -11.78 14.52
CA ASN M 592 -38.74 -13.07 14.01
C ASN M 592 -39.63 -12.72 12.83
N ASN M 593 -39.52 -13.49 11.73
CA ASN M 593 -40.19 -13.34 10.42
C ASN M 593 -39.26 -12.58 9.47
N MET M 594 -38.21 -11.94 9.98
CA MET M 594 -37.28 -11.15 9.16
C MET M 594 -35.86 -11.61 9.39
N THR M 595 -35.19 -11.98 8.30
CA THR M 595 -33.74 -12.17 8.31
C THR M 595 -33.04 -10.84 8.18
N TRP M 596 -31.75 -10.83 8.53
CA TRP M 596 -30.99 -9.58 8.58
C TRP M 596 -30.97 -8.86 7.24
N MET M 597 -30.97 -9.61 6.13
CA MET M 597 -30.98 -8.98 4.80
C MET M 597 -32.23 -8.12 4.62
N GLU M 598 -33.39 -8.67 4.97
CA GLU M 598 -34.63 -7.92 4.81
C GLU M 598 -34.61 -6.67 5.68
N TRP M 599 -34.05 -6.78 6.88
CA TRP M 599 -33.96 -5.62 7.75
C TRP M 599 -33.07 -4.55 7.15
N GLU M 600 -31.94 -4.95 6.59
CA GLU M 600 -31.04 -3.96 5.99
C GLU M 600 -31.69 -3.26 4.82
N ARG M 601 -32.40 -4.01 3.96
CA ARG M 601 -33.13 -3.35 2.87
C ARG M 601 -34.19 -2.40 3.42
N GLU M 602 -34.92 -2.81 4.47
CA GLU M 602 -35.99 -1.99 4.98
C GLU M 602 -35.48 -0.67 5.54
N ILE M 603 -34.40 -0.71 6.32
CA ILE M 603 -33.91 0.48 7.04
C ILE M 603 -32.70 1.12 6.36
N ASP M 604 -32.38 0.73 5.13
CA ASP M 604 -31.16 1.22 4.47
C ASP M 604 -31.20 2.74 4.33
N ASN M 605 -32.36 3.29 3.98
CA ASN M 605 -32.45 4.73 3.72
C ASN M 605 -32.13 5.55 4.96
N TYR M 606 -32.58 5.10 6.13
CA TYR M 606 -32.48 5.90 7.34
C TYR M 606 -31.18 5.67 8.12
N THR M 607 -30.24 4.89 7.60
CA THR M 607 -29.05 4.52 8.37
C THR M 607 -28.24 5.74 8.79
N SER M 608 -28.07 6.70 7.89
CA SER M 608 -27.35 7.93 8.21
C SER M 608 -27.93 8.60 9.44
N GLU M 609 -29.27 8.71 9.49
CA GLU M 609 -29.92 9.32 10.64
C GLU M 609 -29.59 8.54 11.92
N ILE M 610 -29.64 7.21 11.87
CA ILE M 610 -29.37 6.42 13.08
C ILE M 610 -27.95 6.70 13.56
N TYR M 611 -26.98 6.65 12.65
CA TYR M 611 -25.59 6.88 13.04
C TYR M 611 -25.42 8.28 13.64
N THR M 612 -26.06 9.29 13.03
CA THR M 612 -25.95 10.65 13.55
C THR M 612 -26.52 10.73 14.96
N LEU M 613 -27.72 10.17 15.15
CA LEU M 613 -28.34 10.09 16.48
C LEU M 613 -27.39 9.45 17.47
N ILE M 614 -26.84 8.28 17.13
CA ILE M 614 -25.95 7.57 18.04
C ILE M 614 -24.78 8.46 18.43
N GLU M 615 -24.16 9.10 17.43
CA GLU M 615 -23.00 9.95 17.69
C GLU M 615 -23.36 11.05 18.67
N GLU M 616 -24.31 11.92 18.30
CA GLU M 616 -24.69 13.04 19.15
C GLU M 616 -25.09 12.54 20.54
N SER M 617 -25.90 11.47 20.60
CA SER M 617 -26.36 10.94 21.87
C SER M 617 -25.18 10.55 22.75
N GLN M 618 -24.24 9.77 22.21
CA GLN M 618 -22.99 9.45 22.92
C GLN M 618 -22.35 10.70 23.48
N ASN M 619 -22.11 11.68 22.57
CA ASN M 619 -21.45 12.92 22.93
C ASN M 619 -22.11 13.51 24.17
N GLN M 620 -23.44 13.69 24.12
CA GLN M 620 -24.17 14.25 25.26
C GLN M 620 -24.01 13.34 26.47
N GLN M 621 -24.17 12.03 26.28
CA GLN M 621 -24.06 10.99 27.30
C GLN M 621 -22.69 10.93 27.96
N GLU M 622 -21.69 11.66 27.45
CA GLU M 622 -20.32 11.60 27.94
C GLU M 622 -19.85 12.94 28.46
N LYS M 623 -20.01 14.02 27.68
CA LYS M 623 -19.51 15.32 28.13
C LYS M 623 -20.27 15.77 29.38
N ASN M 624 -21.59 15.62 29.38
CA ASN M 624 -22.44 16.02 30.51
C ASN M 624 -22.42 15.02 31.67
N GLU M 625 -21.87 13.82 31.46
CA GLU M 625 -21.91 12.79 32.51
C GLU M 625 -20.86 13.05 33.57
N GLN M 626 -19.58 12.92 33.22
CA GLN M 626 -18.48 13.05 34.18
C GLN M 626 -17.42 14.03 33.72
N GLU M 627 -17.25 14.19 32.40
CA GLU M 627 -16.22 15.08 31.85
C GLU M 627 -16.25 16.48 32.47
N LEU M 628 -17.41 16.92 32.98
CA LEU M 628 -17.58 18.20 33.64
C LEU M 628 -17.74 18.05 35.15
N LEU M 629 -18.55 17.09 35.58
CA LEU M 629 -18.70 16.84 37.01
C LEU M 629 -17.36 16.44 37.63
N CYS M 630 -16.61 15.60 36.92
CA CYS M 630 -15.32 15.10 37.37
C CYS M 630 -14.21 15.72 36.52
N LEU M 631 -14.06 17.04 36.67
CA LEU M 631 -13.02 17.81 35.98
C LEU M 631 -12.12 18.52 36.97
C1 NAG N . 15.89 -24.18 33.89
C2 NAG N . 15.40 -23.03 34.78
C3 NAG N . 15.69 -23.32 36.25
C4 NAG N . 15.20 -24.71 36.64
C5 NAG N . 15.77 -25.73 35.66
C6 NAG N . 15.34 -27.16 35.91
C7 NAG N . 15.42 -20.77 33.79
C8 NAG N . 16.32 -19.59 33.51
N2 NAG N . 16.03 -21.80 34.40
O3 NAG N . 15.08 -22.32 37.01
O4 NAG N . 15.67 -24.94 37.95
O5 NAG N . 15.36 -25.39 34.35
O6 NAG N . 14.02 -27.32 35.46
O7 NAG N . 14.25 -20.77 33.47
C1 NAG N . 14.56 -25.23 38.83
C2 NAG N . 15.11 -26.09 39.97
C3 NAG N . 14.07 -26.29 41.05
C4 NAG N . 13.51 -24.95 41.49
C5 NAG N . 12.94 -24.24 40.26
C6 NAG N . 12.31 -22.90 40.57
C7 NAG N . 16.85 -27.75 39.34
C8 NAG N . 17.04 -29.11 38.73
N2 NAG N . 15.57 -27.34 39.44
O3 NAG N . 14.66 -26.97 42.13
O4 NAG N . 12.53 -25.23 42.45
O5 NAG N . 14.00 -24.04 39.34
O6 NAG N . 13.30 -22.05 41.12
O7 NAG N . 17.81 -27.08 39.71
C1 BMA N . 12.85 -24.50 43.65
C2 BMA N . 11.62 -24.47 44.54
C3 BMA N . 11.95 -23.68 45.81
C4 BMA N . 13.19 -24.19 46.56
C5 BMA N . 14.33 -24.66 45.64
C6 BMA N . 15.26 -25.70 46.27
O2 BMA N . 11.23 -25.78 44.80
O3 BMA N . 10.79 -23.70 46.60
O4 BMA N . 13.64 -23.09 47.34
O5 BMA N . 13.92 -25.12 44.36
O6 BMA N . 16.59 -25.24 46.10
C1 MAN N . 10.15 -22.42 46.48
C2 MAN N . 9.36 -22.16 47.75
C3 MAN N . 8.25 -23.19 47.89
C4 MAN N . 7.39 -23.23 46.65
C5 MAN N . 8.26 -23.40 45.40
C6 MAN N . 7.46 -23.25 44.14
O2 MAN N . 8.85 -20.85 47.65
O3 MAN N . 7.50 -22.85 49.03
O4 MAN N . 6.49 -24.31 46.80
O5 MAN N . 9.28 -22.43 45.37
O6 MAN N . 6.10 -23.50 44.42
C1 MAN N . 16.89 -24.38 47.22
C2 MAN N . 17.70 -23.20 46.69
C3 MAN N . 19.08 -23.67 46.23
C4 MAN N . 19.79 -24.38 47.37
C5 MAN N . 18.91 -25.54 47.85
C6 MAN N . 19.48 -26.22 49.07
O2 MAN N . 17.80 -22.26 47.74
O3 MAN N . 19.79 -22.55 45.78
O4 MAN N . 21.04 -24.81 46.89
O5 MAN N . 17.62 -25.07 48.21
O6 MAN N . 20.63 -26.96 48.71
C1 NAG O . 45.50 -1.24 -31.65
C2 NAG O . 46.87 -0.67 -31.26
C3 NAG O . 46.96 0.80 -31.62
C4 NAG O . 46.58 1.05 -33.07
C5 NAG O . 45.26 0.34 -33.39
C6 NAG O . 44.88 0.41 -34.86
C7 NAG O . 47.95 -1.79 -29.34
C8 NAG O . 48.04 -1.82 -27.84
N2 NAG O . 47.10 -0.87 -29.86
O3 NAG O . 48.28 1.19 -31.33
O4 NAG O . 46.44 2.44 -33.24
O5 NAG O . 45.34 -1.02 -33.03
O6 NAG O . 43.61 -0.19 -35.03
O7 NAG O . 48.59 -2.57 -30.02
C1 NAG O . 47.66 3.00 -33.76
C2 NAG O . 47.32 4.33 -34.42
C3 NAG O . 48.60 5.04 -34.88
C4 NAG O . 49.61 5.11 -33.75
C5 NAG O . 49.83 3.71 -33.17
C6 NAG O . 50.80 3.67 -32.01
C7 NAG O . 45.10 4.21 -35.63
C8 NAG O . 44.30 4.53 -34.38
N2 NAG O . 46.45 4.14 -35.56
O3 NAG O . 48.24 6.31 -35.35
O4 NAG O . 50.80 5.66 -34.31
O5 NAG O . 48.59 3.21 -32.73
O6 NAG O . 52.04 4.19 -32.42
O7 NAG O . 44.51 4.01 -36.68
C1 NAG P . 38.39 -9.27 1.87
C2 NAG P . 37.88 -8.70 0.53
C3 NAG P . 38.91 -7.76 -0.08
C4 NAG P . 39.39 -6.70 0.90
C5 NAG P . 39.80 -7.37 2.21
C6 NAG P . 40.18 -6.40 3.31
C7 NAG P . 36.76 -9.64 -1.46
C8 NAG P . 36.64 -10.86 -2.34
N2 NAG P . 37.62 -9.75 -0.43
O3 NAG P . 38.35 -7.13 -1.21
O4 NAG P . 40.48 -6.05 0.29
O5 NAG P . 38.73 -8.16 2.67
O6 NAG P . 39.11 -5.50 3.50
O7 NAG P . 36.10 -8.63 -1.69
C1 NAG P . 40.18 -4.66 0.08
C2 NAG P . 41.46 -3.83 0.23
C3 NAG P . 41.14 -2.36 0.04
C4 NAG P . 40.41 -2.11 -1.28
C5 NAG P . 39.24 -3.09 -1.43
C6 NAG P . 38.57 -3.03 -2.78
C7 NAG P . 43.36 -4.37 1.71
C8 NAG P . 43.76 -4.54 3.16
N2 NAG P . 42.07 -4.05 1.51
O3 NAG P . 42.35 -1.65 0.10
O4 NAG P . 39.95 -0.77 -1.23
O5 NAG P . 39.69 -4.42 -1.22
O6 NAG P . 37.56 -4.01 -2.84
O7 NAG P . 44.17 -4.53 0.81
C1 BMA P . 40.51 -0.05 -2.34
C2 BMA P . 39.63 1.19 -2.56
C3 BMA P . 40.23 2.11 -3.63
C4 BMA P . 41.71 2.48 -3.38
C5 BMA P . 42.55 1.31 -2.83
C6 BMA P . 43.77 1.77 -2.04
O2 BMA P . 39.43 1.83 -1.34
O3 BMA P . 39.40 3.25 -3.69
O4 BMA P . 42.21 2.90 -4.63
O5 BMA P . 41.83 0.36 -2.06
O6 BMA P . 44.50 2.65 -2.86
C1 MAN P . 38.93 3.44 -5.04
C2 MAN P . 38.28 4.81 -5.15
C3 MAN P . 37.08 4.86 -4.21
C4 MAN P . 36.10 3.77 -4.60
C5 MAN P . 36.81 2.41 -4.60
C6 MAN P . 35.94 1.32 -5.19
O2 MAN P . 37.86 5.00 -6.48
O3 MAN P . 36.50 6.15 -4.31
O4 MAN P . 35.04 3.82 -3.65
O5 MAN P . 37.99 2.45 -5.38
O6 MAN P . 34.94 0.98 -4.27
C1 MAN P . 38.99 4.91 -7.37
C2 MAN P . 39.08 6.22 -8.14
C3 MAN P . 37.86 6.40 -9.04
C4 MAN P . 37.68 5.19 -9.93
C5 MAN P . 37.64 3.92 -9.08
C6 MAN P . 37.61 2.67 -9.93
O2 MAN P . 40.27 6.17 -8.89
O3 MAN P . 38.05 7.58 -9.78
O4 MAN P . 36.46 5.39 -10.64
O5 MAN P . 38.80 3.85 -8.28
O6 MAN P . 36.28 2.41 -10.32
C1 NAG Q . -11.03 33.56 22.60
C2 NAG Q . -12.23 32.63 22.73
C3 NAG Q . -13.36 33.41 23.38
C4 NAG Q . -12.93 33.93 24.73
C5 NAG Q . -11.59 34.70 24.63
C6 NAG Q . -10.96 35.02 25.96
C7 NAG Q . -13.18 30.85 21.33
C8 NAG Q . -13.58 30.47 19.93
N2 NAG Q . -12.66 32.08 21.48
O3 NAG Q . -14.46 32.56 23.45
O4 NAG Q . -13.97 34.77 25.17
O5 NAG Q . -10.66 33.93 23.90
O6 NAG Q . -10.85 33.84 26.70
O7 NAG Q . -13.34 30.07 22.26
C1 NAG Q . -14.36 34.33 26.49
C2 NAG Q . -14.93 35.54 27.23
C3 NAG Q . -15.51 35.14 28.59
C4 NAG Q . -16.48 33.98 28.36
C5 NAG Q . -15.75 32.84 27.65
C6 NAG Q . -16.60 31.61 27.45
C7 NAG Q . -13.77 37.50 26.32
C8 NAG Q . -12.66 38.50 26.52
N2 NAG Q . -13.93 36.57 27.29
O3 NAG Q . -16.07 36.26 29.21
O4 NAG Q . -16.97 33.48 29.60
O5 NAG Q . -15.32 33.30 26.39
O6 NAG Q . -17.78 31.96 26.77
O7 NAG Q . -14.46 37.54 25.31
C1 BMA Q . -17.88 34.28 30.43
C2 BMA Q . -18.94 35.08 29.67
C3 BMA Q . -19.86 35.83 30.66
C4 BMA Q . -20.42 34.97 31.80
C5 BMA Q . -19.58 33.75 32.19
C6 BMA Q . -20.39 32.51 32.55
O2 BMA Q . -19.65 34.20 28.83
O3 BMA Q . -20.88 36.40 29.88
O4 BMA Q . -20.55 35.85 32.90
O5 BMA Q . -18.56 33.38 31.28
O6 BMA Q . -19.59 31.37 32.27
C1 MAN Q . -20.50 37.74 29.50
C2 MAN Q . -21.39 38.71 30.27
C3 MAN Q . -22.85 38.52 29.86
C4 MAN Q . -23.00 38.65 28.35
C5 MAN Q . -22.01 37.71 27.64
C6 MAN Q . -22.00 37.94 26.15
O2 MAN Q . -20.93 40.01 29.98
O3 MAN Q . -23.61 39.49 30.54
O4 MAN Q . -24.33 38.31 28.04
O5 MAN Q . -20.69 37.93 28.12
O6 MAN Q . -23.31 37.85 25.67
C1 MAN Q . -18.94 30.89 33.46
C2 MAN Q . -18.00 29.75 33.06
C3 MAN Q . -18.82 28.55 32.57
C4 MAN Q . -19.87 28.15 33.60
C5 MAN Q . -20.72 29.36 33.96
C6 MAN Q . -21.68 29.07 35.08
O2 MAN Q . -17.26 29.42 34.20
O3 MAN Q . -17.92 27.51 32.29
O4 MAN Q . -20.64 27.11 33.03
O5 MAN Q . -19.88 30.42 34.40
O6 MAN Q . -22.79 29.92 34.97
C1 NAG R . 11.85 24.11 -48.61
C2 NAG R . 10.74 24.88 -49.32
C3 NAG R . 10.02 23.96 -50.29
C4 NAG R . 11.01 23.36 -51.28
C5 NAG R . 12.20 22.75 -50.54
C6 NAG R . 13.31 22.33 -51.47
C7 NAG R . 9.78 26.81 -48.13
C8 NAG R . 8.73 27.22 -47.13
N2 NAG R . 9.83 25.48 -48.40
O3 NAG R . 9.02 24.73 -50.91
O4 NAG R . 10.32 22.37 -52.02
O5 NAG R . 12.74 23.67 -49.60
O6 NAG R . 14.36 23.26 -51.37
O7 NAG R . 10.52 27.64 -48.63
C1 NAG R . 10.14 22.83 -53.37
C2 NAG R . 9.74 21.64 -54.25
C3 NAG R . 9.37 22.10 -55.65
C4 NAG R . 8.37 23.23 -55.62
C5 NAG R . 8.89 24.35 -54.71
C6 NAG R . 7.96 25.53 -54.56
C7 NAG R . 10.80 19.46 -53.72
C8 NAG R . 12.03 18.64 -53.96
N2 NAG R . 10.81 20.68 -54.32
O3 NAG R . 8.88 20.98 -56.34
O4 NAG R . 8.21 23.66 -56.96
O5 NAG R . 9.13 23.81 -53.43
O6 NAG R . 7.71 26.07 -55.85
O7 NAG R . 9.87 19.04 -53.05
C1 NAG S . -11.08 35.63 8.70
C2 NAG S . -11.99 36.81 8.37
C3 NAG S . -13.39 36.33 8.05
C4 NAG S . -13.39 35.19 7.04
C5 NAG S . -12.38 34.12 7.47
C6 NAG S . -12.25 32.97 6.48
C7 NAG S . -11.33 38.86 9.72
C8 NAG S . -10.31 39.31 8.71
N2 NAG S . -12.04 37.73 9.49
O3 NAG S . -14.12 37.43 7.57
O4 NAG S . -14.69 34.67 6.99
O5 NAG S . -11.11 34.72 7.63
O6 NAG S . -11.67 33.44 5.30
O7 NAG S . -11.51 39.52 10.73
C1 NAG S . -15.24 34.88 5.69
C2 NAG S . -16.35 33.85 5.46
C3 NAG S . -17.06 34.11 4.14
C4 NAG S . -17.53 35.55 4.06
C5 NAG S . -16.34 36.48 4.32
C6 NAG S . -16.68 37.96 4.30
C7 NAG S . -16.03 31.59 6.45
C8 NAG S . -15.34 30.28 6.23
N2 NAG S . -15.81 32.51 5.48
O3 NAG S . -18.14 33.20 4.07
O4 NAG S . -18.06 35.73 2.76
O5 NAG S . -15.79 36.18 5.59
O6 NAG S . -17.28 38.26 3.06
O7 NAG S . -16.72 31.79 7.44
C1 NAG T . -4.57 32.17 -18.64
C2 NAG T . -3.85 31.21 -19.60
C3 NAG T . -4.44 31.27 -21.02
C4 NAG T . -5.96 31.19 -20.98
C5 NAG T . -6.47 32.29 -20.05
C6 NAG T . -7.98 32.34 -19.98
C7 NAG T . -1.43 30.76 -20.01
C8 NAG T . -0.06 31.37 -19.89
N2 NAG T . -2.44 31.55 -19.59
O3 NAG T . -3.94 30.21 -21.80
O4 NAG T . -6.44 31.37 -22.30
O5 NAG T . -5.96 32.04 -18.76
O6 NAG T . -8.35 33.35 -19.06
O7 NAG T . -1.59 29.63 -20.47
C1 NAG T . -6.91 30.11 -22.84
C2 NAG T . -8.12 30.34 -23.75
C3 NAG T . -8.61 29.00 -24.31
C4 NAG T . -7.47 28.23 -24.96
C5 NAG T . -6.28 28.17 -23.99
C6 NAG T . -5.06 27.49 -24.58
C7 NAG T . -9.64 32.23 -23.29
C8 NAG T . -10.82 32.67 -22.45
N2 NAG T . -9.22 30.97 -23.06
O3 NAG T . -9.63 29.31 -25.22
O4 NAG T . -7.95 26.93 -25.25
O5 NAG T . -5.92 29.48 -23.61
O6 NAG T . -4.77 28.06 -25.84
O7 NAG T . -9.16 32.97 -24.13
C1 BMA T . -8.16 26.74 -26.66
C2 BMA T . -8.29 25.26 -26.91
C3 BMA T . -8.59 25.02 -28.40
C4 BMA T . -9.81 25.84 -28.86
C5 BMA T . -9.68 27.30 -28.45
C6 BMA T . -10.94 28.14 -28.72
O2 BMA T . -9.31 24.76 -26.09
O3 BMA T . -8.87 23.65 -28.54
O4 BMA T . -9.88 25.69 -30.27
O5 BMA T . -9.35 27.39 -27.08
O6 BMA T . -12.06 27.37 -28.37
C1 MAN T . -7.73 22.94 -29.05
C2 MAN T . -8.25 21.61 -29.61
C3 MAN T . -8.87 20.81 -28.47
C4 MAN T . -7.83 20.60 -27.37
C5 MAN T . -7.29 21.96 -26.92
C6 MAN T . -6.15 21.83 -25.94
O2 MAN T . -7.16 20.93 -30.17
O3 MAN T . -9.31 19.59 -29.00
O4 MAN T . -8.47 19.91 -26.33
O5 MAN T . -6.81 22.69 -28.04
O6 MAN T . -6.68 21.73 -24.64
C1 MAN T . -6.49 21.74 -31.15
C2 MAN T . -6.17 20.83 -32.34
C3 MAN T . -5.11 19.80 -31.96
C4 MAN T . -3.91 20.44 -31.26
C5 MAN T . -4.40 21.31 -30.12
C6 MAN T . -3.28 22.07 -29.44
O2 MAN T . -5.72 21.68 -33.38
O3 MAN T . -4.72 19.17 -33.16
O4 MAN T . -3.10 19.38 -30.80
O5 MAN T . -5.31 22.28 -30.62
O6 MAN T . -2.16 21.22 -29.32
C1 MAN T . -6.29 21.31 -34.68
C2 MAN T . -7.68 21.99 -34.72
C3 MAN T . -8.86 21.03 -34.70
C4 MAN T . -8.58 19.89 -35.65
C5 MAN T . -7.43 19.09 -35.05
C6 MAN T . -7.01 17.96 -35.97
O2 MAN T . -7.70 22.76 -35.89
O3 MAN T . -10.01 21.75 -35.05
O4 MAN T . -9.76 19.13 -35.78
O5 MAN T . -6.27 19.89 -34.84
O6 MAN T . -6.58 18.50 -37.19
C1 MAN T . -13.29 27.93 -28.87
C2 MAN T . -14.42 27.07 -28.29
C3 MAN T . -14.35 25.66 -28.89
C4 MAN T . -14.46 25.78 -30.41
C5 MAN T . -13.29 26.65 -30.90
C6 MAN T . -13.31 26.88 -32.39
O2 MAN T . -15.63 27.72 -28.62
O3 MAN T . -15.38 24.89 -28.34
O4 MAN T . -14.41 24.47 -30.93
O5 MAN T . -13.34 27.92 -30.27
O6 MAN T . -14.59 26.66 -32.92
C1 MAN T . -14.84 24.19 -27.19
C2 MAN T . -15.61 22.89 -26.95
C3 MAN T . -17.08 23.25 -26.71
C4 MAN T . -17.16 24.11 -25.46
C5 MAN T . -16.29 25.35 -25.65
C6 MAN T . -16.16 26.15 -24.37
O2 MAN T . -14.95 22.32 -25.85
O3 MAN T . -17.87 22.08 -26.62
O4 MAN T . -18.53 24.45 -25.28
O5 MAN T . -14.96 24.98 -26.03
O6 MAN T . -17.31 26.96 -24.22
C1 MAN T . -15.43 21.01 -25.50
C2 MAN T . -15.09 20.80 -24.02
C3 MAN T . -13.58 20.80 -23.84
C4 MAN T . -12.96 19.71 -24.70
C5 MAN T . -13.41 19.86 -26.17
C6 MAN T . -13.04 18.64 -26.97
O2 MAN T . -15.66 19.57 -23.64
O3 MAN T . -13.31 20.61 -22.47
O4 MAN T . -11.56 19.83 -24.58
O5 MAN T . -14.82 20.00 -26.27
O6 MAN T . -11.94 18.01 -26.38
C1 MAN T . -14.89 27.69 -33.89
C2 MAN T . -16.39 27.96 -33.85
C3 MAN T . -17.15 26.70 -34.30
C4 MAN T . -16.66 26.25 -35.67
C5 MAN T . -15.13 26.09 -35.65
C6 MAN T . -14.58 25.82 -37.03
O2 MAN T . -16.64 29.04 -34.71
O3 MAN T . -18.52 27.02 -34.31
O4 MAN T . -17.31 25.04 -35.96
O5 MAN T . -14.52 27.27 -35.17
O6 MAN T . -15.33 24.79 -37.63
C1 NAG U . -34.39 -22.12 7.47
C2 NAG U . -33.90 -22.23 8.91
C3 NAG U . -34.83 -23.10 9.74
C4 NAG U . -36.27 -22.63 9.56
C5 NAG U . -36.60 -22.55 8.08
C6 NAG U . -38.00 -22.08 7.81
C7 NAG U . -31.47 -22.02 9.26
C8 NAG U . -30.18 -22.79 9.26
N2 NAG U . -32.56 -22.75 8.97
O3 NAG U . -34.40 -23.07 11.07
O4 NAG U . -37.10 -23.56 10.19
O5 NAG U . -35.70 -21.65 7.49
O6 NAG U . -38.14 -20.76 8.31
O7 NAG U . -31.50 -20.84 9.52
C1 NAG U . -37.69 -22.96 11.35
C2 NAG U . -39.03 -23.66 11.61
C3 NAG U . -39.64 -23.13 12.89
C4 NAG U . -38.63 -23.28 14.02
C5 NAG U . -37.34 -22.55 13.65
C6 NAG U . -36.25 -22.66 14.68
C7 NAG U . -40.23 -24.50 9.60
C8 NAG U . -41.17 -24.11 8.49
N2 NAG U . -39.91 -23.51 10.48
O3 NAG U . -40.82 -23.84 13.13
O4 NAG U . -39.22 -22.74 15.17
O5 NAG U . -36.84 -23.12 12.46
O6 NAG U . -35.91 -24.03 14.83
O7 NAG U . -39.80 -25.64 9.68
C1 BMA U . -39.29 -23.79 16.16
C2 BMA U . -39.63 -23.13 17.49
C3 BMA U . -39.87 -24.21 18.55
C4 BMA U . -40.95 -25.18 18.06
C5 BMA U . -40.51 -25.79 16.73
C6 BMA U . -41.48 -26.81 16.15
O2 BMA U . -40.76 -22.34 17.29
O3 BMA U . -40.21 -23.56 19.74
O4 BMA U . -41.14 -26.14 19.08
O5 BMA U . -40.28 -24.76 15.81
O6 BMA U . -40.74 -27.93 15.69
C1 MAN U . -39.07 -23.58 20.62
C2 MAN U . -39.57 -23.28 22.04
C3 MAN U . -40.12 -21.87 22.09
C4 MAN U . -39.07 -20.86 21.63
C5 MAN U . -38.57 -21.27 20.24
C6 MAN U . -37.40 -20.42 19.79
O2 MAN U . -38.46 -23.44 22.90
O3 MAN U . -40.53 -21.62 23.43
O4 MAN U . -39.68 -19.59 21.62
O5 MAN U . -38.14 -22.62 20.24
O6 MAN U . -36.33 -20.64 20.67
C1 MAN U . -40.56 -28.87 16.78
C2 MAN U . -39.46 -29.85 16.36
C3 MAN U . -39.93 -30.76 15.23
C4 MAN U . -41.21 -31.46 15.64
C5 MAN U . -42.25 -30.40 15.99
C6 MAN U . -43.55 -31.01 16.48
O2 MAN U . -39.12 -30.59 17.51
O3 MAN U . -38.89 -31.67 14.96
O4 MAN U . -41.62 -32.26 14.56
O5 MAN U . -41.76 -29.56 17.03
O6 MAN U . -43.28 -31.84 17.60
C1 NAG V . 14.45 -21.98 -50.46
C2 NAG V . 14.73 -23.37 -49.87
C3 NAG V . 16.15 -23.44 -49.32
C4 NAG V . 17.10 -23.06 -50.45
C5 NAG V . 16.79 -21.65 -50.91
C6 NAG V . 17.70 -21.18 -52.01
C7 NAG V . 12.81 -24.64 -48.98
C8 NAG V . 11.92 -24.80 -47.78
N2 NAG V . 13.77 -23.70 -48.85
O3 NAG V . 16.36 -24.72 -48.78
O4 NAG V . 18.43 -23.14 -49.98
O5 NAG V . 15.45 -21.57 -51.38
O6 NAG V . 17.63 -22.10 -53.08
O7 NAG V . 12.64 -25.32 -49.98
C1 NAG V . 19.03 -24.40 -50.33
C2 NAG V . 20.54 -24.19 -50.46
C3 NAG V . 21.28 -25.53 -50.56
C4 NAG V . 20.85 -26.44 -49.41
C5 NAG V . 19.33 -26.62 -49.48
C6 NAG V . 18.78 -27.53 -48.41
C7 NAG V . 21.26 -22.10 -51.56
C8 NAG V . 21.49 -21.46 -52.91
N2 NAG V . 20.84 -23.37 -51.61
O3 NAG V . 22.65 -25.28 -50.54
O4 NAG V . 21.54 -27.66 -49.58
O5 NAG V . 18.73 -25.36 -49.32
O6 NAG V . 18.77 -26.84 -47.18
O7 NAG V . 21.44 -21.47 -50.52
C1 NAG W . -4.78 -29.45 -22.13
C2 NAG W . -3.86 -28.66 -23.07
C3 NAG W . -2.78 -29.58 -23.66
C4 NAG W . -2.06 -30.31 -22.55
C5 NAG W . -3.09 -31.08 -21.72
C6 NAG W . -2.47 -31.86 -20.59
C7 NAG W . -4.81 -26.71 -24.25
C8 NAG W . -5.63 -26.31 -25.46
N2 NAG W . -4.61 -28.04 -24.13
O3 NAG W . -1.92 -28.79 -24.43
O4 NAG W . -1.10 -31.14 -23.14
O5 NAG W . -4.02 -30.17 -21.17
O6 NAG W . -3.47 -32.56 -19.91
O7 NAG W . -4.38 -25.88 -23.47
C1 NAG W . 0.17 -30.93 -22.49
C2 NAG W . 1.03 -32.19 -22.71
C3 NAG W . 2.46 -31.99 -22.23
C4 NAG W . 3.04 -30.68 -22.77
C5 NAG W . 2.08 -29.54 -22.40
C6 NAG W . 2.57 -28.19 -22.87
C7 NAG W . -0.04 -34.41 -22.65
C8 NAG W . -0.61 -35.46 -21.71
N2 NAG W . 0.45 -33.32 -22.04
O3 NAG W . 3.20 -33.10 -22.66
O4 NAG W . 4.29 -30.46 -22.18
O5 NAG W . 0.82 -29.80 -23.01
O6 NAG W . 2.69 -28.20 -24.27
O7 NAG W . -0.05 -34.58 -23.86
C1 BMA W . 5.35 -30.70 -23.13
C2 BMA W . 6.58 -29.91 -22.67
C3 BMA W . 7.80 -30.30 -23.55
C4 BMA W . 7.97 -31.82 -23.62
C5 BMA W . 6.67 -32.50 -24.04
C6 BMA W . 6.73 -34.02 -24.05
O2 BMA W . 6.81 -30.21 -21.32
O3 BMA W . 8.94 -29.69 -23.01
O4 BMA W . 9.03 -32.07 -24.54
O5 BMA W . 5.63 -32.07 -23.19
O6 BMA W . 7.78 -34.40 -24.91
C1 MAN W . 9.05 -28.32 -23.46
C2 MAN W . 9.89 -28.31 -24.75
C3 MAN W . 11.31 -28.79 -24.46
C4 MAN W . 11.92 -27.96 -23.34
C5 MAN W . 11.00 -27.96 -22.12
C6 MAN W . 11.48 -27.01 -21.04
O2 MAN W . 9.87 -26.99 -25.23
O3 MAN W . 12.04 -28.68 -25.65
O4 MAN W . 13.18 -28.55 -23.05
O5 MAN W . 9.69 -27.54 -22.49
O6 MAN W . 12.82 -27.30 -20.75
C1 NAG X . 34.19 -0.86 -41.57
C2 NAG X . 34.30 0.20 -42.67
C3 NAG X . 35.20 -0.34 -43.77
C4 NAG X . 36.54 -0.80 -43.20
C5 NAG X . 36.34 -1.65 -41.94
C6 NAG X . 37.63 -1.98 -41.20
C7 NAG X . 32.38 1.72 -43.07
C8 NAG X . 31.01 1.78 -43.72
N2 NAG X . 33.00 0.53 -43.19
O3 NAG X . 35.34 0.66 -44.74
O4 NAG X . 37.19 -1.52 -44.22
O5 NAG X . 35.48 -0.97 -41.05
O6 NAG X . 38.30 -3.02 -41.88
O7 NAG X . 32.86 2.69 -42.49
C1 NAG Y . 25.87 -19.20 25.06
C2 NAG Y . 27.10 -19.23 25.97
C3 NAG Y . 27.36 -17.87 26.57
C4 NAG Y . 27.39 -16.80 25.49
C5 NAG Y . 26.13 -16.90 24.62
C6 NAG Y . 26.07 -15.91 23.49
C7 NAG Y . 27.46 -21.46 26.98
C8 NAG Y . 27.12 -22.30 28.19
N2 NAG Y . 26.92 -20.22 27.00
O3 NAG Y . 28.56 -17.93 27.28
O4 NAG Y . 27.50 -15.55 26.14
O5 NAG Y . 26.05 -18.21 24.08
O6 NAG Y . 26.18 -14.61 24.03
O7 NAG Y . 28.16 -21.89 26.08
C1 NAG Z . 21.02 -39.71 2.01
C2 NAG Z . 19.71 -39.81 2.80
C3 NAG Z . 19.23 -41.26 2.79
C4 NAG Z . 19.17 -41.81 1.37
C5 NAG Z . 20.50 -41.56 0.64
C6 NAG Z . 20.50 -41.97 -0.81
C7 NAG Z . 19.53 -38.15 4.61
C8 NAG Z . 19.83 -37.91 6.07
N2 NAG Z . 19.89 -39.36 4.14
O3 NAG Z . 17.98 -41.30 3.43
O4 NAG Z . 18.87 -43.18 1.48
O5 NAG Z . 20.79 -40.18 0.71
O6 NAG Z . 20.27 -43.36 -0.89
O7 NAG Z . 18.99 -37.29 3.92
C1 NAG AA . 50.30 -10.93 1.40
C2 NAG AA . 51.57 -11.70 1.76
C3 NAG AA . 51.99 -11.41 3.20
C4 NAG AA . 52.09 -9.90 3.43
C5 NAG AA . 50.77 -9.25 3.01
C6 NAG AA . 50.76 -7.73 3.14
C7 NAG AA . 51.88 -13.83 0.55
C8 NAG AA . 51.53 -15.30 0.56
N2 NAG AA . 51.37 -13.11 1.57
O3 NAG AA . 53.21 -12.06 3.42
O4 NAG AA . 52.37 -9.72 4.80
O5 NAG AA . 50.51 -9.57 1.65
O6 NAG AA . 51.10 -7.40 4.46
O7 NAG AA . 52.58 -13.36 -0.34
C1 NAG BA . 51.47 2.85 -14.40
C2 NAG BA . 52.81 2.81 -13.65
C3 NAG BA . 52.92 4.06 -12.77
C4 NAG BA . 52.77 5.30 -13.64
C5 NAG BA . 51.51 5.22 -14.53
C6 NAG BA . 51.45 6.33 -15.54
C7 NAG BA . 54.15 1.05 -12.54
C8 NAG BA . 54.07 -0.26 -11.80
N2 NAG BA . 52.98 1.57 -12.94
O3 NAG BA . 54.14 4.05 -12.09
O4 NAG BA . 52.71 6.39 -12.75
O5 NAG BA . 51.49 3.99 -15.22
O6 NAG BA . 51.55 7.57 -14.88
O7 NAG BA . 55.23 1.58 -12.77
C1 NAG CA . 53.93 -13.85 -6.21
C2 NAG CA . 54.76 -12.62 -5.83
C3 NAG CA . 55.86 -12.35 -6.84
C4 NAG CA . 56.64 -13.62 -7.16
C5 NAG CA . 55.66 -14.74 -7.54
C6 NAG CA . 56.32 -16.06 -7.88
C7 NAG CA . 53.52 -10.96 -4.48
C8 NAG CA . 52.60 -9.78 -4.57
N2 NAG CA . 53.90 -11.49 -5.67
O3 NAG CA . 56.70 -11.35 -6.31
O4 NAG CA . 57.54 -13.31 -8.20
O5 NAG CA . 54.77 -14.95 -6.47
O6 NAG CA . 57.17 -15.88 -8.97
O7 NAG CA . 53.87 -11.41 -3.40
C1 NAG DA . 41.35 -37.27 -10.42
C2 NAG DA . 41.97 -36.75 -11.72
C3 NAG DA . 42.84 -37.84 -12.30
C4 NAG DA . 43.93 -38.23 -11.31
C5 NAG DA . 43.30 -38.61 -9.95
C6 NAG DA . 44.33 -38.79 -8.86
C7 NAG DA . 39.95 -37.08 -13.10
C8 NAG DA . 39.05 -36.39 -14.11
N2 NAG DA . 40.98 -36.32 -12.67
O3 NAG DA . 43.38 -37.36 -13.51
O4 NAG DA . 44.64 -39.31 -11.88
O5 NAG DA . 42.38 -37.64 -9.52
O6 NAG DA . 45.24 -39.80 -9.24
O7 NAG DA . 39.75 -38.22 -12.73
C1 NAG EA . 44.99 -25.20 -15.31
C2 NAG EA . 44.11 -25.32 -16.56
C3 NAG EA . 44.37 -26.70 -17.16
C4 NAG EA . 45.86 -26.87 -17.45
C5 NAG EA . 46.68 -26.62 -16.18
C6 NAG EA . 48.16 -26.65 -16.40
C7 NAG EA . 41.78 -24.87 -17.26
C8 NAG EA . 40.37 -24.70 -16.74
N2 NAG EA . 42.71 -25.12 -16.32
O3 NAG EA . 43.61 -26.89 -18.32
O4 NAG EA . 46.02 -28.19 -17.93
O5 NAG EA . 46.33 -25.35 -15.66
O6 NAG EA . 48.50 -27.79 -17.15
O7 NAG EA . 42.04 -24.76 -18.44
C1 NAG FA . 50.39 -32.82 -8.93
C2 NAG FA . 51.20 -31.98 -9.93
C3 NAG FA . 52.17 -32.85 -10.71
C4 NAG FA . 53.03 -33.68 -9.76
C5 NAG FA . 52.12 -34.43 -8.78
C6 NAG FA . 52.87 -35.26 -7.76
C7 NAG FA . 50.21 -29.95 -10.92
C8 NAG FA . 49.21 -29.47 -11.95
N2 NAG FA . 50.32 -31.28 -10.83
O3 NAG FA . 52.96 -31.99 -11.49
O4 NAG FA . 53.80 -34.55 -10.56
O5 NAG FA . 51.30 -33.51 -8.10
O6 NAG FA . 53.75 -36.13 -8.42
O7 NAG FA . 50.84 -29.15 -10.24
C1 NAG GA . 42.12 -11.11 7.32
C2 NAG GA . 41.24 -10.12 8.11
C3 NAG GA . 42.11 -9.28 9.04
C4 NAG GA . 42.96 -10.18 9.92
C5 NAG GA . 43.76 -11.15 9.04
C6 NAG GA . 44.61 -12.12 9.83
C7 NAG GA . 39.16 -9.42 6.99
C8 NAG GA . 38.58 -8.42 6.02
N2 NAG GA . 40.48 -9.30 7.22
O3 NAG GA . 41.25 -8.47 9.79
O4 NAG GA . 43.80 -9.32 10.68
O5 NAG GA . 42.86 -11.89 8.24
O6 NAG GA . 45.45 -11.40 10.68
O7 NAG GA . 38.45 -10.27 7.52
C1 NAG HA . 53.70 -29.64 2.55
C2 NAG HA . 55.17 -29.42 2.90
C3 NAG HA . 56.05 -30.35 2.06
C4 NAG HA . 55.60 -31.79 2.22
C5 NAG HA . 54.11 -31.89 1.89
C6 NAG HA . 53.52 -33.28 2.06
C7 NAG HA . 55.70 -27.14 3.67
C8 NAG HA . 56.10 -25.76 3.20
N2 NAG HA . 55.55 -28.05 2.70
O3 NAG HA . 57.38 -30.17 2.48
O4 NAG HA . 56.39 -32.57 1.35
O5 NAG HA . 53.38 -31.00 2.72
O6 NAG HA . 54.30 -34.19 1.34
O7 NAG HA . 55.54 -27.39 4.86
C1 NAG IA . 6.78 -34.72 33.44
C2 NAG IA . 5.66 -35.75 33.62
C3 NAG IA . 6.00 -37.07 32.93
C4 NAG IA . 6.32 -36.80 31.47
C5 NAG IA . 7.45 -35.77 31.44
C6 NAG IA . 7.99 -35.46 30.06
C7 NAG IA . 4.25 -35.61 35.65
C8 NAG IA . 4.23 -35.91 37.12
N2 NAG IA . 5.40 -35.94 35.03
O3 NAG IA . 4.90 -37.94 33.11
O4 NAG IA . 6.70 -38.05 30.90
O5 NAG IA . 7.01 -34.57 32.06
O6 NAG IA . 6.93 -35.44 29.14
O7 NAG IA . 3.30 -35.08 35.10
C1 NAG JA . 21.98 12.18 -48.42
C2 NAG JA . 21.37 12.01 -49.81
C3 NAG JA . 22.32 12.62 -50.84
C4 NAG JA . 22.72 14.05 -50.46
C5 NAG JA . 23.18 14.09 -49.00
C6 NAG JA . 23.50 15.49 -48.49
C7 NAG JA . 19.98 10.02 -50.33
C8 NAG JA . 20.07 8.54 -50.64
N2 NAG JA . 21.18 10.61 -50.11
O3 NAG JA . 21.68 12.57 -52.09
O4 NAG JA . 23.74 14.41 -51.35
O5 NAG JA . 22.17 13.56 -48.18
O6 NAG JA . 24.60 15.99 -49.21
O7 NAG JA . 18.91 10.60 -50.30
C1 NAG KA . 19.83 39.85 5.69
C2 NAG KA . 19.90 39.23 7.09
C3 NAG KA . 21.01 39.89 7.89
C4 NAG KA . 22.34 39.85 7.12
C5 NAG KA . 22.14 40.44 5.73
C6 NAG KA . 23.37 40.38 4.85
C7 NAG KA . 17.77 38.41 8.04
C8 NAG KA . 16.54 38.85 8.80
N2 NAG KA . 18.65 39.39 7.79
O3 NAG KA . 21.11 39.22 9.11
O4 NAG KA . 23.27 40.58 7.89
O5 NAG KA . 21.10 39.73 5.08
O6 NAG KA . 24.41 41.10 5.45
O7 NAG KA . 17.92 37.25 7.69
C1 NAG LA . -7.23 41.89 -25.71
C2 NAG LA . -7.53 43.34 -26.06
C3 NAG LA . -8.93 43.75 -25.62
C4 NAG LA . -9.96 42.73 -26.09
C5 NAG LA . -9.53 41.32 -25.68
C6 NAG LA . -10.46 40.22 -26.14
C7 NAG LA . -5.69 45.01 -26.13
C8 NAG LA . -4.74 45.78 -25.26
N2 NAG LA . -6.53 44.20 -25.46
O3 NAG LA . -9.18 45.03 -26.13
O4 NAG LA . -11.19 43.11 -25.51
O5 NAG LA . -8.25 41.06 -26.21
O6 NAG LA . -11.74 40.45 -25.60
O7 NAG LA . -5.67 45.11 -27.35
C1 NAG MA . -4.20 32.62 -41.41
C2 NAG MA . -3.75 33.98 -41.95
C3 NAG MA . -4.76 35.04 -41.52
C4 NAG MA . -6.16 34.67 -41.99
C5 NAG MA . -6.50 33.22 -41.58
C6 NAG MA . -7.79 32.71 -42.16
C7 NAG MA . -1.55 35.08 -42.24
C8 NAG MA . -0.24 35.37 -41.56
N2 NAG MA . -2.44 34.37 -41.52
O3 NAG MA . -4.34 36.27 -42.04
O4 NAG MA . -7.04 35.60 -41.40
O5 NAG MA . -5.46 32.35 -41.97
O6 NAG MA . -8.85 33.53 -41.73
O7 NAG MA . -1.78 35.48 -43.38
C1 NAG NA . -0.96 44.40 -31.72
C2 NAG NA . -2.20 43.94 -32.46
C3 NAG NA . -2.00 44.05 -33.96
C4 NAG NA . -1.59 45.46 -34.32
C5 NAG NA . -0.38 45.88 -33.46
C6 NAG NA . 0.06 47.32 -33.68
C7 NAG NA . -3.55 42.27 -31.22
C8 NAG NA . -3.72 40.79 -30.97
N2 NAG NA . -2.56 42.59 -32.06
O3 NAG NA . -3.19 43.66 -34.58
O4 NAG NA . -1.27 45.46 -35.70
O5 NAG NA . -0.70 45.72 -32.10
O6 NAG NA . 0.26 47.53 -35.06
O7 NAG NA . -4.28 43.08 -30.69
C1 NAG OA . 20.45 50.27 -16.37
C2 NAG OA . 21.31 49.79 -17.54
C3 NAG OA . 22.22 50.94 -17.98
C4 NAG OA . 21.39 52.17 -18.30
C5 NAG OA . 20.48 52.51 -17.12
C6 NAG OA . 19.55 53.67 -17.38
C7 NAG OA . 22.18 47.40 -17.64
C8 NAG OA . 21.24 46.98 -18.77
N2 NAG OA . 22.14 48.66 -17.16
O3 NAG OA . 22.98 50.49 -19.07
O4 NAG OA . 22.30 53.20 -18.59
O5 NAG OA . 19.70 51.37 -16.80
O6 NAG OA . 18.65 53.78 -16.30
O7 NAG OA . 22.96 46.58 -17.19
C1 NAG PA . 15.37 43.23 -26.96
C2 NAG PA . 16.73 42.54 -27.17
C3 NAG PA . 17.86 43.55 -27.05
C4 NAG PA . 17.62 44.76 -27.95
C5 NAG PA . 16.23 45.32 -27.66
C6 NAG PA . 15.85 46.51 -28.53
C7 NAG PA . 17.22 40.21 -26.53
C8 NAG PA . 17.38 39.29 -25.34
N2 NAG PA . 16.93 41.48 -26.22
O3 NAG PA . 19.06 42.89 -27.40
O4 NAG PA . 18.65 45.68 -27.66
O5 NAG PA . 15.27 44.31 -27.86
O6 NAG PA . 16.84 47.50 -28.39
O7 NAG PA . 17.36 39.79 -27.66
C1 NAG QA . 14.23 53.23 -23.08
C2 NAG QA . 14.16 52.82 -24.54
C3 NAG QA . 15.05 53.75 -25.38
C4 NAG QA . 14.64 55.20 -25.14
C5 NAG QA . 14.68 55.50 -23.64
C6 NAG QA . 14.22 56.90 -23.29
C7 NAG QA . 13.97 50.62 -25.62
C8 NAG QA . 14.54 49.22 -25.62
N2 NAG QA . 14.55 51.45 -24.73
O3 NAG QA . 14.91 53.37 -26.72
O4 NAG QA . 15.55 56.01 -25.87
O5 NAG QA . 13.86 54.58 -22.96
O6 NAG QA . 12.87 57.04 -23.68
O7 NAG QA . 13.07 50.93 -26.36
C1 NAG RA . -8.66 38.10 -16.80
C2 NAG RA . -9.55 37.09 -16.08
C3 NAG RA . -11.01 37.33 -16.44
C4 NAG RA . -11.39 38.77 -16.13
C5 NAG RA . -10.41 39.71 -16.84
C6 NAG RA . -10.64 41.18 -16.52
C7 NAG RA . -8.67 34.86 -15.49
C8 NAG RA . -8.31 33.50 -16.06
N2 NAG RA . -9.15 35.74 -16.39
O3 NAG RA . -11.79 36.41 -15.71
O4 NAG RA . -12.71 38.94 -16.59
O5 NAG RA . -9.08 39.40 -16.48
O6 NAG RA . -11.97 41.52 -16.84
O7 NAG RA . -8.51 35.09 -14.30
C1 NAG SA . 2.73 56.78 -19.01
C2 NAG SA . 4.15 57.20 -18.60
C3 NAG SA . 4.55 58.39 -19.48
C4 NAG SA . 4.29 58.14 -20.97
C5 NAG SA . 2.86 57.62 -21.15
C6 NAG SA . 2.46 57.30 -22.57
C7 NAG SA . 5.20 57.68 -16.37
C8 NAG SA . 4.85 58.09 -14.96
N2 NAG SA . 4.15 57.56 -17.20
O3 NAG SA . 5.90 58.72 -19.27
O4 NAG SA . 4.50 59.36 -21.62
O5 NAG SA . 2.72 56.45 -20.38
O6 NAG SA . 1.17 56.75 -22.56
O7 NAG SA . 6.36 57.49 -16.73
C1 NAG TA . -2.28 33.84 32.65
C2 NAG TA . -1.61 34.15 33.98
C3 NAG TA . -0.91 35.49 33.82
C4 NAG TA . 0.14 35.41 32.71
C5 NAG TA . -0.54 34.90 31.42
C6 NAG TA . 0.38 34.56 30.27
C7 NAG TA . -2.30 33.73 36.31
C8 NAG TA . -3.47 33.86 37.26
N2 NAG TA . -2.55 34.17 35.07
O3 NAG TA . -0.37 35.85 35.06
O4 NAG TA . 0.66 36.73 32.64
O5 NAG TA . -1.27 33.71 31.69
O6 NAG TA . 1.51 33.90 30.77
O7 NAG TA . -1.24 33.26 36.67
C1 NAG UA . 13.32 21.98 28.07
C2 NAG UA . 13.85 22.97 29.11
C3 NAG UA . 14.23 24.28 28.45
C4 NAG UA . 15.15 24.04 27.26
C5 NAG UA . 14.54 23.00 26.32
C6 NAG UA . 15.39 22.65 25.13
C7 NAG UA . 12.70 22.69 31.37
C8 NAG UA . 13.71 21.66 31.85
N2 NAG UA . 12.84 23.22 30.12
O3 NAG UA . 14.82 25.10 29.43
O4 NAG UA . 15.32 25.29 26.63
O5 NAG UA . 14.28 21.82 27.07
O6 NAG UA . 15.65 23.82 24.40
O7 NAG UA . 11.78 23.01 32.10
C1 NAG VA . 19.17 -7.45 -51.69
C2 NAG VA . 20.21 -7.87 -52.74
C3 NAG VA . 19.59 -7.65 -54.11
C4 NAG VA . 18.29 -8.42 -54.23
C5 NAG VA . 17.37 -8.16 -53.03
C6 NAG VA . 16.17 -9.08 -52.99
C7 NAG VA . 22.60 -7.65 -52.12
C8 NAG VA . 23.75 -6.67 -52.07
N2 NAG VA . 21.44 -7.13 -52.60
O3 NAG VA . 20.53 -8.02 -55.08
O4 NAG VA . 17.70 -8.02 -55.44
O5 NAG VA . 18.08 -8.33 -51.83
O6 NAG VA . 16.60 -10.37 -52.61
O7 NAG VA . 22.73 -8.80 -51.75
C1 NAG WA . -25.49 -28.01 -2.27
C2 NAG WA . -26.14 -29.39 -2.47
C3 NAG WA . -25.44 -30.43 -1.61
C4 NAG WA . -23.93 -30.40 -1.83
C5 NAG WA . -23.43 -28.96 -1.65
C6 NAG WA . -21.94 -28.80 -1.88
C7 NAG WA . -28.54 -29.22 -3.06
C8 NAG WA . -29.92 -29.19 -2.47
N2 NAG WA . -27.55 -29.34 -2.15
O3 NAG WA . -25.99 -31.67 -1.94
O4 NAG WA . -23.37 -31.30 -0.90
O5 NAG WA . -24.12 -28.11 -2.55
O6 NAG WA . -21.26 -29.69 -1.02
O7 NAG WA . -28.35 -29.15 -4.26
C1 NAG XA . -34.37 -9.31 -26.15
C2 NAG XA . -34.79 -8.04 -25.40
C3 NAG XA . -36.08 -7.45 -25.98
C4 NAG XA . -35.96 -7.26 -27.48
C5 NAG XA . -35.57 -8.60 -28.11
C6 NAG XA . -35.39 -8.55 -29.61
C7 NAG XA . -34.39 -7.63 -23.00
C8 NAG XA . -34.74 -8.12 -21.61
N2 NAG XA . -34.97 -8.31 -24.00
O3 NAG XA . -36.32 -6.24 -25.31
O4 NAG XA . -37.22 -6.80 -27.92
O5 NAG XA . -34.36 -9.05 -27.54
O6 NAG XA . -36.62 -8.20 -30.20
O7 NAG XA . -33.65 -6.68 -23.16
C1 NAG YA . -5.96 -38.84 -29.58
C2 NAG YA . -6.56 -40.24 -29.34
C3 NAG YA . -5.85 -41.00 -28.22
C4 NAG YA . -4.34 -40.80 -28.29
C5 NAG YA . -4.02 -39.31 -28.39
C6 NAG YA . -2.55 -39.00 -28.36
C7 NAG YA . -8.97 -40.32 -29.88
C8 NAG YA . -10.35 -40.06 -29.32
N2 NAG YA . -7.95 -40.06 -29.03
O3 NAG YA . -6.19 -42.36 -28.34
O4 NAG YA . -3.81 -41.35 -27.10
O5 NAG YA . -4.55 -38.87 -29.62
O6 NAG YA . -2.38 -37.61 -28.49
O7 NAG YA . -8.82 -40.71 -31.02
C1 NAG ZA . 14.36 -34.21 -36.39
C2 NAG ZA . 14.43 -35.69 -36.03
C3 NAG ZA . 15.56 -35.97 -35.04
C4 NAG ZA . 16.87 -35.34 -35.54
C5 NAG ZA . 16.63 -33.86 -35.85
C6 NAG ZA . 17.86 -33.14 -36.37
C7 NAG ZA . 12.26 -36.88 -36.15
C8 NAG ZA . 11.00 -37.20 -35.37
N2 NAG ZA . 13.16 -36.12 -35.49
O3 NAG ZA . 15.67 -37.36 -34.90
O4 NAG ZA . 17.80 -35.54 -34.51
O5 NAG ZA . 15.62 -33.76 -36.83
O6 NAG ZA . 18.87 -33.23 -35.40
O7 NAG ZA . 12.41 -37.30 -37.29
C1 NAG AB . -5.47 -38.60 -37.60
C2 NAG AB . -4.27 -39.40 -37.08
C3 NAG AB . -3.43 -39.90 -38.24
C4 NAG AB . -4.30 -40.64 -39.25
C5 NAG AB . -5.47 -39.75 -39.66
C6 NAG AB . -6.43 -40.42 -40.62
C7 NAG AB . -3.42 -38.78 -34.83
C8 NAG AB . -2.52 -37.82 -34.11
N2 NAG AB . -3.48 -38.60 -36.16
O3 NAG AB . -2.42 -40.72 -37.72
O4 NAG AB . -3.45 -40.95 -40.34
O5 NAG AB . -6.20 -39.39 -38.51
O6 NAG AB . -5.73 -40.80 -41.78
O7 NAG AB . -4.03 -39.66 -34.24
C1 NAG BB . -25.40 -22.27 -44.59
C2 NAG BB . -25.64 -21.35 -45.80
C3 NAG BB . -27.13 -21.07 -45.96
C4 NAG BB . -27.84 -22.40 -46.10
C5 NAG BB . -27.51 -23.29 -44.91
C6 NAG BB . -28.20 -24.63 -44.96
C7 NAG BB . -23.97 -19.70 -46.59
C8 NAG BB . -23.33 -18.38 -46.25
N2 NAG BB . -24.89 -20.12 -45.70
O3 NAG BB . -27.28 -20.25 -47.09
O4 NAG BB . -29.22 -22.13 -46.18
O5 NAG BB . -26.10 -23.47 -44.82
O6 NAG BB . -28.12 -25.26 -43.71
O7 NAG BB . -23.64 -20.33 -47.59
C1 NAG CB . -12.71 -25.38 -45.03
C2 NAG CB . -12.30 -24.06 -45.73
C3 NAG CB . -13.30 -23.78 -46.84
C4 NAG CB . -13.40 -24.95 -47.81
C5 NAG CB . -13.65 -26.24 -47.03
C6 NAG CB . -13.63 -27.49 -47.89
C7 NAG CB . -11.35 -21.98 -44.83
C8 NAG CB . -11.59 -20.87 -43.84
N2 NAG CB . -12.30 -22.92 -44.86
O3 NAG CB . -12.88 -22.61 -47.49
O4 NAG CB . -14.47 -24.65 -48.68
O5 NAG CB . -12.68 -26.38 -46.02
O6 NAG CB . -14.65 -27.39 -48.86
O7 NAG CB . -10.36 -21.99 -45.55
C1 NAG DB . -21.85 -30.83 -45.56
C2 NAG DB . -20.69 -31.26 -46.45
C3 NAG DB . -21.20 -31.54 -47.87
C4 NAG DB . -22.36 -32.53 -47.81
C5 NAG DB . -23.43 -32.00 -46.86
C6 NAG DB . -24.62 -32.92 -46.71
C7 NAG DB . -18.44 -30.39 -45.90
C8 NAG DB . -17.53 -29.20 -46.06
N2 NAG DB . -19.66 -30.27 -46.47
O3 NAG DB . -20.12 -32.02 -48.62
O4 NAG DB . -22.83 -32.65 -49.14
O5 NAG DB . -22.85 -31.81 -45.58
O6 NAG DB . -25.21 -33.12 -47.97
O7 NAG DB . -18.07 -31.39 -45.30
C1 NAG EB . -10.12 -35.48 -20.72
C2 NAG EB . -9.16 -35.25 -19.56
C3 NAG EB . -8.65 -36.59 -19.03
C4 NAG EB . -9.81 -37.52 -18.71
C5 NAG EB . -10.75 -37.61 -19.92
C6 NAG EB . -11.98 -38.45 -19.68
C7 NAG EB . -8.02 -33.07 -19.71
C8 NAG EB . -6.79 -32.39 -20.23
N2 NAG EB . -8.08 -34.39 -19.95
O3 NAG EB . -7.87 -36.32 -17.90
O4 NAG EB . -9.24 -38.76 -18.38
O5 NAG EB . -11.16 -36.32 -20.29
O6 NAG EB . -11.59 -39.74 -19.27
O7 NAG EB . -8.90 -32.45 -19.13
C1 NAG FB . -25.05 -38.81 -36.75
C2 NAG FB . -25.15 -40.33 -37.01
C3 NAG FB . -26.28 -40.54 -38.02
C4 NAG FB . -27.56 -39.91 -37.50
C5 NAG FB . -27.37 -38.44 -37.16
C6 NAG FB . -28.60 -37.85 -36.52
C7 NAG FB . -23.46 -42.11 -37.53
C8 NAG FB . -22.05 -42.31 -38.02
N2 NAG FB . -23.86 -40.83 -37.44
O3 NAG FB . -26.51 -41.91 -38.29
O4 NAG FB . -28.50 -40.09 -38.54
O5 NAG FB . -26.27 -38.29 -36.28
O6 NAG FB . -28.80 -38.48 -35.27
O7 NAG FB . -24.18 -43.06 -37.24
C1 NAG GB . -43.62 -12.54 7.32
C2 NAG GB . -44.51 -11.30 7.42
C3 NAG GB . -45.14 -10.99 6.08
C4 NAG GB . -44.06 -10.90 5.02
C5 NAG GB . -43.30 -12.22 4.98
C6 NAG GB . -42.19 -12.24 3.96
C7 NAG GB . -45.46 -10.71 9.62
C8 NAG GB . -46.61 -10.99 10.55
N2 NAG GB . -45.50 -11.40 8.47
O3 NAG GB . -45.89 -9.80 6.15
O4 NAG GB . -44.65 -10.67 3.76
O5 NAG GB . -42.70 -12.43 6.25
O6 NAG GB . -41.16 -11.38 4.40
O7 NAG GB . -44.60 -9.90 9.92
#